data_4YXW
#
_entry.id   4YXW
#
_cell.length_a   105.353
_cell.length_b   123.052
_cell.length_c   261.276
_cell.angle_alpha   90.000
_cell.angle_beta   90.000
_cell.angle_gamma   90.000
#
_symmetry.space_group_name_H-M   'P 21 21 21'
#
loop_
_entity.id
_entity.type
_entity.pdbx_description
1 polymer 'ATP synthase subunit alpha, mitochondrial'
2 polymer 'ATP synthase subunit beta, mitochondrial'
3 polymer 'ATP synthase subunit gamma, mitochondrial'
4 polymer 'ATP synthase subunit delta, mitochondrial'
5 polymer 'ATP synthase subunit epsilon, mitochondrial'
6 non-polymer 'PHOSPHOAMINOPHOSPHONIC ACID-ADENYLATE ESTER'
7 non-polymer 'MAGNESIUM ION'
8 non-polymer 'CHLORIDE ION'
9 non-polymer Monothiophosphate
10 non-polymer 'SODIUM ION'
11 water water
#
loop_
_entity_poly.entity_id
_entity_poly.type
_entity_poly.pdbx_seq_one_letter_code
_entity_poly.pdbx_strand_id
1 'polypeptide(L)'
;EKTGTAEVSSILEERILGADTSVDLEETGRVLSIGDGIARVHGLRNVQAEEMVEFSSGLKGMSLNLEPDNVGVVVFGNDK
LIKEGDIVKRTGAIVDVPVGEELLGRVVDALGNAIDGKGPIGSKARRRVGLKAPGIIPRISVREPMQTGIKAVDSLVPIG
RGQRELIIGDRQTGKTSIAIDTIINQKRFNDGTDEKKKLYCIYVAIGQKRSTVAQLVKRLTDADAMKYTIVVSATASDAA
PLQYLAPYSGCSMGEYFRDNGKHALIIYDDLSKQAVAYRQMSLLLRRPPGREAYPGDVFYLHSRLLERAAKMNDAFGGGS
LTALPVIETQAGDVSAYIPTNVISITDGQIFLETELFYKGIRPAINVGLSVSRVGSAAQTRAMKQVAGTMKLELAQYREV
AAFAQFGSDLDAATQQLLSRGVRLTELLKQGQYSPMAIEEQVAVIYAGVRGYLDKLEPSKITKFENAFLSHVISQHQALL
GKIRTDGKISEESDAKLKEIVTNFLAGFEA
;
A,B,C
2 'polypeptide(L)'
;AAQASPSPKAGATTGRIVAVIGAVVDVQFDEGLPPILNALEVQGRETRLVLEVAQHLGESTVRTIAMDGTEGLVRGQKVL
DSGAPIRIPVGPETLGRIMNVIGEPIDERGPIKTKQFAAIHAEAPEFVEMSVEQEILVTGIKVVDLLAPYAKGGKIGLFG
GAGVGKTVLIMELINNVAKAHGGYSVFAGVGERTREGNDLYHEMIESGVINLKDATSKVALVYGQMNEPPGARARVALTG
LTVAEYFRDQEGQDVLLFIDNIFRFTQAGSEVSALLGRIPSAVGYQPTLATDMGTMQERITTTKKGSITSVQAIYVPADD
LTDPAPATTFAHLDATTVLSRAIAELGIYPAVDPLDSTSRIMDPNIVGSEHYDVARGVQKILQDYKSLQDIIAILGMDEL
SEEDKLTVSRARKIQRFLSQPFQVAEVFTGHLGKLVPLKETIKGFQQILAGEYDHLPEQAFYMVGPIEEAVAKADKLAEE
HS
;
D,E,F
3 'polypeptide(L)'
;ATLKDITRRLKSIKNIQKITKSMKMVAAAKYARAERELKPARVYGVGSLALYEKADIKTPEDKKKHLIIGVSSDRGLCGA
IHSSVAKQMKSEAANLAAAGKEVKIIGVGDKIRSILHRTHSDQFLVTFKEVGRRPPTFGDASVIALELLNSGYEFDEGSI
IFNRFRSVISYKTEEKPIFSLDTISSAESMSIYDDIDADVLRNYQEYSLANIIYYSLKESTTSEQSARMTAMDNASKNAS
EMIDKLTLTFNRTRQAVITKELIEIISGAAALD
;
G
4 'polypeptide(L)'
;AEAAAAQAPAAGPGQMSFTFASPTQVFFNSANVRQVDVPTQTGAFGILAAHVPTLQVLRPGLVVVHAEDGTTSKYFVSSG
SVTVNADSSVQLLAEEAVTLDMLDLGAAKANLEKAQSELLGAADEATRAEIQIRIEANEALVKALE
;
H
5 'polypeptide(L)' VAYWRQAGLSYIRYSQICAKAVRDALKTEFKANAMKTSGSTIKIVKVKKE I
#
# COMPACT_ATOMS: atom_id res chain seq x y z
N SER A 22 -26.13 -30.69 -50.85
CA SER A 22 -24.78 -30.00 -50.79
C SER A 22 -24.72 -28.97 -49.66
N VAL A 23 -23.49 -28.65 -49.24
CA VAL A 23 -23.24 -27.62 -48.22
C VAL A 23 -21.99 -26.82 -48.62
N ASP A 24 -22.12 -25.49 -48.64
CA ASP A 24 -21.00 -24.59 -48.93
C ASP A 24 -20.35 -24.15 -47.62
N LEU A 25 -19.24 -24.81 -47.26
CA LEU A 25 -18.50 -24.50 -46.03
C LEU A 25 -17.44 -23.40 -46.18
N GLU A 26 -17.29 -22.85 -47.39
CA GLU A 26 -16.30 -21.80 -47.66
C GLU A 26 -16.87 -20.39 -47.42
N GLU A 27 -18.02 -20.11 -48.04
CA GLU A 27 -18.68 -18.79 -47.94
C GLU A 27 -19.77 -18.73 -46.86
N THR A 28 -20.28 -19.89 -46.42
CA THR A 28 -21.19 -19.95 -45.28
C THR A 28 -20.72 -21.01 -44.27
N GLY A 29 -21.36 -21.00 -43.10
CA GLY A 29 -21.03 -21.92 -42.01
C GLY A 29 -22.20 -22.15 -41.09
N ARG A 30 -21.95 -22.83 -39.97
CA ARG A 30 -22.97 -23.14 -38.97
C ARG A 30 -22.45 -22.92 -37.54
N VAL A 31 -23.34 -22.51 -36.65
CA VAL A 31 -22.98 -22.23 -35.26
C VAL A 31 -22.87 -23.55 -34.49
N LEU A 32 -21.72 -23.74 -33.83
CA LEU A 32 -21.48 -24.89 -32.95
C LEU A 32 -21.93 -24.58 -31.53
N SER A 33 -21.44 -23.47 -30.99
CA SER A 33 -21.82 -22.99 -29.66
C SER A 33 -22.13 -21.48 -29.70
N ILE A 34 -23.04 -21.06 -28.82
CA ILE A 34 -23.39 -19.65 -28.66
C ILE A 34 -23.66 -19.37 -27.18
N GLY A 35 -23.13 -18.25 -26.69
CA GLY A 35 -23.30 -17.85 -25.29
C GLY A 35 -22.40 -16.68 -24.93
N ASP A 36 -22.91 -15.77 -24.09
CA ASP A 36 -22.20 -14.57 -23.66
C ASP A 36 -21.75 -13.69 -24.85
N GLY A 37 -22.59 -13.62 -25.88
CA GLY A 37 -22.27 -12.84 -27.08
C GLY A 37 -21.09 -13.32 -27.90
N ILE A 38 -20.72 -14.60 -27.76
CA ILE A 38 -19.66 -15.24 -28.55
C ILE A 38 -20.26 -16.47 -29.25
N ALA A 39 -20.22 -16.47 -30.58
CA ALA A 39 -20.67 -17.60 -31.38
C ALA A 39 -19.47 -18.26 -32.07
N ARG A 40 -19.21 -19.52 -31.71
CA ARG A 40 -18.21 -20.34 -32.40
C ARG A 40 -18.87 -20.96 -33.63
N VAL A 41 -18.26 -20.74 -34.80
CA VAL A 41 -18.90 -21.07 -36.08
C VAL A 41 -18.04 -22.07 -36.86
N HIS A 42 -18.63 -23.22 -37.20
CA HIS A 42 -17.98 -24.21 -38.08
C HIS A 42 -18.02 -23.73 -39.53
N GLY A 43 -17.01 -24.11 -40.31
CA GLY A 43 -16.91 -23.70 -41.71
C GLY A 43 -16.37 -22.29 -41.82
N LEU A 44 -16.92 -21.52 -42.77
CA LEU A 44 -16.47 -20.16 -43.07
C LEU A 44 -14.96 -20.08 -43.34
N ARG A 45 -14.48 -20.89 -44.27
CA ARG A 45 -13.06 -20.99 -44.59
C ARG A 45 -12.51 -19.72 -45.25
N ASN A 46 -13.31 -19.11 -46.12
CA ASN A 46 -12.89 -17.91 -46.86
C ASN A 46 -13.07 -16.55 -46.15
N VAL A 47 -13.57 -16.55 -44.91
CA VAL A 47 -13.73 -15.29 -44.15
C VAL A 47 -12.39 -14.65 -43.81
N GLN A 48 -12.40 -13.33 -43.72
CA GLN A 48 -11.22 -12.53 -43.36
C GLN A 48 -11.27 -12.16 -41.89
N ALA A 49 -10.13 -11.70 -41.37
CA ALA A 49 -10.03 -11.24 -39.98
C ALA A 49 -10.77 -9.91 -39.82
N GLU A 50 -11.51 -9.78 -38.72
CA GLU A 50 -12.35 -8.62 -38.42
C GLU A 50 -13.44 -8.36 -39.49
N GLU A 51 -13.89 -9.42 -40.16
CA GLU A 51 -14.91 -9.32 -41.20
C GLU A 51 -16.29 -9.49 -40.58
N MET A 52 -17.24 -8.66 -41.01
CA MET A 52 -18.61 -8.72 -40.54
C MET A 52 -19.37 -9.80 -41.31
N VAL A 53 -19.88 -10.79 -40.59
CA VAL A 53 -20.75 -11.83 -41.16
C VAL A 53 -22.18 -11.63 -40.66
N GLU A 54 -23.12 -12.33 -41.29
CA GLU A 54 -24.54 -12.19 -40.99
C GLU A 54 -25.12 -13.52 -40.52
N PHE A 55 -25.75 -13.53 -39.35
CA PHE A 55 -26.43 -14.72 -38.84
C PHE A 55 -27.78 -14.90 -39.53
N SER A 56 -28.38 -16.08 -39.32
CA SER A 56 -29.68 -16.41 -39.91
C SER A 56 -30.82 -15.52 -39.41
N SER A 57 -30.71 -15.07 -38.15
CA SER A 57 -31.76 -14.26 -37.52
C SER A 57 -31.68 -12.75 -37.80
N GLY A 58 -30.81 -12.34 -38.72
CA GLY A 58 -30.65 -10.92 -39.09
C GLY A 58 -29.45 -10.24 -38.45
N LEU A 59 -29.06 -10.69 -37.25
CA LEU A 59 -27.98 -10.07 -36.49
C LEU A 59 -26.64 -10.23 -37.19
N LYS A 60 -25.78 -9.22 -37.04
CA LYS A 60 -24.44 -9.23 -37.62
C LYS A 60 -23.44 -9.74 -36.58
N GLY A 61 -22.21 -9.94 -37.01
CA GLY A 61 -21.16 -10.40 -36.12
C GLY A 61 -19.78 -10.32 -36.74
N MET A 62 -18.82 -9.83 -35.95
CA MET A 62 -17.46 -9.59 -36.42
C MET A 62 -16.58 -10.79 -36.08
N SER A 63 -15.83 -11.27 -37.08
CA SER A 63 -14.99 -12.46 -36.95
C SER A 63 -13.62 -12.09 -36.36
N LEU A 64 -13.53 -12.10 -35.03
CA LEU A 64 -12.31 -11.68 -34.34
C LEU A 64 -11.27 -12.79 -34.17
N ASN A 65 -11.73 -14.02 -33.94
CA ASN A 65 -10.84 -15.18 -33.78
C ASN A 65 -11.03 -16.17 -34.92
N LEU A 66 -10.06 -16.20 -35.84
CA LEU A 66 -9.99 -17.24 -36.86
C LEU A 66 -9.11 -18.37 -36.32
N GLU A 67 -9.73 -19.48 -35.92
CA GLU A 67 -9.02 -20.65 -35.40
C GLU A 67 -9.16 -21.80 -36.40
N PRO A 68 -8.34 -22.87 -36.26
CA PRO A 68 -8.38 -23.99 -37.23
C PRO A 68 -9.76 -24.65 -37.38
N ASP A 69 -10.39 -24.97 -36.26
CA ASP A 69 -11.65 -25.72 -36.26
C ASP A 69 -12.92 -24.85 -36.21
N ASN A 70 -12.79 -23.54 -35.95
CA ASN A 70 -13.94 -22.63 -35.92
C ASN A 70 -13.58 -21.15 -36.04
N VAL A 71 -14.61 -20.33 -36.25
CA VAL A 71 -14.50 -18.86 -36.24
C VAL A 71 -15.20 -18.35 -34.98
N GLY A 72 -14.46 -17.62 -34.14
CA GLY A 72 -15.03 -16.92 -32.98
C GLY A 72 -15.65 -15.61 -33.40
N VAL A 73 -16.98 -15.57 -33.45
CA VAL A 73 -17.72 -14.38 -33.89
C VAL A 73 -18.42 -13.69 -32.71
N VAL A 74 -18.06 -12.44 -32.46
CA VAL A 74 -18.75 -11.60 -31.46
C VAL A 74 -20.11 -11.16 -32.00
N VAL A 75 -21.14 -11.24 -31.15
CA VAL A 75 -22.53 -11.00 -31.57
C VAL A 75 -22.90 -9.53 -31.42
N PHE A 76 -23.53 -8.96 -32.45
CA PHE A 76 -23.98 -7.56 -32.46
C PHE A 76 -25.46 -7.50 -32.07
N GLY A 77 -25.72 -7.67 -30.78
CA GLY A 77 -27.07 -7.57 -30.22
C GLY A 77 -27.39 -8.69 -29.26
N ASN A 78 -28.67 -8.80 -28.92
CA ASN A 78 -29.16 -9.82 -27.99
C ASN A 78 -28.99 -11.21 -28.61
N ASP A 79 -28.24 -12.07 -27.92
CA ASP A 79 -27.86 -13.39 -28.47
C ASP A 79 -28.87 -14.53 -28.21
N LYS A 80 -30.10 -14.21 -27.80
CA LYS A 80 -31.19 -15.20 -27.77
C LYS A 80 -31.67 -15.59 -29.16
N LEU A 81 -31.47 -14.70 -30.14
CA LEU A 81 -31.83 -14.96 -31.53
C LEU A 81 -30.86 -15.90 -32.27
N ILE A 82 -29.67 -16.11 -31.69
CA ILE A 82 -28.68 -17.05 -32.25
C ILE A 82 -28.77 -18.37 -31.49
N LYS A 83 -28.95 -19.46 -32.24
CA LYS A 83 -29.08 -20.81 -31.72
C LYS A 83 -28.01 -21.70 -32.34
N GLU A 84 -28.00 -22.97 -31.95
CA GLU A 84 -27.10 -23.96 -32.54
C GLU A 84 -27.64 -24.37 -33.89
N GLY A 85 -26.74 -24.63 -34.83
CA GLY A 85 -27.11 -25.00 -36.20
C GLY A 85 -27.69 -23.87 -37.03
N ASP A 86 -27.52 -22.63 -36.59
CA ASP A 86 -27.99 -21.46 -37.35
C ASP A 86 -26.96 -21.13 -38.41
N ILE A 87 -27.43 -20.77 -39.60
CA ILE A 87 -26.57 -20.58 -40.76
C ILE A 87 -25.93 -19.20 -40.69
N VAL A 88 -24.61 -19.16 -40.50
CA VAL A 88 -23.84 -17.92 -40.57
C VAL A 88 -23.39 -17.77 -42.03
N LYS A 89 -23.60 -16.59 -42.59
CA LYS A 89 -23.33 -16.34 -44.01
C LYS A 89 -22.39 -15.15 -44.16
N ARG A 90 -21.49 -15.22 -45.13
CA ARG A 90 -20.76 -14.05 -45.59
C ARG A 90 -21.67 -13.22 -46.49
N THR A 91 -21.45 -11.91 -46.48
CA THR A 91 -22.09 -11.00 -47.45
C THR A 91 -21.08 -10.03 -48.06
N GLY A 92 -19.78 -10.30 -47.91
CA GLY A 92 -18.71 -9.37 -48.27
C GLY A 92 -18.93 -7.98 -47.67
N ALA A 93 -19.36 -7.95 -46.41
CA ALA A 93 -19.78 -6.71 -45.77
C ALA A 93 -18.59 -5.86 -45.36
N ILE A 94 -18.37 -4.79 -46.12
CA ILE A 94 -17.45 -3.72 -45.70
C ILE A 94 -17.97 -3.08 -44.39
N VAL A 95 -17.09 -2.99 -43.39
CA VAL A 95 -17.44 -2.42 -42.09
C VAL A 95 -17.19 -0.93 -42.17
N ASP A 96 -18.27 -0.16 -42.34
CA ASP A 96 -18.18 1.29 -42.52
C ASP A 96 -19.41 2.00 -41.97
N VAL A 97 -19.30 3.33 -41.87
CA VAL A 97 -20.38 4.19 -41.39
C VAL A 97 -20.53 5.39 -42.31
N PRO A 98 -21.75 5.94 -42.43
CA PRO A 98 -21.97 7.12 -43.27
C PRO A 98 -21.22 8.34 -42.74
N VAL A 99 -20.81 9.23 -43.64
CA VAL A 99 -20.08 10.45 -43.26
C VAL A 99 -20.50 11.62 -44.15
N GLY A 100 -20.44 12.84 -43.60
CA GLY A 100 -20.70 14.06 -44.36
C GLY A 100 -21.17 15.21 -43.49
N GLU A 101 -21.91 16.14 -44.09
CA GLU A 101 -22.58 17.22 -43.37
C GLU A 101 -24.04 16.89 -43.03
N GLU A 102 -24.53 15.75 -43.54
CA GLU A 102 -25.91 15.32 -43.27
C GLU A 102 -26.08 14.78 -41.85
N LEU A 103 -25.00 14.31 -41.24
CA LEU A 103 -25.00 13.85 -39.84
C LEU A 103 -25.06 14.98 -38.81
N LEU A 104 -24.71 16.20 -39.22
CA LEU A 104 -24.66 17.36 -38.31
C LEU A 104 -26.04 17.58 -37.69
N GLY A 105 -26.09 17.56 -36.35
CA GLY A 105 -27.35 17.68 -35.61
C GLY A 105 -28.20 16.44 -35.54
N ARG A 106 -27.59 15.27 -35.76
CA ARG A 106 -28.29 13.98 -35.67
C ARG A 106 -27.66 13.13 -34.57
N VAL A 107 -28.50 12.46 -33.79
CA VAL A 107 -28.06 11.52 -32.76
C VAL A 107 -28.14 10.13 -33.39
N VAL A 108 -26.99 9.48 -33.57
CA VAL A 108 -26.90 8.19 -34.23
C VAL A 108 -26.29 7.13 -33.31
N ASP A 109 -26.43 5.86 -33.69
CA ASP A 109 -25.86 4.75 -32.93
C ASP A 109 -24.44 4.43 -33.42
N ALA A 110 -23.87 3.30 -32.96
CA ALA A 110 -22.49 2.92 -33.29
C ALA A 110 -22.20 2.71 -34.78
N LEU A 111 -23.21 2.31 -35.56
CA LEU A 111 -23.07 2.11 -37.01
C LEU A 111 -23.62 3.26 -37.87
N GLY A 112 -23.88 4.41 -37.26
CA GLY A 112 -24.42 5.57 -37.97
C GLY A 112 -25.90 5.53 -38.33
N ASN A 113 -26.65 4.59 -37.73
CA ASN A 113 -28.11 4.57 -37.86
C ASN A 113 -28.69 5.59 -36.89
N ALA A 114 -29.71 6.33 -37.34
CA ALA A 114 -30.33 7.37 -36.52
C ALA A 114 -31.11 6.76 -35.35
N ILE A 115 -30.95 7.35 -34.17
CA ILE A 115 -31.72 6.98 -32.98
C ILE A 115 -32.53 8.17 -32.40
N ASP A 116 -32.61 9.27 -33.17
CA ASP A 116 -33.36 10.48 -32.77
C ASP A 116 -34.79 10.52 -33.33
N GLY A 117 -35.10 9.64 -34.28
CA GLY A 117 -36.43 9.57 -34.87
C GLY A 117 -36.75 10.73 -35.78
N LYS A 118 -35.74 11.23 -36.49
CA LYS A 118 -35.90 12.34 -37.44
C LYS A 118 -35.59 11.84 -38.86
N GLY A 119 -36.26 10.75 -39.24
CA GLY A 119 -36.08 10.15 -40.55
C GLY A 119 -34.74 9.44 -40.72
N PRO A 120 -34.31 9.23 -41.97
CA PRO A 120 -32.99 8.64 -42.26
C PRO A 120 -31.89 9.70 -42.42
N ILE A 121 -30.66 9.23 -42.55
CA ILE A 121 -29.50 10.09 -42.86
C ILE A 121 -29.38 10.12 -44.38
N GLY A 122 -29.22 11.31 -44.95
CA GLY A 122 -29.08 11.48 -46.40
C GLY A 122 -27.63 11.47 -46.86
N SER A 123 -26.83 10.54 -46.31
CA SER A 123 -25.40 10.52 -46.53
C SER A 123 -25.07 9.97 -47.93
N LYS A 124 -24.01 10.53 -48.53
CA LYS A 124 -23.58 10.17 -49.87
C LYS A 124 -22.28 9.37 -49.81
N ALA A 125 -21.24 9.95 -49.22
CA ALA A 125 -19.97 9.28 -49.02
C ALA A 125 -20.01 8.33 -47.83
N ARG A 126 -19.09 7.38 -47.81
CA ARG A 126 -18.91 6.46 -46.68
C ARG A 126 -17.42 6.22 -46.43
N ARG A 127 -17.08 5.87 -45.19
CA ARG A 127 -15.69 5.61 -44.79
C ARG A 127 -15.62 4.43 -43.83
N ARG A 128 -14.60 3.58 -44.01
CA ARG A 128 -14.37 2.41 -43.16
C ARG A 128 -14.05 2.84 -41.73
N VAL A 129 -14.64 2.15 -40.76
CA VAL A 129 -14.39 2.44 -39.33
C VAL A 129 -12.94 2.17 -38.93
N GLY A 130 -12.35 1.09 -39.47
CA GLY A 130 -10.98 0.69 -39.18
C GLY A 130 -10.02 1.04 -40.29
N LEU A 131 -9.31 2.16 -40.15
CA LEU A 131 -8.27 2.59 -41.08
C LEU A 131 -7.08 3.11 -40.31
N LYS A 132 -5.89 3.02 -40.92
CA LYS A 132 -4.67 3.54 -40.31
C LYS A 132 -4.68 5.07 -40.25
N ALA A 133 -3.87 5.60 -39.34
CA ALA A 133 -3.68 7.04 -39.24
C ALA A 133 -2.74 7.51 -40.36
N PRO A 134 -2.71 8.83 -40.65
CA PRO A 134 -1.65 9.37 -41.50
C PRO A 134 -0.27 9.20 -40.87
N GLY A 135 0.75 8.99 -41.71
CA GLY A 135 2.11 8.77 -41.22
C GLY A 135 2.81 10.03 -40.77
N ILE A 136 4.13 10.08 -40.99
CA ILE A 136 4.93 11.23 -40.61
C ILE A 136 4.75 12.39 -41.60
N ILE A 137 4.79 12.07 -42.89
CA ILE A 137 4.88 13.08 -43.97
C ILE A 137 3.61 13.93 -44.17
N PRO A 138 2.40 13.32 -44.14
CA PRO A 138 1.17 14.10 -44.36
C PRO A 138 0.85 15.21 -43.33
N ARG A 139 1.49 15.19 -42.16
CA ARG A 139 1.22 16.14 -41.08
C ARG A 139 2.11 17.39 -41.15
N ILE A 140 1.76 18.36 -40.29
CA ILE A 140 2.61 19.52 -39.97
C ILE A 140 2.40 19.80 -38.47
N SER A 141 3.36 20.48 -37.84
CA SER A 141 3.24 20.87 -36.42
C SER A 141 1.93 21.62 -36.10
N VAL A 142 1.48 21.50 -34.86
CA VAL A 142 0.19 22.05 -34.43
C VAL A 142 0.34 23.54 -34.16
N ARG A 143 -0.11 24.36 -35.11
CA ARG A 143 -0.03 25.83 -35.02
C ARG A 143 -1.34 26.49 -34.63
N GLU A 144 -2.46 25.97 -35.14
CA GLU A 144 -3.78 26.60 -34.95
C GLU A 144 -4.33 26.30 -33.56
N PRO A 145 -4.65 27.34 -32.75
CA PRO A 145 -5.24 27.08 -31.42
C PRO A 145 -6.67 26.54 -31.46
N MET A 146 -6.99 25.64 -30.53
CA MET A 146 -8.35 25.14 -30.32
C MET A 146 -8.85 25.69 -28.98
N GLN A 147 -9.71 26.69 -29.06
CA GLN A 147 -10.19 27.41 -27.88
C GLN A 147 -11.30 26.61 -27.20
N THR A 148 -11.12 26.29 -25.92
CA THR A 148 -12.15 25.64 -25.11
C THR A 148 -13.14 26.63 -24.52
N GLY A 149 -12.66 27.81 -24.14
CA GLY A 149 -13.45 28.80 -23.41
C GLY A 149 -13.16 28.81 -21.91
N ILE A 150 -12.58 27.72 -21.41
CA ILE A 150 -12.19 27.61 -20.01
C ILE A 150 -10.80 28.23 -19.83
N LYS A 151 -10.67 29.11 -18.84
CA LYS A 151 -9.44 29.91 -18.65
C LYS A 151 -8.24 29.05 -18.28
N ALA A 152 -8.41 28.15 -17.31
CA ALA A 152 -7.36 27.23 -16.87
C ALA A 152 -6.79 26.38 -18.02
N VAL A 153 -7.65 26.00 -18.96
CA VAL A 153 -7.23 25.21 -20.12
C VAL A 153 -6.49 26.11 -21.11
N ASP A 154 -7.18 27.09 -21.69
CA ASP A 154 -6.60 27.93 -22.76
C ASP A 154 -5.31 28.67 -22.39
N SER A 155 -5.15 29.02 -21.13
CA SER A 155 -3.93 29.72 -20.66
C SER A 155 -2.82 28.74 -20.26
N LEU A 156 -3.10 27.88 -19.30
CA LEU A 156 -2.09 27.01 -18.68
C LEU A 156 -1.96 25.60 -19.30
N VAL A 157 -3.04 25.09 -19.89
CA VAL A 157 -3.05 23.75 -20.52
C VAL A 157 -3.59 23.84 -21.96
N PRO A 158 -2.96 24.69 -22.80
CA PRO A 158 -3.53 25.07 -24.11
C PRO A 158 -3.60 23.93 -25.12
N ILE A 159 -4.69 23.86 -25.86
CA ILE A 159 -4.95 22.78 -26.83
C ILE A 159 -4.95 23.35 -28.25
N GLY A 160 -4.43 22.57 -29.19
CA GLY A 160 -4.30 22.99 -30.59
C GLY A 160 -5.02 22.05 -31.54
N ARG A 161 -5.38 22.57 -32.72
CA ARG A 161 -6.10 21.78 -33.72
C ARG A 161 -5.17 20.72 -34.31
N GLY A 162 -5.52 19.45 -34.10
CA GLY A 162 -4.63 18.32 -34.40
C GLY A 162 -4.18 17.57 -33.15
N GLN A 163 -4.04 18.30 -32.05
CA GLN A 163 -3.60 17.76 -30.76
C GLN A 163 -4.61 16.78 -30.16
N ARG A 164 -4.12 15.93 -29.27
CA ARG A 164 -4.95 15.00 -28.52
C ARG A 164 -4.74 15.30 -27.03
N GLU A 165 -5.76 15.89 -26.39
CA GLU A 165 -5.69 16.28 -24.98
C GLU A 165 -6.59 15.39 -24.14
N LEU A 166 -5.99 14.65 -23.20
CA LEU A 166 -6.72 13.74 -22.32
C LEU A 166 -7.44 14.51 -21.20
N ILE A 167 -8.73 14.25 -21.04
CA ILE A 167 -9.49 14.68 -19.87
C ILE A 167 -9.56 13.46 -18.94
N ILE A 168 -9.06 13.61 -17.72
CA ILE A 168 -8.92 12.49 -16.80
C ILE A 168 -9.25 12.91 -15.37
N GLY A 169 -9.83 11.98 -14.61
CA GLY A 169 -10.22 12.24 -13.22
C GLY A 169 -11.21 11.19 -12.73
N ASP A 170 -11.54 11.26 -11.44
CA ASP A 170 -12.52 10.35 -10.83
C ASP A 170 -13.94 10.67 -11.31
N ARG A 171 -14.86 9.78 -10.98
CA ARG A 171 -16.30 10.02 -11.15
C ARG A 171 -16.73 11.37 -10.56
N GLN A 172 -17.61 12.06 -11.27
CA GLN A 172 -18.19 13.34 -10.81
C GLN A 172 -17.14 14.40 -10.45
N THR A 173 -16.14 14.56 -11.32
CA THR A 173 -15.12 15.61 -11.17
C THR A 173 -15.22 16.72 -12.23
N GLY A 174 -16.15 16.59 -13.17
CA GLY A 174 -16.36 17.60 -14.22
C GLY A 174 -15.75 17.27 -15.57
N LYS A 175 -15.52 15.98 -15.84
CA LYS A 175 -14.86 15.53 -17.06
C LYS A 175 -15.64 15.87 -18.33
N THR A 176 -16.93 15.52 -18.36
CA THR A 176 -17.80 15.81 -19.51
C THR A 176 -18.02 17.31 -19.67
N SER A 177 -18.20 18.02 -18.57
CA SER A 177 -18.43 19.48 -18.58
C SER A 177 -17.41 20.27 -19.39
N ILE A 178 -16.14 19.85 -19.30
CA ILE A 178 -15.06 20.48 -20.06
C ILE A 178 -15.28 20.26 -21.57
N ALA A 179 -15.68 19.05 -21.94
CA ALA A 179 -16.01 18.72 -23.34
C ALA A 179 -17.24 19.48 -23.84
N ILE A 180 -18.25 19.63 -22.97
CA ILE A 180 -19.51 20.30 -23.34
C ILE A 180 -19.29 21.79 -23.60
N ASP A 181 -18.60 22.46 -22.67
CA ASP A 181 -18.28 23.89 -22.82
C ASP A 181 -17.40 24.15 -24.05
N THR A 182 -16.47 23.24 -24.33
CA THR A 182 -15.64 23.29 -25.54
C THR A 182 -16.50 23.28 -26.81
N ILE A 183 -17.49 22.37 -26.86
CA ILE A 183 -18.44 22.30 -27.98
C ILE A 183 -19.28 23.59 -28.07
N ILE A 184 -19.79 24.05 -26.93
CA ILE A 184 -20.58 25.29 -26.85
C ILE A 184 -19.76 26.53 -27.25
N ASN A 185 -18.46 26.52 -26.95
CA ASN A 185 -17.57 27.63 -27.32
C ASN A 185 -17.42 27.85 -28.83
N GLN A 186 -17.63 26.78 -29.63
CA GLN A 186 -17.45 26.85 -31.09
C GLN A 186 -18.59 27.55 -31.85
N LYS A 187 -19.67 27.94 -31.18
CA LYS A 187 -20.81 28.62 -31.84
C LYS A 187 -20.41 29.97 -32.47
N ARG A 188 -19.59 30.75 -31.76
CA ARG A 188 -19.17 32.07 -32.26
C ARG A 188 -18.34 32.00 -33.54
N PHE A 189 -17.51 30.97 -33.65
CA PHE A 189 -16.66 30.76 -34.83
C PHE A 189 -17.51 30.25 -36.00
N ASN A 190 -18.39 29.31 -35.71
CA ASN A 190 -19.27 28.70 -36.72
C ASN A 190 -20.40 29.63 -37.21
N ASP A 191 -20.76 30.62 -36.40
CA ASP A 191 -21.70 31.68 -36.82
C ASP A 191 -21.01 32.82 -37.58
N GLY A 192 -19.72 33.04 -37.32
CA GLY A 192 -18.93 34.05 -38.04
C GLY A 192 -18.63 33.71 -39.49
N THR A 193 -18.04 34.66 -40.20
CA THR A 193 -17.73 34.53 -41.64
C THR A 193 -16.41 33.80 -41.96
N ASP A 194 -15.47 33.81 -41.01
CA ASP A 194 -14.15 33.19 -41.22
C ASP A 194 -14.25 31.65 -41.22
N GLU A 195 -14.04 31.06 -42.39
CA GLU A 195 -14.10 29.60 -42.57
C GLU A 195 -12.92 28.83 -41.96
N LYS A 196 -11.80 29.52 -41.74
CA LYS A 196 -10.60 28.91 -41.15
C LYS A 196 -10.81 28.53 -39.68
N LYS A 197 -11.48 29.39 -38.92
CA LYS A 197 -11.72 29.15 -37.49
C LYS A 197 -12.88 28.18 -37.19
N LYS A 198 -13.73 27.89 -38.18
CA LYS A 198 -14.90 27.02 -37.95
C LYS A 198 -14.47 25.61 -37.54
N LEU A 199 -15.02 25.13 -36.43
CA LEU A 199 -14.69 23.82 -35.87
C LEU A 199 -15.95 22.99 -35.67
N TYR A 200 -16.08 21.92 -36.46
CA TYR A 200 -17.20 20.98 -36.33
C TYR A 200 -16.89 20.00 -35.20
N CYS A 201 -17.94 19.46 -34.59
CA CYS A 201 -17.82 18.69 -33.35
C CYS A 201 -18.47 17.31 -33.46
N ILE A 202 -17.90 16.34 -32.73
CA ILE A 202 -18.42 14.98 -32.66
C ILE A 202 -18.32 14.47 -31.22
N TYR A 203 -19.47 14.31 -30.57
CA TYR A 203 -19.54 13.71 -29.24
C TYR A 203 -19.78 12.22 -29.40
N VAL A 204 -18.99 11.40 -28.72
CA VAL A 204 -19.14 9.94 -28.76
C VAL A 204 -19.37 9.44 -27.34
N ALA A 205 -20.52 8.79 -27.13
CA ALA A 205 -20.91 8.25 -25.82
C ALA A 205 -20.75 6.74 -25.81
N ILE A 206 -19.87 6.23 -24.93
CA ILE A 206 -19.57 4.81 -24.81
C ILE A 206 -19.92 4.33 -23.41
N GLY A 207 -20.90 3.43 -23.32
CA GLY A 207 -21.28 2.79 -22.06
C GLY A 207 -22.17 3.59 -21.12
N GLN A 208 -22.58 4.79 -21.53
CA GLN A 208 -23.45 5.65 -20.73
C GLN A 208 -24.90 5.15 -20.80
N LYS A 209 -25.76 5.69 -19.95
CA LYS A 209 -27.20 5.41 -20.03
C LYS A 209 -27.89 6.42 -20.96
N ARG A 210 -29.07 6.05 -21.45
CA ARG A 210 -29.78 6.83 -22.47
C ARG A 210 -30.32 8.18 -21.97
N SER A 211 -30.84 8.21 -20.74
CA SER A 211 -31.34 9.44 -20.13
C SER A 211 -30.23 10.49 -19.87
N THR A 212 -28.99 10.04 -19.71
CA THR A 212 -27.84 10.93 -19.59
C THR A 212 -27.54 11.57 -20.94
N VAL A 213 -27.58 10.77 -22.01
CA VAL A 213 -27.33 11.27 -23.36
C VAL A 213 -28.49 12.16 -23.83
N ALA A 214 -29.71 11.85 -23.41
CA ALA A 214 -30.89 12.69 -23.67
C ALA A 214 -30.75 14.09 -23.06
N GLN A 215 -30.28 14.16 -21.82
CA GLN A 215 -29.95 15.42 -21.15
C GLN A 215 -28.81 16.17 -21.84
N LEU A 216 -27.83 15.42 -22.33
CA LEU A 216 -26.65 16.00 -22.99
C LEU A 216 -26.97 16.61 -24.35
N VAL A 217 -27.84 15.99 -25.13
CA VAL A 217 -28.31 16.56 -26.41
C VAL A 217 -29.26 17.74 -26.20
N LYS A 218 -30.04 17.70 -25.11
CA LYS A 218 -30.90 18.82 -24.72
C LYS A 218 -30.05 20.03 -24.33
N ARG A 219 -28.98 19.77 -23.57
CA ARG A 219 -28.02 20.80 -23.19
C ARG A 219 -27.42 21.51 -24.41
N LEU A 220 -26.99 20.72 -25.40
CA LEU A 220 -26.40 21.26 -26.63
C LEU A 220 -27.42 22.00 -27.51
N THR A 221 -28.64 21.46 -27.61
CA THR A 221 -29.72 22.11 -28.35
C THR A 221 -30.12 23.45 -27.71
N ASP A 222 -30.18 23.49 -26.38
CA ASP A 222 -30.45 24.72 -25.63
C ASP A 222 -29.44 25.84 -25.93
N ALA A 223 -28.17 25.46 -26.10
CA ALA A 223 -27.11 26.41 -26.47
C ALA A 223 -26.93 26.61 -27.98
N ASP A 224 -27.84 26.05 -28.79
CA ASP A 224 -27.78 26.08 -30.25
C ASP A 224 -26.48 25.48 -30.82
N ALA A 225 -25.97 24.44 -30.14
CA ALA A 225 -24.72 23.78 -30.50
C ALA A 225 -24.90 22.61 -31.46
N MET A 226 -26.07 21.96 -31.42
CA MET A 226 -26.34 20.75 -32.22
C MET A 226 -26.26 20.96 -33.74
N LYS A 227 -26.56 22.17 -34.22
CA LYS A 227 -26.47 22.46 -35.66
C LYS A 227 -25.08 22.25 -36.31
N TYR A 228 -24.04 22.03 -35.50
CA TYR A 228 -22.70 21.63 -36.00
C TYR A 228 -22.11 20.37 -35.31
N THR A 229 -22.91 19.66 -34.51
CA THR A 229 -22.40 18.56 -33.66
C THR A 229 -23.04 17.22 -34.03
N ILE A 230 -22.21 16.20 -34.26
CA ILE A 230 -22.66 14.83 -34.53
C ILE A 230 -22.54 14.02 -33.23
N VAL A 231 -23.64 13.41 -32.79
CA VAL A 231 -23.64 12.61 -31.56
C VAL A 231 -23.71 11.13 -31.90
N VAL A 232 -22.60 10.41 -31.67
CA VAL A 232 -22.55 8.95 -31.79
C VAL A 232 -22.72 8.38 -30.38
N SER A 233 -23.62 7.41 -30.22
CA SER A 233 -23.99 6.93 -28.89
C SER A 233 -24.18 5.41 -28.86
N ALA A 234 -23.23 4.74 -28.21
CA ALA A 234 -23.35 3.32 -27.86
C ALA A 234 -23.58 3.22 -26.35
N THR A 235 -24.82 2.97 -25.97
CA THR A 235 -25.23 3.01 -24.56
C THR A 235 -25.05 1.65 -23.87
N ALA A 236 -25.28 1.61 -22.56
CA ALA A 236 -25.08 0.41 -21.74
C ALA A 236 -25.88 -0.82 -22.19
N SER A 237 -27.09 -0.61 -22.71
CA SER A 237 -27.93 -1.70 -23.22
C SER A 237 -27.44 -2.27 -24.55
N ASP A 238 -26.75 -1.45 -25.35
CA ASP A 238 -26.13 -1.92 -26.60
C ASP A 238 -25.01 -2.93 -26.29
N ALA A 239 -24.83 -3.88 -27.21
CA ALA A 239 -23.84 -4.95 -27.03
C ALA A 239 -22.41 -4.45 -27.06
N ALA A 240 -21.51 -5.23 -26.50
CA ALA A 240 -20.10 -4.86 -26.35
C ALA A 240 -19.40 -4.46 -27.66
N PRO A 241 -19.64 -5.22 -28.76
CA PRO A 241 -19.01 -4.84 -30.03
C PRO A 241 -19.41 -3.46 -30.56
N LEU A 242 -20.62 -3.01 -30.23
CA LEU A 242 -21.10 -1.68 -30.61
C LEU A 242 -20.39 -0.59 -29.81
N GLN A 243 -20.11 -0.86 -28.54
CA GLN A 243 -19.28 0.03 -27.72
C GLN A 243 -17.82 0.01 -28.17
N TYR A 244 -17.33 -1.18 -28.53
CA TYR A 244 -15.97 -1.36 -29.07
C TYR A 244 -15.74 -0.56 -30.36
N LEU A 245 -16.72 -0.59 -31.27
CA LEU A 245 -16.62 0.14 -32.55
C LEU A 245 -16.92 1.64 -32.44
N ALA A 246 -17.86 2.01 -31.58
CA ALA A 246 -18.42 3.38 -31.53
C ALA A 246 -17.41 4.54 -31.62
N PRO A 247 -16.29 4.48 -30.87
CA PRO A 247 -15.22 5.47 -31.05
C PRO A 247 -14.61 5.48 -32.45
N TYR A 248 -14.34 4.30 -33.01
CA TYR A 248 -13.76 4.19 -34.36
C TYR A 248 -14.71 4.73 -35.42
N SER A 249 -16.01 4.43 -35.30
CA SER A 249 -17.03 4.95 -36.21
C SER A 249 -17.05 6.49 -36.24
N GLY A 250 -17.12 7.08 -35.05
CA GLY A 250 -17.05 8.53 -34.89
C GLY A 250 -15.75 9.15 -35.38
N CYS A 251 -14.65 8.42 -35.25
CA CYS A 251 -13.35 8.90 -35.74
C CYS A 251 -13.34 9.07 -37.25
N SER A 252 -13.91 8.11 -37.96
CA SER A 252 -14.07 8.19 -39.42
C SER A 252 -14.91 9.39 -39.88
N MET A 253 -15.93 9.72 -39.09
CA MET A 253 -16.76 10.90 -39.36
C MET A 253 -15.96 12.19 -39.28
N GLY A 254 -15.08 12.28 -38.29
CA GLY A 254 -14.19 13.44 -38.13
C GLY A 254 -13.07 13.53 -39.16
N GLU A 255 -12.62 12.39 -39.69
CA GLU A 255 -11.57 12.34 -40.70
C GLU A 255 -11.97 12.97 -42.04
N TYR A 256 -13.23 12.80 -42.44
CA TYR A 256 -13.77 13.43 -43.66
C TYR A 256 -13.62 14.95 -43.65
N PHE A 257 -13.91 15.57 -42.51
CA PHE A 257 -13.73 17.03 -42.35
C PHE A 257 -12.25 17.40 -42.43
N ARG A 258 -11.41 16.62 -41.75
CA ARG A 258 -9.95 16.81 -41.76
C ARG A 258 -9.37 16.69 -43.18
N ASP A 259 -9.75 15.64 -43.89
CA ASP A 259 -9.25 15.39 -45.25
C ASP A 259 -9.68 16.47 -46.23
N ASN A 260 -10.96 16.85 -46.17
CA ASN A 260 -11.55 17.83 -47.08
C ASN A 260 -11.43 19.28 -46.59
N GLY A 261 -10.24 19.67 -46.13
CA GLY A 261 -9.93 21.06 -45.78
C GLY A 261 -10.36 21.57 -44.42
N LYS A 262 -11.46 21.07 -43.88
CA LYS A 262 -12.08 21.63 -42.67
C LYS A 262 -11.41 21.11 -41.39
N HIS A 263 -11.84 21.63 -40.24
CA HIS A 263 -11.33 21.24 -38.93
C HIS A 263 -12.41 20.55 -38.12
N ALA A 264 -12.00 19.59 -37.28
CA ALA A 264 -12.93 18.78 -36.50
C ALA A 264 -12.45 18.56 -35.07
N LEU A 265 -13.42 18.32 -34.18
CA LEU A 265 -13.18 18.06 -32.77
C LEU A 265 -13.95 16.80 -32.37
N ILE A 266 -13.27 15.83 -31.78
CA ILE A 266 -13.90 14.58 -31.34
C ILE A 266 -13.70 14.34 -29.84
N ILE A 267 -14.78 13.92 -29.19
CA ILE A 267 -14.79 13.62 -27.75
C ILE A 267 -15.13 12.15 -27.61
N TYR A 268 -14.24 11.40 -26.98
CA TYR A 268 -14.50 10.01 -26.62
C TYR A 268 -14.85 9.98 -25.13
N ASP A 269 -16.11 9.67 -24.82
CA ASP A 269 -16.66 9.76 -23.46
C ASP A 269 -17.37 8.44 -23.11
N ASP A 270 -16.64 7.42 -22.65
CA ASP A 270 -15.21 7.47 -22.36
C ASP A 270 -14.49 6.19 -22.80
N LEU A 271 -13.17 6.28 -22.90
CA LEU A 271 -12.34 5.15 -23.33
C LEU A 271 -12.21 4.08 -22.26
N SER A 272 -12.44 4.44 -20.99
CA SER A 272 -12.47 3.46 -19.91
C SER A 272 -13.56 2.43 -20.16
N LYS A 273 -14.77 2.91 -20.44
CA LYS A 273 -15.91 2.03 -20.74
C LYS A 273 -15.75 1.27 -22.06
N GLN A 274 -15.06 1.86 -23.04
CA GLN A 274 -14.75 1.15 -24.30
C GLN A 274 -13.82 -0.04 -24.04
N ALA A 275 -12.81 0.17 -23.19
CA ALA A 275 -11.85 -0.87 -22.84
C ALA A 275 -12.52 -2.06 -22.14
N VAL A 276 -13.48 -1.77 -21.27
CA VAL A 276 -14.27 -2.81 -20.58
C VAL A 276 -15.07 -3.64 -21.58
N ALA A 277 -15.68 -2.98 -22.56
CA ALA A 277 -16.41 -3.67 -23.64
C ALA A 277 -15.48 -4.58 -24.44
N TYR A 278 -14.31 -4.05 -24.81
CA TYR A 278 -13.32 -4.83 -25.55
C TYR A 278 -12.72 -5.97 -24.71
N ARG A 279 -12.57 -5.74 -23.41
CA ARG A 279 -12.09 -6.79 -22.49
C ARG A 279 -13.06 -7.96 -22.41
N GLN A 280 -14.35 -7.66 -22.32
CA GLN A 280 -15.39 -8.69 -22.29
C GLN A 280 -15.27 -9.66 -23.46
N MET A 281 -15.08 -9.10 -24.66
CA MET A 281 -14.91 -9.91 -25.86
C MET A 281 -13.64 -10.75 -25.80
N SER A 282 -12.53 -10.11 -25.41
CA SER A 282 -11.23 -10.79 -25.31
C SER A 282 -11.18 -11.90 -24.26
N LEU A 283 -11.93 -11.76 -23.17
CA LEU A 283 -12.00 -12.80 -22.14
C LEU A 283 -12.88 -13.98 -22.55
N LEU A 284 -14.00 -13.69 -23.23
CA LEU A 284 -14.94 -14.74 -23.67
C LEU A 284 -14.50 -15.42 -24.98
N LEU A 285 -13.61 -14.77 -25.74
CA LEU A 285 -12.86 -15.43 -26.82
C LEU A 285 -11.60 -16.17 -26.30
N ARG A 286 -11.39 -16.12 -24.98
CA ARG A 286 -10.34 -16.85 -24.28
C ARG A 286 -8.93 -16.41 -24.64
N ARG A 287 -8.78 -15.13 -24.99
CA ARG A 287 -7.46 -14.54 -25.20
C ARG A 287 -6.83 -14.29 -23.83
N PRO A 288 -5.49 -14.30 -23.75
CA PRO A 288 -4.84 -14.29 -22.43
C PRO A 288 -5.09 -13.01 -21.61
N PRO A 289 -5.58 -13.15 -20.37
CA PRO A 289 -5.79 -11.98 -19.51
C PRO A 289 -4.50 -11.48 -18.85
N GLY A 290 -4.17 -10.21 -19.05
CA GLY A 290 -3.03 -9.57 -18.41
C GLY A 290 -3.45 -8.76 -17.19
N ARG A 291 -2.74 -7.67 -16.94
CA ARG A 291 -3.01 -6.77 -15.81
C ARG A 291 -4.47 -6.28 -15.85
N GLU A 292 -5.14 -6.38 -14.70
CA GLU A 292 -6.58 -6.08 -14.55
C GLU A 292 -7.50 -6.86 -15.52
N ALA A 293 -7.02 -8.03 -15.97
CA ALA A 293 -7.74 -8.90 -16.92
C ALA A 293 -7.88 -8.39 -18.36
N TYR A 294 -7.20 -7.28 -18.71
CA TYR A 294 -7.24 -6.74 -20.07
C TYR A 294 -6.28 -7.51 -20.97
N PRO A 295 -6.55 -7.56 -22.29
CA PRO A 295 -5.65 -8.25 -23.21
C PRO A 295 -4.39 -7.45 -23.53
N GLY A 296 -3.42 -8.11 -24.16
CA GLY A 296 -2.15 -7.48 -24.53
C GLY A 296 -2.23 -6.39 -25.60
N ASP A 297 -3.32 -6.37 -26.37
CA ASP A 297 -3.53 -5.38 -27.44
C ASP A 297 -4.43 -4.19 -27.05
N VAL A 298 -4.59 -3.94 -25.75
CA VAL A 298 -5.43 -2.82 -25.26
C VAL A 298 -4.76 -1.45 -25.50
N PHE A 299 -3.43 -1.41 -25.46
CA PHE A 299 -2.69 -0.19 -25.84
C PHE A 299 -2.76 0.00 -27.35
N TYR A 300 -2.54 -1.08 -28.09
CA TYR A 300 -2.72 -1.14 -29.55
C TYR A 300 -4.12 -0.67 -29.95
N LEU A 301 -5.13 -1.03 -29.16
CA LEU A 301 -6.51 -0.54 -29.33
C LEU A 301 -6.60 0.99 -29.29
N HIS A 302 -6.25 1.60 -28.16
CA HIS A 302 -6.39 3.05 -27.97
C HIS A 302 -5.40 3.89 -28.78
N SER A 303 -4.20 3.38 -29.02
CA SER A 303 -3.21 4.10 -29.82
C SER A 303 -3.62 4.16 -31.28
N ARG A 304 -4.22 3.09 -31.80
CA ARG A 304 -4.81 3.09 -33.15
C ARG A 304 -5.86 4.21 -33.31
N LEU A 305 -6.75 4.32 -32.33
CA LEU A 305 -7.81 5.34 -32.32
C LEU A 305 -7.25 6.76 -32.28
N LEU A 306 -6.45 7.04 -31.25
CA LEU A 306 -5.99 8.41 -30.96
C LEU A 306 -5.02 8.98 -32.01
N GLU A 307 -4.17 8.13 -32.57
CA GLU A 307 -3.20 8.56 -33.61
C GLU A 307 -3.87 9.10 -34.89
N ARG A 308 -5.09 8.64 -35.17
CA ARG A 308 -5.88 9.13 -36.32
C ARG A 308 -6.32 10.60 -36.22
N ALA A 309 -6.28 11.18 -35.01
CA ALA A 309 -6.39 12.63 -34.85
C ALA A 309 -5.04 13.25 -35.22
N ALA A 310 -5.05 14.27 -36.07
CA ALA A 310 -3.81 14.83 -36.63
C ALA A 310 -3.99 16.20 -37.27
N LYS A 311 -2.91 17.00 -37.26
CA LYS A 311 -2.85 18.27 -37.97
C LYS A 311 -2.23 18.03 -39.35
N MET A 312 -3.02 18.20 -40.40
CA MET A 312 -2.57 17.97 -41.77
C MET A 312 -1.85 19.20 -42.32
N ASN A 313 -0.92 18.99 -43.24
CA ASN A 313 -0.25 20.09 -43.94
C ASN A 313 -1.08 20.56 -45.15
N ASP A 314 -0.61 21.60 -45.82
CA ASP A 314 -1.36 22.22 -46.93
C ASP A 314 -1.57 21.27 -48.13
N ALA A 315 -0.56 20.45 -48.42
CA ALA A 315 -0.59 19.51 -49.57
C ALA A 315 -1.76 18.52 -49.52
N PHE A 316 -1.97 17.91 -48.35
CA PHE A 316 -3.07 16.95 -48.14
C PHE A 316 -4.41 17.63 -47.77
N GLY A 317 -4.36 18.90 -47.36
CA GLY A 317 -5.57 19.68 -47.11
C GLY A 317 -5.36 20.93 -46.29
N GLY A 318 -4.66 20.77 -45.16
CA GLY A 318 -4.51 21.81 -44.16
C GLY A 318 -5.46 21.65 -42.98
N GLY A 319 -6.42 20.73 -43.09
CA GLY A 319 -7.42 20.50 -42.06
C GLY A 319 -6.86 19.80 -40.83
N SER A 320 -7.77 19.44 -39.92
CA SER A 320 -7.37 18.86 -38.64
C SER A 320 -8.48 18.03 -37.99
N LEU A 321 -8.06 17.13 -37.10
CA LEU A 321 -8.94 16.41 -36.19
C LEU A 321 -8.31 16.49 -34.79
N THR A 322 -9.11 16.93 -33.81
CA THR A 322 -8.64 17.17 -32.45
C THR A 322 -9.37 16.21 -31.50
N ALA A 323 -8.62 15.43 -30.73
CA ALA A 323 -9.19 14.41 -29.83
C ALA A 323 -9.23 14.90 -28.40
N LEU A 324 -10.39 14.74 -27.75
CA LEU A 324 -10.54 14.98 -26.32
C LEU A 324 -11.06 13.69 -25.66
N PRO A 325 -10.19 12.68 -25.51
CA PRO A 325 -10.61 11.44 -24.86
C PRO A 325 -10.85 11.59 -23.37
N VAL A 326 -11.71 10.73 -22.82
CA VAL A 326 -12.02 10.74 -21.38
C VAL A 326 -11.59 9.41 -20.78
N ILE A 327 -11.07 9.48 -19.56
CA ILE A 327 -10.61 8.31 -18.79
C ILE A 327 -11.06 8.45 -17.35
N GLU A 328 -11.89 7.52 -16.88
CA GLU A 328 -12.33 7.51 -15.49
C GLU A 328 -11.29 6.76 -14.66
N THR A 329 -10.64 7.47 -13.75
CA THR A 329 -9.73 6.85 -12.78
C THR A 329 -10.52 6.32 -11.58
N GLN A 330 -9.84 5.53 -10.75
CA GLN A 330 -10.42 4.93 -9.55
C GLN A 330 -9.58 5.31 -8.33
N ALA A 331 -10.18 6.06 -7.41
CA ALA A 331 -9.51 6.57 -6.21
C ALA A 331 -8.25 7.39 -6.52
N GLY A 332 -8.30 8.14 -7.64
CA GLY A 332 -7.18 8.98 -8.07
C GLY A 332 -5.97 8.25 -8.62
N ASP A 333 -6.11 6.94 -8.89
CA ASP A 333 -4.99 6.13 -9.34
C ASP A 333 -4.79 6.33 -10.85
N VAL A 334 -4.02 7.37 -11.19
CA VAL A 334 -3.60 7.61 -12.58
C VAL A 334 -2.59 6.57 -13.11
N SER A 335 -1.98 5.81 -12.21
CA SER A 335 -1.07 4.71 -12.57
C SER A 335 -1.77 3.39 -12.94
N ALA A 336 -3.10 3.33 -12.85
CA ALA A 336 -3.87 2.16 -13.29
C ALA A 336 -3.66 1.88 -14.77
N TYR A 337 -3.81 0.61 -15.17
CA TYR A 337 -3.38 0.12 -16.49
C TYR A 337 -3.90 0.95 -17.66
N ILE A 338 -5.21 1.16 -17.72
CA ILE A 338 -5.84 1.87 -18.85
C ILE A 338 -5.56 3.39 -18.82
N PRO A 339 -5.61 4.03 -17.64
CA PRO A 339 -5.09 5.40 -17.55
C PRO A 339 -3.61 5.57 -17.93
N THR A 340 -2.77 4.61 -17.55
CA THR A 340 -1.33 4.62 -17.92
C THR A 340 -1.14 4.59 -19.44
N ASN A 341 -2.01 3.87 -20.14
CA ASN A 341 -1.98 3.79 -21.60
C ASN A 341 -2.30 5.12 -22.27
N VAL A 342 -3.47 5.68 -21.96
CA VAL A 342 -4.00 6.85 -22.67
C VAL A 342 -3.27 8.15 -22.30
N ILE A 343 -2.66 8.19 -21.11
CA ILE A 343 -1.75 9.29 -20.73
C ILE A 343 -0.53 9.33 -21.67
N SER A 344 0.14 8.20 -21.81
CA SER A 344 1.36 8.12 -22.64
C SER A 344 1.11 8.31 -24.14
N ILE A 345 -0.08 7.91 -24.62
CA ILE A 345 -0.46 8.10 -26.03
C ILE A 345 -0.67 9.58 -26.35
N THR A 346 -1.42 10.28 -25.49
CA THR A 346 -1.89 11.64 -25.77
C THR A 346 -0.80 12.70 -25.66
N ASP A 347 -1.09 13.87 -26.23
CA ASP A 347 -0.16 15.02 -26.24
C ASP A 347 -0.20 15.85 -24.96
N GLY A 348 -1.26 15.70 -24.17
CA GLY A 348 -1.37 16.41 -22.89
C GLY A 348 -2.55 15.92 -22.06
N GLN A 349 -2.54 16.26 -20.78
CA GLN A 349 -3.54 15.77 -19.82
C GLN A 349 -4.15 16.91 -19.00
N ILE A 350 -5.46 16.84 -18.76
CA ILE A 350 -6.17 17.74 -17.85
C ILE A 350 -6.64 16.92 -16.65
N PHE A 351 -5.85 16.92 -15.59
CA PHE A 351 -6.14 16.13 -14.39
C PHE A 351 -7.20 16.80 -13.52
N LEU A 352 -8.31 16.10 -13.29
CA LEU A 352 -9.37 16.54 -12.39
C LEU A 352 -9.35 15.71 -11.10
N GLU A 353 -9.50 16.40 -9.97
CA GLU A 353 -9.39 15.77 -8.63
C GLU A 353 -10.61 16.10 -7.79
N THR A 354 -10.99 15.16 -6.91
CA THR A 354 -12.17 15.31 -6.05
C THR A 354 -11.99 16.38 -4.97
N GLU A 355 -10.81 16.43 -4.35
CA GLU A 355 -10.53 17.40 -3.29
C GLU A 355 -10.58 18.84 -3.76
N LEU A 356 -10.07 19.10 -4.97
CA LEU A 356 -10.16 20.43 -5.60
C LEU A 356 -11.60 20.84 -5.90
N PHE A 357 -12.42 19.90 -6.36
CA PHE A 357 -13.82 20.16 -6.73
C PHE A 357 -14.65 20.70 -5.57
N TYR A 358 -14.60 20.01 -4.43
CA TYR A 358 -15.33 20.43 -3.24
C TYR A 358 -14.66 21.56 -2.45
N LYS A 359 -13.38 21.85 -2.75
CA LYS A 359 -12.70 23.05 -2.23
C LYS A 359 -13.20 24.37 -2.83
N GLY A 360 -13.89 24.30 -3.98
CA GLY A 360 -14.34 25.49 -4.69
C GLY A 360 -13.62 25.71 -6.01
N ILE A 361 -12.58 24.91 -6.28
CA ILE A 361 -11.85 24.97 -7.54
C ILE A 361 -12.74 24.27 -8.57
N ARG A 362 -13.40 25.06 -9.42
CA ARG A 362 -14.32 24.52 -10.42
C ARG A 362 -14.20 25.37 -11.70
N PRO A 363 -13.79 24.79 -12.83
CA PRO A 363 -13.48 23.37 -13.01
C PRO A 363 -12.25 22.93 -12.22
N ALA A 364 -12.31 21.71 -11.68
CA ALA A 364 -11.34 21.24 -10.68
C ALA A 364 -10.03 20.73 -11.29
N ILE A 365 -9.37 21.59 -12.05
CA ILE A 365 -8.19 21.22 -12.83
C ILE A 365 -6.94 21.46 -11.98
N ASN A 366 -6.12 20.42 -11.83
CA ASN A 366 -4.82 20.52 -11.16
C ASN A 366 -3.83 21.21 -12.10
N VAL A 367 -3.40 22.41 -11.74
CA VAL A 367 -2.48 23.18 -12.57
C VAL A 367 -1.08 22.58 -12.59
N GLY A 368 -0.58 22.17 -11.42
CA GLY A 368 0.76 21.58 -11.30
C GLY A 368 1.00 20.35 -12.14
N LEU A 369 0.02 19.44 -12.19
CA LEU A 369 0.15 18.15 -12.88
C LEU A 369 -0.36 18.17 -14.33
N SER A 370 -1.36 19.00 -14.62
CA SER A 370 -1.86 19.14 -15.99
C SER A 370 -0.81 19.76 -16.89
N VAL A 371 -0.80 19.32 -18.14
CA VAL A 371 0.27 19.67 -19.08
C VAL A 371 -0.22 19.61 -20.51
N SER A 372 0.32 20.51 -21.33
CA SER A 372 0.15 20.48 -22.77
C SER A 372 1.55 20.51 -23.37
N ARG A 373 1.94 19.44 -24.05
CA ARG A 373 3.26 19.35 -24.65
C ARG A 373 3.41 20.24 -25.88
N VAL A 374 2.28 20.56 -26.53
CA VAL A 374 2.26 21.52 -27.63
C VAL A 374 2.50 22.92 -27.06
N GLY A 375 1.69 23.31 -26.09
CA GLY A 375 1.91 24.51 -25.30
C GLY A 375 1.63 25.82 -26.04
N SER A 376 2.63 26.71 -26.04
CA SER A 376 2.52 28.06 -26.63
C SER A 376 2.19 28.06 -28.12
N ALA A 377 2.66 27.05 -28.84
CA ALA A 377 2.39 26.91 -30.29
C ALA A 377 0.90 26.87 -30.64
N ALA A 378 0.05 26.49 -29.67
CA ALA A 378 -1.41 26.57 -29.82
C ALA A 378 -2.02 27.70 -28.97
N GLN A 379 -1.42 28.89 -29.07
CA GLN A 379 -1.94 30.09 -28.38
C GLN A 379 -1.76 31.33 -29.25
N THR A 380 -2.65 32.31 -29.08
CA THR A 380 -2.51 33.63 -29.69
C THR A 380 -1.58 34.49 -28.83
N ARG A 381 -1.00 35.52 -29.44
CA ARG A 381 -0.09 36.45 -28.74
C ARG A 381 -0.75 37.20 -27.58
N ALA A 382 -2.06 37.44 -27.69
CA ALA A 382 -2.85 38.03 -26.61
C ALA A 382 -2.80 37.17 -25.36
N MET A 383 -3.11 35.89 -25.52
CA MET A 383 -3.08 34.92 -24.43
C MET A 383 -1.64 34.57 -24.01
N LYS A 384 -0.75 34.43 -24.98
CA LYS A 384 0.66 34.09 -24.75
C LYS A 384 1.40 35.10 -23.86
N GLN A 385 0.97 36.36 -23.89
CA GLN A 385 1.56 37.42 -23.06
C GLN A 385 1.29 37.18 -21.57
N VAL A 386 0.01 37.05 -21.22
CA VAL A 386 -0.42 36.91 -19.82
C VAL A 386 -0.28 35.50 -19.23
N ALA A 387 -0.30 34.48 -20.10
CA ALA A 387 -0.26 33.07 -19.65
C ALA A 387 1.10 32.68 -19.08
N GLY A 388 2.17 33.07 -19.75
CA GLY A 388 3.54 32.78 -19.31
C GLY A 388 3.87 33.40 -17.96
N THR A 389 3.40 34.63 -17.75
CA THR A 389 3.58 35.35 -16.48
C THR A 389 2.77 34.71 -15.34
N MET A 390 1.53 34.32 -15.64
CA MET A 390 0.64 33.68 -14.67
C MET A 390 1.15 32.30 -14.26
N LYS A 391 1.59 31.51 -15.24
CA LYS A 391 2.13 30.17 -15.02
C LYS A 391 3.32 30.17 -14.04
N LEU A 392 4.20 31.16 -14.20
CA LEU A 392 5.38 31.31 -13.34
C LEU A 392 5.00 31.66 -11.90
N GLU A 393 4.08 32.61 -11.73
CA GLU A 393 3.64 33.04 -10.39
C GLU A 393 2.89 31.94 -9.62
N LEU A 394 2.10 31.13 -10.33
CA LEU A 394 1.43 29.97 -9.72
C LEU A 394 2.43 28.91 -9.26
N ALA A 395 3.51 28.73 -10.02
CA ALA A 395 4.60 27.83 -9.61
C ALA A 395 5.30 28.32 -8.35
N GLN A 396 5.50 29.64 -8.26
CA GLN A 396 6.04 30.27 -7.05
C GLN A 396 5.10 30.11 -5.84
N TYR A 397 3.79 30.14 -6.10
CA TYR A 397 2.77 29.92 -5.08
C TYR A 397 2.73 28.47 -4.60
N ARG A 398 2.56 27.53 -5.54
CA ARG A 398 2.36 26.10 -5.21
C ARG A 398 3.45 25.47 -4.32
N GLU A 399 4.67 25.98 -4.40
CA GLU A 399 5.75 25.58 -3.48
C GLU A 399 5.50 26.13 -2.07
N VAL A 400 5.18 27.42 -2.01
CA VAL A 400 5.01 28.16 -0.74
C VAL A 400 3.63 27.92 -0.08
N ALA A 401 2.63 27.53 -0.87
CA ALA A 401 1.23 27.45 -0.41
C ALA A 401 0.94 26.44 0.72
N ALA A 402 1.79 25.43 0.87
CA ALA A 402 1.63 24.42 1.92
C ALA A 402 1.75 24.97 3.35
N PHE A 403 2.48 26.07 3.51
CA PHE A 403 2.59 26.79 4.79
C PHE A 403 2.04 28.21 4.69
N ALA A 404 0.90 28.34 3.98
CA ALA A 404 0.22 29.62 3.81
C ALA A 404 -0.50 30.01 5.11
N GLN A 405 -1.31 29.08 5.61
CA GLN A 405 -2.05 29.27 6.86
C GLN A 405 -1.13 29.18 8.09
N PHE A 406 -0.25 28.18 8.08
CA PHE A 406 0.75 27.99 9.14
C PHE A 406 1.99 28.84 8.85
N GLY A 407 1.87 30.14 9.14
CA GLY A 407 2.95 31.10 8.92
C GLY A 407 2.84 32.29 9.86
N SER A 408 1.84 33.13 9.61
CA SER A 408 1.55 34.36 10.41
C SER A 408 2.69 35.39 10.37
N ASP A 409 3.81 35.09 11.02
CA ASP A 409 5.00 35.96 11.02
C ASP A 409 5.88 35.65 9.80
N LEU A 410 5.35 35.98 8.62
CA LEU A 410 6.02 35.71 7.34
C LEU A 410 6.62 37.00 6.79
N ASP A 411 7.74 36.88 6.06
CA ASP A 411 8.37 38.05 5.42
C ASP A 411 7.60 38.48 4.17
N ALA A 412 7.88 39.69 3.70
CA ALA A 412 7.15 40.30 2.58
C ALA A 412 7.35 39.59 1.23
N ALA A 413 8.45 38.84 1.09
CA ALA A 413 8.71 38.07 -0.14
C ALA A 413 7.68 36.96 -0.34
N THR A 414 7.52 36.11 0.68
CA THR A 414 6.55 35.00 0.64
C THR A 414 5.10 35.46 0.76
N GLN A 415 4.85 36.51 1.53
CA GLN A 415 3.50 37.11 1.66
C GLN A 415 2.97 37.68 0.33
N GLN A 416 3.87 38.18 -0.51
CA GLN A 416 3.52 38.61 -1.87
C GLN A 416 3.11 37.43 -2.74
N LEU A 417 3.86 36.33 -2.65
CA LEU A 417 3.56 35.12 -3.42
C LEU A 417 2.29 34.43 -2.94
N LEU A 418 2.10 34.37 -1.62
CA LEU A 418 0.91 33.77 -1.01
C LEU A 418 -0.37 34.55 -1.30
N SER A 419 -0.29 35.88 -1.21
CA SER A 419 -1.43 36.75 -1.54
C SER A 419 -1.78 36.62 -3.03
N ARG A 420 -0.82 36.95 -3.89
CA ARG A 420 -0.99 36.89 -5.35
C ARG A 420 -1.48 35.53 -5.86
N GLY A 421 -0.93 34.45 -5.29
CA GLY A 421 -1.28 33.09 -5.70
C GLY A 421 -2.72 32.67 -5.41
N VAL A 422 -3.24 33.07 -4.25
CA VAL A 422 -4.65 32.82 -3.90
C VAL A 422 -5.58 33.63 -4.81
N ARG A 423 -5.19 34.85 -5.15
CA ARG A 423 -5.95 35.69 -6.09
C ARG A 423 -6.04 35.04 -7.48
N LEU A 424 -4.90 34.60 -7.99
CA LEU A 424 -4.82 33.99 -9.34
C LEU A 424 -5.58 32.66 -9.43
N THR A 425 -5.51 31.85 -8.37
CA THR A 425 -6.26 30.60 -8.29
C THR A 425 -7.78 30.83 -8.39
N GLU A 426 -8.26 31.90 -7.75
CA GLU A 426 -9.67 32.29 -7.79
C GLU A 426 -10.12 32.78 -9.17
N LEU A 427 -9.18 33.35 -9.95
CA LEU A 427 -9.46 33.73 -11.34
C LEU A 427 -9.55 32.52 -12.28
N LEU A 428 -8.90 31.41 -11.93
CA LEU A 428 -9.04 30.14 -12.67
C LEU A 428 -10.38 29.46 -12.46
N LYS A 429 -11.10 29.79 -11.37
CA LYS A 429 -12.47 29.31 -11.15
C LYS A 429 -13.38 29.90 -12.23
N GLN A 430 -14.40 29.13 -12.61
CA GLN A 430 -15.31 29.53 -13.69
C GLN A 430 -16.65 28.82 -13.64
N GLY A 431 -17.68 29.52 -14.08
CA GLY A 431 -19.02 28.96 -14.19
C GLY A 431 -19.14 27.96 -15.32
N GLN A 432 -20.13 27.07 -15.20
CA GLN A 432 -20.41 26.05 -16.21
C GLN A 432 -21.34 26.62 -17.29
N TYR A 433 -21.28 26.04 -18.48
CA TYR A 433 -22.12 26.44 -19.64
C TYR A 433 -21.96 27.91 -20.11
N SER A 434 -20.81 28.52 -19.84
CA SER A 434 -20.54 29.90 -20.25
C SER A 434 -19.07 30.04 -20.67
N PRO A 435 -18.70 29.43 -21.82
CA PRO A 435 -17.33 29.53 -22.31
C PRO A 435 -17.04 30.92 -22.89
N MET A 436 -15.88 31.46 -22.54
CA MET A 436 -15.52 32.85 -22.83
C MET A 436 -14.66 32.99 -24.08
N ALA A 437 -14.73 34.16 -24.71
CA ALA A 437 -13.84 34.50 -25.82
C ALA A 437 -12.46 34.84 -25.27
N ILE A 438 -11.44 34.72 -26.12
CA ILE A 438 -10.04 34.90 -25.69
C ILE A 438 -9.76 36.31 -25.13
N GLU A 439 -10.38 37.33 -25.73
CA GLU A 439 -10.23 38.72 -25.26
C GLU A 439 -10.84 38.98 -23.87
N GLU A 440 -11.89 38.23 -23.52
CA GLU A 440 -12.49 38.31 -22.19
C GLU A 440 -11.63 37.62 -21.12
N GLN A 441 -10.95 36.53 -21.51
CA GLN A 441 -10.09 35.77 -20.61
C GLN A 441 -8.84 36.57 -20.22
N VAL A 442 -8.14 37.09 -21.23
CA VAL A 442 -6.89 37.84 -21.02
C VAL A 442 -7.05 39.10 -20.15
N ALA A 443 -8.19 39.76 -20.28
CA ALA A 443 -8.52 40.92 -19.44
C ALA A 443 -8.63 40.53 -17.96
N VAL A 444 -9.27 39.40 -17.70
CA VAL A 444 -9.44 38.88 -16.34
C VAL A 444 -8.10 38.41 -15.74
N ILE A 445 -7.29 37.72 -16.54
CA ILE A 445 -5.97 37.24 -16.11
C ILE A 445 -5.02 38.43 -15.88
N TYR A 446 -5.03 39.39 -16.79
CA TYR A 446 -4.24 40.62 -16.69
C TYR A 446 -4.45 41.37 -15.36
N ALA A 447 -5.70 41.44 -14.90
CA ALA A 447 -6.02 42.05 -13.61
C ALA A 447 -5.28 41.36 -12.45
N GLY A 448 -5.19 40.04 -12.51
CA GLY A 448 -4.45 39.25 -11.53
C GLY A 448 -2.94 39.41 -11.62
N VAL A 449 -2.41 39.39 -12.84
CA VAL A 449 -0.96 39.42 -13.08
C VAL A 449 -0.33 40.76 -12.67
N ARG A 450 -0.90 41.86 -13.17
CA ARG A 450 -0.44 43.21 -12.78
C ARG A 450 -0.87 43.61 -11.36
N GLY A 451 -1.76 42.83 -10.74
CA GLY A 451 -1.97 42.88 -9.30
C GLY A 451 -2.86 44.00 -8.82
N TYR A 452 -3.95 44.25 -9.53
CA TYR A 452 -4.96 45.23 -9.12
C TYR A 452 -5.91 44.66 -8.06
N LEU A 453 -5.98 43.34 -7.95
CA LEU A 453 -6.85 42.65 -6.99
C LEU A 453 -6.11 42.14 -5.74
N ASP A 454 -4.91 42.67 -5.47
CA ASP A 454 -4.06 42.17 -4.38
C ASP A 454 -4.60 42.44 -2.97
N LYS A 455 -5.32 43.55 -2.79
CA LYS A 455 -5.92 43.91 -1.50
C LYS A 455 -7.39 43.45 -1.34
N LEU A 456 -8.02 43.00 -2.42
CA LEU A 456 -9.40 42.48 -2.36
C LEU A 456 -9.47 41.21 -1.54
N GLU A 457 -10.61 40.98 -0.89
CA GLU A 457 -10.83 39.79 -0.06
C GLU A 457 -10.89 38.56 -0.98
N PRO A 458 -10.10 37.50 -0.69
CA PRO A 458 -9.99 36.36 -1.61
C PRO A 458 -11.31 35.63 -1.89
N SER A 459 -12.19 35.56 -0.90
CA SER A 459 -13.48 34.88 -1.02
C SER A 459 -14.45 35.52 -2.03
N LYS A 460 -14.29 36.82 -2.28
CA LYS A 460 -15.21 37.59 -3.14
C LYS A 460 -14.66 37.85 -4.57
N ILE A 461 -13.74 37.02 -5.05
CA ILE A 461 -13.14 37.21 -6.38
C ILE A 461 -14.02 36.62 -7.50
N THR A 462 -14.58 35.44 -7.26
CA THR A 462 -15.47 34.79 -8.23
C THR A 462 -16.72 35.64 -8.51
N LYS A 463 -17.29 36.22 -7.47
CA LYS A 463 -18.44 37.12 -7.58
C LYS A 463 -18.03 38.46 -8.21
N PHE A 464 -16.89 39.00 -7.80
CA PHE A 464 -16.29 40.21 -8.40
C PHE A 464 -16.12 40.07 -9.91
N GLU A 465 -15.57 38.93 -10.33
CA GLU A 465 -15.30 38.65 -11.75
C GLU A 465 -16.58 38.56 -12.59
N ASN A 466 -17.60 37.89 -12.04
CA ASN A 466 -18.87 37.68 -12.76
C ASN A 466 -19.60 39.00 -13.09
N ALA A 467 -19.58 39.94 -12.14
CA ALA A 467 -20.14 41.29 -12.35
C ALA A 467 -19.24 42.14 -13.24
N PHE A 468 -17.92 42.06 -12.99
CA PHE A 468 -16.90 42.75 -13.81
C PHE A 468 -16.98 42.34 -15.29
N LEU A 469 -17.20 41.06 -15.54
CA LEU A 469 -17.33 40.53 -16.90
C LEU A 469 -18.58 41.08 -17.60
N SER A 470 -19.70 41.14 -16.89
CA SER A 470 -20.95 41.72 -17.42
C SER A 470 -20.80 43.21 -17.70
N HIS A 471 -20.04 43.91 -16.86
CA HIS A 471 -19.82 45.35 -17.01
C HIS A 471 -18.96 45.69 -18.24
N VAL A 472 -17.81 45.02 -18.37
CA VAL A 472 -16.90 45.25 -19.51
C VAL A 472 -17.47 44.80 -20.86
N ILE A 473 -18.33 43.78 -20.86
CA ILE A 473 -19.05 43.36 -22.07
C ILE A 473 -20.13 44.38 -22.44
N SER A 474 -20.91 44.82 -21.44
CA SER A 474 -22.02 45.76 -21.67
C SER A 474 -21.54 47.14 -22.11
N GLN A 475 -20.80 47.81 -21.23
CA GLN A 475 -20.38 49.19 -21.47
C GLN A 475 -19.20 49.28 -22.42
N HIS A 476 -18.10 48.62 -22.06
CA HIS A 476 -16.83 48.73 -22.80
C HIS A 476 -16.69 47.68 -23.90
N GLN A 477 -17.65 47.67 -24.83
CA GLN A 477 -17.62 46.74 -25.98
C GLN A 477 -16.50 47.11 -26.97
N ALA A 478 -16.23 48.39 -27.10
CA ALA A 478 -15.12 48.89 -27.94
C ALA A 478 -13.73 48.51 -27.38
N LEU A 479 -13.61 48.42 -26.06
CA LEU A 479 -12.35 48.04 -25.40
C LEU A 479 -11.94 46.59 -25.70
N LEU A 480 -12.92 45.69 -25.74
CA LEU A 480 -12.68 44.29 -26.10
C LEU A 480 -12.31 44.14 -27.58
N GLY A 481 -12.81 45.04 -28.42
CA GLY A 481 -12.40 45.14 -29.82
C GLY A 481 -10.92 45.49 -30.00
N LYS A 482 -10.38 46.33 -29.12
CA LYS A 482 -8.96 46.71 -29.15
C LYS A 482 -8.04 45.52 -28.87
N ILE A 483 -8.38 44.72 -27.87
CA ILE A 483 -7.54 43.58 -27.45
C ILE A 483 -7.50 42.49 -28.52
N ARG A 484 -8.63 42.25 -29.19
CA ARG A 484 -8.72 41.28 -30.28
C ARG A 484 -8.03 41.77 -31.57
N THR A 485 -8.11 43.07 -31.85
CA THR A 485 -7.46 43.66 -33.03
C THR A 485 -5.95 43.76 -32.86
N ASP A 486 -5.51 44.36 -31.75
CA ASP A 486 -4.09 44.63 -31.49
C ASP A 486 -3.27 43.36 -31.17
N GLY A 487 -3.95 42.29 -30.75
CA GLY A 487 -3.28 41.03 -30.41
C GLY A 487 -2.51 41.06 -29.10
N LYS A 488 -2.89 41.98 -28.22
CA LYS A 488 -2.24 42.18 -26.91
C LYS A 488 -2.97 43.28 -26.13
N ILE A 489 -2.59 43.45 -24.86
CA ILE A 489 -3.05 44.58 -24.06
C ILE A 489 -2.00 45.70 -24.20
N SER A 490 -2.30 46.68 -25.04
CA SER A 490 -1.39 47.80 -25.30
C SER A 490 -1.33 48.78 -24.13
N GLU A 491 -0.43 49.76 -24.24
CA GLU A 491 -0.31 50.84 -23.23
C GLU A 491 -1.58 51.67 -23.09
N GLU A 492 -2.30 51.85 -24.20
CA GLU A 492 -3.61 52.52 -24.19
C GLU A 492 -4.65 51.70 -23.43
N SER A 493 -4.69 50.40 -23.69
CA SER A 493 -5.61 49.47 -23.00
C SER A 493 -5.24 49.26 -21.53
N ASP A 494 -3.94 49.18 -21.24
CA ASP A 494 -3.41 49.13 -19.87
C ASP A 494 -4.01 50.24 -18.99
N ALA A 495 -3.86 51.48 -19.45
CA ALA A 495 -4.35 52.65 -18.71
C ALA A 495 -5.88 52.69 -18.65
N LYS A 496 -6.53 52.33 -19.76
CA LYS A 496 -8.00 52.30 -19.84
C LYS A 496 -8.62 51.24 -18.92
N LEU A 497 -8.01 50.06 -18.88
CA LEU A 497 -8.47 48.96 -18.03
C LEU A 497 -8.15 49.21 -16.55
N LYS A 498 -7.01 49.86 -16.28
CA LYS A 498 -6.62 50.25 -14.91
C LYS A 498 -7.67 51.09 -14.18
N GLU A 499 -8.28 52.03 -14.91
CA GLU A 499 -9.35 52.88 -14.35
C GLU A 499 -10.62 52.07 -14.05
N ILE A 500 -10.96 51.15 -14.94
CA ILE A 500 -12.18 50.35 -14.82
C ILE A 500 -12.11 49.36 -13.65
N VAL A 501 -10.91 48.85 -13.34
CA VAL A 501 -10.71 47.92 -12.22
C VAL A 501 -10.77 48.65 -10.87
N THR A 502 -9.88 49.63 -10.69
CA THR A 502 -9.69 50.29 -9.38
C THR A 502 -10.95 50.98 -8.82
N ASN A 503 -11.79 51.50 -9.72
CA ASN A 503 -13.07 52.11 -9.33
C ASN A 503 -14.13 51.06 -9.01
N PHE A 504 -14.19 50.01 -9.82
CA PHE A 504 -15.08 48.87 -9.59
C PHE A 504 -14.71 48.09 -8.32
N LEU A 505 -13.42 48.07 -7.99
CA LEU A 505 -12.92 47.36 -6.81
C LEU A 505 -13.39 48.00 -5.49
N ALA A 506 -13.30 49.32 -5.41
CA ALA A 506 -13.75 50.07 -4.23
C ALA A 506 -15.28 50.07 -4.08
N GLY A 507 -15.99 50.03 -5.21
CA GLY A 507 -17.45 49.97 -5.22
C GLY A 507 -18.02 48.61 -4.86
N PHE A 508 -17.35 47.54 -5.30
CA PHE A 508 -17.84 46.17 -5.08
C PHE A 508 -17.67 45.69 -3.64
N GLU A 509 -16.47 45.88 -3.08
CA GLU A 509 -16.15 45.39 -1.73
C GLU A 509 -16.89 46.12 -0.59
N ALA A 510 -17.43 47.30 -0.87
CA ALA A 510 -18.29 48.01 0.09
C ALA A 510 -19.65 47.33 0.21
N VAL B 23 15.34 -43.40 -35.30
CA VAL B 23 14.84 -44.81 -35.12
C VAL B 23 15.13 -45.38 -33.73
N ASP B 24 16.31 -45.07 -33.18
CA ASP B 24 16.68 -45.44 -31.81
C ASP B 24 15.92 -44.54 -30.83
N LEU B 25 14.77 -45.02 -30.37
CA LEU B 25 13.94 -44.27 -29.42
C LEU B 25 14.51 -44.25 -28.00
N GLU B 26 15.31 -45.26 -27.64
CA GLU B 26 15.80 -45.42 -26.27
C GLU B 26 16.93 -44.45 -25.89
N GLU B 27 17.93 -44.31 -26.76
CA GLU B 27 19.07 -43.41 -26.54
C GLU B 27 18.95 -42.07 -27.29
N THR B 28 17.95 -41.92 -28.14
CA THR B 28 17.76 -40.72 -28.96
C THR B 28 16.26 -40.36 -29.05
N GLY B 29 15.97 -39.07 -29.17
CA GLY B 29 14.62 -38.57 -29.39
C GLY B 29 14.59 -37.45 -30.41
N ARG B 30 13.38 -36.96 -30.72
CA ARG B 30 13.19 -35.81 -31.60
C ARG B 30 12.21 -34.80 -31.01
N VAL B 31 12.43 -33.52 -31.31
CA VAL B 31 11.70 -32.42 -30.69
C VAL B 31 10.29 -32.31 -31.27
N LEU B 32 9.28 -32.37 -30.41
CA LEU B 32 7.89 -32.16 -30.79
C LEU B 32 7.59 -30.67 -30.97
N SER B 33 8.01 -29.90 -29.98
CA SER B 33 7.72 -28.47 -29.92
C SER B 33 8.77 -27.74 -29.10
N ILE B 34 8.86 -26.43 -29.32
CA ILE B 34 9.72 -25.57 -28.52
C ILE B 34 9.23 -24.13 -28.56
N GLY B 35 9.30 -23.47 -27.41
CA GLY B 35 8.66 -22.19 -27.17
C GLY B 35 8.41 -22.11 -25.68
N ASP B 36 8.36 -20.89 -25.16
CA ASP B 36 8.38 -20.63 -23.71
C ASP B 36 9.70 -21.13 -23.07
N GLY B 37 10.79 -21.02 -23.83
CA GLY B 37 12.13 -21.41 -23.37
C GLY B 37 12.29 -22.85 -22.89
N ILE B 38 11.50 -23.77 -23.45
CA ILE B 38 11.55 -25.19 -23.05
C ILE B 38 11.04 -26.10 -24.18
N ALA B 39 11.78 -27.19 -24.42
CA ALA B 39 11.49 -28.11 -25.53
C ALA B 39 10.85 -29.40 -25.04
N ARG B 40 9.81 -29.85 -25.73
CA ARG B 40 9.21 -31.16 -25.50
C ARG B 40 9.78 -32.11 -26.55
N VAL B 41 10.37 -33.22 -26.07
CA VAL B 41 11.04 -34.20 -26.93
C VAL B 41 10.28 -35.53 -26.89
N HIS B 42 10.08 -36.12 -28.07
CA HIS B 42 9.50 -37.46 -28.22
C HIS B 42 10.61 -38.50 -28.30
N GLY B 43 10.44 -39.60 -27.58
CA GLY B 43 11.47 -40.64 -27.46
C GLY B 43 12.24 -40.51 -26.16
N LEU B 44 13.55 -40.75 -26.22
CA LEU B 44 14.43 -40.76 -25.04
C LEU B 44 13.87 -41.66 -23.92
N ARG B 45 13.47 -42.87 -24.28
CA ARG B 45 12.78 -43.78 -23.36
C ARG B 45 13.63 -44.11 -22.12
N ASN B 46 14.91 -44.39 -22.33
CA ASN B 46 15.82 -44.77 -21.24
C ASN B 46 16.57 -43.60 -20.58
N VAL B 47 16.13 -42.35 -20.81
CA VAL B 47 16.79 -41.18 -20.22
C VAL B 47 16.49 -41.06 -18.72
N GLN B 48 17.51 -40.66 -17.95
CA GLN B 48 17.38 -40.44 -16.52
C GLN B 48 16.83 -39.04 -16.24
N ALA B 49 16.21 -38.87 -15.07
CA ALA B 49 15.76 -37.57 -14.61
C ALA B 49 16.95 -36.69 -14.26
N GLU B 50 16.90 -35.43 -14.70
CA GLU B 50 18.00 -34.46 -14.56
C GLU B 50 19.29 -34.91 -15.28
N GLU B 51 19.12 -35.60 -16.41
CA GLU B 51 20.23 -36.01 -17.25
C GLU B 51 20.44 -34.96 -18.32
N MET B 52 21.71 -34.64 -18.59
CA MET B 52 22.05 -33.71 -19.67
C MET B 52 21.80 -34.43 -20.99
N VAL B 53 21.21 -33.71 -21.95
CA VAL B 53 21.00 -34.22 -23.31
C VAL B 53 21.51 -33.21 -24.33
N GLU B 54 22.10 -33.73 -25.41
CA GLU B 54 22.69 -32.89 -26.46
C GLU B 54 21.71 -32.72 -27.62
N PHE B 55 21.53 -31.47 -28.04
CA PHE B 55 20.67 -31.14 -29.19
C PHE B 55 21.43 -31.18 -30.51
N SER B 56 20.68 -31.18 -31.60
CA SER B 56 21.21 -31.16 -32.96
C SER B 56 22.20 -30.02 -33.19
N SER B 57 21.80 -28.81 -32.80
CA SER B 57 22.59 -27.60 -33.01
C SER B 57 23.91 -27.55 -32.23
N GLY B 58 23.97 -28.22 -31.09
CA GLY B 58 25.15 -28.21 -30.22
C GLY B 58 24.86 -27.81 -28.79
N LEU B 59 23.73 -27.13 -28.56
CA LEU B 59 23.31 -26.73 -27.21
C LEU B 59 23.02 -27.93 -26.32
N LYS B 60 23.26 -27.77 -25.02
CA LYS B 60 22.93 -28.78 -24.02
C LYS B 60 21.60 -28.44 -23.34
N GLY B 61 21.05 -29.42 -22.64
CA GLY B 61 19.80 -29.23 -21.90
C GLY B 61 19.53 -30.32 -20.89
N MET B 62 18.79 -29.98 -19.84
CA MET B 62 18.50 -30.91 -18.74
C MET B 62 17.12 -31.53 -18.88
N SER B 63 17.02 -32.85 -18.65
CA SER B 63 15.73 -33.53 -18.61
C SER B 63 15.04 -33.23 -17.29
N LEU B 64 14.18 -32.22 -17.29
CA LEU B 64 13.46 -31.80 -16.09
C LEU B 64 12.28 -32.73 -15.81
N ASN B 65 11.33 -32.75 -16.73
CA ASN B 65 10.04 -33.41 -16.57
C ASN B 65 9.96 -34.65 -17.45
N LEU B 66 9.86 -35.82 -16.82
CA LEU B 66 9.66 -37.08 -17.53
C LEU B 66 8.18 -37.46 -17.49
N GLU B 67 7.57 -37.56 -18.68
CA GLU B 67 6.14 -37.83 -18.83
C GLU B 67 5.94 -39.05 -19.74
N PRO B 68 4.71 -39.62 -19.79
CA PRO B 68 4.49 -40.85 -20.58
C PRO B 68 4.80 -40.74 -22.08
N ASP B 69 4.37 -39.64 -22.70
CA ASP B 69 4.50 -39.44 -24.15
C ASP B 69 5.52 -38.36 -24.57
N ASN B 70 6.21 -37.75 -23.60
CA ASN B 70 7.19 -36.69 -23.89
C ASN B 70 8.21 -36.50 -22.76
N VAL B 71 9.22 -35.70 -23.03
CA VAL B 71 10.25 -35.33 -22.04
C VAL B 71 10.45 -33.81 -22.08
N GLY B 72 10.14 -33.14 -20.98
CA GLY B 72 10.38 -31.71 -20.85
C GLY B 72 11.86 -31.43 -20.64
N VAL B 73 12.49 -30.77 -21.61
CA VAL B 73 13.93 -30.48 -21.56
C VAL B 73 14.20 -28.98 -21.45
N VAL B 74 14.84 -28.57 -20.37
CA VAL B 74 15.25 -27.18 -20.15
C VAL B 74 16.52 -26.90 -20.95
N VAL B 75 16.45 -25.97 -21.89
CA VAL B 75 17.54 -25.66 -22.82
C VAL B 75 18.56 -24.73 -22.16
N PHE B 76 19.83 -25.11 -22.17
CA PHE B 76 20.92 -24.25 -21.68
C PHE B 76 21.48 -23.42 -22.84
N GLY B 77 20.70 -22.46 -23.30
CA GLY B 77 21.05 -21.62 -24.45
C GLY B 77 19.84 -20.95 -25.09
N ASN B 78 20.05 -20.33 -26.24
CA ASN B 78 18.96 -19.70 -26.99
C ASN B 78 18.06 -20.74 -27.62
N ASP B 79 16.75 -20.66 -27.37
CA ASP B 79 15.78 -21.62 -27.92
C ASP B 79 15.52 -21.47 -29.43
N LYS B 80 16.08 -20.43 -30.06
CA LYS B 80 16.06 -20.30 -31.53
C LYS B 80 16.87 -21.38 -32.25
N LEU B 81 17.96 -21.83 -31.63
CA LEU B 81 18.84 -22.86 -32.22
C LEU B 81 18.20 -24.26 -32.31
N ILE B 82 17.19 -24.52 -31.47
CA ILE B 82 16.45 -25.78 -31.51
C ILE B 82 15.14 -25.58 -32.29
N LYS B 83 14.89 -26.48 -33.23
CA LYS B 83 13.68 -26.49 -34.04
C LYS B 83 12.88 -27.79 -33.81
N GLU B 84 11.74 -27.89 -34.47
CA GLU B 84 10.93 -29.11 -34.44
C GLU B 84 11.64 -30.21 -35.23
N GLY B 85 11.52 -31.44 -34.76
CA GLY B 85 12.13 -32.60 -35.41
C GLY B 85 13.65 -32.64 -35.39
N ASP B 86 14.28 -31.92 -34.46
CA ASP B 86 15.74 -31.94 -34.32
C ASP B 86 16.14 -33.08 -33.40
N ILE B 87 17.27 -33.72 -33.70
CA ILE B 87 17.70 -34.91 -32.96
C ILE B 87 18.23 -34.52 -31.58
N VAL B 88 17.78 -35.24 -30.55
CA VAL B 88 18.21 -35.03 -29.17
C VAL B 88 18.82 -36.34 -28.68
N LYS B 89 20.08 -36.28 -28.24
CA LYS B 89 20.84 -37.47 -27.83
C LYS B 89 21.17 -37.43 -26.34
N ARG B 90 21.31 -38.60 -25.75
CA ARG B 90 21.69 -38.72 -24.35
C ARG B 90 23.19 -38.55 -24.16
N THR B 91 23.57 -37.95 -23.04
CA THR B 91 24.94 -38.01 -22.52
C THR B 91 25.08 -39.18 -21.54
N GLY B 92 23.95 -39.68 -21.03
CA GLY B 92 23.93 -40.80 -20.08
C GLY B 92 24.34 -40.42 -18.67
N ALA B 93 24.48 -39.12 -18.39
CA ALA B 93 25.07 -38.63 -17.15
C ALA B 93 24.20 -37.53 -16.54
N ILE B 94 24.06 -37.56 -15.21
CA ILE B 94 23.33 -36.52 -14.48
C ILE B 94 24.06 -35.20 -14.69
N VAL B 95 23.31 -34.12 -14.90
CA VAL B 95 23.89 -32.81 -15.27
C VAL B 95 25.11 -32.51 -14.40
N ASP B 96 26.24 -32.24 -15.05
CA ASP B 96 27.52 -32.07 -14.37
C ASP B 96 28.43 -31.06 -15.09
N VAL B 97 29.51 -30.70 -14.42
CA VAL B 97 30.49 -29.74 -14.94
C VAL B 97 31.91 -30.14 -14.53
N PRO B 98 32.93 -29.72 -15.33
CA PRO B 98 34.30 -30.08 -14.98
C PRO B 98 34.76 -29.39 -13.70
N VAL B 99 35.55 -30.11 -12.89
CA VAL B 99 36.13 -29.55 -11.67
C VAL B 99 37.63 -29.87 -11.62
N GLY B 100 38.39 -29.02 -10.94
CA GLY B 100 39.83 -29.20 -10.84
C GLY B 100 40.59 -27.90 -10.69
N GLU B 101 41.91 -28.02 -10.52
CA GLU B 101 42.80 -26.86 -10.45
C GLU B 101 43.18 -26.32 -11.83
N GLU B 102 42.77 -27.03 -12.89
CA GLU B 102 42.98 -26.58 -14.27
C GLU B 102 42.10 -25.36 -14.57
N LEU B 103 40.93 -25.30 -13.95
CA LEU B 103 40.03 -24.14 -14.02
C LEU B 103 40.57 -22.86 -13.36
N LEU B 104 41.52 -23.00 -12.43
CA LEU B 104 42.14 -21.83 -11.80
C LEU B 104 42.81 -20.96 -12.87
N GLY B 105 42.55 -19.66 -12.83
CA GLY B 105 43.04 -18.71 -13.83
C GLY B 105 42.14 -18.49 -15.04
N ARG B 106 41.13 -19.33 -15.22
CA ARG B 106 40.28 -19.31 -16.41
C ARG B 106 38.93 -18.64 -16.15
N VAL B 107 38.26 -18.29 -17.24
CA VAL B 107 36.92 -17.72 -17.22
C VAL B 107 36.01 -18.66 -18.03
N VAL B 108 34.89 -19.05 -17.43
CA VAL B 108 33.98 -20.03 -18.04
C VAL B 108 32.51 -19.61 -17.96
N ASP B 109 31.69 -20.27 -18.78
CA ASP B 109 30.23 -20.12 -18.74
C ASP B 109 29.65 -21.11 -17.73
N ALA B 110 28.33 -21.08 -17.55
CA ALA B 110 27.64 -21.96 -16.58
C ALA B 110 27.81 -23.47 -16.84
N LEU B 111 28.05 -23.86 -18.10
CA LEU B 111 28.33 -25.25 -18.46
C LEU B 111 29.79 -25.68 -18.22
N GLY B 112 30.67 -24.72 -17.89
CA GLY B 112 32.09 -25.00 -17.64
C GLY B 112 33.01 -24.85 -18.84
N ASN B 113 32.45 -24.44 -19.99
CA ASN B 113 33.22 -24.24 -21.21
C ASN B 113 34.00 -22.93 -21.15
N ALA B 114 35.14 -22.89 -21.84
CA ALA B 114 36.01 -21.72 -21.82
C ALA B 114 35.42 -20.57 -22.66
N ILE B 115 35.52 -19.34 -22.14
CA ILE B 115 35.03 -18.14 -22.84
C ILE B 115 36.07 -16.99 -22.94
N ASP B 116 37.34 -17.29 -22.63
CA ASP B 116 38.41 -16.28 -22.59
C ASP B 116 39.46 -16.45 -23.68
N GLY B 117 39.23 -17.38 -24.62
CA GLY B 117 40.14 -17.64 -25.73
C GLY B 117 41.55 -18.09 -25.37
N LYS B 118 41.71 -18.73 -24.21
CA LYS B 118 43.02 -19.23 -23.75
C LYS B 118 43.11 -20.76 -23.85
N GLY B 119 42.56 -21.33 -24.91
CA GLY B 119 42.63 -22.77 -25.16
C GLY B 119 41.66 -23.58 -24.32
N PRO B 120 41.75 -24.93 -24.41
CA PRO B 120 40.87 -25.79 -23.61
C PRO B 120 41.22 -25.80 -22.12
N ILE B 121 40.29 -26.36 -21.33
CA ILE B 121 40.47 -26.56 -19.89
C ILE B 121 40.61 -28.06 -19.67
N GLY B 122 41.73 -28.49 -19.10
CA GLY B 122 42.09 -29.92 -19.05
C GLY B 122 41.56 -30.75 -17.89
N SER B 123 40.40 -30.39 -17.35
CA SER B 123 39.82 -31.12 -16.23
C SER B 123 39.22 -32.45 -16.69
N LYS B 124 39.68 -33.55 -16.09
CA LYS B 124 39.18 -34.89 -16.41
C LYS B 124 37.99 -35.26 -15.54
N ALA B 125 38.05 -34.91 -14.25
CA ALA B 125 36.94 -35.15 -13.32
C ALA B 125 35.77 -34.21 -13.62
N ARG B 126 34.55 -34.68 -13.30
CA ARG B 126 33.33 -33.89 -13.42
C ARG B 126 32.43 -34.16 -12.22
N ARG B 127 31.80 -33.11 -11.69
CA ARG B 127 30.92 -33.20 -10.53
C ARG B 127 29.48 -32.78 -10.85
N ARG B 128 28.54 -33.44 -10.20
CA ARG B 128 27.12 -33.16 -10.41
C ARG B 128 26.74 -31.79 -9.85
N VAL B 129 25.99 -31.02 -10.64
CA VAL B 129 25.56 -29.67 -10.24
C VAL B 129 24.54 -29.72 -9.10
N GLY B 130 23.59 -30.66 -9.17
CA GLY B 130 22.50 -30.77 -8.20
C GLY B 130 22.76 -31.78 -7.09
N LEU B 131 23.96 -31.76 -6.55
CA LEU B 131 24.37 -32.69 -5.50
C LEU B 131 23.88 -32.18 -4.15
N LYS B 132 23.49 -33.10 -3.28
CA LYS B 132 23.00 -32.75 -1.95
C LYS B 132 24.17 -32.40 -1.04
N ALA B 133 23.93 -31.46 -0.12
CA ALA B 133 24.97 -30.97 0.78
C ALA B 133 25.33 -32.02 1.83
N PRO B 134 26.56 -31.97 2.36
CA PRO B 134 26.98 -32.87 3.44
C PRO B 134 26.07 -32.81 4.66
N GLY B 135 25.80 -33.97 5.27
CA GLY B 135 24.94 -34.06 6.44
C GLY B 135 25.60 -33.58 7.73
N ILE B 136 25.11 -34.06 8.87
CA ILE B 136 25.56 -33.60 10.17
C ILE B 136 26.96 -34.12 10.52
N ILE B 137 27.19 -35.42 10.37
CA ILE B 137 28.46 -36.05 10.79
C ILE B 137 29.70 -35.52 10.05
N PRO B 138 29.67 -35.48 8.69
CA PRO B 138 30.83 -34.96 7.95
C PRO B 138 31.28 -33.55 8.37
N ARG B 139 30.33 -32.72 8.79
CA ARG B 139 30.61 -31.36 9.23
C ARG B 139 31.30 -31.30 10.58
N ILE B 140 31.96 -30.16 10.84
CA ILE B 140 32.46 -29.80 12.16
C ILE B 140 32.35 -28.29 12.31
N SER B 141 32.24 -27.82 13.55
CA SER B 141 32.18 -26.39 13.87
C SER B 141 33.29 -25.58 13.18
N VAL B 142 33.00 -24.34 12.81
CA VAL B 142 33.98 -23.48 12.12
C VAL B 142 35.08 -23.03 13.08
N ARG B 143 36.32 -23.06 12.60
CA ARG B 143 37.51 -22.84 13.42
C ARG B 143 38.51 -21.85 12.79
N GLU B 144 38.84 -22.09 11.53
CA GLU B 144 39.83 -21.29 10.81
C GLU B 144 39.21 -19.96 10.36
N PRO B 145 39.89 -18.81 10.61
CA PRO B 145 39.37 -17.54 10.10
C PRO B 145 39.59 -17.33 8.61
N MET B 146 38.51 -16.99 7.89
CA MET B 146 38.58 -16.57 6.49
C MET B 146 38.76 -15.05 6.48
N GLN B 147 40.00 -14.60 6.28
CA GLN B 147 40.33 -13.18 6.36
C GLN B 147 39.93 -12.44 5.07
N THR B 148 39.06 -11.44 5.22
CA THR B 148 38.67 -10.55 4.12
C THR B 148 39.72 -9.47 3.86
N GLY B 149 40.48 -9.13 4.90
CA GLY B 149 41.43 -8.02 4.83
C GLY B 149 40.79 -6.65 4.94
N ILE B 150 39.55 -6.60 5.40
CA ILE B 150 38.77 -5.37 5.52
C ILE B 150 38.48 -5.18 7.01
N LYS B 151 38.93 -4.06 7.57
CA LYS B 151 38.92 -3.82 9.02
C LYS B 151 37.54 -4.03 9.63
N ALA B 152 36.55 -3.33 9.09
CA ALA B 152 35.16 -3.38 9.56
C ALA B 152 34.57 -4.79 9.53
N VAL B 153 34.93 -5.58 8.52
CA VAL B 153 34.44 -6.95 8.39
C VAL B 153 35.16 -7.85 9.39
N ASP B 154 36.48 -7.94 9.28
CA ASP B 154 37.29 -8.83 10.12
C ASP B 154 37.20 -8.54 11.64
N SER B 155 36.97 -7.28 12.01
CA SER B 155 36.85 -6.89 13.41
C SER B 155 35.47 -7.18 13.98
N LEU B 156 34.44 -6.59 13.36
CA LEU B 156 33.08 -6.57 13.90
C LEU B 156 32.14 -7.68 13.39
N VAL B 157 32.33 -8.11 12.14
CA VAL B 157 31.49 -9.14 11.50
C VAL B 157 32.38 -10.22 10.89
N PRO B 158 33.18 -10.92 11.73
CA PRO B 158 34.23 -11.81 11.23
C PRO B 158 33.69 -13.07 10.54
N ILE B 159 34.39 -13.53 9.51
CA ILE B 159 33.95 -14.66 8.68
C ILE B 159 34.88 -15.85 8.89
N GLY B 160 34.28 -17.04 8.98
CA GLY B 160 35.02 -18.30 9.16
C GLY B 160 35.01 -19.17 7.92
N ARG B 161 35.99 -20.07 7.82
CA ARG B 161 36.10 -21.00 6.69
C ARG B 161 35.01 -22.09 6.79
N GLY B 162 34.08 -22.08 5.84
CA GLY B 162 32.87 -22.90 5.88
C GLY B 162 31.58 -22.11 6.13
N GLN B 163 31.72 -20.88 6.64
CA GLN B 163 30.56 -20.03 6.96
C GLN B 163 29.88 -19.49 5.70
N ARG B 164 28.58 -19.20 5.83
CA ARG B 164 27.82 -18.51 4.80
C ARG B 164 27.50 -17.10 5.30
N GLU B 165 28.16 -16.09 4.74
CA GLU B 165 27.94 -14.69 5.14
C GLU B 165 27.34 -13.90 3.98
N LEU B 166 26.12 -13.41 4.18
CA LEU B 166 25.40 -12.66 3.14
C LEU B 166 25.96 -11.25 3.01
N ILE B 167 26.14 -10.80 1.78
CA ILE B 167 26.39 -9.38 1.47
C ILE B 167 25.07 -8.83 0.93
N ILE B 168 24.61 -7.72 1.48
CA ILE B 168 23.26 -7.20 1.18
C ILE B 168 23.23 -5.66 1.20
N GLY B 169 22.45 -5.08 0.28
CA GLY B 169 22.37 -3.62 0.12
C GLY B 169 21.75 -3.22 -1.21
N ASP B 170 21.62 -1.90 -1.42
CA ASP B 170 21.04 -1.36 -2.65
C ASP B 170 22.07 -1.37 -3.79
N ARG B 171 21.65 -0.91 -4.97
CA ARG B 171 22.57 -0.68 -6.10
C ARG B 171 23.67 0.29 -5.70
N GLN B 172 24.90 -0.02 -6.12
CA GLN B 172 26.06 0.86 -5.92
C GLN B 172 26.30 1.25 -4.45
N THR B 173 26.24 0.26 -3.57
CA THR B 173 26.55 0.44 -2.15
C THR B 173 27.85 -0.26 -1.71
N GLY B 174 28.61 -0.78 -2.68
CA GLY B 174 29.93 -1.36 -2.42
C GLY B 174 29.97 -2.86 -2.17
N LYS B 175 28.94 -3.57 -2.65
CA LYS B 175 28.80 -5.02 -2.38
C LYS B 175 29.90 -5.87 -3.00
N THR B 176 30.10 -5.74 -4.31
CA THR B 176 31.12 -6.52 -5.03
C THR B 176 32.55 -6.21 -4.54
N SER B 177 32.83 -4.94 -4.22
CA SER B 177 34.13 -4.52 -3.70
C SER B 177 34.57 -5.28 -2.44
N ILE B 178 33.61 -5.67 -1.59
CA ILE B 178 33.87 -6.51 -0.43
C ILE B 178 34.42 -7.86 -0.88
N ALA B 179 33.75 -8.45 -1.87
CA ALA B 179 34.15 -9.75 -2.43
C ALA B 179 35.45 -9.69 -3.23
N ILE B 180 35.68 -8.58 -3.94
CA ILE B 180 36.91 -8.38 -4.73
C ILE B 180 38.11 -8.21 -3.80
N ASP B 181 37.96 -7.39 -2.76
CA ASP B 181 39.00 -7.22 -1.74
C ASP B 181 39.32 -8.54 -1.02
N THR B 182 38.29 -9.32 -0.74
CA THR B 182 38.46 -10.62 -0.07
C THR B 182 39.29 -11.60 -0.93
N ILE B 183 39.05 -11.62 -2.23
CA ILE B 183 39.84 -12.46 -3.16
C ILE B 183 41.30 -11.99 -3.23
N ILE B 184 41.50 -10.68 -3.41
CA ILE B 184 42.85 -10.09 -3.48
C ILE B 184 43.62 -10.25 -2.16
N ASN B 185 42.89 -10.27 -1.04
CA ASN B 185 43.50 -10.53 0.28
C ASN B 185 44.17 -11.91 0.40
N GLN B 186 43.70 -12.90 -0.36
CA GLN B 186 44.22 -14.27 -0.26
C GLN B 186 45.60 -14.49 -0.91
N LYS B 187 46.14 -13.48 -1.61
CA LYS B 187 47.47 -13.59 -2.23
C LYS B 187 48.58 -13.89 -1.21
N ARG B 188 48.50 -13.27 -0.03
CA ARG B 188 49.50 -13.50 1.04
C ARG B 188 49.61 -14.96 1.48
N PHE B 189 48.48 -15.68 1.48
CA PHE B 189 48.44 -17.08 1.89
C PHE B 189 48.82 -18.01 0.72
N ASN B 190 48.32 -17.71 -0.47
CA ASN B 190 48.53 -18.55 -1.66
C ASN B 190 49.96 -18.51 -2.24
N ASP B 191 50.75 -17.51 -1.85
CA ASP B 191 52.18 -17.48 -2.18
C ASP B 191 53.01 -18.39 -1.26
N GLY B 192 52.58 -18.55 -0.01
CA GLY B 192 53.26 -19.41 0.96
C GLY B 192 53.15 -20.90 0.67
N THR B 193 53.88 -21.69 1.45
CA THR B 193 53.92 -23.15 1.29
C THR B 193 52.81 -23.89 2.04
N ASP B 194 52.31 -23.30 3.13
CA ASP B 194 51.30 -23.92 4.00
C ASP B 194 49.96 -24.08 3.27
N GLU B 195 49.72 -25.29 2.74
CA GLU B 195 48.52 -25.59 1.94
C GLU B 195 47.20 -25.43 2.69
N LYS B 196 47.20 -25.72 3.98
CA LYS B 196 46.00 -25.59 4.82
C LYS B 196 45.60 -24.13 5.10
N LYS B 197 46.56 -23.21 4.99
CA LYS B 197 46.29 -21.78 5.17
C LYS B 197 45.83 -21.07 3.88
N LYS B 198 46.04 -21.72 2.73
CA LYS B 198 45.62 -21.18 1.42
C LYS B 198 44.09 -21.11 1.28
N LEU B 199 43.63 -20.25 0.37
CA LEU B 199 42.20 -20.15 0.04
C LEU B 199 42.00 -19.87 -1.46
N TYR B 200 41.50 -20.86 -2.18
CA TYR B 200 41.19 -20.72 -3.61
C TYR B 200 39.83 -20.03 -3.74
N CYS B 201 39.59 -19.39 -4.89
CA CYS B 201 38.42 -18.53 -5.06
C CYS B 201 37.61 -18.83 -6.32
N ILE B 202 36.32 -18.51 -6.26
CA ILE B 202 35.40 -18.71 -7.38
C ILE B 202 34.41 -17.53 -7.40
N TYR B 203 34.41 -16.75 -8.47
CA TYR B 203 33.49 -15.63 -8.63
C TYR B 203 32.41 -15.99 -9.65
N VAL B 204 31.20 -16.26 -9.17
CA VAL B 204 30.07 -16.57 -10.05
C VAL B 204 29.33 -15.28 -10.38
N ALA B 205 29.33 -14.93 -11.66
CA ALA B 205 28.59 -13.76 -12.16
C ALA B 205 27.26 -14.22 -12.75
N ILE B 206 26.16 -13.77 -12.15
CA ILE B 206 24.81 -14.13 -12.60
C ILE B 206 24.08 -12.85 -12.98
N GLY B 207 23.71 -12.72 -14.26
CA GLY B 207 22.91 -11.60 -14.73
C GLY B 207 23.60 -10.24 -14.85
N GLN B 208 24.91 -10.18 -14.62
CA GLN B 208 25.67 -8.93 -14.73
C GLN B 208 25.92 -8.58 -16.19
N LYS B 209 26.36 -7.35 -16.41
CA LYS B 209 26.86 -6.95 -17.73
C LYS B 209 28.21 -7.60 -17.98
N ARG B 210 28.44 -8.01 -19.23
CA ARG B 210 29.66 -8.71 -19.62
C ARG B 210 30.88 -7.80 -19.48
N SER B 211 30.71 -6.52 -19.82
CA SER B 211 31.74 -5.50 -19.63
C SER B 211 32.15 -5.33 -18.18
N THR B 212 31.17 -5.37 -17.27
CA THR B 212 31.44 -5.33 -15.82
C THR B 212 32.30 -6.51 -15.38
N VAL B 213 32.04 -7.69 -15.94
CA VAL B 213 32.83 -8.89 -15.68
C VAL B 213 34.22 -8.79 -16.36
N ALA B 214 34.27 -8.22 -17.56
CA ALA B 214 35.54 -8.00 -18.27
C ALA B 214 36.49 -7.10 -17.48
N GLN B 215 35.96 -6.02 -16.91
CA GLN B 215 36.72 -5.12 -16.04
C GLN B 215 37.11 -5.76 -14.71
N LEU B 216 36.26 -6.66 -14.22
CA LEU B 216 36.50 -7.39 -12.97
C LEU B 216 37.65 -8.39 -13.09
N VAL B 217 37.71 -9.11 -14.22
CA VAL B 217 38.80 -10.07 -14.49
C VAL B 217 40.15 -9.36 -14.64
N LYS B 218 40.15 -8.17 -15.27
CA LYS B 218 41.37 -7.36 -15.36
C LYS B 218 41.86 -6.90 -13.99
N ARG B 219 40.94 -6.46 -13.13
CA ARG B 219 41.27 -5.98 -11.78
C ARG B 219 41.98 -7.04 -10.94
N LEU B 220 41.51 -8.28 -11.02
CA LEU B 220 42.14 -9.41 -10.33
C LEU B 220 43.49 -9.79 -10.96
N THR B 221 43.57 -9.75 -12.29
CA THR B 221 44.82 -10.00 -13.03
C THR B 221 45.90 -8.96 -12.72
N ASP B 222 45.49 -7.70 -12.55
CA ASP B 222 46.42 -6.62 -12.14
C ASP B 222 47.01 -6.86 -10.74
N ALA B 223 46.18 -7.36 -9.82
CA ALA B 223 46.60 -7.68 -8.45
C ALA B 223 47.26 -9.06 -8.28
N ASP B 224 47.45 -9.79 -9.39
CA ASP B 224 47.97 -11.16 -9.38
C ASP B 224 47.11 -12.10 -8.51
N ALA B 225 45.80 -11.87 -8.52
CA ALA B 225 44.84 -12.66 -7.75
C ALA B 225 44.06 -13.65 -8.64
N MET B 226 44.21 -13.55 -9.96
CA MET B 226 43.46 -14.37 -10.89
C MET B 226 43.94 -15.83 -10.92
N LYS B 227 45.25 -16.04 -10.69
CA LYS B 227 45.85 -17.39 -10.75
C LYS B 227 45.24 -18.43 -9.80
N TYR B 228 44.60 -17.96 -8.72
CA TYR B 228 43.86 -18.84 -7.79
C TYR B 228 42.33 -18.61 -7.82
N THR B 229 41.81 -18.11 -8.95
CA THR B 229 40.39 -17.76 -9.06
C THR B 229 39.77 -18.39 -10.31
N ILE B 230 38.61 -19.03 -10.14
CA ILE B 230 37.75 -19.47 -11.24
C ILE B 230 36.66 -18.40 -11.42
N VAL B 231 36.19 -18.21 -12.65
CA VAL B 231 35.08 -17.29 -12.91
C VAL B 231 34.02 -17.97 -13.77
N VAL B 232 32.92 -18.40 -13.12
CA VAL B 232 31.72 -18.83 -13.84
C VAL B 232 30.96 -17.56 -14.18
N SER B 233 30.46 -17.46 -15.41
CA SER B 233 29.82 -16.22 -15.89
C SER B 233 28.63 -16.47 -16.81
N ALA B 234 27.44 -16.24 -16.26
CA ALA B 234 26.20 -16.16 -17.04
C ALA B 234 25.72 -14.71 -16.98
N THR B 235 25.90 -13.99 -18.09
CA THR B 235 25.63 -12.54 -18.12
C THR B 235 24.17 -12.24 -18.48
N ALA B 236 23.80 -10.96 -18.45
CA ALA B 236 22.45 -10.52 -18.80
C ALA B 236 21.95 -10.97 -20.18
N SER B 237 22.86 -11.12 -21.14
CA SER B 237 22.52 -11.59 -22.48
C SER B 237 22.22 -13.09 -22.55
N ASP B 238 22.85 -13.87 -21.66
CA ASP B 238 22.62 -15.33 -21.61
C ASP B 238 21.19 -15.69 -21.23
N ALA B 239 20.78 -16.90 -21.61
CA ALA B 239 19.44 -17.41 -21.30
C ALA B 239 19.27 -17.62 -19.81
N ALA B 240 18.02 -17.65 -19.37
CA ALA B 240 17.69 -17.78 -17.94
C ALA B 240 18.19 -19.08 -17.31
N PRO B 241 18.07 -20.22 -18.02
CA PRO B 241 18.56 -21.49 -17.45
C PRO B 241 20.07 -21.55 -17.20
N LEU B 242 20.87 -20.78 -17.95
CA LEU B 242 22.31 -20.65 -17.67
C LEU B 242 22.56 -19.81 -16.43
N GLN B 243 21.78 -18.73 -16.26
CA GLN B 243 21.86 -17.90 -15.05
C GLN B 243 21.42 -18.69 -13.82
N TYR B 244 20.34 -19.44 -13.97
CA TYR B 244 19.88 -20.40 -12.94
C TYR B 244 20.96 -21.44 -12.61
N LEU B 245 21.64 -21.97 -13.64
CA LEU B 245 22.65 -23.02 -13.47
C LEU B 245 23.96 -22.54 -12.85
N ALA B 246 24.41 -21.34 -13.24
CA ALA B 246 25.76 -20.86 -12.91
C ALA B 246 26.20 -21.08 -11.45
N PRO B 247 25.36 -20.71 -10.46
CA PRO B 247 25.72 -20.93 -9.04
C PRO B 247 26.02 -22.38 -8.68
N TYR B 248 25.23 -23.31 -9.19
CA TYR B 248 25.34 -24.74 -8.85
C TYR B 248 26.59 -25.35 -9.47
N SER B 249 26.87 -25.01 -10.73
CA SER B 249 28.11 -25.42 -11.40
C SER B 249 29.35 -24.84 -10.72
N GLY B 250 29.28 -23.56 -10.38
CA GLY B 250 30.33 -22.90 -9.61
C GLY B 250 30.53 -23.52 -8.24
N CYS B 251 29.42 -23.90 -7.59
CA CYS B 251 29.47 -24.56 -6.28
C CYS B 251 30.16 -25.92 -6.35
N SER B 252 29.89 -26.68 -7.41
CA SER B 252 30.56 -27.97 -7.65
C SER B 252 32.08 -27.81 -7.80
N MET B 253 32.49 -26.75 -8.49
CA MET B 253 33.91 -26.42 -8.66
C MET B 253 34.57 -26.07 -7.31
N GLY B 254 33.82 -25.43 -6.42
CA GLY B 254 34.26 -25.17 -5.05
C GLY B 254 34.28 -26.41 -4.17
N GLU B 255 33.26 -27.25 -4.31
CA GLU B 255 33.16 -28.50 -3.55
C GLU B 255 34.34 -29.45 -3.80
N TYR B 256 34.87 -29.45 -5.02
CA TYR B 256 36.10 -30.16 -5.35
C TYR B 256 37.21 -29.85 -4.35
N PHE B 257 37.41 -28.56 -4.06
CA PHE B 257 38.41 -28.12 -3.08
C PHE B 257 38.00 -28.50 -1.66
N ARG B 258 36.71 -28.38 -1.35
CA ARG B 258 36.16 -28.78 -0.04
C ARG B 258 36.40 -30.27 0.25
N ASP B 259 36.05 -31.13 -0.71
CA ASP B 259 36.22 -32.58 -0.58
C ASP B 259 37.60 -33.07 -1.06
N ASN B 260 38.61 -32.22 -0.98
CA ASN B 260 40.01 -32.60 -1.21
C ASN B 260 40.96 -32.00 -0.16
N GLY B 261 40.44 -31.73 1.04
CA GLY B 261 41.22 -31.16 2.14
C GLY B 261 41.81 -29.78 1.90
N LYS B 262 41.14 -29.00 1.05
CA LYS B 262 41.54 -27.62 0.75
C LYS B 262 40.38 -26.69 1.06
N HIS B 263 40.63 -25.39 0.95
CA HIS B 263 39.64 -24.38 1.33
C HIS B 263 39.31 -23.48 0.13
N ALA B 264 38.01 -23.41 -0.19
CA ALA B 264 37.53 -22.62 -1.32
C ALA B 264 36.62 -21.51 -0.83
N LEU B 265 36.55 -20.45 -1.62
CA LEU B 265 35.66 -19.30 -1.39
C LEU B 265 34.80 -19.11 -2.63
N ILE B 266 33.49 -18.99 -2.42
CA ILE B 266 32.57 -18.76 -3.54
C ILE B 266 31.72 -17.52 -3.31
N ILE B 267 31.47 -16.78 -4.39
CA ILE B 267 30.77 -15.50 -4.35
C ILE B 267 29.68 -15.53 -5.42
N TYR B 268 28.43 -15.65 -4.99
CA TYR B 268 27.28 -15.62 -5.89
C TYR B 268 26.84 -14.16 -6.06
N ASP B 269 27.12 -13.59 -7.23
CA ASP B 269 26.92 -12.16 -7.49
C ASP B 269 26.02 -11.93 -8.74
N ASP B 270 24.69 -11.82 -8.56
CA ASP B 270 23.98 -11.92 -7.28
C ASP B 270 22.79 -12.87 -7.37
N LEU B 271 22.38 -13.39 -6.21
CA LEU B 271 21.30 -14.38 -6.12
C LEU B 271 19.91 -13.78 -6.37
N SER B 272 19.79 -12.45 -6.30
CA SER B 272 18.57 -11.78 -6.73
C SER B 272 18.32 -11.99 -8.23
N LYS B 273 19.36 -11.75 -9.03
CA LYS B 273 19.28 -11.98 -10.48
C LYS B 273 19.04 -13.44 -10.85
N GLN B 274 19.61 -14.38 -10.09
CA GLN B 274 19.36 -15.82 -10.27
C GLN B 274 17.89 -16.17 -10.00
N ALA B 275 17.35 -15.61 -8.91
CA ALA B 275 15.94 -15.81 -8.54
C ALA B 275 15.00 -15.32 -9.64
N VAL B 276 15.31 -14.16 -10.22
CA VAL B 276 14.53 -13.60 -11.33
C VAL B 276 14.55 -14.56 -12.52
N ALA B 277 15.74 -15.11 -12.82
CA ALA B 277 15.90 -16.09 -13.89
C ALA B 277 15.10 -17.36 -13.61
N TYR B 278 15.06 -17.80 -12.35
CA TYR B 278 14.28 -18.97 -11.97
C TYR B 278 12.77 -18.70 -11.98
N ARG B 279 12.37 -17.48 -11.65
CA ARG B 279 10.96 -17.05 -11.78
C ARG B 279 10.51 -17.08 -13.24
N GLN B 280 11.39 -16.62 -14.14
CA GLN B 280 11.14 -16.70 -15.58
C GLN B 280 10.88 -18.15 -16.02
N MET B 281 11.76 -19.06 -15.60
CA MET B 281 11.61 -20.49 -15.91
C MET B 281 10.34 -21.09 -15.30
N SER B 282 10.06 -20.70 -14.04
CA SER B 282 8.89 -21.20 -13.32
C SER B 282 7.56 -20.73 -13.91
N LEU B 283 7.48 -19.43 -14.24
CA LEU B 283 6.25 -18.86 -14.82
C LEU B 283 5.97 -19.35 -16.24
N LEU B 284 7.03 -19.59 -17.02
CA LEU B 284 6.89 -20.20 -18.35
C LEU B 284 6.42 -21.68 -18.28
N LEU B 285 6.81 -22.37 -17.21
CA LEU B 285 6.30 -23.73 -16.92
C LEU B 285 4.85 -23.77 -16.40
N ARG B 286 4.26 -22.60 -16.17
CA ARG B 286 2.88 -22.43 -15.66
C ARG B 286 2.70 -22.98 -14.24
N ARG B 287 3.76 -22.89 -13.44
CA ARG B 287 3.72 -23.32 -12.04
C ARG B 287 3.05 -22.21 -11.21
N PRO B 288 2.25 -22.59 -10.19
CA PRO B 288 1.50 -21.61 -9.39
C PRO B 288 2.41 -20.64 -8.62
N PRO B 289 2.36 -19.33 -8.95
CA PRO B 289 3.21 -18.34 -8.27
C PRO B 289 2.61 -17.82 -6.97
N GLY B 290 3.39 -16.99 -6.25
CA GLY B 290 2.98 -16.41 -4.97
C GLY B 290 3.54 -15.01 -4.78
N ARG B 291 4.32 -14.82 -3.72
CA ARG B 291 4.87 -13.49 -3.37
C ARG B 291 5.78 -12.96 -4.48
N GLU B 292 5.49 -11.75 -4.95
CA GLU B 292 6.22 -11.13 -6.07
C GLU B 292 6.29 -12.06 -7.30
N ALA B 293 5.22 -12.83 -7.51
CA ALA B 293 5.12 -13.84 -8.56
C ALA B 293 6.16 -14.98 -8.53
N TYR B 294 6.87 -15.16 -7.41
CA TYR B 294 7.86 -16.23 -7.28
C TYR B 294 7.14 -17.54 -6.93
N PRO B 295 7.77 -18.69 -7.25
CA PRO B 295 7.19 -19.99 -6.89
C PRO B 295 7.51 -20.38 -5.44
N GLY B 296 6.96 -21.50 -5.00
CA GLY B 296 7.17 -22.01 -3.65
C GLY B 296 8.58 -22.46 -3.34
N ASP B 297 9.29 -22.94 -4.37
CA ASP B 297 10.65 -23.48 -4.23
C ASP B 297 11.78 -22.46 -4.47
N VAL B 298 11.46 -21.16 -4.47
CA VAL B 298 12.47 -20.11 -4.59
C VAL B 298 13.37 -20.03 -3.35
N PHE B 299 12.83 -20.38 -2.18
CA PHE B 299 13.63 -20.56 -0.97
C PHE B 299 14.56 -21.77 -1.13
N TYR B 300 13.97 -22.90 -1.53
CA TYR B 300 14.72 -24.15 -1.77
C TYR B 300 15.80 -23.99 -2.85
N LEU B 301 15.58 -23.08 -3.80
CA LEU B 301 16.59 -22.72 -4.81
C LEU B 301 17.91 -22.28 -4.16
N HIS B 302 17.81 -21.33 -3.24
CA HIS B 302 18.98 -20.79 -2.53
C HIS B 302 19.43 -21.67 -1.35
N SER B 303 18.49 -22.35 -0.70
CA SER B 303 18.80 -23.13 0.50
C SER B 303 19.70 -24.33 0.20
N ARG B 304 19.41 -25.04 -0.89
CA ARG B 304 20.24 -26.19 -1.31
C ARG B 304 21.61 -25.77 -1.87
N LEU B 305 21.70 -24.56 -2.45
CA LEU B 305 22.96 -23.99 -2.91
C LEU B 305 23.90 -23.66 -1.76
N LEU B 306 23.39 -22.87 -0.81
CA LEU B 306 24.20 -22.38 0.32
C LEU B 306 24.47 -23.42 1.40
N GLU B 307 23.60 -24.43 1.54
CA GLU B 307 23.87 -25.59 2.40
C GLU B 307 25.18 -26.32 2.06
N ARG B 308 25.53 -26.32 0.78
CA ARG B 308 26.75 -27.00 0.30
C ARG B 308 28.04 -26.29 0.71
N ALA B 309 27.97 -25.02 1.07
CA ALA B 309 29.08 -24.35 1.76
C ALA B 309 29.16 -24.93 3.17
N ALA B 310 30.30 -25.54 3.50
CA ALA B 310 30.45 -26.30 4.75
C ALA B 310 31.89 -26.35 5.24
N LYS B 311 32.05 -26.78 6.49
CA LYS B 311 33.37 -27.05 7.08
C LYS B 311 33.41 -28.53 7.44
N MET B 312 34.25 -29.29 6.74
CA MET B 312 34.33 -30.74 6.91
C MET B 312 35.22 -31.09 8.10
N ASN B 313 34.95 -32.24 8.71
CA ASN B 313 35.79 -32.76 9.81
C ASN B 313 37.11 -33.33 9.30
N ASP B 314 38.00 -33.66 10.24
CA ASP B 314 39.32 -34.23 9.91
C ASP B 314 39.23 -35.62 9.27
N ALA B 315 38.17 -36.37 9.58
CA ALA B 315 37.93 -37.67 8.95
C ALA B 315 37.61 -37.56 7.45
N PHE B 316 36.93 -36.48 7.06
CA PHE B 316 36.58 -36.21 5.65
C PHE B 316 37.64 -35.44 4.87
N GLY B 317 38.69 -34.95 5.55
CA GLY B 317 39.78 -34.20 4.90
C GLY B 317 40.08 -32.85 5.55
N GLY B 318 39.14 -32.33 6.33
CA GLY B 318 39.31 -31.03 6.99
C GLY B 318 39.15 -29.83 6.09
N GLY B 319 38.59 -30.02 4.89
CA GLY B 319 38.44 -28.94 3.91
C GLY B 319 37.19 -28.11 4.16
N SER B 320 37.01 -27.07 3.36
CA SER B 320 35.84 -26.19 3.47
C SER B 320 35.48 -25.48 2.16
N LEU B 321 34.21 -25.10 2.06
CA LEU B 321 33.72 -24.17 1.03
C LEU B 321 33.01 -23.04 1.76
N THR B 322 33.52 -21.82 1.61
CA THR B 322 32.98 -20.63 2.25
C THR B 322 32.16 -19.83 1.23
N ALA B 323 30.94 -19.43 1.60
CA ALA B 323 30.03 -18.77 0.66
C ALA B 323 29.78 -17.30 1.04
N LEU B 324 29.89 -16.42 0.05
CA LEU B 324 29.54 -15.01 0.19
C LEU B 324 28.49 -14.65 -0.86
N PRO B 325 27.24 -15.09 -0.66
CA PRO B 325 26.19 -14.73 -1.62
C PRO B 325 25.84 -13.24 -1.55
N VAL B 326 25.39 -12.70 -2.67
CA VAL B 326 25.02 -11.29 -2.78
C VAL B 326 23.52 -11.17 -3.02
N ILE B 327 22.88 -10.19 -2.39
CA ILE B 327 21.47 -9.85 -2.62
C ILE B 327 21.34 -8.33 -2.79
N GLU B 328 20.44 -7.93 -3.69
CA GLU B 328 20.19 -6.52 -3.99
C GLU B 328 18.80 -6.13 -3.48
N THR B 329 18.76 -5.33 -2.42
CA THR B 329 17.50 -4.85 -1.85
C THR B 329 17.01 -3.57 -2.52
N GLN B 330 15.70 -3.34 -2.44
CA GLN B 330 15.07 -2.12 -2.94
C GLN B 330 14.86 -1.15 -1.78
N ALA B 331 15.63 -0.07 -1.77
CA ALA B 331 15.50 1.00 -0.77
C ALA B 331 15.64 0.50 0.67
N GLY B 332 16.61 -0.39 0.90
CA GLY B 332 16.94 -0.91 2.23
C GLY B 332 15.97 -1.93 2.80
N ASP B 333 15.04 -2.44 1.99
CA ASP B 333 14.01 -3.35 2.47
C ASP B 333 14.58 -4.75 2.67
N VAL B 334 15.09 -5.00 3.87
CA VAL B 334 15.55 -6.34 4.28
C VAL B 334 14.38 -7.32 4.48
N SER B 335 13.18 -6.79 4.74
CA SER B 335 12.00 -7.62 5.02
C SER B 335 11.29 -8.18 3.78
N ALA B 336 11.79 -7.88 2.57
CA ALA B 336 11.23 -8.46 1.34
C ALA B 336 11.43 -9.99 1.28
N TYR B 337 10.70 -10.62 0.36
CA TYR B 337 10.65 -12.09 0.28
C TYR B 337 12.03 -12.74 0.10
N ILE B 338 12.74 -12.34 -0.95
CA ILE B 338 14.02 -12.98 -1.29
C ILE B 338 15.14 -12.61 -0.30
N PRO B 339 15.21 -11.33 0.15
CA PRO B 339 16.16 -11.01 1.23
C PRO B 339 15.96 -11.80 2.54
N THR B 340 14.72 -11.92 3.01
CA THR B 340 14.43 -12.73 4.20
C THR B 340 14.71 -14.22 3.96
N ASN B 341 14.41 -14.71 2.76
CA ASN B 341 14.72 -16.09 2.37
C ASN B 341 16.21 -16.41 2.50
N VAL B 342 17.07 -15.54 1.99
CA VAL B 342 18.52 -15.74 2.04
C VAL B 342 19.08 -15.41 3.43
N ILE B 343 18.51 -14.41 4.11
CA ILE B 343 18.83 -14.15 5.53
C ILE B 343 18.54 -15.38 6.39
N SER B 344 17.42 -16.05 6.12
CA SER B 344 17.02 -17.25 6.85
C SER B 344 17.89 -18.50 6.57
N ILE B 345 18.66 -18.47 5.48
CA ILE B 345 19.59 -19.53 5.09
C ILE B 345 21.00 -19.31 5.66
N THR B 346 21.53 -18.10 5.45
CA THR B 346 22.94 -17.80 5.77
C THR B 346 23.23 -17.71 7.27
N ASP B 347 24.52 -17.69 7.61
CA ASP B 347 25.01 -17.57 8.98
C ASP B 347 25.41 -16.13 9.32
N GLY B 348 24.53 -15.16 9.02
CA GLY B 348 24.80 -13.74 9.27
C GLY B 348 24.78 -12.89 8.01
N GLN B 349 24.83 -11.57 8.19
CA GLN B 349 24.76 -10.61 7.08
C GLN B 349 25.76 -9.45 7.21
N ILE B 350 26.07 -8.84 6.08
CA ILE B 350 26.81 -7.58 6.01
C ILE B 350 25.92 -6.55 5.30
N PHE B 351 25.16 -5.79 6.08
CA PHE B 351 24.25 -4.79 5.51
C PHE B 351 25.02 -3.54 5.10
N LEU B 352 24.92 -3.18 3.82
CA LEU B 352 25.51 -1.96 3.27
C LEU B 352 24.41 -0.92 3.02
N GLU B 353 24.46 0.17 3.79
CA GLU B 353 23.41 1.20 3.77
C GLU B 353 23.75 2.32 2.79
N THR B 354 22.76 2.76 2.03
CA THR B 354 22.94 3.76 0.97
C THR B 354 23.24 5.17 1.52
N GLU B 355 22.64 5.50 2.66
CA GLU B 355 22.90 6.77 3.35
C GLU B 355 24.36 6.90 3.78
N LEU B 356 24.93 5.81 4.28
CA LEU B 356 26.34 5.77 4.68
C LEU B 356 27.31 5.92 3.49
N PHE B 357 26.93 5.33 2.36
CA PHE B 357 27.70 5.46 1.10
C PHE B 357 27.70 6.90 0.58
N TYR B 358 26.58 7.61 0.76
CA TYR B 358 26.44 8.99 0.31
C TYR B 358 27.31 9.98 1.09
N LYS B 359 27.35 9.81 2.42
CA LYS B 359 28.17 10.67 3.30
C LYS B 359 29.67 10.60 2.99
N GLY B 360 30.17 9.39 2.73
CA GLY B 360 31.61 9.13 2.64
C GLY B 360 32.10 7.98 3.51
N ILE B 361 31.21 7.41 4.34
CA ILE B 361 31.53 6.18 5.09
C ILE B 361 31.60 5.05 4.06
N ARG B 362 32.81 4.65 3.70
CA ARG B 362 33.04 3.60 2.71
C ARG B 362 34.18 2.67 3.19
N PRO B 363 33.98 1.35 3.22
CA PRO B 363 32.75 0.66 2.78
C PRO B 363 31.57 0.94 3.72
N ALA B 364 30.37 1.02 3.14
CA ALA B 364 29.20 1.57 3.83
C ALA B 364 28.47 0.56 4.75
N ILE B 365 29.24 -0.07 5.64
CA ILE B 365 28.72 -1.15 6.48
C ILE B 365 27.97 -0.59 7.70
N ASN B 366 26.69 -0.94 7.82
CA ASN B 366 25.93 -0.67 9.04
C ASN B 366 26.34 -1.70 10.08
N VAL B 367 26.81 -1.22 11.23
CA VAL B 367 27.38 -2.10 12.26
C VAL B 367 26.28 -2.76 13.09
N GLY B 368 25.32 -1.96 13.55
CA GLY B 368 24.22 -2.45 14.38
C GLY B 368 23.34 -3.52 13.76
N LEU B 369 23.10 -3.38 12.45
CA LEU B 369 22.28 -4.34 11.71
C LEU B 369 23.05 -5.61 11.32
N SER B 370 24.33 -5.47 10.97
CA SER B 370 25.15 -6.60 10.53
C SER B 370 25.50 -7.56 11.66
N VAL B 371 25.41 -8.87 11.37
CA VAL B 371 25.63 -9.94 12.36
C VAL B 371 26.49 -11.05 11.76
N SER B 372 27.28 -11.71 12.62
CA SER B 372 27.98 -12.95 12.27
C SER B 372 27.64 -13.99 13.34
N ARG B 373 26.97 -15.07 12.93
CA ARG B 373 26.42 -16.04 13.89
C ARG B 373 27.43 -17.04 14.45
N VAL B 374 28.47 -17.34 13.67
CA VAL B 374 29.57 -18.24 14.11
C VAL B 374 30.92 -17.54 13.96
N GLY B 375 30.93 -16.25 14.29
CA GLY B 375 32.06 -15.38 13.98
C GLY B 375 33.22 -15.47 14.96
N SER B 376 32.92 -15.22 16.23
CA SER B 376 33.92 -15.15 17.31
C SER B 376 34.85 -16.37 17.37
N ALA B 377 34.29 -17.55 17.15
CA ALA B 377 35.06 -18.80 17.11
C ALA B 377 36.09 -18.80 15.98
N ALA B 378 35.72 -18.26 14.82
CA ALA B 378 36.61 -18.14 13.67
C ALA B 378 37.18 -16.73 13.56
N GLN B 379 37.88 -16.32 14.61
CA GLN B 379 38.53 -15.02 14.70
C GLN B 379 39.73 -15.18 15.63
N THR B 380 40.87 -14.60 15.26
CA THR B 380 42.12 -14.81 16.00
C THR B 380 42.05 -14.17 17.39
N ARG B 381 42.83 -14.71 18.32
CA ARG B 381 42.90 -14.21 19.69
C ARG B 381 43.44 -12.78 19.76
N ALA B 382 44.29 -12.39 18.79
CA ALA B 382 44.83 -11.04 18.71
C ALA B 382 43.76 -9.99 18.42
N MET B 383 42.96 -10.21 17.37
CA MET B 383 41.90 -9.29 16.97
C MET B 383 40.78 -9.19 18.01
N LYS B 384 40.44 -10.32 18.65
CA LYS B 384 39.40 -10.35 19.69
C LYS B 384 39.69 -9.43 20.90
N GLN B 385 40.96 -9.35 21.29
CA GLN B 385 41.37 -8.54 22.44
C GLN B 385 41.13 -7.03 22.26
N VAL B 386 41.25 -6.53 21.03
CA VAL B 386 41.00 -5.11 20.73
C VAL B 386 39.61 -4.85 20.12
N ALA B 387 39.14 -5.73 19.23
CA ALA B 387 37.86 -5.55 18.53
C ALA B 387 36.62 -5.74 19.42
N GLY B 388 36.78 -6.49 20.52
CA GLY B 388 35.69 -6.69 21.49
C GLY B 388 35.28 -5.40 22.20
N THR B 389 36.27 -4.62 22.60
CA THR B 389 36.03 -3.30 23.20
C THR B 389 35.60 -2.25 22.17
N MET B 390 36.06 -2.37 20.92
CA MET B 390 35.58 -1.51 19.82
C MET B 390 34.12 -1.80 19.49
N LYS B 391 33.74 -3.09 19.52
CA LYS B 391 32.35 -3.50 19.37
C LYS B 391 31.49 -3.01 20.54
N LEU B 392 32.06 -3.03 21.75
CA LEU B 392 31.39 -2.53 22.96
C LEU B 392 31.25 -1.00 22.97
N GLU B 393 32.28 -0.30 22.49
CA GLU B 393 32.27 1.17 22.41
C GLU B 393 31.37 1.70 21.28
N LEU B 394 31.39 1.04 20.12
CA LEU B 394 30.51 1.40 19.00
C LEU B 394 29.02 1.05 19.23
N ALA B 395 28.75 0.11 20.16
CA ALA B 395 27.39 -0.17 20.62
C ALA B 395 26.80 0.98 21.46
N GLN B 396 27.67 1.71 22.16
CA GLN B 396 27.29 2.85 23.00
C GLN B 396 27.32 4.21 22.28
N TYR B 397 27.71 4.23 21.00
CA TYR B 397 27.84 5.47 20.21
C TYR B 397 26.61 5.78 19.35
N ARG B 398 26.00 4.74 18.76
CA ARG B 398 24.91 4.92 17.77
C ARG B 398 23.57 5.38 18.37
N GLU B 399 23.18 4.82 19.51
CA GLU B 399 21.92 5.20 20.17
C GLU B 399 21.95 6.61 20.77
N VAL B 400 23.10 7.00 21.32
CA VAL B 400 23.29 8.36 21.86
C VAL B 400 23.43 9.42 20.77
N ALA B 401 24.04 9.07 19.64
CA ALA B 401 24.20 9.99 18.51
C ALA B 401 22.88 10.22 17.78
N LEU B 410 26.61 19.88 26.55
CA LEU B 410 26.93 18.46 26.54
C LEU B 410 27.91 18.14 27.68
N ASP B 411 27.53 17.20 28.55
CA ASP B 411 28.40 16.76 29.66
C ASP B 411 29.58 15.91 29.15
N ALA B 412 30.65 15.88 29.95
CA ALA B 412 31.91 15.22 29.57
C ALA B 412 31.84 13.69 29.52
N ALA B 413 30.93 13.09 30.30
CA ALA B 413 30.79 11.63 30.38
C ALA B 413 30.24 11.03 29.08
N THR B 414 29.09 11.53 28.64
CA THR B 414 28.44 11.05 27.42
C THR B 414 29.15 11.52 26.14
N GLN B 415 29.75 12.71 26.17
CA GLN B 415 30.49 13.25 25.01
C GLN B 415 31.81 12.50 24.74
N GLN B 416 32.36 11.85 25.76
CA GLN B 416 33.56 11.00 25.58
C GLN B 416 33.29 9.83 24.63
N LEU B 417 32.08 9.26 24.69
CA LEU B 417 31.65 8.22 23.75
C LEU B 417 31.45 8.79 22.34
N LEU B 418 30.87 9.99 22.25
CA LEU B 418 30.71 10.70 20.97
C LEU B 418 32.04 11.11 20.35
N SER B 419 33.00 11.47 21.21
CA SER B 419 34.37 11.82 20.76
C SER B 419 35.14 10.58 20.29
N ARG B 420 35.00 9.47 21.03
CA ARG B 420 35.65 8.21 20.67
C ARG B 420 35.02 7.57 19.43
N GLY B 421 33.70 7.53 19.39
CA GLY B 421 32.95 6.87 18.32
C GLY B 421 33.18 7.41 16.92
N VAL B 422 33.18 8.74 16.79
CA VAL B 422 33.45 9.39 15.50
C VAL B 422 34.85 9.06 14.97
N ARG B 423 35.83 8.99 15.86
CA ARG B 423 37.21 8.64 15.50
C ARG B 423 37.37 7.16 15.15
N LEU B 424 36.65 6.28 15.86
CA LEU B 424 36.59 4.86 15.51
C LEU B 424 35.91 4.63 14.15
N THR B 425 34.88 5.42 13.85
CA THR B 425 34.22 5.38 12.54
C THR B 425 35.17 5.75 11.40
N GLU B 426 36.09 6.68 11.66
CA GLU B 426 37.13 7.04 10.68
C GLU B 426 38.16 5.92 10.47
N LEU B 427 38.42 5.12 11.50
CA LEU B 427 39.28 3.93 11.35
C LEU B 427 38.62 2.82 10.52
N LEU B 428 37.30 2.66 10.64
CA LEU B 428 36.56 1.66 9.86
C LEU B 428 36.35 2.03 8.38
N LYS B 429 36.69 3.26 8.00
CA LYS B 429 36.78 3.63 6.57
C LYS B 429 37.97 2.92 5.93
N GLN B 430 37.82 2.58 4.64
CA GLN B 430 38.88 1.87 3.91
C GLN B 430 38.68 1.96 2.39
N GLY B 431 39.79 1.99 1.65
CA GLY B 431 39.77 2.05 0.20
C GLY B 431 39.74 0.67 -0.45
N GLN B 432 39.49 0.65 -1.76
CA GLN B 432 39.43 -0.60 -2.51
C GLN B 432 40.83 -1.12 -2.82
N TYR B 433 40.90 -2.41 -3.13
CA TYR B 433 42.09 -3.06 -3.71
C TYR B 433 43.35 -3.11 -2.82
N SER B 434 43.20 -2.73 -1.54
CA SER B 434 44.31 -2.69 -0.60
C SER B 434 43.87 -3.36 0.71
N PRO B 435 43.69 -4.70 0.67
CA PRO B 435 43.26 -5.42 1.87
C PRO B 435 44.41 -5.59 2.87
N MET B 436 44.21 -5.11 4.10
CA MET B 436 45.23 -5.14 5.14
C MET B 436 45.35 -6.52 5.78
N ALA B 437 46.57 -6.89 6.15
CA ALA B 437 46.83 -8.13 6.91
C ALA B 437 46.30 -8.00 8.33
N ILE B 438 46.10 -9.13 9.00
CA ILE B 438 45.51 -9.15 10.35
C ILE B 438 46.39 -8.44 11.40
N GLU B 439 47.70 -8.56 11.26
CA GLU B 439 48.66 -7.83 12.12
C GLU B 439 48.58 -6.30 11.96
N GLU B 440 48.29 -5.84 10.75
CA GLU B 440 48.14 -4.40 10.45
C GLU B 440 46.83 -3.84 11.00
N GLN B 441 45.75 -4.61 10.89
CA GLN B 441 44.43 -4.19 11.40
C GLN B 441 44.40 -4.09 12.92
N VAL B 442 44.94 -5.11 13.59
CA VAL B 442 44.97 -5.16 15.06
C VAL B 442 45.82 -4.04 15.69
N ALA B 443 46.81 -3.54 14.94
CA ALA B 443 47.63 -2.41 15.39
C ALA B 443 46.87 -1.07 15.34
N VAL B 444 46.21 -0.80 14.23
CA VAL B 444 45.49 0.47 14.02
C VAL B 444 44.23 0.63 14.91
N ILE B 445 43.58 -0.49 15.23
CA ILE B 445 42.44 -0.50 16.17
C ILE B 445 42.93 -0.33 17.61
N TYR B 446 44.05 -0.98 17.94
CA TYR B 446 44.71 -0.82 19.24
C TYR B 446 45.03 0.64 19.58
N ALA B 447 45.40 1.42 18.57
CA ALA B 447 45.67 2.85 18.74
C ALA B 447 44.42 3.63 19.14
N GLY B 448 43.35 3.49 18.35
CA GLY B 448 42.10 4.20 18.59
C GLY B 448 41.35 3.76 19.84
N VAL B 449 41.35 2.46 20.10
CA VAL B 449 40.64 1.88 21.26
C VAL B 449 41.35 2.22 22.57
N ARG B 450 42.70 2.27 22.56
CA ARG B 450 43.48 2.62 23.75
C ARG B 450 43.89 4.11 23.85
N GLY B 451 43.03 5.00 23.33
CA GLY B 451 43.10 6.43 23.62
C GLY B 451 44.30 7.19 23.10
N TYR B 452 44.75 6.83 21.89
CA TYR B 452 45.87 7.55 21.23
C TYR B 452 45.41 8.44 20.05
N LEU B 453 44.11 8.45 19.77
CA LEU B 453 43.52 9.33 18.75
C LEU B 453 42.62 10.44 19.32
N ASP B 454 42.35 10.41 20.62
CA ASP B 454 41.33 11.27 21.23
C ASP B 454 41.72 12.76 21.24
N LYS B 455 42.98 13.03 21.52
CA LYS B 455 43.51 14.40 21.48
C LYS B 455 43.60 14.96 20.06
N LEU B 456 43.81 14.09 19.07
CA LEU B 456 43.83 14.48 17.66
C LEU B 456 42.41 14.74 17.14
N GLU B 457 42.26 15.76 16.31
CA GLU B 457 40.96 16.12 15.72
C GLU B 457 40.50 15.07 14.68
N PRO B 458 39.17 14.91 14.49
CA PRO B 458 38.65 13.78 13.71
C PRO B 458 38.91 13.82 12.20
N SER B 459 39.21 15.00 11.65
CA SER B 459 39.47 15.14 10.21
C SER B 459 40.79 14.49 9.75
N LYS B 460 41.76 14.36 10.67
CA LYS B 460 43.09 13.84 10.34
C LYS B 460 43.36 12.43 10.90
N ILE B 461 42.31 11.63 11.09
CA ILE B 461 42.45 10.25 11.58
C ILE B 461 42.93 9.34 10.46
N THR B 462 42.35 9.50 9.26
CA THR B 462 42.76 8.76 8.07
C THR B 462 44.23 9.04 7.70
N LYS B 463 44.65 10.29 7.84
CA LYS B 463 46.05 10.68 7.61
C LYS B 463 47.00 10.06 8.64
N PHE B 464 46.55 9.98 9.90
CA PHE B 464 47.32 9.32 10.96
C PHE B 464 47.48 7.82 10.72
N GLU B 465 46.41 7.17 10.27
CA GLU B 465 46.41 5.71 10.06
C GLU B 465 47.34 5.29 8.92
N ASN B 466 47.28 6.00 7.80
CA ASN B 466 48.15 5.72 6.64
C ASN B 466 49.62 6.04 6.92
N ALA B 467 49.87 7.08 7.72
CA ALA B 467 51.23 7.41 8.18
C ALA B 467 51.77 6.39 9.18
N PHE B 468 50.90 5.97 10.12
CA PHE B 468 51.26 4.95 11.12
C PHE B 468 51.47 3.55 10.52
N LEU B 469 50.70 3.23 9.47
CA LEU B 469 50.83 1.94 8.77
C LEU B 469 52.16 1.80 8.04
N SER B 470 52.57 2.85 7.33
CA SER B 470 53.86 2.87 6.63
C SER B 470 55.07 2.96 7.57
N HIS B 471 54.87 3.46 8.78
CA HIS B 471 55.94 3.55 9.80
C HIS B 471 56.27 2.18 10.40
N VAL B 472 55.25 1.49 10.91
CA VAL B 472 55.42 0.17 11.55
C VAL B 472 55.89 -0.94 10.58
N ILE B 473 55.41 -0.89 9.34
CA ILE B 473 55.84 -1.86 8.31
C ILE B 473 57.29 -1.60 7.88
N SER B 474 57.68 -0.33 7.79
CA SER B 474 59.06 0.03 7.45
C SER B 474 60.04 -0.27 8.58
N GLN B 475 59.78 0.33 9.75
CA GLN B 475 60.71 0.27 10.89
C GLN B 475 60.50 -0.97 11.77
N HIS B 476 59.42 -0.98 12.55
CA HIS B 476 59.23 -1.96 13.64
C HIS B 476 58.54 -3.23 13.16
N GLN B 477 59.32 -4.10 12.52
CA GLN B 477 58.84 -5.39 11.99
C GLN B 477 58.76 -6.51 13.03
N ALA B 478 59.25 -6.27 14.25
CA ALA B 478 59.25 -7.28 15.32
C ALA B 478 57.85 -7.70 15.74
N LEU B 479 56.98 -6.73 16.00
CA LEU B 479 55.60 -7.00 16.44
C LEU B 479 54.72 -7.56 15.32
N LEU B 480 54.87 -7.03 14.11
CA LEU B 480 54.12 -7.53 12.95
C LEU B 480 54.48 -8.99 12.64
N GLY B 481 55.75 -9.35 12.82
CA GLY B 481 56.20 -10.74 12.70
C GLY B 481 55.73 -11.62 13.84
N LYS B 482 55.80 -11.13 15.07
CA LYS B 482 55.50 -11.92 16.26
C LYS B 482 53.98 -12.11 16.48
N ILE B 483 53.20 -11.05 16.30
CA ILE B 483 51.74 -11.10 16.49
C ILE B 483 51.07 -11.99 15.44
N ARG B 484 51.61 -11.99 14.21
CA ARG B 484 51.12 -12.87 13.14
C ARG B 484 51.37 -14.35 13.43
N THR B 485 52.59 -14.67 13.89
CA THR B 485 52.98 -16.06 14.20
C THR B 485 52.27 -16.58 15.45
N ASP B 486 52.30 -15.79 16.52
CA ASP B 486 51.65 -16.15 17.79
C ASP B 486 50.11 -16.09 17.70
N GLY B 487 49.60 -15.16 16.89
CA GLY B 487 48.15 -14.95 16.77
C GLY B 487 47.52 -14.40 18.04
N LYS B 488 48.27 -13.59 18.78
CA LYS B 488 47.86 -13.12 20.10
C LYS B 488 48.72 -11.94 20.56
N ILE B 489 48.12 -11.03 21.32
CA ILE B 489 48.83 -9.90 21.93
C ILE B 489 49.30 -10.33 23.33
N SER B 490 50.53 -10.80 23.43
CA SER B 490 51.14 -11.14 24.71
C SER B 490 51.54 -9.88 25.47
N GLU B 491 51.90 -10.03 26.75
CA GLU B 491 52.32 -8.90 27.59
C GLU B 491 53.64 -8.27 27.12
N GLU B 492 54.50 -9.08 26.52
CA GLU B 492 55.70 -8.59 25.81
C GLU B 492 55.31 -7.74 24.61
N SER B 493 54.37 -8.23 23.81
CA SER B 493 53.88 -7.52 22.62
C SER B 493 53.05 -6.28 22.95
N ASP B 494 52.29 -6.33 24.05
CA ASP B 494 51.41 -5.23 24.45
C ASP B 494 52.21 -4.01 24.92
N ALA B 495 53.22 -4.24 25.76
CA ALA B 495 54.09 -3.17 26.27
C ALA B 495 54.99 -2.58 25.16
N LYS B 496 55.53 -3.46 24.32
CA LYS B 496 56.37 -3.07 23.19
C LYS B 496 55.60 -2.25 22.13
N LEU B 497 54.34 -2.57 21.92
CA LEU B 497 53.48 -1.85 20.97
C LEU B 497 53.11 -0.45 21.47
N LYS B 498 52.89 -0.31 22.78
CA LYS B 498 52.63 0.99 23.42
C LYS B 498 53.77 2.00 23.20
N GLU B 499 55.01 1.52 23.14
CA GLU B 499 56.19 2.36 22.92
C GLU B 499 56.19 3.02 21.54
N ILE B 500 55.91 2.23 20.51
CA ILE B 500 55.95 2.69 19.11
C ILE B 500 54.79 3.65 18.80
N VAL B 501 53.64 3.43 19.45
CA VAL B 501 52.48 4.32 19.32
C VAL B 501 52.75 5.68 19.98
N THR B 502 53.37 5.68 21.16
CA THR B 502 53.72 6.92 21.88
C THR B 502 54.82 7.72 21.16
N ASN B 503 55.76 7.02 20.53
CA ASN B 503 56.80 7.66 19.71
C ASN B 503 56.24 8.37 18.48
N PHE B 504 55.39 7.66 17.73
CA PHE B 504 54.80 8.22 16.51
C PHE B 504 53.71 9.26 16.78
N LEU B 505 53.03 9.16 17.92
CA LEU B 505 52.04 10.17 18.34
C LEU B 505 52.71 11.53 18.60
N ALA B 506 53.87 11.49 19.26
CA ALA B 506 54.69 12.69 19.49
C ALA B 506 55.33 13.20 18.19
N GLY B 507 55.88 12.27 17.40
CA GLY B 507 56.53 12.59 16.13
C GLY B 507 55.60 13.19 15.09
N PHE B 508 54.40 12.64 14.96
CA PHE B 508 53.38 13.15 14.04
C PHE B 508 52.76 14.44 14.59
N GLU B 509 53.26 15.58 14.12
CA GLU B 509 52.68 16.88 14.44
C GLU B 509 51.57 17.20 13.44
N ALA B 510 51.91 17.13 12.16
CA ALA B 510 50.95 17.41 11.07
C ALA B 510 51.44 16.84 9.75
N VAL C 23 -25.15 -54.93 -16.92
CA VAL C 23 -24.28 -53.83 -16.40
C VAL C 23 -25.14 -52.80 -15.64
N ASP C 24 -25.34 -53.06 -14.35
CA ASP C 24 -26.15 -52.21 -13.48
C ASP C 24 -25.26 -51.28 -12.65
N LEU C 25 -24.89 -50.14 -13.25
CA LEU C 25 -24.14 -49.09 -12.57
C LEU C 25 -25.06 -47.91 -12.28
N GLU C 26 -26.24 -48.21 -11.70
CA GLU C 26 -27.27 -47.23 -11.41
C GLU C 26 -27.34 -46.98 -9.90
N GLU C 27 -27.49 -48.07 -9.13
CA GLU C 27 -27.41 -48.02 -7.67
C GLU C 27 -25.98 -48.17 -7.15
N THR C 28 -25.08 -48.72 -7.97
CA THR C 28 -23.68 -48.87 -7.63
C THR C 28 -22.78 -48.14 -8.62
N GLY C 29 -21.50 -48.04 -8.26
CA GLY C 29 -20.49 -47.42 -9.12
C GLY C 29 -19.08 -47.68 -8.61
N ARG C 30 -18.11 -47.63 -9.53
CA ARG C 30 -16.70 -47.88 -9.21
C ARG C 30 -15.92 -46.57 -9.10
N VAL C 31 -14.91 -46.55 -8.22
CA VAL C 31 -14.03 -45.39 -8.08
C VAL C 31 -13.02 -45.36 -9.24
N LEU C 32 -12.99 -44.27 -9.98
CA LEU C 32 -11.97 -44.03 -11.01
C LEU C 32 -10.68 -43.52 -10.39
N SER C 33 -10.81 -42.56 -9.47
CA SER C 33 -9.66 -41.97 -8.79
C SER C 33 -10.03 -41.37 -7.44
N ILE C 34 -9.10 -41.43 -6.50
CA ILE C 34 -9.24 -40.85 -5.16
C ILE C 34 -7.97 -40.07 -4.84
N GLY C 35 -8.14 -38.90 -4.21
CA GLY C 35 -7.02 -38.01 -3.94
C GLY C 35 -7.46 -36.68 -3.35
N ASP C 36 -6.87 -36.34 -2.19
CA ASP C 36 -7.20 -35.14 -1.43
C ASP C 36 -8.69 -35.08 -1.07
N GLY C 37 -9.25 -36.24 -0.72
CA GLY C 37 -10.65 -36.36 -0.31
C GLY C 37 -11.69 -36.20 -1.41
N ILE C 38 -11.28 -36.33 -2.67
CA ILE C 38 -12.19 -36.19 -3.82
C ILE C 38 -12.22 -37.49 -4.62
N ALA C 39 -13.23 -38.32 -4.37
CA ALA C 39 -13.45 -39.56 -5.10
C ALA C 39 -14.20 -39.25 -6.39
N ARG C 40 -13.65 -39.70 -7.52
CA ARG C 40 -14.32 -39.63 -8.81
C ARG C 40 -14.90 -41.01 -9.10
N VAL C 41 -16.23 -41.08 -9.20
CA VAL C 41 -16.96 -42.34 -9.29
C VAL C 41 -17.57 -42.52 -10.66
N HIS C 42 -17.16 -43.58 -11.35
CA HIS C 42 -17.82 -44.05 -12.58
C HIS C 42 -19.18 -44.65 -12.23
N GLY C 43 -20.14 -44.52 -13.13
CA GLY C 43 -21.47 -45.10 -12.95
C GLY C 43 -22.35 -44.28 -12.03
N LEU C 44 -23.05 -44.95 -11.11
CA LEU C 44 -24.05 -44.33 -10.21
C LEU C 44 -25.06 -43.47 -10.98
N ARG C 45 -25.57 -44.01 -12.09
CA ARG C 45 -26.46 -43.25 -13.00
C ARG C 45 -27.64 -42.61 -12.29
N ASN C 46 -28.27 -43.35 -11.38
CA ASN C 46 -29.48 -42.88 -10.68
C ASN C 46 -29.23 -42.09 -9.37
N VAL C 47 -27.98 -41.69 -9.10
CA VAL C 47 -27.67 -40.91 -7.89
C VAL C 47 -28.17 -39.48 -8.01
N GLN C 48 -28.59 -38.91 -6.89
CA GLN C 48 -29.10 -37.54 -6.81
C GLN C 48 -27.97 -36.58 -6.47
N ALA C 49 -28.20 -35.29 -6.70
CA ALA C 49 -27.26 -34.25 -6.31
C ALA C 49 -27.30 -34.07 -4.80
N GLU C 50 -26.13 -33.88 -4.19
CA GLU C 50 -25.98 -33.70 -2.74
C GLU C 50 -26.50 -34.89 -1.91
N GLU C 51 -26.45 -36.08 -2.50
CA GLU C 51 -26.93 -37.30 -1.85
C GLU C 51 -25.77 -37.97 -1.14
N MET C 52 -26.06 -38.56 0.02
CA MET C 52 -25.07 -39.36 0.73
C MET C 52 -24.87 -40.68 -0.01
N VAL C 53 -23.61 -41.11 -0.14
CA VAL C 53 -23.25 -42.42 -0.72
C VAL C 53 -22.29 -43.12 0.22
N GLU C 54 -22.08 -44.42 -0.01
CA GLU C 54 -21.24 -45.25 0.86
C GLU C 54 -20.24 -46.08 0.06
N PHE C 55 -18.95 -45.92 0.38
CA PHE C 55 -17.88 -46.67 -0.29
C PHE C 55 -17.72 -48.07 0.30
N SER C 56 -16.94 -48.91 -0.39
CA SER C 56 -16.62 -50.27 0.06
C SER C 56 -16.18 -50.36 1.52
N SER C 57 -15.26 -49.48 1.92
CA SER C 57 -14.66 -49.48 3.25
C SER C 57 -15.63 -49.10 4.39
N GLY C 58 -16.72 -48.42 4.05
CA GLY C 58 -17.73 -48.01 5.05
C GLY C 58 -17.79 -46.50 5.29
N LEU C 59 -16.86 -45.74 4.70
CA LEU C 59 -16.91 -44.28 4.76
C LEU C 59 -18.09 -43.73 3.96
N LYS C 60 -18.59 -42.58 4.39
CA LYS C 60 -19.67 -41.89 3.70
C LYS C 60 -19.09 -40.80 2.79
N GLY C 61 -19.77 -40.53 1.68
CA GLY C 61 -19.42 -39.45 0.77
C GLY C 61 -20.64 -38.68 0.33
N MET C 62 -20.44 -37.49 -0.25
CA MET C 62 -21.54 -36.64 -0.73
C MET C 62 -21.35 -36.32 -2.21
N SER C 63 -22.40 -36.56 -3.00
CA SER C 63 -22.35 -36.44 -4.47
C SER C 63 -22.59 -35.00 -4.96
N LEU C 64 -21.62 -34.11 -4.72
CA LEU C 64 -21.76 -32.68 -5.05
C LEU C 64 -21.62 -32.33 -6.53
N ASN C 65 -20.80 -33.08 -7.28
CA ASN C 65 -20.65 -32.89 -8.74
C ASN C 65 -21.21 -34.08 -9.50
N LEU C 66 -22.34 -33.88 -10.17
CA LEU C 66 -22.87 -34.85 -11.13
C LEU C 66 -22.45 -34.39 -12.52
N GLU C 67 -21.57 -35.15 -13.17
CA GLU C 67 -21.05 -34.82 -14.49
C GLU C 67 -21.46 -35.92 -15.49
N PRO C 68 -21.27 -35.69 -16.81
CA PRO C 68 -21.73 -36.66 -17.81
C PRO C 68 -21.14 -38.08 -17.71
N ASP C 69 -19.86 -38.20 -17.38
CA ASP C 69 -19.15 -39.49 -17.33
C ASP C 69 -18.61 -39.91 -15.95
N ASN C 70 -18.84 -39.10 -14.91
CA ASN C 70 -18.41 -39.43 -13.56
C ASN C 70 -19.20 -38.66 -12.49
N VAL C 71 -18.96 -38.99 -11.23
CA VAL C 71 -19.55 -38.29 -10.09
C VAL C 71 -18.45 -37.87 -9.11
N GLY C 72 -18.31 -36.55 -8.91
CA GLY C 72 -17.35 -36.01 -7.95
C GLY C 72 -17.92 -36.09 -6.55
N VAL C 73 -17.33 -36.96 -5.73
CA VAL C 73 -17.82 -37.26 -4.38
C VAL C 73 -16.81 -36.79 -3.34
N VAL C 74 -17.22 -35.85 -2.49
CA VAL C 74 -16.39 -35.38 -1.37
C VAL C 74 -16.50 -36.36 -0.19
N VAL C 75 -15.36 -36.69 0.41
CA VAL C 75 -15.23 -37.82 1.34
C VAL C 75 -15.24 -37.37 2.81
N PHE C 76 -16.21 -37.87 3.59
CA PHE C 76 -16.26 -37.62 5.03
C PHE C 76 -15.30 -38.54 5.79
N GLY C 77 -14.01 -38.18 5.79
CA GLY C 77 -12.98 -38.92 6.51
C GLY C 77 -11.68 -39.09 5.76
N ASN C 78 -10.83 -39.99 6.27
CA ASN C 78 -9.49 -40.23 5.69
C ASN C 78 -9.59 -41.04 4.40
N ASP C 79 -9.00 -40.52 3.32
CA ASP C 79 -9.15 -41.13 1.98
C ASP C 79 -8.24 -42.33 1.71
N LYS C 80 -7.38 -42.70 2.66
CA LYS C 80 -6.61 -43.96 2.58
C LYS C 80 -7.52 -45.20 2.51
N LEU C 81 -8.66 -45.14 3.19
CA LEU C 81 -9.64 -46.22 3.20
C LEU C 81 -10.32 -46.45 1.84
N ILE C 82 -10.41 -45.39 1.03
CA ILE C 82 -10.93 -45.49 -0.34
C ILE C 82 -9.79 -45.80 -1.32
N LYS C 83 -10.11 -46.62 -2.32
CA LYS C 83 -9.16 -47.05 -3.35
C LYS C 83 -9.84 -47.13 -4.72
N GLU C 84 -9.03 -47.29 -5.76
CA GLU C 84 -9.53 -47.45 -7.11
C GLU C 84 -10.23 -48.80 -7.22
N GLY C 85 -11.30 -48.83 -8.00
CA GLY C 85 -12.10 -50.05 -8.18
C GLY C 85 -12.96 -50.43 -6.99
N ASP C 86 -13.14 -49.53 -6.03
CA ASP C 86 -14.01 -49.77 -4.88
C ASP C 86 -15.44 -49.45 -5.26
N ILE C 87 -16.38 -50.26 -4.77
CA ILE C 87 -17.80 -50.05 -5.03
C ILE C 87 -18.28 -48.84 -4.22
N VAL C 88 -19.24 -48.11 -4.79
CA VAL C 88 -19.88 -46.97 -4.12
C VAL C 88 -21.39 -47.18 -4.22
N LYS C 89 -22.02 -47.47 -3.07
CA LYS C 89 -23.45 -47.76 -3.00
C LYS C 89 -24.24 -46.51 -2.66
N ARG C 90 -25.44 -46.38 -3.25
CA ARG C 90 -26.35 -45.28 -2.92
C ARG C 90 -27.01 -45.47 -1.54
N THR C 91 -27.24 -44.35 -0.86
CA THR C 91 -28.11 -44.30 0.32
C THR C 91 -29.57 -44.04 -0.11
N GLY C 92 -29.74 -43.25 -1.17
CA GLY C 92 -31.05 -42.78 -1.60
C GLY C 92 -31.58 -41.61 -0.77
N ALA C 93 -30.70 -40.96 0.00
CA ALA C 93 -31.09 -39.91 0.94
C ALA C 93 -30.08 -38.78 0.97
N ILE C 94 -30.57 -37.57 1.25
CA ILE C 94 -29.74 -36.37 1.39
C ILE C 94 -29.09 -36.46 2.78
N VAL C 95 -27.94 -35.78 2.96
CA VAL C 95 -27.20 -35.81 4.24
C VAL C 95 -28.10 -35.33 5.38
N ASP C 96 -28.05 -36.05 6.50
CA ASP C 96 -28.92 -35.79 7.65
C ASP C 96 -28.25 -36.21 8.96
N VAL C 97 -28.68 -35.60 10.06
CA VAL C 97 -28.05 -35.76 11.37
C VAL C 97 -29.10 -36.00 12.47
N PRO C 98 -28.70 -36.69 13.56
CA PRO C 98 -29.63 -36.92 14.67
C PRO C 98 -30.06 -35.61 15.34
N VAL C 99 -31.23 -35.66 15.98
CA VAL C 99 -31.91 -34.46 16.47
C VAL C 99 -32.77 -34.83 17.69
N GLY C 100 -32.86 -33.92 18.65
CA GLY C 100 -33.72 -34.08 19.83
C GLY C 100 -33.08 -33.59 21.11
N GLU C 101 -33.80 -33.78 22.21
CA GLU C 101 -33.33 -33.36 23.54
C GLU C 101 -32.16 -34.20 24.08
N GLU C 102 -32.00 -35.42 23.58
CA GLU C 102 -30.95 -36.34 24.05
C GLU C 102 -29.52 -35.87 23.71
N LEU C 103 -29.40 -35.00 22.70
CA LEU C 103 -28.13 -34.34 22.36
C LEU C 103 -27.63 -33.37 23.44
N LEU C 104 -28.51 -32.88 24.30
CA LEU C 104 -28.13 -31.93 25.36
C LEU C 104 -27.20 -32.59 26.38
N GLY C 105 -26.16 -31.87 26.79
CA GLY C 105 -25.14 -32.40 27.69
C GLY C 105 -24.10 -33.29 27.04
N ARG C 106 -24.08 -33.34 25.70
CA ARG C 106 -23.24 -34.28 24.96
C ARG C 106 -22.35 -33.54 23.95
N VAL C 107 -21.14 -34.06 23.75
CA VAL C 107 -20.22 -33.55 22.73
C VAL C 107 -20.25 -34.53 21.54
N VAL C 108 -20.60 -34.01 20.37
CA VAL C 108 -20.71 -34.81 19.14
C VAL C 108 -19.80 -34.27 18.05
N ASP C 109 -19.72 -34.99 16.93
CA ASP C 109 -18.99 -34.53 15.73
C ASP C 109 -19.96 -34.06 14.65
N ALA C 110 -19.44 -33.67 13.49
CA ALA C 110 -20.24 -33.11 12.39
C ALA C 110 -21.43 -33.97 11.94
N LEU C 111 -21.34 -35.29 12.12
CA LEU C 111 -22.45 -36.22 11.82
C LEU C 111 -23.16 -36.73 13.09
N GLY C 112 -23.11 -35.97 14.18
CA GLY C 112 -23.81 -36.28 15.41
C GLY C 112 -23.40 -37.54 16.15
N ASN C 113 -22.20 -38.06 15.86
CA ASN C 113 -21.69 -39.26 16.54
C ASN C 113 -21.00 -38.87 17.83
N ALA C 114 -21.39 -39.52 18.93
CA ALA C 114 -20.89 -39.17 20.27
C ALA C 114 -19.39 -39.43 20.38
N ILE C 115 -18.67 -38.45 20.94
CA ILE C 115 -17.21 -38.50 21.05
C ILE C 115 -16.76 -37.93 22.40
N ASP C 116 -17.34 -38.44 23.49
CA ASP C 116 -17.03 -37.96 24.85
C ASP C 116 -16.90 -39.06 25.92
N GLY C 117 -16.68 -40.31 25.49
CA GLY C 117 -16.52 -41.44 26.41
C GLY C 117 -17.79 -41.83 27.15
N LYS C 118 -18.92 -41.72 26.47
CA LYS C 118 -20.24 -42.02 27.03
C LYS C 118 -21.07 -42.79 26.00
N GLY C 119 -22.26 -43.23 26.40
CA GLY C 119 -23.15 -43.99 25.52
C GLY C 119 -23.59 -43.17 24.32
N PRO C 120 -23.86 -43.83 23.18
CA PRO C 120 -24.15 -43.11 21.92
C PRO C 120 -25.49 -42.35 21.94
N ILE C 121 -25.73 -41.56 20.89
CA ILE C 121 -26.86 -40.64 20.84
C ILE C 121 -28.16 -41.40 20.57
N GLY C 122 -28.94 -41.59 21.63
CA GLY C 122 -30.20 -42.32 21.55
C GLY C 122 -31.40 -41.40 21.43
N SER C 123 -31.51 -40.74 20.27
CA SER C 123 -32.66 -39.90 19.94
C SER C 123 -33.38 -40.47 18.72
N LYS C 124 -34.70 -40.55 18.81
CA LYS C 124 -35.53 -41.19 17.78
C LYS C 124 -35.74 -40.31 16.55
N ALA C 125 -35.94 -39.00 16.77
CA ALA C 125 -36.15 -38.04 15.68
C ALA C 125 -34.88 -37.78 14.86
N ARG C 126 -35.08 -37.37 13.61
CA ARG C 126 -33.98 -37.11 12.67
C ARG C 126 -34.33 -35.98 11.70
N ARG C 127 -33.31 -35.27 11.20
CA ARG C 127 -33.51 -34.06 10.40
C ARG C 127 -32.37 -33.82 9.39
N ARG C 128 -32.72 -33.24 8.24
CA ARG C 128 -31.78 -33.01 7.14
C ARG C 128 -30.88 -31.80 7.43
N VAL C 129 -29.63 -31.86 6.99
CA VAL C 129 -28.65 -30.78 7.24
C VAL C 129 -28.83 -29.56 6.33
N GLY C 130 -29.16 -29.78 5.05
CA GLY C 130 -29.17 -28.72 4.05
C GLY C 130 -30.54 -28.16 3.70
N LEU C 131 -31.39 -27.97 4.71
CA LEU C 131 -32.72 -27.38 4.51
C LEU C 131 -32.63 -25.87 4.31
N LYS C 132 -33.49 -25.35 3.44
CA LYS C 132 -33.58 -23.90 3.19
C LYS C 132 -34.26 -23.20 4.36
N ALA C 133 -33.91 -21.92 4.56
CA ALA C 133 -34.45 -21.13 5.66
C ALA C 133 -35.94 -20.82 5.42
N PRO C 134 -36.71 -20.62 6.51
CA PRO C 134 -38.10 -20.17 6.40
C PRO C 134 -38.26 -18.84 5.67
N GLY C 135 -39.34 -18.71 4.89
CA GLY C 135 -39.64 -17.48 4.15
C GLY C 135 -40.20 -16.38 5.02
N ILE C 136 -40.98 -15.49 4.42
CA ILE C 136 -41.48 -14.29 5.11
C ILE C 136 -42.60 -14.61 6.10
N ILE C 137 -43.56 -15.44 5.69
CA ILE C 137 -44.80 -15.68 6.47
C ILE C 137 -44.58 -16.46 7.78
N PRO C 138 -43.72 -17.49 7.78
CA PRO C 138 -43.46 -18.20 9.05
C PRO C 138 -42.85 -17.33 10.16
N ARG C 139 -42.15 -16.26 9.79
CA ARG C 139 -41.48 -15.39 10.74
C ARG C 139 -42.39 -14.32 11.33
N ILE C 140 -41.93 -13.73 12.44
CA ILE C 140 -42.48 -12.49 12.99
C ILE C 140 -41.28 -11.69 13.55
N SER C 141 -41.40 -10.36 13.54
CA SER C 141 -40.32 -9.47 13.99
C SER C 141 -39.78 -9.82 15.38
N VAL C 142 -38.50 -9.54 15.60
CA VAL C 142 -37.79 -9.92 16.83
C VAL C 142 -38.17 -8.96 17.96
N ARG C 143 -38.41 -9.52 19.15
CA ARG C 143 -38.86 -8.75 20.32
C ARG C 143 -38.46 -9.33 21.68
N GLU C 144 -38.53 -10.66 21.81
CA GLU C 144 -38.06 -11.34 23.03
C GLU C 144 -36.56 -11.11 23.22
N PRO C 145 -36.13 -10.65 24.42
CA PRO C 145 -34.70 -10.50 24.65
C PRO C 145 -33.92 -11.82 24.80
N MET C 146 -32.70 -11.85 24.27
CA MET C 146 -31.73 -12.92 24.49
C MET C 146 -30.58 -12.31 25.27
N GLN C 147 -30.62 -12.47 26.59
CA GLN C 147 -29.69 -11.78 27.49
C GLN C 147 -28.33 -12.47 27.51
N THR C 148 -27.29 -11.74 27.09
CA THR C 148 -25.92 -12.25 27.10
C THR C 148 -25.30 -12.22 28.49
N GLY C 149 -25.79 -11.33 29.35
CA GLY C 149 -25.19 -11.09 30.65
C GLY C 149 -23.91 -10.26 30.61
N ILE C 150 -23.64 -9.66 29.45
CA ILE C 150 -22.48 -8.80 29.27
C ILE C 150 -23.05 -7.39 29.04
N LYS C 151 -22.60 -6.44 29.86
CA LYS C 151 -23.19 -5.10 29.89
C LYS C 151 -23.05 -4.32 28.57
N ALA C 152 -21.86 -4.38 27.98
CA ALA C 152 -21.59 -3.70 26.71
C ALA C 152 -22.49 -4.19 25.57
N VAL C 153 -22.80 -5.48 25.55
CA VAL C 153 -23.65 -6.06 24.51
C VAL C 153 -25.11 -5.71 24.79
N ASP C 154 -25.60 -6.12 25.96
CA ASP C 154 -27.02 -5.94 26.34
C ASP C 154 -27.50 -4.49 26.30
N SER C 155 -26.62 -3.54 26.64
CA SER C 155 -26.98 -2.12 26.63
C SER C 155 -26.86 -1.49 25.24
N LEU C 156 -25.69 -1.64 24.62
CA LEU C 156 -25.36 -0.92 23.37
C LEU C 156 -25.83 -1.64 22.10
N VAL C 157 -25.54 -2.94 22.01
CA VAL C 157 -25.86 -3.74 20.81
C VAL C 157 -26.70 -4.96 21.19
N PRO C 158 -27.96 -4.71 21.62
CA PRO C 158 -28.80 -5.76 22.24
C PRO C 158 -29.23 -6.85 21.26
N ILE C 159 -29.25 -8.09 21.75
CA ILE C 159 -29.59 -9.25 20.94
C ILE C 159 -30.97 -9.76 21.38
N GLY C 160 -31.80 -10.08 20.39
CA GLY C 160 -33.14 -10.64 20.63
C GLY C 160 -33.23 -12.07 20.13
N ARG C 161 -34.28 -12.78 20.54
CA ARG C 161 -34.41 -14.21 20.23
C ARG C 161 -34.86 -14.39 18.78
N GLY C 162 -33.99 -15.03 17.98
CA GLY C 162 -34.15 -15.09 16.51
C GLY C 162 -33.16 -14.19 15.76
N GLN C 163 -32.48 -13.30 16.48
CA GLN C 163 -31.51 -12.39 15.89
C GLN C 163 -30.20 -13.12 15.59
N ARG C 164 -29.43 -12.57 14.66
CA ARG C 164 -28.11 -13.07 14.31
C ARG C 164 -27.10 -11.95 14.58
N GLU C 165 -26.26 -12.14 15.59
CA GLU C 165 -25.26 -11.14 16.00
C GLU C 165 -23.87 -11.75 15.83
N LEU C 166 -23.10 -11.21 14.89
CA LEU C 166 -21.73 -11.65 14.67
C LEU C 166 -20.83 -11.22 15.83
N ILE C 167 -19.86 -12.07 16.17
CA ILE C 167 -18.73 -11.68 17.02
C ILE C 167 -17.53 -11.68 16.07
N ILE C 168 -16.68 -10.66 16.21
CA ILE C 168 -15.59 -10.46 15.24
C ILE C 168 -14.42 -9.67 15.82
N GLY C 169 -13.22 -10.03 15.38
CA GLY C 169 -11.99 -9.35 15.83
C GLY C 169 -10.76 -10.19 15.56
N ASP C 170 -9.59 -9.61 15.85
CA ASP C 170 -8.31 -10.31 15.73
C ASP C 170 -8.22 -11.50 16.69
N ARG C 171 -7.16 -12.29 16.54
CA ARG C 171 -6.90 -13.39 17.46
C ARG C 171 -6.68 -12.89 18.90
N GLN C 172 -7.22 -13.64 19.85
CA GLN C 172 -7.13 -13.35 21.29
C GLN C 172 -7.70 -11.97 21.69
N THR C 173 -8.78 -11.56 21.02
CA THR C 173 -9.49 -10.32 21.35
C THR C 173 -10.69 -10.54 22.29
N GLY C 174 -10.97 -11.80 22.64
CA GLY C 174 -12.07 -12.16 23.55
C GLY C 174 -13.35 -12.61 22.87
N LYS C 175 -13.25 -13.14 21.64
CA LYS C 175 -14.42 -13.53 20.83
C LYS C 175 -15.21 -14.70 21.45
N THR C 176 -14.52 -15.80 21.73
CA THR C 176 -15.14 -16.99 22.33
C THR C 176 -15.71 -16.66 23.71
N SER C 177 -14.97 -15.87 24.49
CA SER C 177 -15.41 -15.43 25.83
C SER C 177 -16.79 -14.76 25.87
N ILE C 178 -17.14 -14.02 24.82
CA ILE C 178 -18.48 -13.43 24.69
C ILE C 178 -19.53 -14.53 24.58
N ALA C 179 -19.20 -15.58 23.84
CA ALA C 179 -20.09 -16.74 23.67
C ALA C 179 -20.24 -17.61 24.93
N ILE C 180 -19.15 -17.77 25.70
CA ILE C 180 -19.15 -18.62 26.90
C ILE C 180 -20.08 -18.05 27.97
N ASP C 181 -19.91 -16.77 28.29
CA ASP C 181 -20.75 -16.09 29.26
C ASP C 181 -22.22 -16.05 28.84
N THR C 182 -22.47 -15.91 27.54
CA THR C 182 -23.83 -15.93 27.00
C THR C 182 -24.53 -17.28 27.26
N ILE C 183 -23.79 -18.39 27.15
CA ILE C 183 -24.33 -19.71 27.49
C ILE C 183 -24.55 -19.83 29.01
N ILE C 184 -23.51 -19.48 29.77
CA ILE C 184 -23.55 -19.60 31.26
C ILE C 184 -24.61 -18.68 31.89
N ASN C 185 -24.93 -17.56 31.23
CA ASN C 185 -26.00 -16.67 31.67
C ASN C 185 -27.40 -17.29 31.62
N GLN C 186 -27.61 -18.27 30.73
CA GLN C 186 -28.92 -18.92 30.57
C GLN C 186 -29.31 -19.87 31.72
N LYS C 187 -28.34 -20.24 32.57
CA LYS C 187 -28.60 -21.14 33.71
C LYS C 187 -29.69 -20.61 34.63
N ARG C 188 -29.63 -19.31 34.93
CA ARG C 188 -30.64 -18.63 35.76
C ARG C 188 -32.05 -18.84 35.24
N PHE C 189 -32.21 -18.78 33.92
CA PHE C 189 -33.51 -18.99 33.28
C PHE C 189 -33.89 -20.48 33.23
N ASN C 190 -32.91 -21.33 32.91
CA ASN C 190 -33.16 -22.76 32.66
C ASN C 190 -33.51 -23.62 33.88
N ASP C 191 -33.09 -23.18 35.06
CA ASP C 191 -33.50 -23.85 36.32
C ASP C 191 -34.95 -23.54 36.71
N GLY C 192 -35.54 -22.47 36.15
CA GLY C 192 -36.95 -22.16 36.35
C GLY C 192 -37.88 -23.08 35.58
N THR C 193 -39.19 -22.90 35.79
CA THR C 193 -40.22 -23.77 35.22
C THR C 193 -40.82 -23.26 33.88
N ASP C 194 -40.79 -21.95 33.66
CA ASP C 194 -41.38 -21.33 32.47
C ASP C 194 -40.62 -21.74 31.20
N GLU C 195 -41.32 -22.36 30.25
CA GLU C 195 -40.69 -22.93 29.04
C GLU C 195 -40.19 -21.87 28.06
N LYS C 196 -40.96 -20.80 27.86
CA LYS C 196 -40.56 -19.68 26.99
C LYS C 196 -39.41 -18.84 27.57
N LYS C 197 -39.20 -18.93 28.89
CA LYS C 197 -38.06 -18.30 29.56
C LYS C 197 -36.73 -19.02 29.28
N LYS C 198 -36.79 -20.33 29.02
CA LYS C 198 -35.60 -21.16 28.79
C LYS C 198 -34.92 -20.89 27.44
N LEU C 199 -33.65 -21.26 27.35
CA LEU C 199 -32.87 -21.17 26.11
C LEU C 199 -31.82 -22.29 26.07
N TYR C 200 -31.98 -23.22 25.11
CA TYR C 200 -31.07 -24.37 24.97
C TYR C 200 -29.95 -24.03 24.01
N CYS C 201 -28.70 -24.03 24.50
CA CYS C 201 -27.55 -23.56 23.73
C CYS C 201 -26.91 -24.62 22.83
N ILE C 202 -26.18 -24.15 21.82
CA ILE C 202 -25.37 -25.00 20.94
C ILE C 202 -24.04 -24.28 20.67
N TYR C 203 -22.95 -25.03 20.65
CA TYR C 203 -21.61 -24.51 20.35
C TYR C 203 -20.95 -25.36 19.27
N VAL C 204 -20.93 -24.85 18.03
CA VAL C 204 -20.27 -25.53 16.91
C VAL C 204 -18.81 -25.10 16.83
N ALA C 205 -17.90 -26.05 17.04
CA ALA C 205 -16.45 -25.81 16.95
C ALA C 205 -15.92 -26.26 15.59
N ILE C 206 -15.56 -25.30 14.74
CA ILE C 206 -15.05 -25.58 13.39
C ILE C 206 -13.57 -25.22 13.31
N GLY C 207 -12.73 -26.24 13.12
CA GLY C 207 -11.31 -26.06 12.88
C GLY C 207 -10.40 -25.84 14.08
N GLN C 208 -10.96 -25.83 15.30
CA GLN C 208 -10.17 -25.70 16.51
C GLN C 208 -9.42 -27.00 16.81
N LYS C 209 -8.55 -26.97 17.82
CA LYS C 209 -7.88 -28.18 18.30
C LYS C 209 -8.68 -28.81 19.44
N ARG C 210 -8.53 -30.13 19.59
CA ARG C 210 -9.32 -30.91 20.56
C ARG C 210 -9.08 -30.52 22.01
N SER C 211 -7.86 -30.10 22.35
CA SER C 211 -7.54 -29.66 23.71
C SER C 211 -8.26 -28.36 24.09
N THR C 212 -8.46 -27.47 23.12
CA THR C 212 -9.18 -26.20 23.33
C THR C 212 -10.67 -26.44 23.53
N VAL C 213 -11.25 -27.31 22.70
CA VAL C 213 -12.68 -27.68 22.82
C VAL C 213 -12.93 -28.49 24.09
N ALA C 214 -11.95 -29.32 24.49
CA ALA C 214 -12.01 -30.04 25.76
C ALA C 214 -11.96 -29.11 26.97
N GLN C 215 -11.09 -28.10 26.90
CA GLN C 215 -11.01 -27.06 27.95
C GLN C 215 -12.28 -26.20 28.00
N LEU C 216 -12.90 -25.98 26.84
CA LEU C 216 -14.16 -25.24 26.74
C LEU C 216 -15.33 -26.01 27.36
N VAL C 217 -15.38 -27.33 27.12
CA VAL C 217 -16.42 -28.19 27.70
C VAL C 217 -16.24 -28.30 29.22
N LYS C 218 -14.99 -28.38 29.67
CA LYS C 218 -14.66 -28.35 31.11
C LYS C 218 -15.16 -27.06 31.79
N ARG C 219 -15.03 -25.93 31.09
CA ARG C 219 -15.50 -24.65 31.60
C ARG C 219 -17.01 -24.65 31.79
N LEU C 220 -17.76 -25.14 30.80
CA LEU C 220 -19.22 -25.23 30.88
C LEU C 220 -19.70 -26.21 31.95
N THR C 221 -18.98 -27.32 32.15
CA THR C 221 -19.36 -28.32 33.15
C THR C 221 -19.12 -27.84 34.59
N ASP C 222 -18.10 -26.99 34.79
CA ASP C 222 -17.86 -26.36 36.10
C ASP C 222 -18.97 -25.40 36.53
N ALA C 223 -19.52 -24.65 35.56
CA ALA C 223 -20.67 -23.77 35.80
C ALA C 223 -22.03 -24.45 35.60
N ASP C 224 -22.02 -25.77 35.34
CA ASP C 224 -23.24 -26.58 35.16
C ASP C 224 -24.06 -26.16 33.93
N ALA C 225 -23.36 -25.64 32.91
CA ALA C 225 -23.99 -25.16 31.69
C ALA C 225 -24.20 -26.27 30.64
N MET C 226 -23.41 -27.33 30.71
CA MET C 226 -23.49 -28.42 29.72
C MET C 226 -24.87 -29.06 29.61
N LYS C 227 -25.57 -29.22 30.73
CA LYS C 227 -26.89 -29.89 30.78
C LYS C 227 -27.93 -29.39 29.76
N TYR C 228 -27.83 -28.13 29.36
CA TYR C 228 -28.71 -27.53 28.32
C TYR C 228 -27.95 -27.14 27.05
N THR C 229 -26.75 -27.71 26.84
CA THR C 229 -25.83 -27.29 25.77
C THR C 229 -25.39 -28.48 24.93
N ILE C 230 -25.50 -28.36 23.61
CA ILE C 230 -25.05 -29.37 22.65
C ILE C 230 -23.75 -28.87 22.03
N VAL C 231 -22.69 -29.67 22.11
CA VAL C 231 -21.38 -29.28 21.56
C VAL C 231 -21.08 -30.11 20.30
N VAL C 232 -21.03 -29.44 19.15
CA VAL C 232 -20.68 -30.07 17.87
C VAL C 232 -19.22 -29.70 17.57
N SER C 233 -18.37 -30.70 17.38
CA SER C 233 -16.92 -30.50 17.26
C SER C 233 -16.34 -31.09 15.98
N ALA C 234 -16.11 -30.22 15.00
CA ALA C 234 -15.34 -30.54 13.81
C ALA C 234 -13.96 -29.89 13.94
N THR C 235 -13.02 -30.63 14.51
CA THR C 235 -11.68 -30.12 14.81
C THR C 235 -10.78 -30.14 13.57
N ALA C 236 -9.58 -29.58 13.73
CA ALA C 236 -8.60 -29.46 12.62
C ALA C 236 -8.19 -30.79 11.98
N SER C 237 -8.07 -31.85 12.79
CA SER C 237 -7.71 -33.18 12.27
C SER C 237 -8.81 -33.84 11.42
N ASP C 238 -10.07 -33.43 11.60
CA ASP C 238 -11.17 -33.94 10.77
C ASP C 238 -11.07 -33.40 9.35
N ALA C 239 -11.63 -34.15 8.40
CA ALA C 239 -11.60 -33.79 6.98
C ALA C 239 -12.39 -32.51 6.69
N ALA C 240 -12.08 -31.88 5.57
CA ALA C 240 -12.68 -30.60 5.19
C ALA C 240 -14.21 -30.65 5.05
N PRO C 241 -14.76 -31.74 4.48
CA PRO C 241 -16.22 -31.89 4.44
C PRO C 241 -16.92 -31.86 5.81
N LEU C 242 -16.30 -32.44 6.84
CA LEU C 242 -16.87 -32.41 8.19
C LEU C 242 -16.86 -30.99 8.79
N GLN C 243 -15.77 -30.24 8.56
CA GLN C 243 -15.70 -28.84 8.97
C GLN C 243 -16.70 -27.97 8.20
N TYR C 244 -16.81 -28.22 6.89
CA TYR C 244 -17.83 -27.59 6.04
C TYR C 244 -19.25 -27.88 6.54
N LEU C 245 -19.52 -29.13 6.89
CA LEU C 245 -20.87 -29.58 7.26
C LEU C 245 -21.29 -29.19 8.67
N ALA C 246 -20.33 -29.02 9.58
CA ALA C 246 -20.61 -28.91 11.02
C ALA C 246 -21.55 -27.77 11.47
N PRO C 247 -21.40 -26.56 10.90
CA PRO C 247 -22.37 -25.49 11.16
C PRO C 247 -23.80 -25.82 10.70
N TYR C 248 -23.93 -26.47 9.55
CA TYR C 248 -25.24 -26.87 9.02
C TYR C 248 -25.88 -27.98 9.86
N SER C 249 -25.04 -28.89 10.38
CA SER C 249 -25.50 -29.98 11.24
C SER C 249 -26.03 -29.46 12.56
N GLY C 250 -25.23 -28.62 13.22
CA GLY C 250 -25.62 -27.97 14.46
C GLY C 250 -26.84 -27.06 14.32
N CYS C 251 -26.98 -26.44 13.15
CA CYS C 251 -28.14 -25.60 12.84
C CYS C 251 -29.42 -26.44 12.85
N SER C 252 -29.38 -27.62 12.23
CA SER C 252 -30.51 -28.55 12.21
C SER C 252 -30.87 -29.11 13.60
N MET C 253 -29.88 -29.19 14.50
CA MET C 253 -30.13 -29.54 15.90
C MET C 253 -30.83 -28.39 16.64
N GLY C 254 -30.49 -27.15 16.28
CA GLY C 254 -31.19 -25.95 16.79
C GLY C 254 -32.56 -25.73 16.19
N GLU C 255 -32.71 -26.03 14.90
CA GLU C 255 -34.00 -25.91 14.21
C GLU C 255 -35.11 -26.82 14.75
N TYR C 256 -34.74 -27.90 15.45
CA TYR C 256 -35.70 -28.75 16.16
C TYR C 256 -36.38 -28.01 17.30
N PHE C 257 -35.59 -27.29 18.09
CA PHE C 257 -36.12 -26.46 19.17
C PHE C 257 -37.01 -25.35 18.60
N ARG C 258 -36.51 -24.70 17.55
CA ARG C 258 -37.21 -23.61 16.84
C ARG C 258 -38.62 -24.00 16.39
N ASP C 259 -38.72 -25.10 15.65
CA ASP C 259 -40.00 -25.53 15.06
C ASP C 259 -40.99 -26.18 16.04
N ASN C 260 -40.49 -26.68 17.18
CA ASN C 260 -41.34 -27.26 18.23
C ASN C 260 -41.53 -26.34 19.45
N GLY C 261 -41.71 -25.04 19.18
CA GLY C 261 -42.09 -24.06 20.22
C GLY C 261 -41.17 -23.92 21.41
N LYS C 262 -39.86 -23.99 21.16
CA LYS C 262 -38.84 -23.73 22.19
C LYS C 262 -37.73 -22.85 21.61
N HIS C 263 -36.94 -22.25 22.49
CA HIS C 263 -35.93 -21.26 22.10
C HIS C 263 -34.52 -21.83 22.24
N ALA C 264 -33.67 -21.54 21.24
CA ALA C 264 -32.31 -22.08 21.18
C ALA C 264 -31.28 -21.05 20.72
N LEU C 265 -30.06 -21.20 21.22
CA LEU C 265 -28.90 -20.39 20.79
C LEU C 265 -27.92 -21.31 20.06
N ILE C 266 -27.21 -20.76 19.08
CA ILE C 266 -26.16 -21.48 18.38
C ILE C 266 -24.97 -20.57 18.10
N ILE C 267 -23.77 -21.09 18.33
CA ILE C 267 -22.53 -20.34 18.17
C ILE C 267 -21.64 -21.07 17.17
N TYR C 268 -21.41 -20.45 16.02
CA TYR C 268 -20.49 -20.97 15.01
C TYR C 268 -19.11 -20.35 15.25
N ASP C 269 -18.21 -21.14 15.83
CA ASP C 269 -16.88 -20.66 16.26
C ASP C 269 -15.79 -21.54 15.61
N ASP C 270 -15.33 -21.22 14.40
CA ASP C 270 -15.69 -20.00 13.66
C ASP C 270 -15.87 -20.26 12.18
N LEU C 271 -16.53 -19.32 11.51
CA LEU C 271 -16.88 -19.45 10.10
C LEU C 271 -15.74 -19.11 9.12
N SER C 272 -14.67 -18.47 9.61
CA SER C 272 -13.44 -18.30 8.81
C SER C 272 -12.79 -19.64 8.55
N LYS C 273 -12.65 -20.44 9.62
CA LYS C 273 -12.13 -21.82 9.51
C LYS C 273 -13.03 -22.74 8.67
N GLN C 274 -14.34 -22.49 8.70
CA GLN C 274 -15.29 -23.18 7.80
C GLN C 274 -15.06 -22.80 6.33
N ALA C 275 -14.81 -21.51 6.08
CA ALA C 275 -14.59 -21.02 4.71
C ALA C 275 -13.31 -21.58 4.07
N VAL C 276 -12.29 -21.81 4.90
CA VAL C 276 -11.05 -22.45 4.45
C VAL C 276 -11.32 -23.91 4.04
N ALA C 277 -12.13 -24.61 4.83
CA ALA C 277 -12.51 -26.00 4.53
C ALA C 277 -13.34 -26.10 3.26
N TYR C 278 -14.28 -25.18 3.08
CA TYR C 278 -15.12 -25.15 1.86
C TYR C 278 -14.30 -24.81 0.62
N ARG C 279 -13.33 -23.91 0.77
CA ARG C 279 -12.40 -23.56 -0.30
C ARG C 279 -11.61 -24.79 -0.78
N GLN C 280 -11.15 -25.60 0.18
CA GLN C 280 -10.37 -26.80 -0.13
C GLN C 280 -11.17 -27.80 -0.97
N MET C 281 -12.40 -28.10 -0.53
CA MET C 281 -13.31 -28.96 -1.29
C MET C 281 -13.54 -28.43 -2.71
N SER C 282 -13.89 -27.15 -2.79
CA SER C 282 -14.26 -26.51 -4.05
C SER C 282 -13.08 -26.46 -5.03
N LEU C 283 -11.90 -26.11 -4.54
CA LEU C 283 -10.69 -26.09 -5.35
C LEU C 283 -10.31 -27.49 -5.87
N LEU C 284 -10.42 -28.49 -5.01
CA LEU C 284 -10.09 -29.88 -5.37
C LEU C 284 -11.18 -30.55 -6.23
N LEU C 285 -12.38 -29.98 -6.25
CA LEU C 285 -13.41 -30.35 -7.23
C LEU C 285 -13.27 -29.60 -8.56
N ARG C 286 -12.15 -28.89 -8.75
CA ARG C 286 -11.82 -28.17 -9.98
C ARG C 286 -12.82 -27.06 -10.33
N ARG C 287 -13.43 -26.45 -9.30
CA ARG C 287 -14.31 -25.29 -9.49
C ARG C 287 -13.44 -24.05 -9.48
N PRO C 288 -13.46 -23.24 -10.57
CA PRO C 288 -12.58 -22.06 -10.64
C PRO C 288 -12.82 -21.09 -9.47
N PRO C 289 -11.74 -20.74 -8.74
CA PRO C 289 -11.90 -19.85 -7.58
C PRO C 289 -12.05 -18.38 -7.97
N GLY C 290 -12.74 -17.62 -7.12
CA GLY C 290 -12.96 -16.19 -7.33
C GLY C 290 -12.01 -15.35 -6.50
N ARG C 291 -12.57 -14.50 -5.63
CA ARG C 291 -11.78 -13.54 -4.85
C ARG C 291 -10.99 -14.25 -3.75
N GLU C 292 -9.70 -13.94 -3.66
CA GLU C 292 -8.79 -14.47 -2.63
C GLU C 292 -8.79 -16.00 -2.54
N ALA C 293 -8.86 -16.65 -3.70
CA ALA C 293 -8.91 -18.11 -3.82
C ALA C 293 -10.19 -18.78 -3.30
N TYR C 294 -11.04 -18.06 -2.57
CA TYR C 294 -12.34 -18.59 -2.12
C TYR C 294 -13.25 -18.78 -3.32
N PRO C 295 -14.24 -19.70 -3.22
CA PRO C 295 -15.21 -19.84 -4.32
C PRO C 295 -16.06 -18.59 -4.50
N GLY C 296 -16.68 -18.47 -5.67
CA GLY C 296 -17.60 -17.37 -5.97
C GLY C 296 -18.73 -17.28 -4.97
N ASP C 297 -19.25 -18.45 -4.58
CA ASP C 297 -20.38 -18.56 -3.64
C ASP C 297 -19.99 -18.63 -2.14
N VAL C 298 -18.85 -18.03 -1.77
CA VAL C 298 -18.43 -17.97 -0.36
C VAL C 298 -19.38 -17.12 0.51
N PHE C 299 -20.02 -16.11 -0.11
CA PHE C 299 -21.09 -15.36 0.54
C PHE C 299 -22.31 -16.25 0.79
N TYR C 300 -22.72 -16.97 -0.25
CA TYR C 300 -23.86 -17.89 -0.19
C TYR C 300 -23.67 -19.02 0.83
N LEU C 301 -22.42 -19.44 1.04
CA LEU C 301 -22.07 -20.42 2.08
C LEU C 301 -22.59 -19.99 3.45
N HIS C 302 -22.28 -18.75 3.83
CA HIS C 302 -22.66 -18.19 5.13
C HIS C 302 -24.08 -17.63 5.19
N SER C 303 -24.62 -17.21 4.04
CA SER C 303 -25.96 -16.61 3.99
C SER C 303 -27.06 -17.64 4.24
N ARG C 304 -26.96 -18.81 3.60
CA ARG C 304 -27.95 -19.87 3.78
C ARG C 304 -27.91 -20.51 5.18
N LEU C 305 -26.74 -20.50 5.81
CA LEU C 305 -26.59 -20.98 7.18
C LEU C 305 -27.32 -20.06 8.17
N LEU C 306 -26.97 -18.79 8.13
CA LEU C 306 -27.44 -17.83 9.12
C LEU C 306 -28.93 -17.47 8.94
N GLU C 307 -29.41 -17.39 7.71
CA GLU C 307 -30.85 -17.17 7.43
C GLU C 307 -31.77 -18.17 8.13
N ARG C 308 -31.29 -19.40 8.33
CA ARG C 308 -32.04 -20.43 9.05
C ARG C 308 -32.26 -20.10 10.54
N ALA C 309 -31.36 -19.31 11.13
CA ALA C 309 -31.58 -18.75 12.45
C ALA C 309 -32.64 -17.66 12.32
N ALA C 310 -33.77 -17.83 13.02
CA ALA C 310 -34.94 -16.95 12.85
C ALA C 310 -35.86 -16.95 14.07
N LYS C 311 -36.84 -16.04 14.03
CA LYS C 311 -37.94 -15.96 15.02
C LYS C 311 -39.25 -16.34 14.33
N MET C 312 -39.86 -17.45 14.75
CA MET C 312 -41.10 -17.95 14.15
C MET C 312 -42.30 -17.29 14.82
N ASN C 313 -43.37 -17.10 14.05
CA ASN C 313 -44.63 -16.55 14.58
C ASN C 313 -45.40 -17.60 15.41
N ASP C 314 -46.50 -17.18 16.02
CA ASP C 314 -47.33 -18.09 16.82
C ASP C 314 -47.96 -19.21 16.00
N ALA C 315 -48.28 -18.93 14.73
CA ALA C 315 -48.81 -19.93 13.79
C ALA C 315 -47.87 -21.12 13.53
N PHE C 316 -46.56 -20.89 13.66
CA PHE C 316 -45.54 -21.95 13.54
C PHE C 316 -44.94 -22.35 14.91
N GLY C 317 -45.71 -22.18 16.00
CA GLY C 317 -45.29 -22.60 17.34
C GLY C 317 -44.65 -21.53 18.22
N GLY C 318 -44.21 -20.42 17.62
CA GLY C 318 -43.61 -19.32 18.37
C GLY C 318 -42.24 -19.58 18.96
N GLY C 319 -41.50 -20.53 18.37
CA GLY C 319 -40.12 -20.82 18.78
C GLY C 319 -39.13 -20.00 17.96
N SER C 320 -37.85 -20.11 18.31
CA SER C 320 -36.79 -19.31 17.67
C SER C 320 -35.41 -19.96 17.74
N LEU C 321 -34.56 -19.57 16.79
CA LEU C 321 -33.13 -19.92 16.81
C LEU C 321 -32.29 -18.64 16.70
N THR C 322 -31.49 -18.37 17.72
CA THR C 322 -30.61 -17.20 17.78
C THR C 322 -29.21 -17.65 17.40
N ALA C 323 -28.56 -16.93 16.48
CA ALA C 323 -27.21 -17.29 16.01
C ALA C 323 -26.12 -16.31 16.51
N LEU C 324 -24.95 -16.84 16.80
CA LEU C 324 -23.78 -16.04 17.16
C LEU C 324 -22.55 -16.55 16.40
N PRO C 325 -22.45 -16.19 15.10
CA PRO C 325 -21.26 -16.61 14.34
C PRO C 325 -20.02 -15.84 14.78
N VAL C 326 -18.85 -16.43 14.55
CA VAL C 326 -17.57 -15.81 14.86
C VAL C 326 -16.75 -15.73 13.57
N ILE C 327 -16.07 -14.59 13.38
CA ILE C 327 -15.18 -14.39 12.23
C ILE C 327 -13.87 -13.78 12.72
N GLU C 328 -12.75 -14.26 12.18
CA GLU C 328 -11.42 -13.75 12.51
C GLU C 328 -10.98 -12.73 11.46
N THR C 329 -10.48 -11.58 11.93
CA THR C 329 -9.90 -10.56 11.07
C THR C 329 -8.38 -10.61 11.14
N GLN C 330 -7.73 -9.90 10.24
CA GLN C 330 -6.26 -9.78 10.20
C GLN C 330 -5.90 -8.30 10.27
N ALA C 331 -5.08 -7.94 11.26
CA ALA C 331 -4.69 -6.54 11.52
C ALA C 331 -5.84 -5.59 11.89
N GLY C 332 -6.95 -6.14 12.38
CA GLY C 332 -8.09 -5.34 12.84
C GLY C 332 -8.89 -4.69 11.73
N ASP C 333 -8.98 -5.39 10.59
CA ASP C 333 -9.60 -4.85 9.38
C ASP C 333 -11.00 -5.46 9.17
N VAL C 334 -12.03 -4.77 9.67
CA VAL C 334 -13.43 -5.15 9.41
C VAL C 334 -13.86 -4.87 7.96
N SER C 335 -13.16 -3.97 7.27
CA SER C 335 -13.40 -3.69 5.84
C SER C 335 -12.56 -4.59 4.95
N ALA C 336 -12.78 -5.90 5.09
CA ALA C 336 -12.13 -6.94 4.29
C ALA C 336 -13.22 -7.80 3.68
N TYR C 337 -12.88 -8.54 2.62
CA TYR C 337 -13.88 -9.29 1.84
C TYR C 337 -14.75 -10.24 2.68
N ILE C 338 -14.11 -11.03 3.54
CA ILE C 338 -14.80 -12.09 4.28
C ILE C 338 -15.53 -11.54 5.53
N PRO C 339 -14.89 -10.64 6.30
CA PRO C 339 -15.65 -9.95 7.35
C PRO C 339 -16.90 -9.22 6.87
N THR C 340 -16.78 -8.42 5.81
CA THR C 340 -17.91 -7.67 5.29
C THR C 340 -19.04 -8.55 4.76
N ASN C 341 -18.69 -9.72 4.20
CA ASN C 341 -19.69 -10.72 3.79
C ASN C 341 -20.56 -11.18 4.95
N VAL C 342 -19.92 -11.53 6.06
CA VAL C 342 -20.62 -12.02 7.24
C VAL C 342 -21.32 -10.88 8.00
N ILE C 343 -20.75 -9.68 7.96
CA ILE C 343 -21.44 -8.47 8.46
C ILE C 343 -22.71 -8.20 7.63
N SER C 344 -22.63 -8.37 6.32
CA SER C 344 -23.78 -8.14 5.44
C SER C 344 -24.90 -9.19 5.55
N ILE C 345 -24.63 -10.32 6.19
CA ILE C 345 -25.65 -11.33 6.49
C ILE C 345 -26.31 -11.05 7.83
N THR C 346 -25.50 -10.92 8.88
CA THR C 346 -25.99 -10.86 10.27
C THR C 346 -26.74 -9.57 10.62
N ASP C 347 -27.56 -9.63 11.66
CA ASP C 347 -28.30 -8.48 12.20
C ASP C 347 -27.43 -7.76 13.21
N GLY C 348 -26.36 -7.14 12.72
CA GLY C 348 -25.40 -6.43 13.55
C GLY C 348 -24.19 -7.29 13.89
N GLN C 349 -23.26 -6.68 14.63
CA GLN C 349 -22.03 -7.35 15.04
C GLN C 349 -21.41 -6.70 16.28
N ILE C 350 -20.52 -7.45 16.91
CA ILE C 350 -19.77 -7.02 18.08
C ILE C 350 -18.29 -7.07 17.66
N PHE C 351 -17.75 -5.92 17.26
CA PHE C 351 -16.35 -5.84 16.84
C PHE C 351 -15.43 -5.59 18.03
N LEU C 352 -14.43 -6.46 18.19
CA LEU C 352 -13.41 -6.35 19.24
C LEU C 352 -12.08 -5.89 18.66
N GLU C 353 -11.28 -5.21 19.49
CA GLU C 353 -9.96 -4.71 19.08
C GLU C 353 -8.89 -5.04 20.11
N THR C 354 -7.70 -5.40 19.62
CA THR C 354 -6.53 -5.63 20.49
C THR C 354 -6.06 -4.35 21.18
N GLU C 355 -6.18 -3.20 20.50
CA GLU C 355 -5.83 -1.90 21.09
C GLU C 355 -6.65 -1.67 22.37
N LEU C 356 -7.96 -1.82 22.27
CA LEU C 356 -8.86 -1.67 23.41
C LEU C 356 -8.68 -2.76 24.46
N PHE C 357 -8.37 -3.98 24.03
CA PHE C 357 -8.16 -5.11 24.94
C PHE C 357 -7.07 -4.83 25.98
N TYR C 358 -5.87 -4.49 25.50
CA TYR C 358 -4.72 -4.28 26.38
C TYR C 358 -4.78 -2.97 27.17
N LYS C 359 -5.54 -1.98 26.67
CA LYS C 359 -5.81 -0.74 27.42
C LYS C 359 -6.64 -0.95 28.70
N GLY C 360 -7.27 -2.13 28.85
CA GLY C 360 -8.07 -2.44 30.02
C GLY C 360 -9.55 -2.51 29.70
N ILE C 361 -9.93 -2.04 28.50
CA ILE C 361 -11.33 -2.10 28.05
C ILE C 361 -11.59 -3.57 27.71
N ARG C 362 -12.13 -4.30 28.69
CA ARG C 362 -12.47 -5.71 28.54
C ARG C 362 -13.90 -5.92 29.07
N PRO C 363 -14.86 -6.33 28.24
CA PRO C 363 -14.67 -6.70 26.83
C PRO C 363 -14.29 -5.51 25.94
N ALA C 364 -13.48 -5.80 24.91
CA ALA C 364 -12.84 -4.77 24.09
C ALA C 364 -13.69 -4.34 22.91
N ILE C 365 -14.95 -3.98 23.19
CA ILE C 365 -15.93 -3.72 22.14
C ILE C 365 -15.79 -2.28 21.66
N ASN C 366 -15.50 -2.13 20.38
CA ASN C 366 -15.55 -0.83 19.72
C ASN C 366 -17.01 -0.45 19.57
N VAL C 367 -17.38 0.72 20.12
CA VAL C 367 -18.79 1.13 20.24
C VAL C 367 -19.36 1.58 18.90
N GLY C 368 -18.58 2.37 18.16
CA GLY C 368 -19.01 2.90 16.86
C GLY C 368 -19.14 1.87 15.76
N LEU C 369 -18.13 1.00 15.65
CA LEU C 369 -18.09 -0.02 14.60
C LEU C 369 -19.08 -1.16 14.84
N SER C 370 -19.36 -1.47 16.10
CA SER C 370 -20.40 -2.46 16.47
C SER C 370 -21.78 -1.86 16.31
N VAL C 371 -22.72 -2.67 15.83
CA VAL C 371 -24.14 -2.28 15.74
C VAL C 371 -25.07 -3.44 16.09
N SER C 372 -26.34 -3.10 16.28
CA SER C 372 -27.42 -4.08 16.44
C SER C 372 -28.62 -3.57 15.66
N ARG C 373 -29.24 -4.45 14.88
CA ARG C 373 -30.25 -4.06 13.90
C ARG C 373 -31.69 -4.34 14.32
N VAL C 374 -31.87 -4.98 15.46
CA VAL C 374 -33.18 -5.05 16.11
C VAL C 374 -33.33 -3.89 17.08
N GLY C 375 -32.25 -3.58 17.82
CA GLY C 375 -32.20 -2.37 18.66
C GLY C 375 -32.99 -2.52 19.94
N SER C 376 -33.61 -1.42 20.38
CA SER C 376 -34.35 -1.39 21.65
C SER C 376 -35.59 -2.29 21.67
N ALA C 377 -36.06 -2.73 20.50
CA ALA C 377 -37.09 -3.77 20.42
C ALA C 377 -36.66 -5.08 21.11
N ALA C 378 -35.36 -5.39 21.08
CA ALA C 378 -34.81 -6.59 21.73
C ALA C 378 -34.44 -6.43 23.21
N GLN C 379 -34.57 -5.20 23.75
CA GLN C 379 -34.27 -4.92 25.15
C GLN C 379 -35.54 -4.95 25.99
N THR C 380 -35.37 -5.06 27.30
CA THR C 380 -36.46 -4.83 28.25
C THR C 380 -36.68 -3.32 28.38
N ARG C 381 -37.82 -2.94 28.94
CA ARG C 381 -38.16 -1.53 29.14
C ARG C 381 -37.19 -0.86 30.14
N ALA C 382 -36.71 -1.63 31.12
CA ALA C 382 -35.77 -1.14 32.13
C ALA C 382 -34.44 -0.69 31.53
N MET C 383 -33.86 -1.55 30.69
CA MET C 383 -32.61 -1.25 29.97
C MET C 383 -32.80 -0.13 28.93
N LYS C 384 -33.98 -0.09 28.31
CA LYS C 384 -34.31 0.96 27.34
C LYS C 384 -34.28 2.38 27.93
N GLN C 385 -34.63 2.51 29.21
CA GLN C 385 -34.58 3.79 29.92
C GLN C 385 -33.14 4.27 30.14
N VAL C 386 -32.36 3.44 30.82
CA VAL C 386 -30.99 3.82 31.22
C VAL C 386 -29.97 3.84 30.07
N ALA C 387 -30.16 2.97 29.08
CA ALA C 387 -29.31 2.92 27.88
C ALA C 387 -30.14 3.17 26.64
N GLY C 388 -30.80 4.33 26.62
CA GLY C 388 -31.67 4.73 25.51
C GLY C 388 -30.90 5.48 24.43
N THR C 389 -30.09 6.44 24.84
CA THR C 389 -29.24 7.22 23.94
C THR C 389 -27.75 7.05 24.30
N MET C 390 -27.40 5.87 24.82
CA MET C 390 -26.03 5.61 25.29
C MET C 390 -25.10 5.20 24.14
N LYS C 391 -25.63 4.46 23.17
CA LYS C 391 -24.84 3.95 22.04
C LYS C 391 -24.24 5.07 21.20
N LEU C 392 -25.07 6.05 20.84
CA LEU C 392 -24.63 7.18 20.02
C LEU C 392 -23.75 8.18 20.79
N GLU C 393 -24.09 8.39 22.06
CA GLU C 393 -23.33 9.31 22.93
C GLU C 393 -21.88 8.83 23.14
N LEU C 394 -21.70 7.51 23.27
CA LEU C 394 -20.35 6.92 23.40
C LEU C 394 -19.52 6.97 22.12
N ALA C 395 -20.19 6.96 20.96
CA ALA C 395 -19.52 7.14 19.66
C ALA C 395 -18.98 8.56 19.50
N GLN C 396 -19.80 9.54 19.88
CA GLN C 396 -19.39 10.96 19.89
C GLN C 396 -18.31 11.27 20.92
N TYR C 397 -18.33 10.57 22.07
CA TYR C 397 -17.27 10.69 23.08
C TYR C 397 -15.89 10.33 22.52
N ARG C 398 -15.81 9.22 21.81
CA ARG C 398 -14.53 8.79 21.19
C ARG C 398 -14.08 9.74 20.07
N GLU C 399 -15.04 10.37 19.39
CA GLU C 399 -14.74 11.40 18.38
C GLU C 399 -14.16 12.65 19.03
N VAL C 400 -14.83 13.15 20.07
CA VAL C 400 -14.43 14.38 20.76
C VAL C 400 -13.15 14.18 21.61
N ALA C 401 -13.03 13.02 22.26
CA ALA C 401 -11.83 12.69 23.05
C ALA C 401 -10.58 12.58 22.18
N ALA C 402 -10.73 11.95 21.01
CA ALA C 402 -9.65 11.86 20.03
C ALA C 402 -9.33 13.20 19.35
N PHE C 403 -10.36 14.04 19.18
CA PHE C 403 -10.19 15.37 18.60
C PHE C 403 -9.35 16.29 19.48
N ALA C 404 -9.74 16.42 20.74
CA ALA C 404 -9.05 17.29 21.70
C ALA C 404 -8.04 16.50 22.56
N GLN C 405 -7.02 15.95 21.89
CA GLN C 405 -5.91 15.26 22.58
C GLN C 405 -4.92 16.29 23.12
N PHE C 406 -4.57 17.25 22.27
CA PHE C 406 -3.88 18.49 22.68
C PHE C 406 -4.57 19.18 23.87
N GLY C 407 -3.77 19.83 24.72
CA GLY C 407 -4.26 20.44 25.97
C GLY C 407 -4.72 21.89 25.83
N SER C 408 -5.75 22.10 25.01
CA SER C 408 -6.34 23.44 24.81
C SER C 408 -7.56 23.63 25.70
N ASP C 409 -7.98 24.89 25.85
CA ASP C 409 -9.18 25.23 26.63
C ASP C 409 -10.45 24.87 25.85
N LEU C 410 -11.49 24.43 26.58
CA LEU C 410 -12.76 24.02 25.99
C LEU C 410 -13.92 24.52 26.85
N ASP C 411 -15.11 24.61 26.23
CA ASP C 411 -16.32 25.02 26.94
C ASP C 411 -16.84 23.92 27.88
N ALA C 412 -17.77 24.29 28.76
CA ALA C 412 -18.28 23.37 29.80
C ALA C 412 -19.12 22.21 29.27
N ALA C 413 -19.76 22.40 28.11
CA ALA C 413 -20.60 21.36 27.50
C ALA C 413 -19.79 20.18 26.93
N THR C 414 -18.65 20.48 26.32
CA THR C 414 -17.79 19.44 25.73
C THR C 414 -16.94 18.71 26.76
N GLN C 415 -16.48 19.42 27.80
CA GLN C 415 -15.76 18.78 28.93
C GLN C 415 -16.69 17.92 29.80
N GLN C 416 -17.98 18.22 29.78
CA GLN C 416 -19.00 17.37 30.41
C GLN C 416 -19.17 16.06 29.66
N LEU C 417 -19.22 16.13 28.33
CA LEU C 417 -19.28 14.95 27.46
C LEU C 417 -18.08 14.02 27.65
N LEU C 418 -16.89 14.62 27.76
CA LEU C 418 -15.66 13.88 28.08
C LEU C 418 -15.72 13.29 29.49
N SER C 419 -16.16 14.09 30.46
CA SER C 419 -16.31 13.63 31.84
C SER C 419 -17.32 12.48 31.95
N ARG C 420 -18.42 12.58 31.23
CA ARG C 420 -19.45 11.53 31.20
C ARG C 420 -18.95 10.28 30.48
N GLY C 421 -18.44 10.46 29.27
CA GLY C 421 -18.01 9.37 28.41
C GLY C 421 -16.91 8.48 28.97
N VAL C 422 -15.98 9.08 29.71
CA VAL C 422 -14.88 8.33 30.35
C VAL C 422 -15.42 7.33 31.37
N ARG C 423 -16.35 7.79 32.21
CA ARG C 423 -16.87 6.97 33.31
C ARG C 423 -17.95 5.97 32.89
N LEU C 424 -18.63 6.22 31.77
CA LEU C 424 -19.51 5.22 31.16
C LEU C 424 -18.72 4.05 30.57
N THR C 425 -17.54 4.34 30.02
CA THR C 425 -16.63 3.30 29.52
C THR C 425 -16.11 2.40 30.65
N GLU C 426 -15.85 2.97 31.81
CA GLU C 426 -15.39 2.22 32.99
C GLU C 426 -16.47 1.32 33.59
N LEU C 427 -17.74 1.70 33.44
CA LEU C 427 -18.87 0.85 33.85
C LEU C 427 -19.03 -0.37 32.93
N LEU C 428 -18.88 -0.16 31.62
CA LEU C 428 -19.03 -1.23 30.63
C LEU C 428 -17.87 -2.24 30.62
N LYS C 429 -16.77 -1.93 31.32
CA LYS C 429 -15.75 -2.95 31.64
C LYS C 429 -16.39 -4.05 32.49
N GLN C 430 -16.00 -5.30 32.24
CA GLN C 430 -16.59 -6.44 32.93
C GLN C 430 -15.70 -7.67 32.81
N GLY C 431 -15.55 -8.39 33.92
CA GLY C 431 -14.82 -9.66 33.93
C GLY C 431 -15.61 -10.78 33.29
N GLN C 432 -15.04 -11.97 33.29
CA GLN C 432 -15.65 -13.14 32.64
C GLN C 432 -16.01 -14.23 33.66
N TYR C 433 -16.81 -15.20 33.21
CA TYR C 433 -17.33 -16.30 34.04
C TYR C 433 -18.22 -15.82 35.20
N SER C 434 -18.90 -14.69 35.00
CA SER C 434 -19.82 -14.11 35.97
C SER C 434 -20.78 -13.15 35.26
N PRO C 435 -21.70 -13.70 34.43
CA PRO C 435 -22.66 -12.86 33.71
C PRO C 435 -23.76 -12.31 34.62
N MET C 436 -24.14 -11.06 34.41
CA MET C 436 -25.07 -10.33 35.29
C MET C 436 -26.51 -10.40 34.78
N ALA C 437 -27.47 -10.41 35.71
CA ALA C 437 -28.89 -10.39 35.36
C ALA C 437 -29.30 -9.01 34.89
N ILE C 438 -30.37 -8.95 34.09
CA ILE C 438 -30.84 -7.70 33.47
C ILE C 438 -31.07 -6.56 34.47
N GLU C 439 -31.63 -6.88 35.65
CA GLU C 439 -31.88 -5.89 36.70
C GLU C 439 -30.61 -5.32 37.32
N GLU C 440 -29.62 -6.18 37.54
CA GLU C 440 -28.34 -5.77 38.13
C GLU C 440 -27.51 -4.92 37.16
N GLN C 441 -27.65 -5.18 35.87
CA GLN C 441 -27.11 -4.33 34.81
C GLN C 441 -27.77 -2.96 34.83
N VAL C 442 -29.09 -2.94 34.93
CA VAL C 442 -29.88 -1.69 34.99
C VAL C 442 -29.52 -0.84 36.21
N ALA C 443 -29.25 -1.50 37.34
CA ALA C 443 -28.85 -0.81 38.57
C ALA C 443 -27.53 -0.06 38.43
N VAL C 444 -26.50 -0.75 37.93
CA VAL C 444 -25.16 -0.15 37.81
C VAL C 444 -25.04 0.90 36.70
N ILE C 445 -25.78 0.71 35.59
CA ILE C 445 -25.81 1.68 34.49
C ILE C 445 -26.52 2.98 34.93
N TYR C 446 -27.49 2.86 35.84
CA TYR C 446 -28.21 4.02 36.41
C TYR C 446 -27.26 5.10 36.94
N ALA C 447 -26.30 4.67 37.77
CA ALA C 447 -25.36 5.59 38.44
C ALA C 447 -24.55 6.44 37.47
N GLY C 448 -24.08 5.81 36.39
CA GLY C 448 -23.28 6.50 35.38
C GLY C 448 -24.09 7.44 34.51
N VAL C 449 -25.18 6.93 33.94
CA VAL C 449 -25.98 7.71 32.98
C VAL C 449 -26.76 8.87 33.62
N ARG C 450 -27.23 8.70 34.86
CA ARG C 450 -27.93 9.77 35.58
C ARG C 450 -26.98 10.79 36.25
N GLY C 451 -25.67 10.55 36.16
CA GLY C 451 -24.66 11.57 36.42
C GLY C 451 -24.01 11.59 37.79
N TYR C 452 -24.20 10.52 38.57
CA TYR C 452 -23.67 10.47 39.94
C TYR C 452 -22.16 10.20 40.00
N LEU C 453 -21.60 9.61 38.95
CA LEU C 453 -20.17 9.27 38.90
C LEU C 453 -19.26 10.42 38.47
N ASP C 454 -19.83 11.46 37.87
CA ASP C 454 -19.08 12.52 37.15
C ASP C 454 -17.92 13.16 37.93
N LYS C 455 -18.14 13.44 39.22
CA LYS C 455 -17.13 14.10 40.06
C LYS C 455 -16.00 13.17 40.54
N LEU C 456 -16.25 11.85 40.53
CA LEU C 456 -15.25 10.86 40.97
C LEU C 456 -14.12 10.70 39.94
N GLU C 457 -12.99 10.18 40.41
CA GLU C 457 -11.84 9.94 39.54
C GLU C 457 -12.07 8.69 38.68
N PRO C 458 -11.69 8.72 37.38
CA PRO C 458 -11.87 7.58 36.47
C PRO C 458 -11.35 6.23 36.99
N SER C 459 -10.19 6.25 37.63
CA SER C 459 -9.54 5.03 38.13
C SER C 459 -10.31 4.30 39.25
N LYS C 460 -11.18 5.01 39.98
CA LYS C 460 -11.96 4.42 41.06
C LYS C 460 -13.40 4.02 40.68
N ILE C 461 -13.74 4.06 39.39
CA ILE C 461 -15.11 3.75 38.93
C ILE C 461 -15.43 2.25 39.03
N THR C 462 -14.44 1.40 38.72
CA THR C 462 -14.59 -0.05 38.86
C THR C 462 -14.73 -0.47 40.33
N LYS C 463 -14.07 0.26 41.23
CA LYS C 463 -14.19 0.03 42.67
C LYS C 463 -15.58 0.45 43.18
N PHE C 464 -16.07 1.59 42.69
CA PHE C 464 -17.43 2.07 42.99
C PHE C 464 -18.49 1.04 42.60
N GLU C 465 -18.37 0.50 41.40
CA GLU C 465 -19.36 -0.43 40.85
C GLU C 465 -19.47 -1.72 41.68
N ASN C 466 -18.33 -2.27 42.07
CA ASN C 466 -18.29 -3.51 42.87
C ASN C 466 -18.89 -3.31 44.26
N ALA C 467 -18.59 -2.18 44.88
CA ALA C 467 -19.15 -1.81 46.19
C ALA C 467 -20.65 -1.50 46.10
N PHE C 468 -21.07 -0.84 45.02
CA PHE C 468 -22.48 -0.54 44.78
C PHE C 468 -23.31 -1.79 44.46
N LEU C 469 -22.74 -2.69 43.67
CA LEU C 469 -23.41 -3.92 43.25
C LEU C 469 -23.62 -4.89 44.41
N SER C 470 -22.57 -5.11 45.21
CA SER C 470 -22.64 -5.98 46.39
C SER C 470 -23.56 -5.44 47.49
N HIS C 471 -23.70 -4.11 47.55
CA HIS C 471 -24.62 -3.46 48.50
C HIS C 471 -26.08 -3.70 48.13
N VAL C 472 -26.44 -3.46 46.86
CA VAL C 472 -27.82 -3.68 46.39
C VAL C 472 -28.23 -5.15 46.39
N ILE C 473 -27.27 -6.05 46.17
CA ILE C 473 -27.49 -7.49 46.32
C ILE C 473 -27.77 -7.87 47.78
N SER C 474 -27.06 -7.23 48.71
CA SER C 474 -27.23 -7.50 50.14
C SER C 474 -28.59 -7.04 50.68
N GLN C 475 -28.83 -5.73 50.67
CA GLN C 475 -30.01 -5.13 51.31
C GLN C 475 -31.22 -5.07 50.39
N HIS C 476 -31.07 -4.44 49.22
CA HIS C 476 -32.20 -4.11 48.34
C HIS C 476 -32.55 -5.23 47.34
N GLN C 477 -32.94 -6.39 47.86
CA GLN C 477 -33.40 -7.50 47.01
C GLN C 477 -34.85 -7.29 46.53
N ALA C 478 -35.64 -6.54 47.30
CA ALA C 478 -37.00 -6.17 46.89
C ALA C 478 -37.00 -5.27 45.66
N LEU C 479 -36.08 -4.29 45.63
CA LEU C 479 -35.97 -3.33 44.52
C LEU C 479 -35.46 -3.99 43.24
N LEU C 480 -34.40 -4.79 43.36
CA LEU C 480 -33.88 -5.60 42.24
C LEU C 480 -34.93 -6.61 41.76
N GLY C 481 -35.59 -7.25 42.72
CA GLY C 481 -36.69 -8.18 42.43
C GLY C 481 -37.88 -7.53 41.75
N LYS C 482 -38.19 -6.30 42.13
CA LYS C 482 -39.30 -5.55 41.52
C LYS C 482 -39.03 -5.15 40.07
N ILE C 483 -37.76 -4.87 39.75
CA ILE C 483 -37.34 -4.59 38.37
C ILE C 483 -37.34 -5.89 37.53
N ARG C 484 -36.96 -7.02 38.15
CA ARG C 484 -37.01 -8.33 37.49
C ARG C 484 -38.44 -8.80 37.22
N THR C 485 -39.36 -8.54 38.15
CA THR C 485 -40.77 -8.94 38.01
C THR C 485 -41.50 -8.07 36.98
N ASP C 486 -41.39 -6.75 37.15
CA ASP C 486 -42.07 -5.80 36.27
C ASP C 486 -41.42 -5.71 34.90
N GLY C 487 -40.09 -5.63 34.89
CA GLY C 487 -39.31 -5.44 33.66
C GLY C 487 -39.24 -3.97 33.27
N LYS C 488 -39.11 -3.11 34.26
CA LYS C 488 -39.06 -1.65 34.06
C LYS C 488 -38.62 -0.93 35.33
N ILE C 489 -38.31 0.36 35.20
CA ILE C 489 -38.01 1.23 36.34
C ILE C 489 -39.21 2.16 36.55
N SER C 490 -39.97 1.89 37.60
CA SER C 490 -41.09 2.75 37.99
C SER C 490 -40.58 4.03 38.65
N GLU C 491 -41.48 5.01 38.82
CA GLU C 491 -41.16 6.26 39.52
C GLU C 491 -40.97 6.06 41.02
N GLU C 492 -41.50 4.95 41.56
CA GLU C 492 -41.19 4.49 42.91
C GLU C 492 -39.75 3.99 42.99
N SER C 493 -39.40 3.06 42.09
CA SER C 493 -38.04 2.49 42.02
C SER C 493 -36.97 3.52 41.62
N ASP C 494 -37.36 4.50 40.81
CA ASP C 494 -36.48 5.62 40.45
C ASP C 494 -36.12 6.46 41.69
N ALA C 495 -37.12 6.70 42.55
CA ALA C 495 -36.92 7.45 43.80
C ALA C 495 -36.08 6.69 44.83
N LYS C 496 -36.22 5.36 44.87
CA LYS C 496 -35.40 4.52 45.75
C LYS C 496 -33.94 4.50 45.32
N LEU C 497 -33.69 4.30 44.02
CA LEU C 497 -32.33 4.35 43.47
C LEU C 497 -31.68 5.74 43.66
N LYS C 498 -32.47 6.79 43.45
CA LYS C 498 -32.02 8.17 43.68
C LYS C 498 -31.55 8.42 45.11
N GLU C 499 -32.27 7.87 46.08
CA GLU C 499 -31.90 7.96 47.50
C GLU C 499 -30.68 7.10 47.82
N ILE C 500 -30.63 5.89 47.24
CA ILE C 500 -29.51 4.96 47.49
C ILE C 500 -28.19 5.49 46.94
N VAL C 501 -28.16 5.88 45.67
CA VAL C 501 -26.92 6.32 45.03
C VAL C 501 -26.34 7.64 45.60
N THR C 502 -27.21 8.58 45.96
CA THR C 502 -26.77 9.89 46.50
C THR C 502 -26.11 9.74 47.87
N ASN C 503 -26.74 8.96 48.74
CA ASN C 503 -26.16 8.63 50.06
C ASN C 503 -24.93 7.74 49.96
N PHE C 504 -24.88 6.87 48.95
CA PHE C 504 -23.72 6.04 48.66
C PHE C 504 -22.54 6.87 48.14
N LEU C 505 -22.83 7.82 47.26
CA LEU C 505 -21.81 8.69 46.65
C LEU C 505 -21.08 9.55 47.68
N ALA C 506 -21.82 10.11 48.63
CA ALA C 506 -21.26 10.93 49.71
C ALA C 506 -20.28 10.16 50.58
N GLY C 507 -20.54 8.86 50.78
CA GLY C 507 -19.61 7.96 51.45
C GLY C 507 -18.33 7.71 50.68
N PHE C 508 -18.46 7.51 49.37
CA PHE C 508 -17.31 7.22 48.50
C PHE C 508 -16.41 8.44 48.28
N GLU C 509 -17.02 9.62 48.06
CA GLU C 509 -16.28 10.88 47.84
C GLU C 509 -15.42 11.33 49.03
N ALA C 510 -15.82 10.98 50.25
CA ALA C 510 -15.07 11.32 51.46
C ALA C 510 -13.81 10.44 51.60
N THR D 13 -40.83 -29.15 -26.26
CA THR D 13 -40.14 -30.46 -26.46
C THR D 13 -39.45 -30.97 -25.18
N THR D 14 -39.30 -32.29 -25.09
CA THR D 14 -38.72 -32.94 -23.91
C THR D 14 -37.20 -33.09 -24.06
N GLY D 15 -36.47 -32.86 -22.97
CA GLY D 15 -35.02 -33.05 -22.89
C GLY D 15 -34.65 -33.85 -21.65
N ARG D 16 -33.35 -34.00 -21.42
CA ARG D 16 -32.82 -34.80 -20.29
C ARG D 16 -31.64 -34.08 -19.63
N ILE D 17 -31.58 -34.14 -18.29
CA ILE D 17 -30.45 -33.56 -17.55
C ILE D 17 -29.21 -34.42 -17.79
N VAL D 18 -28.08 -33.77 -18.06
CA VAL D 18 -26.79 -34.44 -18.29
C VAL D 18 -25.68 -34.09 -17.29
N ALA D 19 -25.81 -32.96 -16.58
CA ALA D 19 -24.85 -32.57 -15.54
C ALA D 19 -25.47 -31.61 -14.53
N VAL D 20 -25.03 -31.70 -13.27
CA VAL D 20 -25.48 -30.81 -12.18
C VAL D 20 -24.30 -30.50 -11.26
N ILE D 21 -23.80 -29.26 -11.33
CA ILE D 21 -22.71 -28.79 -10.47
C ILE D 21 -23.17 -27.49 -9.82
N GLY D 22 -23.64 -27.59 -8.57
CA GLY D 22 -24.21 -26.44 -7.87
C GLY D 22 -25.50 -25.98 -8.54
N ALA D 23 -25.63 -24.67 -8.75
CA ALA D 23 -26.81 -24.10 -9.42
C ALA D 23 -26.83 -24.30 -10.94
N VAL D 24 -25.68 -24.65 -11.54
CA VAL D 24 -25.58 -24.83 -12.99
C VAL D 24 -25.96 -26.25 -13.39
N VAL D 25 -26.95 -26.36 -14.30
CA VAL D 25 -27.48 -27.65 -14.76
C VAL D 25 -27.48 -27.71 -16.29
N ASP D 26 -26.82 -28.74 -16.84
CA ASP D 26 -26.77 -28.96 -18.30
C ASP D 26 -27.89 -29.92 -18.70
N VAL D 27 -28.53 -29.63 -19.84
CA VAL D 27 -29.68 -30.39 -20.34
C VAL D 27 -29.48 -30.68 -21.83
N GLN D 28 -29.75 -31.92 -22.24
CA GLN D 28 -29.60 -32.36 -23.63
C GLN D 28 -30.97 -32.66 -24.26
N PHE D 29 -31.15 -32.21 -25.51
CA PHE D 29 -32.38 -32.38 -26.27
C PHE D 29 -32.09 -33.14 -27.56
N ASP D 30 -32.88 -34.19 -27.83
CA ASP D 30 -32.70 -35.01 -29.05
C ASP D 30 -33.11 -34.24 -30.31
N GLU D 31 -34.30 -33.63 -30.28
CA GLU D 31 -34.89 -32.98 -31.44
C GLU D 31 -34.91 -31.44 -31.32
N GLY D 32 -35.84 -30.91 -30.52
CA GLY D 32 -36.04 -29.45 -30.43
C GLY D 32 -35.19 -28.81 -29.35
N LEU D 33 -34.13 -28.10 -29.76
CA LEU D 33 -33.21 -27.44 -28.84
C LEU D 33 -33.74 -26.05 -28.45
N PRO D 34 -33.95 -25.79 -27.14
CA PRO D 34 -34.55 -24.53 -26.72
C PRO D 34 -33.57 -23.35 -26.76
N PRO D 35 -34.05 -22.13 -27.05
CA PRO D 35 -33.16 -20.98 -27.16
C PRO D 35 -32.76 -20.41 -25.80
N ILE D 36 -31.89 -19.39 -25.83
CA ILE D 36 -31.39 -18.74 -24.62
C ILE D 36 -32.51 -17.88 -23.99
N LEU D 37 -32.50 -17.80 -22.66
CA LEU D 37 -33.52 -17.14 -21.83
C LEU D 37 -34.83 -17.91 -21.62
N ASN D 38 -35.05 -19.02 -22.32
CA ASN D 38 -36.28 -19.81 -22.15
C ASN D 38 -36.29 -20.57 -20.82
N ALA D 39 -37.44 -20.51 -20.14
CA ALA D 39 -37.64 -21.23 -18.90
C ALA D 39 -37.93 -22.69 -19.22
N LEU D 40 -37.19 -23.59 -18.57
CA LEU D 40 -37.41 -25.03 -18.70
C LEU D 40 -37.97 -25.56 -17.38
N GLU D 41 -39.07 -26.31 -17.46
CA GLU D 41 -39.73 -26.87 -16.28
C GLU D 41 -39.20 -28.27 -15.99
N VAL D 42 -38.66 -28.47 -14.79
CA VAL D 42 -38.11 -29.77 -14.38
C VAL D 42 -39.23 -30.64 -13.85
N GLN D 43 -39.31 -31.87 -14.36
CA GLN D 43 -40.34 -32.83 -13.95
C GLN D 43 -39.84 -33.72 -12.82
N GLY D 44 -40.76 -34.40 -12.16
CA GLY D 44 -40.46 -35.24 -11.01
C GLY D 44 -40.09 -34.49 -9.73
N ARG D 45 -40.53 -33.23 -9.63
CA ARG D 45 -40.25 -32.39 -8.47
C ARG D 45 -41.56 -32.06 -7.76
N GLU D 46 -41.52 -32.04 -6.42
CA GLU D 46 -42.69 -31.71 -5.61
C GLU D 46 -43.04 -30.24 -5.78
N THR D 47 -42.05 -29.37 -5.56
CA THR D 47 -42.15 -27.93 -5.83
C THR D 47 -41.71 -27.63 -7.26
N ARG D 48 -42.16 -26.50 -7.78
CA ARG D 48 -41.82 -26.08 -9.15
C ARG D 48 -40.36 -25.61 -9.22
N LEU D 49 -39.63 -26.14 -10.20
CA LEU D 49 -38.20 -25.85 -10.38
C LEU D 49 -37.93 -25.39 -11.82
N VAL D 50 -37.67 -24.10 -11.99
CA VAL D 50 -37.38 -23.53 -13.30
C VAL D 50 -35.86 -23.50 -13.53
N LEU D 51 -35.46 -23.75 -14.78
CA LEU D 51 -34.07 -23.60 -15.23
C LEU D 51 -34.09 -22.67 -16.44
N GLU D 52 -33.40 -21.54 -16.34
CA GLU D 52 -33.31 -20.61 -17.48
C GLU D 52 -32.09 -20.94 -18.31
N VAL D 53 -32.28 -21.07 -19.63
CA VAL D 53 -31.20 -21.43 -20.55
C VAL D 53 -30.29 -20.22 -20.71
N ALA D 54 -29.04 -20.37 -20.27
CA ALA D 54 -28.04 -19.30 -20.32
C ALA D 54 -27.16 -19.38 -21.57
N GLN D 55 -26.68 -20.58 -21.88
CA GLN D 55 -25.77 -20.81 -23.00
C GLN D 55 -26.15 -22.05 -23.81
N HIS D 56 -25.59 -22.12 -25.02
CA HIS D 56 -25.65 -23.32 -25.85
C HIS D 56 -24.22 -23.86 -25.97
N LEU D 57 -24.00 -25.04 -25.40
CA LEU D 57 -22.67 -25.64 -25.34
C LEU D 57 -22.25 -26.34 -26.64
N GLY D 58 -23.24 -26.82 -27.40
CA GLY D 58 -22.99 -27.63 -28.60
C GLY D 58 -23.40 -29.07 -28.36
N GLU D 59 -23.39 -29.87 -29.43
CA GLU D 59 -23.77 -31.29 -29.39
C GLU D 59 -25.20 -31.48 -28.83
N SER D 60 -26.13 -30.67 -29.32
CA SER D 60 -27.54 -30.70 -28.89
C SER D 60 -27.74 -30.55 -27.38
N THR D 61 -26.92 -29.69 -26.75
CA THR D 61 -26.91 -29.50 -25.30
C THR D 61 -26.90 -28.01 -24.95
N VAL D 62 -27.57 -27.67 -23.84
CA VAL D 62 -27.64 -26.29 -23.36
C VAL D 62 -27.30 -26.22 -21.88
N ARG D 63 -26.66 -25.13 -21.46
CA ARG D 63 -26.33 -24.89 -20.05
C ARG D 63 -27.36 -23.95 -19.44
N THR D 64 -27.86 -24.32 -18.26
CA THR D 64 -28.93 -23.59 -17.58
C THR D 64 -28.50 -23.24 -16.15
N ILE D 65 -29.22 -22.31 -15.52
CA ILE D 65 -29.03 -21.97 -14.10
C ILE D 65 -30.36 -22.06 -13.35
N ALA D 66 -30.32 -22.68 -12.17
CA ALA D 66 -31.53 -23.08 -11.45
C ALA D 66 -32.10 -21.93 -10.61
N MET D 67 -33.42 -21.75 -10.69
CA MET D 67 -34.13 -20.72 -9.90
C MET D 67 -34.43 -21.15 -8.46
N ASP D 68 -34.32 -22.45 -8.19
CA ASP D 68 -34.41 -22.98 -6.82
C ASP D 68 -33.23 -23.95 -6.62
N GLY D 69 -33.17 -24.61 -5.47
CA GLY D 69 -32.09 -25.55 -5.16
C GLY D 69 -32.08 -26.77 -6.05
N THR D 70 -30.88 -27.25 -6.38
CA THR D 70 -30.70 -28.39 -7.29
C THR D 70 -30.65 -29.76 -6.60
N GLU D 71 -30.60 -29.79 -5.27
CA GLU D 71 -30.57 -31.05 -4.52
C GLU D 71 -31.74 -31.97 -4.91
N GLY D 72 -31.43 -33.25 -5.14
CA GLY D 72 -32.42 -34.23 -5.61
C GLY D 72 -32.40 -34.54 -7.10
N LEU D 73 -31.72 -33.71 -7.90
CA LEU D 73 -31.69 -33.90 -9.36
C LEU D 73 -30.80 -35.08 -9.76
N VAL D 74 -31.29 -35.86 -10.72
CA VAL D 74 -30.62 -37.07 -11.20
C VAL D 74 -30.32 -36.91 -12.69
N ARG D 75 -29.23 -37.50 -13.15
CA ARG D 75 -28.87 -37.47 -14.58
C ARG D 75 -29.82 -38.38 -15.36
N GLY D 76 -30.32 -37.87 -16.48
CA GLY D 76 -31.37 -38.53 -17.26
C GLY D 76 -32.79 -38.14 -16.88
N GLN D 77 -32.93 -37.22 -15.92
CA GLN D 77 -34.26 -36.75 -15.45
C GLN D 77 -34.86 -35.79 -16.47
N LYS D 78 -36.17 -35.91 -16.69
CA LYS D 78 -36.84 -35.22 -17.79
C LYS D 78 -37.06 -33.74 -17.53
N VAL D 79 -36.97 -32.94 -18.60
CA VAL D 79 -37.10 -31.48 -18.54
C VAL D 79 -37.88 -30.99 -19.77
N LEU D 80 -39.01 -30.33 -19.52
CA LEU D 80 -39.85 -29.75 -20.59
C LEU D 80 -39.53 -28.28 -20.83
N ASP D 81 -39.65 -27.85 -22.08
CA ASP D 81 -39.40 -26.47 -22.48
C ASP D 81 -40.73 -25.72 -22.62
N SER D 82 -40.85 -24.58 -21.95
CA SER D 82 -42.08 -23.77 -21.98
C SER D 82 -42.29 -23.05 -23.33
N GLY D 83 -41.23 -22.82 -24.09
CA GLY D 83 -41.29 -22.09 -25.35
C GLY D 83 -41.38 -20.59 -25.13
N ALA D 84 -40.90 -20.14 -23.96
CA ALA D 84 -40.97 -18.73 -23.56
C ALA D 84 -40.07 -18.52 -22.34
N PRO D 85 -39.58 -17.27 -22.12
CA PRO D 85 -38.86 -16.98 -20.88
C PRO D 85 -39.75 -17.04 -19.63
N ILE D 86 -39.18 -16.70 -18.47
CA ILE D 86 -39.92 -16.75 -17.22
C ILE D 86 -41.00 -15.67 -17.26
N ARG D 87 -42.26 -16.11 -17.38
CA ARG D 87 -43.41 -15.20 -17.45
C ARG D 87 -44.08 -15.11 -16.09
N ILE D 88 -44.26 -13.88 -15.59
CA ILE D 88 -44.81 -13.64 -14.24
C ILE D 88 -46.08 -12.77 -14.26
N PRO D 89 -46.91 -12.85 -13.19
CA PRO D 89 -48.09 -11.98 -13.02
C PRO D 89 -47.78 -10.48 -13.07
N VAL D 90 -48.58 -9.76 -13.87
CA VAL D 90 -48.52 -8.29 -13.93
C VAL D 90 -49.94 -7.73 -13.97
N GLY D 91 -50.13 -6.56 -13.34
CA GLY D 91 -51.44 -5.94 -13.19
C GLY D 91 -51.73 -5.55 -11.75
N PRO D 92 -52.85 -4.83 -11.52
CA PRO D 92 -53.18 -4.32 -10.18
C PRO D 92 -53.56 -5.38 -9.13
N GLU D 93 -53.68 -6.63 -9.54
CA GLU D 93 -53.96 -7.75 -8.61
C GLU D 93 -52.68 -8.22 -7.90
N THR D 94 -51.51 -7.80 -8.40
CA THR D 94 -50.23 -8.02 -7.72
C THR D 94 -50.09 -7.17 -6.46
N LEU D 95 -50.78 -6.03 -6.42
CA LEU D 95 -50.72 -5.09 -5.31
C LEU D 95 -51.21 -5.72 -4.01
N GLY D 96 -50.42 -5.59 -2.94
CA GLY D 96 -50.70 -6.23 -1.66
C GLY D 96 -50.10 -7.62 -1.48
N ARG D 97 -49.68 -8.25 -2.59
CA ARG D 97 -49.19 -9.63 -2.58
C ARG D 97 -47.66 -9.67 -2.65
N ILE D 98 -47.08 -10.76 -2.13
CA ILE D 98 -45.64 -11.02 -2.18
C ILE D 98 -45.35 -12.08 -3.24
N MET D 99 -44.56 -11.72 -4.26
CA MET D 99 -44.13 -12.64 -5.32
C MET D 99 -42.71 -13.15 -5.07
N ASN D 100 -42.35 -14.22 -5.76
CA ASN D 100 -40.96 -14.69 -5.86
C ASN D 100 -40.44 -14.55 -7.30
N VAL D 101 -39.21 -14.99 -7.55
CA VAL D 101 -38.57 -14.81 -8.87
C VAL D 101 -39.38 -15.34 -10.07
N ILE D 102 -40.00 -16.51 -9.92
CA ILE D 102 -40.75 -17.17 -11.02
C ILE D 102 -42.25 -16.81 -11.07
N GLY D 103 -42.71 -15.92 -10.19
CA GLY D 103 -44.07 -15.41 -10.22
C GLY D 103 -45.08 -16.27 -9.50
N GLU D 104 -44.72 -16.71 -8.30
CA GLU D 104 -45.61 -17.49 -7.44
C GLU D 104 -45.84 -16.72 -6.14
N PRO D 105 -46.99 -16.95 -5.49
CA PRO D 105 -47.21 -16.32 -4.19
C PRO D 105 -46.34 -16.97 -3.12
N ILE D 106 -45.75 -16.15 -2.25
CA ILE D 106 -45.06 -16.63 -1.05
C ILE D 106 -45.69 -16.02 0.22
N ASP D 107 -46.93 -15.54 0.08
CA ASP D 107 -47.68 -14.90 1.18
C ASP D 107 -48.85 -15.76 1.72
N GLU D 108 -49.16 -16.88 1.04
CA GLU D 108 -50.20 -17.83 1.46
C GLU D 108 -51.61 -17.23 1.45
N ARG D 109 -51.96 -16.57 0.34
CA ARG D 109 -53.30 -15.99 0.14
C ARG D 109 -53.84 -16.36 -1.25
N GLY D 110 -53.83 -17.66 -1.55
CA GLY D 110 -54.31 -18.15 -2.85
C GLY D 110 -53.45 -17.74 -4.02
N PRO D 111 -53.88 -18.08 -5.25
CA PRO D 111 -53.14 -17.64 -6.44
C PRO D 111 -53.25 -16.15 -6.71
N ILE D 112 -52.36 -15.64 -7.56
CA ILE D 112 -52.39 -14.24 -8.00
C ILE D 112 -53.48 -14.16 -9.07
N LYS D 113 -54.63 -13.59 -8.72
CA LYS D 113 -55.82 -13.66 -9.55
C LYS D 113 -55.78 -12.69 -10.75
N THR D 114 -54.99 -13.06 -11.75
CA THR D 114 -54.86 -12.27 -12.99
C THR D 114 -54.67 -13.19 -14.19
N LYS D 115 -55.19 -12.76 -15.34
CA LYS D 115 -55.09 -13.51 -16.59
C LYS D 115 -54.27 -12.74 -17.62
N GLN D 116 -53.09 -12.28 -17.20
CA GLN D 116 -52.15 -11.60 -18.11
C GLN D 116 -50.74 -11.63 -17.51
N PHE D 117 -49.79 -12.16 -18.28
CA PHE D 117 -48.43 -12.42 -17.82
C PHE D 117 -47.40 -11.78 -18.75
N ALA D 118 -46.28 -11.35 -18.17
CA ALA D 118 -45.20 -10.67 -18.90
C ALA D 118 -43.87 -11.37 -18.63
N ALA D 119 -43.06 -11.53 -19.68
CA ALA D 119 -41.74 -12.13 -19.57
C ALA D 119 -40.77 -11.19 -18.85
N ILE D 120 -39.96 -11.74 -17.95
CA ILE D 120 -38.99 -10.94 -17.17
C ILE D 120 -37.84 -10.35 -18.01
N HIS D 121 -37.57 -10.93 -19.18
CA HIS D 121 -36.58 -10.40 -20.11
C HIS D 121 -37.27 -9.57 -21.19
N ALA D 122 -36.74 -8.37 -21.44
CA ALA D 122 -37.29 -7.45 -22.43
C ALA D 122 -36.27 -6.37 -22.79
N GLU D 123 -36.36 -5.86 -24.01
CA GLU D 123 -35.49 -4.78 -24.47
C GLU D 123 -35.78 -3.50 -23.70
N ALA D 124 -34.73 -2.74 -23.39
CA ALA D 124 -34.88 -1.48 -22.67
C ALA D 124 -35.47 -0.41 -23.60
N PRO D 125 -36.13 0.63 -23.03
CA PRO D 125 -36.67 1.74 -23.83
C PRO D 125 -35.63 2.40 -24.75
N GLU D 126 -36.05 2.76 -25.96
CA GLU D 126 -35.17 3.38 -26.95
C GLU D 126 -34.79 4.82 -26.55
N PHE D 127 -33.87 5.42 -27.29
CA PHE D 127 -33.43 6.81 -27.03
C PHE D 127 -34.55 7.84 -27.20
N VAL D 128 -35.40 7.64 -28.21
CA VAL D 128 -36.56 8.51 -28.44
C VAL D 128 -37.59 8.49 -27.32
N GLU D 129 -37.69 7.37 -26.60
CA GLU D 129 -38.58 7.25 -25.43
C GLU D 129 -38.13 8.05 -24.19
N MET D 130 -36.89 8.53 -24.17
CA MET D 130 -36.34 9.21 -22.98
C MET D 130 -36.99 10.56 -22.68
N SER D 131 -37.13 10.87 -21.39
CA SER D 131 -37.61 12.16 -20.90
C SER D 131 -36.45 12.97 -20.32
N VAL D 132 -36.68 14.27 -20.17
CA VAL D 132 -35.68 15.19 -19.59
C VAL D 132 -36.19 16.05 -18.43
N GLU D 133 -37.39 15.76 -17.91
CA GLU D 133 -37.90 16.45 -16.72
C GLU D 133 -37.10 16.02 -15.50
N GLN D 134 -36.92 16.95 -14.56
CA GLN D 134 -36.13 16.69 -13.36
C GLN D 134 -36.42 17.73 -12.27
N GLU D 135 -37.67 17.73 -11.80
CA GLU D 135 -38.07 18.57 -10.66
C GLU D 135 -37.71 17.86 -9.36
N ILE D 136 -37.38 18.64 -8.33
CA ILE D 136 -36.90 18.11 -7.05
C ILE D 136 -37.96 17.27 -6.33
N LEU D 137 -37.50 16.24 -5.63
CA LEU D 137 -38.33 15.41 -4.75
C LEU D 137 -37.80 15.55 -3.33
N VAL D 138 -38.48 16.36 -2.52
CA VAL D 138 -38.00 16.71 -1.18
C VAL D 138 -38.26 15.55 -0.23
N THR D 139 -37.18 14.93 0.26
CA THR D 139 -37.30 13.75 1.14
C THR D 139 -37.69 14.10 2.58
N GLY D 140 -37.16 15.23 3.08
CA GLY D 140 -37.23 15.57 4.50
C GLY D 140 -35.98 15.17 5.26
N ILE D 141 -34.96 14.71 4.53
CA ILE D 141 -33.65 14.37 5.07
C ILE D 141 -32.72 15.52 4.72
N LYS D 142 -32.14 16.15 5.73
CA LYS D 142 -31.36 17.40 5.57
C LYS D 142 -30.17 17.25 4.63
N VAL D 143 -29.29 16.29 4.92
CA VAL D 143 -28.08 16.05 4.11
C VAL D 143 -28.38 15.76 2.64
N VAL D 144 -29.45 15.01 2.38
CA VAL D 144 -29.85 14.63 1.02
C VAL D 144 -30.41 15.84 0.27
N ASP D 145 -31.39 16.51 0.87
CA ASP D 145 -32.04 17.68 0.27
C ASP D 145 -31.08 18.85 0.01
N LEU D 146 -30.14 19.06 0.93
CA LEU D 146 -29.19 20.18 0.86
C LEU D 146 -28.12 19.99 -0.22
N LEU D 147 -27.42 18.86 -0.16
CA LEU D 147 -26.18 18.64 -0.92
C LEU D 147 -26.36 17.88 -2.24
N ALA D 148 -27.24 16.88 -2.25
CA ALA D 148 -27.42 15.99 -3.41
C ALA D 148 -28.88 15.52 -3.54
N PRO D 149 -29.81 16.46 -3.79
CA PRO D 149 -31.24 16.15 -3.75
C PRO D 149 -31.70 15.25 -4.89
N TYR D 150 -32.75 14.47 -4.64
CA TYR D 150 -33.30 13.55 -5.63
C TYR D 150 -34.32 14.25 -6.53
N ALA D 151 -34.56 13.67 -7.70
CA ALA D 151 -35.52 14.20 -8.68
C ALA D 151 -36.67 13.22 -8.90
N LYS D 152 -37.87 13.77 -9.10
CA LYS D 152 -39.03 12.95 -9.49
C LYS D 152 -38.79 12.42 -10.89
N GLY D 153 -39.16 11.16 -11.11
CA GLY D 153 -38.91 10.49 -12.38
C GLY D 153 -37.43 10.32 -12.70
N GLY D 154 -36.64 10.04 -11.67
CA GLY D 154 -35.19 9.97 -11.79
C GLY D 154 -34.59 8.83 -10.99
N LYS D 155 -33.39 8.42 -11.38
CA LYS D 155 -32.72 7.27 -10.80
C LYS D 155 -31.86 7.66 -9.60
N ILE D 156 -32.16 7.03 -8.46
CA ILE D 156 -31.51 7.32 -7.17
C ILE D 156 -30.78 6.06 -6.72
N GLY D 157 -29.55 6.23 -6.22
CA GLY D 157 -28.71 5.11 -5.79
C GLY D 157 -28.14 5.35 -4.40
N LEU D 158 -28.39 4.42 -3.49
CA LEU D 158 -27.88 4.50 -2.12
C LEU D 158 -26.68 3.55 -1.97
N PHE D 159 -25.48 4.11 -2.10
CA PHE D 159 -24.24 3.34 -1.91
C PHE D 159 -23.93 3.19 -0.42
N GLY D 160 -23.09 2.22 -0.10
CA GLY D 160 -22.62 2.02 1.27
C GLY D 160 -22.02 0.65 1.52
N GLY D 161 -21.14 0.57 2.51
CA GLY D 161 -20.54 -0.71 2.93
C GLY D 161 -21.50 -1.52 3.77
N ALA D 162 -20.96 -2.54 4.43
CA ALA D 162 -21.78 -3.45 5.25
C ALA D 162 -22.09 -2.86 6.62
N GLY D 163 -23.30 -2.33 6.78
CA GLY D 163 -23.83 -1.91 8.07
C GLY D 163 -23.69 -0.42 8.36
N VAL D 164 -23.95 0.41 7.33
CA VAL D 164 -23.83 1.87 7.45
C VAL D 164 -25.15 2.65 7.26
N GLY D 165 -26.24 1.95 6.97
CA GLY D 165 -27.59 2.56 6.92
C GLY D 165 -28.26 2.70 5.57
N LYS D 166 -27.99 1.78 4.64
CA LYS D 166 -28.66 1.76 3.33
C LYS D 166 -30.14 1.38 3.45
N THR D 167 -30.43 0.32 4.20
CA THR D 167 -31.81 -0.12 4.43
C THR D 167 -32.57 0.86 5.33
N VAL D 168 -31.93 1.31 6.40
CA VAL D 168 -32.54 2.30 7.30
C VAL D 168 -32.91 3.57 6.53
N LEU D 169 -32.10 3.95 5.56
CA LEU D 169 -32.38 5.10 4.69
C LEU D 169 -33.52 4.82 3.70
N ILE D 170 -33.47 3.68 3.02
CA ILE D 170 -34.47 3.35 2.00
C ILE D 170 -35.86 3.16 2.61
N MET D 171 -35.92 2.63 3.83
CA MET D 171 -37.19 2.51 4.57
C MET D 171 -37.74 3.87 5.01
N GLU D 172 -36.85 4.78 5.39
CA GLU D 172 -37.24 6.16 5.71
C GLU D 172 -37.77 6.90 4.48
N LEU D 173 -37.19 6.63 3.31
CA LEU D 173 -37.71 7.19 2.06
C LEU D 173 -39.11 6.64 1.74
N ILE D 174 -39.33 5.36 2.03
CA ILE D 174 -40.67 4.74 1.92
C ILE D 174 -41.63 5.39 2.94
N ASN D 175 -41.14 5.64 4.15
CA ASN D 175 -41.90 6.32 5.19
C ASN D 175 -42.32 7.75 4.79
N ASN D 176 -41.38 8.51 4.24
CA ASN D 176 -41.59 9.93 3.93
C ASN D 176 -42.26 10.18 2.56
N VAL D 177 -41.79 9.48 1.53
CA VAL D 177 -42.23 9.71 0.15
C VAL D 177 -43.40 8.81 -0.28
N ALA D 178 -43.29 7.51 -0.01
CA ALA D 178 -44.21 6.52 -0.57
C ALA D 178 -45.62 6.51 0.05
N LYS D 179 -45.72 6.85 1.33
CA LYS D 179 -47.02 6.91 2.02
C LYS D 179 -47.90 8.05 1.49
N ALA D 180 -47.30 9.22 1.29
CA ALA D 180 -47.99 10.38 0.70
C ALA D 180 -47.77 10.38 -0.82
N HIS D 181 -48.35 9.38 -1.49
CA HIS D 181 -48.14 9.16 -2.92
C HIS D 181 -49.39 8.53 -3.55
N GLY D 182 -49.91 9.15 -4.61
CA GLY D 182 -51.14 8.71 -5.26
C GLY D 182 -50.98 7.43 -6.07
N GLY D 183 -49.87 7.32 -6.79
CA GLY D 183 -49.59 6.15 -7.64
C GLY D 183 -49.14 4.91 -6.88
N TYR D 184 -48.81 3.87 -7.64
CA TYR D 184 -48.43 2.56 -7.09
C TYR D 184 -46.93 2.51 -6.77
N SER D 185 -46.51 1.42 -6.13
CA SER D 185 -45.10 1.20 -5.78
C SER D 185 -44.70 -0.28 -5.89
N VAL D 186 -43.39 -0.53 -5.96
CA VAL D 186 -42.84 -1.88 -6.04
C VAL D 186 -41.54 -1.97 -5.24
N PHE D 187 -41.50 -2.83 -4.22
CA PHE D 187 -40.30 -3.09 -3.45
C PHE D 187 -39.69 -4.43 -3.87
N ALA D 188 -38.57 -4.38 -4.57
CA ALA D 188 -37.86 -5.57 -5.04
C ALA D 188 -36.76 -5.96 -4.04
N GLY D 189 -37.08 -6.91 -3.15
CA GLY D 189 -36.12 -7.44 -2.19
C GLY D 189 -35.20 -8.44 -2.87
N VAL D 190 -34.07 -7.95 -3.38
CA VAL D 190 -33.09 -8.78 -4.09
C VAL D 190 -31.93 -9.16 -3.17
N GLY D 191 -31.88 -10.44 -2.80
CA GLY D 191 -30.73 -11.04 -2.11
C GLY D 191 -30.32 -10.49 -0.76
N GLU D 192 -31.28 -9.97 0.01
CA GLU D 192 -31.00 -9.47 1.37
C GLU D 192 -31.74 -10.33 2.42
N ARG D 193 -32.16 -9.75 3.55
CA ARG D 193 -32.58 -10.55 4.72
C ARG D 193 -34.07 -10.83 4.73
N THR D 194 -34.44 -12.11 4.84
CA THR D 194 -35.86 -12.51 4.95
C THR D 194 -36.54 -11.89 6.17
N ARG D 195 -35.78 -11.70 7.25
CA ARG D 195 -36.24 -10.95 8.44
C ARG D 195 -36.72 -9.54 8.08
N GLU D 196 -35.96 -8.83 7.26
CA GLU D 196 -36.31 -7.48 6.82
C GLU D 196 -37.52 -7.44 5.89
N GLY D 197 -37.73 -8.53 5.14
CA GLY D 197 -38.97 -8.72 4.38
C GLY D 197 -40.19 -8.87 5.27
N ASN D 198 -40.04 -9.63 6.35
CA ASN D 198 -41.10 -9.77 7.37
C ASN D 198 -41.40 -8.45 8.07
N ASP D 199 -40.34 -7.73 8.46
CA ASP D 199 -40.48 -6.42 9.11
C ASP D 199 -41.26 -5.44 8.24
N LEU D 200 -40.86 -5.32 6.97
CA LEU D 200 -41.52 -4.42 6.03
C LEU D 200 -42.99 -4.81 5.79
N TYR D 201 -43.21 -6.10 5.49
CA TYR D 201 -44.54 -6.63 5.16
C TYR D 201 -45.60 -6.31 6.20
N HIS D 202 -45.28 -6.56 7.47
CA HIS D 202 -46.21 -6.28 8.58
C HIS D 202 -46.26 -4.81 8.99
N GLU D 203 -45.18 -4.06 8.75
CA GLU D 203 -45.19 -2.60 8.95
C GLU D 203 -46.09 -1.87 7.95
N MET D 204 -46.14 -2.36 6.72
CA MET D 204 -47.02 -1.77 5.69
C MET D 204 -48.50 -2.14 5.91
N ILE D 205 -48.76 -3.33 6.45
CA ILE D 205 -50.12 -3.72 6.87
C ILE D 205 -50.62 -2.83 8.02
N GLU D 206 -49.71 -2.49 8.95
CA GLU D 206 -50.03 -1.60 10.07
C GLU D 206 -50.47 -0.21 9.56
N SER D 207 -49.66 0.37 8.67
CA SER D 207 -49.92 1.71 8.14
C SER D 207 -51.03 1.78 7.08
N GLY D 208 -51.51 0.64 6.60
CA GLY D 208 -52.59 0.58 5.62
C GLY D 208 -52.13 0.77 4.18
N VAL D 209 -50.82 0.67 3.95
CA VAL D 209 -50.24 0.79 2.60
C VAL D 209 -50.53 -0.50 1.83
N ILE D 210 -50.45 -1.64 2.53
CA ILE D 210 -51.00 -2.91 2.08
C ILE D 210 -52.28 -3.17 2.88
N ASN D 211 -53.32 -3.64 2.20
CA ASN D 211 -54.59 -3.97 2.82
C ASN D 211 -54.99 -5.39 2.40
N LEU D 212 -55.17 -6.26 3.38
CA LEU D 212 -55.44 -7.68 3.11
C LEU D 212 -56.87 -7.95 2.63
N LYS D 213 -57.80 -7.04 2.92
CA LYS D 213 -59.22 -7.23 2.61
C LYS D 213 -59.63 -6.59 1.27
N ASP D 214 -59.58 -5.27 1.17
CA ASP D 214 -59.97 -4.55 -0.07
C ASP D 214 -58.79 -4.39 -1.02
N ALA D 215 -59.06 -3.90 -2.24
CA ALA D 215 -58.03 -3.72 -3.28
C ALA D 215 -57.46 -2.30 -3.34
N THR D 216 -57.16 -1.72 -2.17
CA THR D 216 -56.63 -0.36 -2.07
C THR D 216 -55.14 -0.33 -1.72
N SER D 217 -54.42 -1.41 -2.00
CA SER D 217 -53.01 -1.53 -1.64
C SER D 217 -52.14 -0.80 -2.68
N LYS D 218 -51.17 -0.03 -2.19
CA LYS D 218 -50.31 0.79 -3.06
C LYS D 218 -49.03 0.06 -3.50
N VAL D 219 -48.48 -0.80 -2.64
CA VAL D 219 -47.18 -1.44 -2.87
C VAL D 219 -47.35 -2.92 -3.26
N ALA D 220 -46.54 -3.37 -4.22
CA ALA D 220 -46.50 -4.76 -4.68
C ALA D 220 -45.12 -5.37 -4.39
N LEU D 221 -45.05 -6.24 -3.38
CA LEU D 221 -43.78 -6.82 -2.94
C LEU D 221 -43.28 -7.94 -3.86
N VAL D 222 -41.96 -7.99 -4.05
CA VAL D 222 -41.28 -9.06 -4.79
C VAL D 222 -40.00 -9.40 -4.04
N TYR D 223 -39.80 -10.69 -3.72
CA TYR D 223 -38.72 -11.11 -2.82
C TYR D 223 -37.99 -12.38 -3.28
N GLY D 224 -36.65 -12.28 -3.34
CA GLY D 224 -35.76 -13.40 -3.61
C GLY D 224 -34.50 -13.24 -2.77
N GLN D 225 -34.61 -13.62 -1.51
CA GLN D 225 -33.63 -13.25 -0.47
C GLN D 225 -32.37 -14.13 -0.44
N MET D 226 -31.44 -13.79 0.45
CA MET D 226 -30.15 -14.51 0.56
C MET D 226 -30.23 -15.97 1.03
N ASN D 227 -31.41 -16.41 1.47
CA ASN D 227 -31.70 -17.85 1.63
C ASN D 227 -31.82 -18.62 0.30
N GLU D 228 -32.07 -17.91 -0.80
CA GLU D 228 -32.22 -18.52 -2.12
C GLU D 228 -30.86 -18.73 -2.81
N PRO D 229 -30.79 -19.64 -3.80
CA PRO D 229 -29.58 -19.84 -4.62
C PRO D 229 -29.36 -18.71 -5.65
N PRO D 230 -28.20 -18.70 -6.35
CA PRO D 230 -27.85 -17.56 -7.21
C PRO D 230 -28.80 -17.27 -8.37
N GLY D 231 -29.38 -18.30 -8.98
CA GLY D 231 -30.34 -18.09 -10.08
C GLY D 231 -31.52 -17.21 -9.68
N ALA D 232 -32.01 -17.39 -8.45
CA ALA D 232 -33.09 -16.56 -7.90
C ALA D 232 -32.66 -15.11 -7.73
N ARG D 233 -31.52 -14.91 -7.05
CA ARG D 233 -30.97 -13.56 -6.83
C ARG D 233 -30.49 -12.88 -8.12
N ALA D 234 -30.05 -13.66 -9.09
CA ALA D 234 -29.65 -13.14 -10.40
C ALA D 234 -30.82 -12.66 -11.26
N ARG D 235 -32.04 -13.13 -10.97
CA ARG D 235 -33.22 -12.78 -11.79
C ARG D 235 -34.37 -12.08 -11.06
N VAL D 236 -34.48 -12.21 -9.73
CA VAL D 236 -35.58 -11.58 -8.97
C VAL D 236 -35.59 -10.05 -9.08
N ALA D 237 -34.43 -9.45 -9.34
CA ALA D 237 -34.35 -8.02 -9.67
C ALA D 237 -35.14 -7.69 -10.95
N LEU D 238 -35.01 -8.55 -11.98
CA LEU D 238 -35.75 -8.39 -13.23
C LEU D 238 -37.26 -8.61 -13.03
N THR D 239 -37.61 -9.64 -12.26
CA THR D 239 -39.00 -9.94 -11.90
C THR D 239 -39.69 -8.70 -11.32
N GLY D 240 -39.06 -8.11 -10.32
CA GLY D 240 -39.58 -6.92 -9.65
C GLY D 240 -39.80 -5.72 -10.54
N LEU D 241 -38.88 -5.48 -11.47
CA LEU D 241 -38.98 -4.32 -12.37
C LEU D 241 -39.97 -4.56 -13.52
N THR D 242 -40.25 -5.81 -13.86
CA THR D 242 -41.28 -6.15 -14.85
C THR D 242 -42.68 -5.82 -14.34
N VAL D 243 -42.89 -5.91 -13.03
CA VAL D 243 -44.13 -5.46 -12.38
C VAL D 243 -44.25 -3.93 -12.50
N ALA D 244 -43.15 -3.22 -12.23
CA ALA D 244 -43.09 -1.77 -12.36
C ALA D 244 -43.21 -1.29 -13.81
N GLU D 245 -42.72 -2.09 -14.76
CA GLU D 245 -42.84 -1.78 -16.19
C GLU D 245 -44.30 -1.78 -16.68
N TYR D 246 -45.13 -2.66 -16.14
CA TYR D 246 -46.56 -2.65 -16.44
C TYR D 246 -47.22 -1.38 -15.90
N PHE D 247 -46.92 -1.03 -14.65
CA PHE D 247 -47.46 0.18 -14.04
C PHE D 247 -46.96 1.48 -14.68
N ARG D 248 -45.81 1.44 -15.35
CA ARG D 248 -45.31 2.58 -16.13
C ARG D 248 -46.12 2.76 -17.42
N ASP D 249 -46.01 1.78 -18.32
CA ASP D 249 -46.51 1.92 -19.69
C ASP D 249 -48.02 1.76 -19.81
N GLN D 250 -48.51 0.58 -19.43
CA GLN D 250 -49.92 0.20 -19.66
C GLN D 250 -50.91 1.04 -18.84
N GLU D 251 -50.57 1.32 -17.58
CA GLU D 251 -51.40 2.17 -16.73
C GLU D 251 -51.24 3.65 -17.08
N GLY D 252 -50.00 4.12 -17.04
CA GLY D 252 -49.71 5.56 -17.12
C GLY D 252 -49.87 6.16 -15.74
N GLN D 253 -48.87 5.94 -14.89
CA GLN D 253 -48.92 6.31 -13.48
C GLN D 253 -47.51 6.45 -12.91
N ASP D 254 -47.37 7.29 -11.88
CA ASP D 254 -46.09 7.46 -11.18
C ASP D 254 -45.80 6.25 -10.29
N VAL D 255 -44.79 5.47 -10.68
CA VAL D 255 -44.37 4.27 -9.95
C VAL D 255 -43.13 4.57 -9.12
N LEU D 256 -43.10 4.07 -7.88
CA LEU D 256 -41.89 4.06 -7.06
C LEU D 256 -41.31 2.65 -7.06
N LEU D 257 -40.06 2.52 -7.52
CA LEU D 257 -39.39 1.22 -7.62
C LEU D 257 -38.20 1.16 -6.66
N PHE D 258 -38.44 0.62 -5.47
CA PHE D 258 -37.40 0.43 -4.47
C PHE D 258 -36.71 -0.93 -4.68
N ILE D 259 -35.38 -0.94 -4.65
CA ILE D 259 -34.61 -2.19 -4.81
C ILE D 259 -33.59 -2.31 -3.68
N ASP D 260 -33.54 -3.47 -3.04
CA ASP D 260 -32.64 -3.71 -1.91
C ASP D 260 -32.23 -5.21 -1.89
N ASN D 261 -31.04 -5.59 -2.37
CA ASN D 261 -29.95 -4.73 -2.83
C ASN D 261 -29.53 -5.11 -4.26
N ILE D 262 -29.39 -4.12 -5.14
CA ILE D 262 -29.13 -4.38 -6.57
C ILE D 262 -27.70 -4.86 -6.88
N PHE D 263 -26.79 -4.77 -5.91
CA PHE D 263 -25.51 -5.48 -5.98
C PHE D 263 -25.69 -6.99 -6.12
N ARG D 264 -26.71 -7.52 -5.45
CA ARG D 264 -26.94 -8.97 -5.40
C ARG D 264 -27.25 -9.58 -6.78
N PHE D 265 -27.85 -8.79 -7.67
CA PHE D 265 -27.99 -9.14 -9.08
C PHE D 265 -26.63 -9.45 -9.73
N THR D 266 -25.68 -8.55 -9.52
CA THR D 266 -24.31 -8.70 -10.05
C THR D 266 -23.52 -9.76 -9.28
N GLN D 267 -23.70 -9.83 -7.96
CA GLN D 267 -23.04 -10.84 -7.11
C GLN D 267 -23.46 -12.26 -7.51
N ALA D 268 -24.77 -12.47 -7.66
CA ALA D 268 -25.31 -13.74 -8.11
C ALA D 268 -24.75 -14.18 -9.46
N GLY D 269 -24.47 -13.22 -10.34
CA GLY D 269 -23.76 -13.48 -11.60
C GLY D 269 -22.35 -13.98 -11.41
N SER D 270 -21.63 -13.39 -10.45
CA SER D 270 -20.25 -13.79 -10.14
C SER D 270 -20.14 -15.19 -9.51
N GLU D 271 -21.17 -15.62 -8.78
CA GLU D 271 -21.17 -16.94 -8.13
C GLU D 271 -21.19 -18.09 -9.13
N VAL D 272 -21.98 -17.94 -10.20
CA VAL D 272 -22.10 -18.96 -11.26
C VAL D 272 -21.11 -18.81 -12.43
N SER D 273 -20.48 -17.64 -12.56
CA SER D 273 -19.63 -17.30 -13.72
C SER D 273 -18.53 -18.32 -14.00
N ALA D 274 -17.89 -18.80 -12.93
CA ALA D 274 -16.89 -19.85 -13.01
C ALA D 274 -17.45 -21.13 -13.65
N LEU D 275 -18.60 -21.56 -13.16
CA LEU D 275 -19.25 -22.80 -13.62
C LEU D 275 -19.89 -22.70 -15.02
N LEU D 276 -20.08 -21.48 -15.52
CA LEU D 276 -20.48 -21.26 -16.92
C LEU D 276 -19.31 -21.32 -17.92
N GLY D 277 -18.09 -21.53 -17.43
CA GLY D 277 -16.92 -21.69 -18.29
C GLY D 277 -16.40 -20.37 -18.83
N ARG D 278 -16.19 -19.42 -17.91
CA ARG D 278 -15.69 -18.08 -18.25
C ARG D 278 -14.39 -17.81 -17.52
N ILE D 279 -13.47 -17.12 -18.20
CA ILE D 279 -12.28 -16.56 -17.56
C ILE D 279 -12.75 -15.41 -16.66
N PRO D 280 -12.23 -15.34 -15.42
CA PRO D 280 -12.65 -14.23 -14.56
C PRO D 280 -12.04 -12.89 -14.96
N SER D 281 -12.79 -11.81 -14.71
CA SER D 281 -12.31 -10.45 -14.87
C SER D 281 -11.71 -9.96 -13.55
N ALA D 282 -11.36 -8.68 -13.48
CA ALA D 282 -10.69 -8.11 -12.30
C ALA D 282 -11.56 -8.22 -11.03
N VAL D 283 -10.90 -8.55 -9.92
CA VAL D 283 -11.55 -8.76 -8.60
C VAL D 283 -12.58 -9.91 -8.63
N GLY D 284 -12.27 -10.96 -9.38
CA GLY D 284 -13.07 -12.19 -9.40
C GLY D 284 -14.44 -12.16 -10.08
N TYR D 285 -14.79 -11.03 -10.71
CA TYR D 285 -16.10 -10.88 -11.32
C TYR D 285 -16.14 -11.49 -12.71
N GLN D 286 -17.36 -11.65 -13.22
CA GLN D 286 -17.60 -12.08 -14.59
C GLN D 286 -17.13 -11.01 -15.59
N PRO D 287 -16.70 -11.44 -16.80
CA PRO D 287 -16.42 -10.46 -17.86
C PRO D 287 -17.64 -9.63 -18.24
N THR D 288 -18.81 -10.25 -18.19
CA THR D 288 -20.08 -9.63 -18.56
C THR D 288 -20.73 -8.98 -17.34
N LEU D 289 -20.07 -7.97 -16.77
CA LEU D 289 -20.59 -7.24 -15.62
C LEU D 289 -21.36 -6.01 -16.09
N ALA D 290 -20.70 -5.19 -16.91
CA ALA D 290 -21.28 -3.92 -17.37
C ALA D 290 -22.40 -4.11 -18.38
N THR D 291 -22.26 -5.08 -19.28
CA THR D 291 -23.31 -5.39 -20.26
C THR D 291 -24.54 -6.05 -19.61
N ASP D 292 -24.32 -6.91 -18.63
CA ASP D 292 -25.41 -7.51 -17.85
C ASP D 292 -26.11 -6.48 -16.96
N MET D 293 -25.34 -5.57 -16.37
CA MET D 293 -25.88 -4.44 -15.62
C MET D 293 -26.65 -3.48 -16.54
N GLY D 294 -26.12 -3.27 -17.74
CA GLY D 294 -26.69 -2.32 -18.71
C GLY D 294 -28.08 -2.66 -19.21
N THR D 295 -28.26 -3.91 -19.64
CA THR D 295 -29.57 -4.38 -20.12
C THR D 295 -30.63 -4.45 -19.00
N MET D 296 -30.19 -4.52 -17.75
CA MET D 296 -31.07 -4.45 -16.58
C MET D 296 -31.37 -3.01 -16.18
N GLN D 297 -30.32 -2.22 -15.96
CA GLN D 297 -30.44 -0.82 -15.48
C GLN D 297 -31.13 0.14 -16.46
N GLU D 298 -30.91 -0.06 -17.76
CA GLU D 298 -31.56 0.75 -18.79
C GLU D 298 -33.09 0.60 -18.84
N ARG D 299 -33.60 -0.55 -18.39
CA ARG D 299 -35.04 -0.76 -18.24
C ARG D 299 -35.61 0.03 -17.06
N ILE D 300 -34.84 0.11 -15.97
CA ILE D 300 -35.20 0.91 -14.80
C ILE D 300 -35.03 2.39 -15.17
N THR D 301 -36.08 2.98 -15.74
CA THR D 301 -36.01 4.38 -16.18
C THR D 301 -37.38 5.02 -16.38
N THR D 302 -37.36 6.35 -16.44
CA THR D 302 -38.52 7.16 -16.79
C THR D 302 -38.53 7.33 -18.32
N THR D 303 -39.71 7.20 -18.90
CA THR D 303 -39.90 7.36 -20.34
C THR D 303 -41.02 8.37 -20.62
N LYS D 304 -41.34 8.57 -21.90
CA LYS D 304 -42.49 9.36 -22.32
C LYS D 304 -43.80 8.81 -21.76
N LYS D 305 -44.00 7.49 -21.90
CA LYS D 305 -45.26 6.84 -21.52
C LYS D 305 -45.54 6.80 -20.00
N GLY D 306 -44.50 6.90 -19.18
CA GLY D 306 -44.67 6.87 -17.72
C GLY D 306 -43.42 7.21 -16.93
N SER D 307 -43.61 7.69 -15.71
CA SER D 307 -42.53 8.14 -14.84
C SER D 307 -42.24 7.09 -13.76
N ILE D 308 -40.98 6.65 -13.67
CA ILE D 308 -40.52 5.82 -12.55
C ILE D 308 -39.48 6.60 -11.75
N THR D 309 -39.71 6.71 -10.44
CA THR D 309 -38.73 7.23 -9.49
C THR D 309 -38.10 6.04 -8.77
N SER D 310 -36.88 5.67 -9.19
CA SER D 310 -36.26 4.43 -8.75
C SER D 310 -35.15 4.64 -7.71
N VAL D 311 -35.39 4.14 -6.49
CA VAL D 311 -34.40 4.14 -5.41
C VAL D 311 -33.79 2.75 -5.35
N GLN D 312 -32.46 2.66 -5.43
CA GLN D 312 -31.77 1.37 -5.43
C GLN D 312 -30.68 1.36 -4.36
N ALA D 313 -30.74 0.40 -3.45
CA ALA D 313 -29.66 0.19 -2.48
C ALA D 313 -28.52 -0.55 -3.18
N ILE D 314 -27.29 -0.07 -2.96
CA ILE D 314 -26.10 -0.60 -3.64
C ILE D 314 -25.02 -0.96 -2.62
N TYR D 315 -24.74 -2.25 -2.48
CA TYR D 315 -23.73 -2.76 -1.55
C TYR D 315 -22.33 -2.52 -2.14
N VAL D 316 -21.37 -2.26 -1.25
CA VAL D 316 -19.99 -1.94 -1.63
C VAL D 316 -19.05 -2.88 -0.86
N PRO D 317 -18.63 -4.00 -1.50
CA PRO D 317 -17.75 -5.00 -0.88
C PRO D 317 -16.45 -4.43 -0.32
N ALA D 318 -16.13 -4.78 0.93
CA ALA D 318 -14.93 -4.31 1.64
C ALA D 318 -14.83 -2.77 1.78
N ASP D 319 -15.97 -2.09 1.74
CA ASP D 319 -16.04 -0.61 1.77
C ASP D 319 -15.22 0.09 0.67
N ASP D 320 -15.04 -0.58 -0.47
CA ASP D 320 -14.20 -0.07 -1.55
C ASP D 320 -15.09 0.30 -2.73
N LEU D 321 -15.32 1.60 -2.90
CA LEU D 321 -16.17 2.12 -3.98
C LEU D 321 -15.59 1.90 -5.38
N THR D 322 -14.29 1.63 -5.47
CA THR D 322 -13.63 1.29 -6.74
C THR D 322 -13.91 -0.13 -7.23
N ASP D 323 -14.49 -0.97 -6.36
CA ASP D 323 -14.92 -2.32 -6.71
C ASP D 323 -15.78 -2.32 -7.99
N PRO D 324 -15.48 -3.20 -8.96
CA PRO D 324 -16.19 -3.26 -10.25
C PRO D 324 -17.71 -3.13 -10.21
N ALA D 325 -18.35 -3.74 -9.22
CA ALA D 325 -19.82 -3.68 -9.11
C ALA D 325 -20.33 -2.25 -8.84
N PRO D 326 -20.01 -1.67 -7.66
CA PRO D 326 -20.45 -0.29 -7.41
C PRO D 326 -19.85 0.75 -8.37
N ALA D 327 -18.62 0.54 -8.82
CA ALA D 327 -17.97 1.45 -9.78
C ALA D 327 -18.77 1.59 -11.08
N THR D 328 -19.30 0.47 -11.58
CA THR D 328 -20.12 0.46 -12.79
C THR D 328 -21.51 1.08 -12.56
N THR D 329 -22.04 0.94 -11.35
CA THR D 329 -23.38 1.43 -11.00
C THR D 329 -23.52 2.96 -11.03
N PHE D 330 -22.48 3.69 -10.64
CA PHE D 330 -22.51 5.16 -10.58
C PHE D 330 -23.08 5.82 -11.85
N ALA D 331 -22.55 5.44 -13.00
CA ALA D 331 -22.94 6.02 -14.29
C ALA D 331 -24.43 5.85 -14.62
N HIS D 332 -25.05 4.80 -14.09
CA HIS D 332 -26.49 4.56 -14.27
C HIS D 332 -27.40 5.46 -13.42
N LEU D 333 -26.85 6.36 -12.61
CA LEU D 333 -27.62 7.11 -11.61
C LEU D 333 -27.65 8.62 -11.82
N ASP D 334 -28.82 9.21 -11.60
CA ASP D 334 -29.02 10.67 -11.66
C ASP D 334 -28.67 11.35 -10.33
N ALA D 335 -28.85 10.64 -9.22
CA ALA D 335 -28.44 11.12 -7.91
C ALA D 335 -27.84 9.97 -7.09
N THR D 336 -26.78 10.26 -6.34
CA THR D 336 -26.03 9.23 -5.60
C THR D 336 -25.84 9.65 -4.14
N THR D 337 -26.21 8.77 -3.21
CA THR D 337 -26.03 9.00 -1.79
C THR D 337 -25.03 7.97 -1.26
N VAL D 338 -23.77 8.38 -1.14
CA VAL D 338 -22.69 7.48 -0.72
C VAL D 338 -22.56 7.53 0.80
N LEU D 339 -22.67 6.36 1.43
CA LEU D 339 -22.53 6.21 2.88
C LEU D 339 -21.11 5.76 3.22
N SER D 340 -20.68 6.05 4.45
CA SER D 340 -19.34 5.76 4.91
C SER D 340 -19.38 5.10 6.30
N ARG D 341 -18.53 4.11 6.52
CA ARG D 341 -18.34 3.53 7.86
C ARG D 341 -17.63 4.52 8.79
N ALA D 342 -16.69 5.28 8.25
CA ALA D 342 -15.96 6.32 8.98
C ALA D 342 -16.88 7.34 9.66
N ILE D 343 -17.97 7.69 8.99
CA ILE D 343 -18.93 8.68 9.50
C ILE D 343 -19.90 8.04 10.49
N ALA D 344 -20.38 6.84 10.17
CA ALA D 344 -21.25 6.06 11.08
C ALA D 344 -20.56 5.70 12.40
N GLU D 345 -19.25 5.42 12.32
CA GLU D 345 -18.42 5.12 13.50
C GLU D 345 -18.45 6.23 14.55
N LEU D 346 -18.62 7.48 14.10
CA LEU D 346 -18.66 8.64 15.01
C LEU D 346 -20.07 8.96 15.55
N GLY D 347 -21.06 8.12 15.23
CA GLY D 347 -22.45 8.34 15.63
C GLY D 347 -23.26 9.21 14.68
N ILE D 348 -22.64 9.72 13.62
CA ILE D 348 -23.30 10.63 12.69
C ILE D 348 -24.22 9.82 11.77
N TYR D 349 -25.50 9.79 12.12
CA TYR D 349 -26.53 9.09 11.33
C TYR D 349 -27.58 10.10 10.84
N PRO D 350 -27.97 10.09 9.56
CA PRO D 350 -27.50 9.16 8.52
C PRO D 350 -26.05 9.43 8.12
N ALA D 351 -25.27 8.37 7.99
CA ALA D 351 -23.83 8.47 7.74
C ALA D 351 -23.54 8.71 6.25
N VAL D 352 -24.05 9.82 5.73
CA VAL D 352 -23.84 10.21 4.34
C VAL D 352 -22.51 10.95 4.28
N ASP D 353 -21.75 10.69 3.22
CA ASP D 353 -20.52 11.43 2.94
C ASP D 353 -20.94 12.71 2.20
N PRO D 354 -20.77 13.89 2.84
CA PRO D 354 -21.14 15.14 2.18
C PRO D 354 -20.19 15.55 1.03
N LEU D 355 -18.98 14.98 1.02
CA LEU D 355 -17.97 15.25 -0.02
C LEU D 355 -17.79 14.03 -0.93
N ASP D 356 -18.92 13.46 -1.38
CA ASP D 356 -18.92 12.27 -2.25
C ASP D 356 -20.29 11.99 -2.89
N SER D 357 -21.37 12.21 -2.13
CA SER D 357 -22.73 12.17 -2.67
C SER D 357 -22.97 13.34 -3.64
N THR D 358 -23.66 13.07 -4.74
CA THR D 358 -23.90 14.07 -5.79
C THR D 358 -25.25 13.90 -6.49
N SER D 359 -25.64 14.91 -7.26
CA SER D 359 -26.86 14.88 -8.06
C SER D 359 -26.75 15.72 -9.32
N ARG D 360 -27.56 15.39 -10.32
CA ARG D 360 -27.62 16.11 -11.58
C ARG D 360 -28.34 17.45 -11.41
N ILE D 361 -29.40 17.44 -10.60
CA ILE D 361 -30.21 18.64 -10.36
C ILE D 361 -29.57 19.72 -9.49
N MET D 362 -28.42 19.42 -8.87
CA MET D 362 -27.66 20.45 -8.12
C MET D 362 -27.08 21.49 -9.09
N ASP D 363 -27.93 22.44 -9.45
CA ASP D 363 -27.62 23.49 -10.43
C ASP D 363 -28.39 24.74 -10.01
N PRO D 364 -27.77 25.94 -10.13
CA PRO D 364 -28.53 27.16 -9.79
C PRO D 364 -29.75 27.44 -10.67
N ASN D 365 -29.79 26.89 -11.88
CA ASN D 365 -30.94 27.04 -12.79
C ASN D 365 -32.13 26.12 -12.46
N ILE D 366 -31.89 25.10 -11.64
CA ILE D 366 -32.91 24.10 -11.29
C ILE D 366 -33.42 24.30 -9.86
N VAL D 367 -32.50 24.32 -8.89
CA VAL D 367 -32.84 24.50 -7.46
C VAL D 367 -32.63 25.92 -6.92
N GLY D 368 -32.31 26.88 -7.79
CA GLY D 368 -32.06 28.27 -7.37
C GLY D 368 -30.67 28.49 -6.81
N SER D 369 -30.18 29.72 -6.94
CA SER D 369 -28.80 30.07 -6.52
C SER D 369 -28.61 30.10 -5.00
N GLU D 370 -29.65 30.50 -4.26
CA GLU D 370 -29.58 30.53 -2.79
C GLU D 370 -29.38 29.13 -2.19
N HIS D 371 -30.04 28.13 -2.76
CA HIS D 371 -29.83 26.72 -2.41
C HIS D 371 -28.39 26.31 -2.80
N TYR D 372 -28.06 26.50 -4.07
CA TYR D 372 -26.76 26.08 -4.63
C TYR D 372 -25.56 26.67 -3.88
N ASP D 373 -25.58 27.97 -3.63
CA ASP D 373 -24.47 28.66 -2.94
C ASP D 373 -24.26 28.21 -1.49
N VAL D 374 -25.31 27.76 -0.83
CA VAL D 374 -25.21 27.23 0.53
C VAL D 374 -24.66 25.80 0.53
N ALA D 375 -25.12 24.99 -0.42
CA ALA D 375 -24.64 23.61 -0.59
C ALA D 375 -23.13 23.52 -0.87
N ARG D 376 -22.62 24.41 -1.72
CA ARG D 376 -21.18 24.50 -2.00
C ARG D 376 -20.40 25.09 -0.82
N GLY D 377 -21.02 26.01 -0.08
CA GLY D 377 -20.43 26.58 1.13
C GLY D 377 -20.25 25.55 2.23
N VAL D 378 -21.22 24.64 2.36
CA VAL D 378 -21.13 23.51 3.27
C VAL D 378 -20.04 22.52 2.83
N GLN D 379 -19.97 22.24 1.54
CA GLN D 379 -18.95 21.34 0.99
C GLN D 379 -17.54 21.92 1.12
N LYS D 380 -17.40 23.23 0.91
CA LYS D 380 -16.11 23.92 1.07
C LYS D 380 -15.59 23.88 2.50
N ILE D 381 -16.42 24.29 3.45
CA ILE D 381 -16.03 24.33 4.87
C ILE D 381 -15.71 22.93 5.42
N LEU D 382 -16.44 21.91 4.95
CA LEU D 382 -16.15 20.52 5.29
C LEU D 382 -14.88 20.00 4.62
N GLN D 383 -14.68 20.34 3.34
CA GLN D 383 -13.50 19.93 2.59
C GLN D 383 -12.23 20.59 3.10
N ASP D 384 -12.31 21.88 3.43
CA ASP D 384 -11.18 22.59 4.05
C ASP D 384 -10.84 22.02 5.42
N TYR D 385 -11.86 21.66 6.20
CA TYR D 385 -11.68 21.02 7.50
C TYR D 385 -11.05 19.62 7.40
N LYS D 386 -11.41 18.87 6.35
CA LYS D 386 -10.87 17.51 6.13
C LYS D 386 -9.35 17.49 5.95
N SER D 387 -8.82 18.49 5.25
CA SER D 387 -7.37 18.64 5.09
C SER D 387 -6.67 19.01 6.40
N LEU D 388 -7.28 19.91 7.16
CA LEU D 388 -6.73 20.37 8.45
C LEU D 388 -6.64 19.27 9.50
N GLN D 389 -7.71 18.47 9.64
CA GLN D 389 -7.81 17.38 10.63
C GLN D 389 -6.50 16.63 10.91
N ASP D 390 -5.83 16.22 9.84
CA ASP D 390 -4.60 15.43 9.95
C ASP D 390 -3.39 16.29 10.36
N ILE D 391 -3.37 17.56 9.94
CA ILE D 391 -2.29 18.49 10.30
C ILE D 391 -2.40 18.93 11.76
N ILE D 392 -3.60 19.32 12.19
CA ILE D 392 -3.84 19.82 13.56
C ILE D 392 -3.99 18.74 14.63
N ALA D 393 -4.01 17.46 14.23
CA ALA D 393 -3.93 16.36 15.19
C ALA D 393 -2.51 16.23 15.79
N ILE D 394 -1.50 16.57 15.00
CA ILE D 394 -0.09 16.50 15.43
C ILE D 394 0.37 17.86 15.98
N LEU D 395 0.28 18.89 15.15
CA LEU D 395 0.80 20.23 15.47
C LEU D 395 -0.09 21.06 16.41
N GLY D 396 -1.29 20.59 16.70
CA GLY D 396 -2.15 21.21 17.70
C GLY D 396 -3.03 22.32 17.16
N MET D 397 -4.08 22.61 17.91
CA MET D 397 -5.10 23.60 17.52
C MET D 397 -4.59 25.03 17.60
N ASP D 398 -3.69 25.31 18.54
CA ASP D 398 -3.23 26.67 18.82
C ASP D 398 -2.31 27.26 17.74
N GLU D 399 -1.78 26.42 16.85
CA GLU D 399 -1.04 26.90 15.68
C GLU D 399 -1.92 27.47 14.57
N LEU D 400 -3.22 27.14 14.57
CA LEU D 400 -4.15 27.67 13.56
C LEU D 400 -4.36 29.18 13.68
N SER D 401 -4.70 29.79 12.56
CA SER D 401 -5.16 31.17 12.52
C SER D 401 -6.55 31.25 13.17
N GLU D 402 -6.93 32.47 13.57
CA GLU D 402 -8.28 32.71 14.11
C GLU D 402 -9.36 32.54 13.03
N GLU D 403 -9.00 32.79 11.77
CA GLU D 403 -9.87 32.47 10.63
C GLU D 403 -10.06 30.95 10.44
N ASP D 404 -8.98 30.18 10.63
CA ASP D 404 -9.04 28.72 10.50
C ASP D 404 -9.87 28.07 11.59
N LYS D 405 -9.51 28.31 12.86
CA LYS D 405 -10.24 27.69 13.98
C LYS D 405 -11.69 28.17 14.12
N LEU D 406 -12.03 29.27 13.43
CA LEU D 406 -13.43 29.63 13.18
C LEU D 406 -14.08 28.63 12.21
N THR D 407 -13.41 28.37 11.08
CA THR D 407 -13.90 27.38 10.10
C THR D 407 -13.84 25.93 10.59
N VAL D 408 -12.98 25.64 11.58
CA VAL D 408 -12.94 24.31 12.21
C VAL D 408 -14.17 24.12 13.11
N SER D 409 -14.45 25.11 13.96
CA SER D 409 -15.60 25.06 14.86
C SER D 409 -16.93 25.01 14.11
N ARG D 410 -17.07 25.84 13.06
CA ARG D 410 -18.25 25.83 12.20
C ARG D 410 -18.43 24.52 11.44
N ALA D 411 -17.34 23.96 10.92
CA ALA D 411 -17.37 22.66 10.22
C ALA D 411 -17.90 21.53 11.11
N ARG D 412 -17.38 21.46 12.34
CA ARG D 412 -17.79 20.43 13.29
C ARG D 412 -19.26 20.53 13.71
N LYS D 413 -19.78 21.76 13.79
CA LYS D 413 -21.21 21.98 14.03
C LYS D 413 -22.04 21.62 12.80
N ILE D 414 -21.54 21.97 11.61
CA ILE D 414 -22.19 21.62 10.34
C ILE D 414 -22.25 20.10 10.11
N GLN D 415 -21.17 19.38 10.43
CA GLN D 415 -21.18 17.91 10.43
C GLN D 415 -22.31 17.32 11.27
N ARG D 416 -22.47 17.86 12.47
CA ARG D 416 -23.50 17.42 13.42
C ARG D 416 -24.91 17.81 12.99
N PHE D 417 -25.07 18.98 12.38
CA PHE D 417 -26.39 19.41 11.88
C PHE D 417 -26.83 18.66 10.60
N LEU D 418 -25.88 18.02 9.91
CA LEU D 418 -26.22 17.07 8.82
C LEU D 418 -26.82 15.75 9.35
N SER D 419 -26.51 15.40 10.60
CA SER D 419 -27.12 14.24 11.26
C SER D 419 -28.60 14.51 11.58
N GLN D 420 -29.37 13.42 11.66
CA GLN D 420 -30.84 13.51 11.79
C GLN D 420 -31.42 12.19 12.33
N PRO D 421 -32.32 12.28 13.33
CA PRO D 421 -32.99 11.08 13.83
C PRO D 421 -34.16 10.67 12.95
N PHE D 422 -34.08 9.50 12.32
CA PHE D 422 -35.18 8.97 11.51
C PHE D 422 -36.26 8.32 12.37
N GLN D 423 -37.48 8.27 11.83
CA GLN D 423 -38.59 7.57 12.52
C GLN D 423 -38.39 6.05 12.50
N VAL D 424 -37.98 5.52 11.33
CA VAL D 424 -37.66 4.09 11.20
C VAL D 424 -36.46 3.66 12.06
N ALA D 425 -35.58 4.61 12.36
CA ALA D 425 -34.40 4.37 13.22
C ALA D 425 -34.58 4.79 14.69
N GLU D 426 -35.83 4.94 15.16
CA GLU D 426 -36.10 5.31 16.56
C GLU D 426 -35.59 4.28 17.57
N VAL D 427 -35.66 2.99 17.19
CA VAL D 427 -35.16 1.91 18.05
C VAL D 427 -33.62 1.86 18.25
N PHE D 428 -32.87 2.58 17.41
CA PHE D 428 -31.40 2.66 17.51
C PHE D 428 -30.93 3.96 18.16
N THR D 429 -31.54 5.09 17.77
CA THR D 429 -31.14 6.41 18.27
C THR D 429 -31.55 6.63 19.73
N GLY D 430 -32.84 6.40 20.01
CA GLY D 430 -33.45 6.79 21.27
C GLY D 430 -33.98 8.22 21.26
N HIS D 431 -34.12 8.79 20.05
CA HIS D 431 -34.65 10.13 19.84
C HIS D 431 -35.86 10.04 18.92
N LEU D 432 -36.78 10.99 19.07
CA LEU D 432 -38.01 11.01 18.27
C LEU D 432 -37.68 11.36 16.82
N GLY D 433 -38.43 10.76 15.89
CA GLY D 433 -38.21 10.98 14.46
C GLY D 433 -38.61 12.39 14.04
N LYS D 434 -37.83 12.97 13.12
CA LYS D 434 -38.07 14.35 12.65
C LYS D 434 -37.90 14.47 11.13
N LEU D 435 -38.84 15.20 10.51
CA LEU D 435 -38.81 15.51 9.08
C LEU D 435 -38.59 17.02 8.97
N VAL D 436 -37.49 17.42 8.31
CA VAL D 436 -37.12 18.83 8.17
C VAL D 436 -37.47 19.32 6.75
N PRO D 437 -38.37 20.32 6.62
CA PRO D 437 -38.66 20.88 5.29
C PRO D 437 -37.45 21.59 4.66
N LEU D 438 -37.43 21.61 3.32
CA LEU D 438 -36.32 22.18 2.54
C LEU D 438 -36.00 23.65 2.87
N LYS D 439 -37.05 24.42 3.19
CA LYS D 439 -36.89 25.84 3.56
C LYS D 439 -36.06 26.00 4.84
N GLU D 440 -36.41 25.21 5.87
CA GLU D 440 -35.71 25.25 7.16
C GLU D 440 -34.32 24.58 7.15
N THR D 441 -34.09 23.68 6.19
CA THR D 441 -32.77 23.09 5.98
C THR D 441 -31.79 24.16 5.51
N ILE D 442 -32.13 24.84 4.41
CA ILE D 442 -31.28 25.85 3.79
C ILE D 442 -30.96 26.99 4.77
N LYS D 443 -31.99 27.49 5.47
CA LYS D 443 -31.83 28.54 6.48
C LYS D 443 -30.93 28.11 7.63
N GLY D 444 -31.02 26.84 8.04
CA GLY D 444 -30.21 26.30 9.12
C GLY D 444 -28.72 26.31 8.83
N PHE D 445 -28.35 25.79 7.67
CA PHE D 445 -26.95 25.81 7.23
C PHE D 445 -26.47 27.19 6.77
N GLN D 446 -27.40 28.07 6.36
CA GLN D 446 -27.07 29.47 6.09
C GLN D 446 -26.56 30.18 7.36
N GLN D 447 -27.33 30.07 8.44
CA GLN D 447 -27.01 30.73 9.71
C GLN D 447 -25.71 30.24 10.35
N ILE D 448 -25.45 28.94 10.27
CA ILE D 448 -24.24 28.35 10.85
C ILE D 448 -23.00 28.78 10.05
N LEU D 449 -23.14 28.88 8.73
CA LEU D 449 -22.07 29.39 7.86
C LEU D 449 -21.72 30.85 8.19
N ALA D 450 -22.74 31.69 8.37
CA ALA D 450 -22.55 33.12 8.67
C ALA D 450 -21.96 33.40 10.06
N GLY D 451 -22.05 32.42 10.97
CA GLY D 451 -21.50 32.54 12.32
C GLY D 451 -22.50 32.98 13.36
N GLU D 452 -23.79 32.79 13.08
CA GLU D 452 -24.87 33.22 13.98
C GLU D 452 -25.01 32.32 15.22
N TYR D 453 -24.37 31.14 15.21
CA TYR D 453 -24.37 30.25 16.37
C TYR D 453 -22.95 29.85 16.81
N ASP D 454 -21.98 30.74 16.67
CA ASP D 454 -20.60 30.50 17.14
C ASP D 454 -20.53 30.50 18.68
N HIS D 455 -21.36 31.33 19.31
CA HIS D 455 -21.52 31.33 20.76
C HIS D 455 -22.07 30.02 21.33
N LEU D 456 -23.00 29.38 20.60
CA LEU D 456 -23.61 28.12 21.03
C LEU D 456 -22.62 26.94 20.99
N PRO D 457 -22.83 25.92 21.83
CA PRO D 457 -21.88 24.83 21.92
C PRO D 457 -22.02 23.80 20.78
N GLU D 458 -21.10 22.86 20.75
CA GLU D 458 -20.94 21.91 19.65
C GLU D 458 -22.05 20.87 19.59
N GLN D 459 -22.34 20.26 20.74
CA GLN D 459 -23.23 19.08 20.79
C GLN D 459 -24.72 19.39 20.64
N ALA D 460 -25.10 20.66 20.68
CA ALA D 460 -26.50 21.07 20.47
C ALA D 460 -27.02 20.82 19.05
N PHE D 461 -26.12 20.81 18.07
CA PHE D 461 -26.47 20.52 16.66
C PHE D 461 -26.61 19.03 16.35
N TYR D 462 -26.05 18.18 17.21
CA TYR D 462 -26.04 16.73 17.00
C TYR D 462 -27.42 16.10 17.24
N MET D 463 -27.93 15.44 16.20
CA MET D 463 -29.13 14.60 16.30
C MET D 463 -30.38 15.41 16.67
N VAL D 464 -30.66 16.43 15.86
CA VAL D 464 -31.88 17.24 15.96
C VAL D 464 -32.42 17.53 14.57
N GLY D 465 -33.73 17.82 14.50
CA GLY D 465 -34.40 18.09 13.24
C GLY D 465 -34.06 19.47 12.70
N PRO D 466 -34.92 20.48 12.93
CA PRO D 466 -34.60 21.82 12.43
C PRO D 466 -33.54 22.55 13.26
N ILE D 467 -33.10 23.70 12.75
CA ILE D 467 -32.15 24.57 13.45
C ILE D 467 -32.68 25.12 14.79
N GLU D 468 -33.99 25.25 14.91
CA GLU D 468 -34.62 25.74 16.14
C GLU D 468 -34.34 24.83 17.34
N GLU D 469 -34.38 23.52 17.12
CA GLU D 469 -34.09 22.52 18.17
C GLU D 469 -32.66 22.60 18.73
N ALA D 470 -31.71 23.06 17.92
CA ALA D 470 -30.35 23.30 18.38
C ALA D 470 -30.30 24.41 19.44
N VAL D 471 -31.05 25.49 19.20
CA VAL D 471 -31.10 26.62 20.13
C VAL D 471 -31.74 26.20 21.46
N ALA D 472 -32.83 25.44 21.39
CA ALA D 472 -33.51 24.91 22.57
C ALA D 472 -32.65 23.90 23.34
N LYS D 473 -32.02 22.97 22.60
CA LYS D 473 -31.13 21.97 23.19
C LYS D 473 -29.87 22.60 23.80
N ALA D 474 -29.39 23.70 23.24
CA ALA D 474 -28.24 24.44 23.77
C ALA D 474 -28.52 25.02 25.16
N ASP D 475 -29.75 25.49 25.37
CA ASP D 475 -30.19 26.00 26.68
C ASP D 475 -30.37 24.87 27.70
N LYS D 476 -30.82 23.71 27.23
CA LYS D 476 -30.96 22.51 28.08
C LYS D 476 -29.61 21.99 28.60
N LEU D 477 -28.57 22.07 27.77
CA LEU D 477 -27.21 21.65 28.17
C LEU D 477 -26.51 22.59 29.17
N ALA D 478 -27.06 23.80 29.37
CA ALA D 478 -26.59 24.69 30.45
C ALA D 478 -26.79 24.06 31.84
N GLU D 479 -27.90 23.33 32.01
CA GLU D 479 -28.11 22.50 33.20
C GLU D 479 -29.11 21.38 32.90
N THR E 13 10.10 -22.43 -48.36
CA THR E 13 8.85 -22.81 -49.09
C THR E 13 7.62 -22.11 -48.52
N THR E 14 6.50 -22.22 -49.25
CA THR E 14 5.27 -21.51 -48.90
C THR E 14 4.41 -22.32 -47.90
N GLY E 15 4.21 -21.74 -46.71
CA GLY E 15 3.33 -22.30 -45.68
C GLY E 15 2.01 -21.53 -45.59
N ARG E 16 0.99 -22.20 -45.03
CA ARG E 16 -0.38 -21.67 -44.96
C ARG E 16 -0.71 -21.12 -43.56
N ILE E 17 -1.51 -20.05 -43.51
CA ILE E 17 -2.05 -19.54 -42.25
C ILE E 17 -3.13 -20.48 -41.73
N VAL E 18 -2.95 -21.01 -40.52
CA VAL E 18 -3.94 -21.90 -39.88
C VAL E 18 -4.76 -21.25 -38.76
N ALA E 19 -4.31 -20.09 -38.24
CA ALA E 19 -5.08 -19.32 -37.28
C ALA E 19 -4.67 -17.85 -37.24
N VAL E 20 -5.65 -16.97 -37.01
CA VAL E 20 -5.43 -15.52 -36.83
C VAL E 20 -6.24 -15.05 -35.62
N ILE E 21 -5.55 -14.68 -34.55
CA ILE E 21 -6.17 -14.13 -33.33
C ILE E 21 -5.47 -12.82 -33.03
N GLY E 22 -6.12 -11.70 -33.36
CA GLY E 22 -5.55 -10.36 -33.18
C GLY E 22 -4.28 -10.20 -34.00
N ALA E 23 -3.16 -9.97 -33.31
CA ALA E 23 -1.84 -9.87 -33.95
C ALA E 23 -0.97 -11.11 -33.70
N VAL E 24 -1.60 -12.29 -33.61
CA VAL E 24 -0.91 -13.56 -33.36
C VAL E 24 -1.35 -14.58 -34.40
N VAL E 25 -0.55 -14.73 -35.45
CA VAL E 25 -0.87 -15.60 -36.59
C VAL E 25 -0.14 -16.94 -36.45
N ASP E 26 -0.90 -18.04 -36.51
CA ASP E 26 -0.33 -19.39 -36.59
C ASP E 26 -0.16 -19.77 -38.07
N VAL E 27 0.98 -20.38 -38.40
CA VAL E 27 1.33 -20.72 -39.77
C VAL E 27 1.78 -22.19 -39.84
N GLN E 28 1.11 -22.98 -40.68
CA GLN E 28 1.48 -24.37 -40.93
C GLN E 28 2.42 -24.48 -42.15
N PHE E 29 3.39 -25.38 -42.05
CA PHE E 29 4.29 -25.72 -43.16
C PHE E 29 4.23 -27.23 -43.42
N ASP E 30 4.93 -27.68 -44.45
CA ASP E 30 4.98 -29.11 -44.81
C ASP E 30 6.42 -29.65 -44.79
N GLU E 31 7.27 -29.08 -45.64
CA GLU E 31 8.62 -29.61 -45.85
C GLU E 31 9.58 -29.23 -44.72
N GLY E 32 9.83 -27.93 -44.56
CA GLY E 32 10.80 -27.42 -43.59
C GLY E 32 10.30 -26.21 -42.84
N LEU E 33 10.26 -26.30 -41.52
CA LEU E 33 9.79 -25.19 -40.67
C LEU E 33 10.89 -24.15 -40.48
N PRO E 34 10.51 -22.86 -40.37
CA PRO E 34 11.49 -21.81 -40.08
C PRO E 34 11.87 -21.82 -38.60
N PRO E 35 13.12 -21.45 -38.26
CA PRO E 35 13.46 -21.33 -36.84
C PRO E 35 12.80 -20.12 -36.15
N ILE E 36 12.99 -20.00 -34.84
CA ILE E 36 12.45 -18.87 -34.08
C ILE E 36 13.22 -17.61 -34.47
N LEU E 37 12.51 -16.48 -34.50
CA LEU E 37 13.02 -15.16 -34.92
C LEU E 37 13.10 -14.94 -36.44
N ASN E 38 12.62 -15.89 -37.25
CA ASN E 38 12.60 -15.72 -38.71
C ASN E 38 11.44 -14.84 -39.17
N ALA E 39 11.70 -14.07 -40.25
CA ALA E 39 10.70 -13.18 -40.84
C ALA E 39 9.96 -13.92 -41.96
N LEU E 40 8.62 -13.86 -41.92
CA LEU E 40 7.78 -14.51 -42.92
C LEU E 40 6.96 -13.44 -43.66
N GLU E 41 7.08 -13.42 -44.99
CA GLU E 41 6.32 -12.50 -45.84
C GLU E 41 4.99 -13.13 -46.19
N VAL E 42 3.91 -12.38 -46.00
CA VAL E 42 2.57 -12.83 -46.39
C VAL E 42 2.33 -12.45 -47.86
N GLN E 43 1.98 -13.43 -48.68
CA GLN E 43 1.68 -13.20 -50.09
C GLN E 43 0.23 -12.78 -50.26
N GLY E 44 -0.04 -12.00 -51.30
CA GLY E 44 -1.39 -11.51 -51.57
C GLY E 44 -1.79 -10.37 -50.65
N ARG E 45 -0.87 -9.43 -50.45
CA ARG E 45 -1.12 -8.21 -49.68
C ARG E 45 -0.64 -7.02 -50.49
N GLU E 46 -1.30 -5.88 -50.32
CA GLU E 46 -0.95 -4.66 -51.05
C GLU E 46 0.23 -3.97 -50.36
N THR E 47 0.15 -3.82 -49.04
CA THR E 47 1.27 -3.38 -48.21
C THR E 47 1.98 -4.60 -47.63
N ARG E 48 3.27 -4.44 -47.33
CA ARG E 48 4.11 -5.55 -46.86
C ARG E 48 3.80 -5.91 -45.41
N LEU E 49 3.50 -7.19 -45.17
CA LEU E 49 3.15 -7.70 -43.83
C LEU E 49 4.14 -8.78 -43.36
N VAL E 50 5.09 -8.37 -42.51
CA VAL E 50 6.09 -9.29 -41.94
C VAL E 50 5.53 -9.96 -40.69
N LEU E 51 5.72 -11.28 -40.57
CA LEU E 51 5.40 -12.04 -39.36
C LEU E 51 6.68 -12.64 -38.77
N GLU E 52 7.03 -12.25 -37.54
CA GLU E 52 8.22 -12.78 -36.86
C GLU E 52 7.84 -14.05 -36.10
N VAL E 53 8.61 -15.12 -36.30
CA VAL E 53 8.33 -16.40 -35.64
C VAL E 53 8.68 -16.32 -34.15
N ALA E 54 7.88 -16.98 -33.32
CA ALA E 54 8.05 -16.96 -31.87
C ALA E 54 8.19 -18.36 -31.28
N GLN E 55 7.20 -19.22 -31.54
CA GLN E 55 7.14 -20.56 -30.94
C GLN E 55 6.84 -21.64 -31.99
N HIS E 56 7.55 -22.76 -31.91
CA HIS E 56 7.16 -23.97 -32.61
C HIS E 56 6.14 -24.70 -31.74
N LEU E 57 4.88 -24.64 -32.16
CA LEU E 57 3.78 -25.23 -31.40
C LEU E 57 3.75 -26.75 -31.51
N GLY E 58 4.19 -27.28 -32.66
CA GLY E 58 4.16 -28.72 -32.93
C GLY E 58 3.21 -29.05 -34.07
N GLU E 59 3.43 -30.22 -34.66
CA GLU E 59 2.67 -30.70 -35.83
C GLU E 59 2.81 -29.75 -37.04
N SER E 60 4.08 -29.46 -37.37
CA SER E 60 4.45 -28.61 -38.50
C SER E 60 3.88 -27.17 -38.46
N THR E 61 3.54 -26.68 -37.28
CA THR E 61 2.92 -25.35 -37.12
C THR E 61 3.78 -24.48 -36.22
N VAL E 62 3.86 -23.19 -36.55
CA VAL E 62 4.61 -22.21 -35.77
C VAL E 62 3.73 -21.01 -35.43
N ARG E 63 3.95 -20.42 -34.27
CA ARG E 63 3.25 -19.22 -33.82
C ARG E 63 4.13 -18.00 -34.11
N THR E 64 3.52 -16.96 -34.68
CA THR E 64 4.23 -15.75 -35.07
C THR E 64 3.57 -14.51 -34.48
N ILE E 65 4.34 -13.42 -34.39
CA ILE E 65 3.81 -12.11 -33.98
C ILE E 65 3.89 -11.14 -35.16
N ALA E 66 2.73 -10.60 -35.56
CA ALA E 66 2.62 -9.74 -36.73
C ALA E 66 3.16 -8.34 -36.44
N MET E 67 3.92 -7.79 -37.40
CA MET E 67 4.51 -6.46 -37.28
C MET E 67 3.59 -5.37 -37.83
N ASP E 68 2.48 -5.76 -38.46
CA ASP E 68 1.45 -4.82 -38.90
C ASP E 68 0.07 -5.47 -38.75
N GLY E 69 -0.98 -4.67 -38.95
CA GLY E 69 -2.36 -5.11 -38.77
C GLY E 69 -2.73 -6.35 -39.57
N THR E 70 -3.50 -7.23 -38.95
CA THR E 70 -3.86 -8.52 -39.54
C THR E 70 -5.27 -8.56 -40.14
N GLU E 71 -5.94 -7.41 -40.24
CA GLU E 71 -7.24 -7.32 -40.91
C GLU E 71 -7.12 -7.72 -42.38
N GLY E 72 -8.06 -8.53 -42.87
CA GLY E 72 -8.06 -9.01 -44.25
C GLY E 72 -7.50 -10.41 -44.50
N LEU E 73 -6.79 -10.97 -43.51
CA LEU E 73 -6.15 -12.28 -43.67
C LEU E 73 -7.16 -13.42 -43.60
N VAL E 74 -7.04 -14.36 -44.53
CA VAL E 74 -7.90 -15.55 -44.62
C VAL E 74 -7.12 -16.77 -44.13
N ARG E 75 -7.84 -17.75 -43.57
CA ARG E 75 -7.23 -19.04 -43.24
C ARG E 75 -6.87 -19.79 -44.52
N GLY E 76 -5.58 -20.08 -44.69
CA GLY E 76 -5.04 -20.69 -45.91
C GLY E 76 -4.30 -19.74 -46.83
N GLN E 77 -4.02 -18.52 -46.36
CA GLN E 77 -3.32 -17.52 -47.14
C GLN E 77 -1.82 -17.84 -47.17
N LYS E 78 -1.17 -17.57 -48.30
CA LYS E 78 0.21 -18.00 -48.53
C LYS E 78 1.22 -17.17 -47.73
N VAL E 79 2.09 -17.86 -46.99
CA VAL E 79 3.12 -17.22 -46.16
C VAL E 79 4.47 -17.84 -46.51
N LEU E 80 5.38 -17.00 -46.98
CA LEU E 80 6.67 -17.44 -47.52
C LEU E 80 7.78 -17.20 -46.51
N ASP E 81 8.58 -18.24 -46.26
CA ASP E 81 9.73 -18.13 -45.35
C ASP E 81 10.87 -17.39 -46.06
N SER E 82 11.34 -16.30 -45.44
CA SER E 82 12.49 -15.54 -45.97
C SER E 82 13.82 -16.27 -45.77
N GLY E 83 13.88 -17.15 -44.76
CA GLY E 83 15.08 -17.96 -44.49
C GLY E 83 16.08 -17.29 -43.56
N ALA E 84 15.65 -16.23 -42.88
CA ALA E 84 16.49 -15.48 -41.96
C ALA E 84 15.60 -14.55 -41.11
N PRO E 85 16.18 -13.91 -40.07
CA PRO E 85 15.41 -12.88 -39.34
C PRO E 85 15.06 -11.65 -40.18
N ILE E 86 14.46 -10.66 -39.53
CA ILE E 86 14.11 -9.39 -40.18
C ILE E 86 15.42 -8.70 -40.58
N ARG E 87 15.75 -8.76 -41.86
CA ARG E 87 16.93 -8.11 -42.42
C ARG E 87 16.58 -6.69 -42.86
N ILE E 88 17.41 -5.72 -42.48
CA ILE E 88 17.15 -4.30 -42.74
C ILE E 88 18.37 -3.58 -43.35
N PRO E 89 18.13 -2.62 -44.28
CA PRO E 89 19.19 -1.81 -44.89
C PRO E 89 20.12 -1.15 -43.88
N VAL E 90 21.43 -1.36 -44.03
CA VAL E 90 22.44 -0.69 -43.21
C VAL E 90 23.57 -0.14 -44.08
N GLY E 91 24.17 0.97 -43.63
CA GLY E 91 25.17 1.70 -44.40
C GLY E 91 25.15 3.19 -44.11
N PRO E 92 25.92 3.98 -44.86
CA PRO E 92 25.85 5.44 -44.75
C PRO E 92 24.60 6.06 -45.38
N GLU E 93 23.93 5.34 -46.29
CA GLU E 93 22.70 5.82 -46.93
C GLU E 93 21.50 5.92 -45.97
N THR E 94 21.55 5.17 -44.88
CA THR E 94 20.53 5.26 -43.81
C THR E 94 20.54 6.61 -43.10
N LEU E 95 21.69 7.29 -43.08
CA LEU E 95 21.81 8.61 -42.46
C LEU E 95 20.95 9.63 -43.22
N GLY E 96 20.12 10.36 -42.48
CA GLY E 96 19.15 11.31 -43.07
C GLY E 96 17.84 10.70 -43.54
N ARG E 97 17.63 9.40 -43.28
CA ARG E 97 16.44 8.67 -43.73
C ARG E 97 15.67 8.09 -42.56
N ILE E 98 14.35 7.94 -42.75
CA ILE E 98 13.46 7.34 -41.75
C ILE E 98 13.06 5.96 -42.27
N MET E 99 13.19 4.95 -41.41
CA MET E 99 12.75 3.58 -41.71
C MET E 99 11.88 3.03 -40.59
N ASN E 100 11.02 2.08 -40.92
CA ASN E 100 10.23 1.36 -39.91
C ASN E 100 11.01 0.17 -39.33
N VAL E 101 10.39 -0.57 -38.41
CA VAL E 101 10.98 -1.77 -37.80
C VAL E 101 11.49 -2.81 -38.80
N ILE E 102 10.79 -2.97 -39.93
CA ILE E 102 11.17 -3.94 -40.97
C ILE E 102 12.07 -3.37 -42.08
N GLY E 103 12.58 -2.15 -41.91
CA GLY E 103 13.54 -1.54 -42.83
C GLY E 103 12.98 -0.69 -43.96
N GLU E 104 11.67 -0.79 -44.22
CA GLU E 104 11.02 0.03 -45.27
C GLU E 104 11.15 1.52 -44.99
N PRO E 105 11.33 2.34 -46.05
CA PRO E 105 11.36 3.78 -45.84
C PRO E 105 9.96 4.35 -45.65
N ILE E 106 9.79 5.20 -44.63
CA ILE E 106 8.51 5.85 -44.35
C ILE E 106 8.58 7.39 -44.41
N ASP E 107 9.66 7.92 -45.01
CA ASP E 107 9.77 9.36 -45.30
C ASP E 107 9.39 9.71 -46.75
N GLU E 108 9.10 8.70 -47.57
CA GLU E 108 8.72 8.87 -48.98
C GLU E 108 9.80 9.59 -49.80
N ARG E 109 11.00 9.00 -49.80
CA ARG E 109 12.13 9.44 -50.64
C ARG E 109 12.72 8.26 -51.41
N GLY E 110 11.86 7.33 -51.82
CA GLY E 110 12.29 6.11 -52.52
C GLY E 110 12.99 5.10 -51.62
N PRO E 111 13.46 3.97 -52.20
CA PRO E 111 14.18 2.94 -51.42
C PRO E 111 15.53 3.42 -50.89
N ILE E 112 15.95 2.85 -49.75
CA ILE E 112 17.22 3.17 -49.12
C ILE E 112 18.29 2.31 -49.79
N LYS E 113 19.11 2.93 -50.64
CA LYS E 113 20.00 2.22 -51.56
C LYS E 113 21.34 1.88 -50.91
N THR E 114 21.32 0.89 -50.02
CA THR E 114 22.54 0.36 -49.40
C THR E 114 23.01 -0.90 -50.11
N LYS E 115 24.25 -1.28 -49.83
CA LYS E 115 24.89 -2.48 -50.40
C LYS E 115 25.09 -3.59 -49.35
N GLN E 116 24.43 -3.45 -48.19
CA GLN E 116 24.39 -4.50 -47.16
C GLN E 116 22.97 -4.64 -46.60
N PHE E 117 22.68 -5.83 -46.06
CA PHE E 117 21.40 -6.13 -45.43
C PHE E 117 21.65 -6.91 -44.13
N ALA E 118 21.65 -6.19 -42.99
CA ALA E 118 21.93 -6.80 -41.68
C ALA E 118 20.65 -7.27 -40.98
N ALA E 119 20.75 -8.39 -40.27
CA ALA E 119 19.64 -8.92 -39.47
C ALA E 119 19.55 -8.19 -38.12
N ILE E 120 18.32 -7.90 -37.68
CA ILE E 120 18.09 -7.18 -36.41
C ILE E 120 18.38 -8.01 -35.16
N HIS E 121 18.10 -9.32 -35.23
CA HIS E 121 18.45 -10.24 -34.16
C HIS E 121 19.89 -10.72 -34.36
N ALA E 122 20.79 -10.14 -33.55
CA ALA E 122 22.22 -10.46 -33.57
C ALA E 122 22.69 -10.71 -32.15
N GLU E 123 23.55 -11.71 -31.97
CA GLU E 123 24.12 -12.02 -30.66
C GLU E 123 25.02 -10.88 -30.18
N ALA E 124 25.03 -10.66 -28.86
CA ALA E 124 25.87 -9.63 -28.26
C ALA E 124 27.35 -10.02 -28.36
N PRO E 125 28.26 -9.04 -28.28
CA PRO E 125 29.69 -9.37 -28.39
C PRO E 125 30.16 -10.33 -27.31
N GLU E 126 31.08 -11.23 -27.67
CA GLU E 126 31.60 -12.26 -26.75
C GLU E 126 32.44 -11.63 -25.63
N PHE E 127 32.77 -12.44 -24.63
CA PHE E 127 33.59 -11.96 -23.51
C PHE E 127 35.00 -11.53 -23.96
N VAL E 128 35.58 -12.28 -24.90
CA VAL E 128 36.89 -11.94 -25.49
C VAL E 128 36.95 -10.57 -26.16
N GLU E 129 35.83 -10.14 -26.75
CA GLU E 129 35.75 -8.86 -27.48
C GLU E 129 35.67 -7.63 -26.57
N MET E 130 35.34 -7.82 -25.29
CA MET E 130 35.07 -6.70 -24.38
C MET E 130 36.29 -5.83 -24.10
N SER E 131 36.08 -4.51 -24.20
CA SER E 131 37.11 -3.52 -23.89
C SER E 131 37.12 -3.27 -22.38
N VAL E 132 38.20 -3.71 -21.72
CA VAL E 132 38.42 -3.41 -20.29
C VAL E 132 38.77 -1.94 -19.99
N GLU E 133 39.09 -1.16 -21.03
CA GLU E 133 39.41 0.26 -20.89
C GLU E 133 38.17 1.08 -20.53
N GLN E 134 38.29 1.89 -19.48
CA GLN E 134 37.21 2.78 -19.02
C GLN E 134 37.36 4.16 -19.66
N GLU E 135 37.09 4.24 -20.96
CA GLU E 135 37.23 5.51 -21.70
C GLU E 135 36.02 6.43 -21.45
N ILE E 136 36.19 7.70 -21.84
CA ILE E 136 35.20 8.75 -21.61
C ILE E 136 34.81 9.42 -22.93
N LEU E 137 33.54 9.29 -23.30
CA LEU E 137 33.00 9.96 -24.49
C LEU E 137 32.82 11.44 -24.17
N VAL E 138 33.69 12.26 -24.76
CA VAL E 138 33.63 13.71 -24.57
C VAL E 138 32.43 14.25 -25.35
N THR E 139 31.40 14.68 -24.62
CA THR E 139 30.17 15.17 -25.24
C THR E 139 30.31 16.57 -25.80
N GLY E 140 31.12 17.41 -25.14
CA GLY E 140 31.24 18.82 -25.48
C GLY E 140 30.54 19.75 -24.50
N ILE E 141 29.49 19.25 -23.86
CA ILE E 141 28.67 20.07 -22.96
C ILE E 141 29.36 20.19 -21.60
N LYS E 142 29.23 21.35 -20.97
CA LYS E 142 29.91 21.63 -19.69
C LYS E 142 29.25 20.92 -18.50
N VAL E 143 27.93 20.99 -18.41
CA VAL E 143 27.18 20.27 -17.35
C VAL E 143 27.40 18.75 -17.36
N VAL E 144 27.53 18.17 -18.54
CA VAL E 144 27.68 16.73 -18.71
C VAL E 144 29.10 16.30 -18.38
N ASP E 145 30.07 16.79 -19.17
CA ASP E 145 31.47 16.34 -19.08
C ASP E 145 32.10 16.51 -17.69
N LEU E 146 31.77 17.60 -17.01
CA LEU E 146 32.29 17.85 -15.65
C LEU E 146 31.68 16.90 -14.62
N LEU E 147 30.37 16.93 -14.50
CA LEU E 147 29.65 16.31 -13.38
C LEU E 147 29.07 14.92 -13.66
N ALA E 148 28.54 14.71 -14.87
CA ALA E 148 27.89 13.43 -15.24
C ALA E 148 28.37 12.93 -16.62
N PRO E 149 29.68 12.66 -16.76
CA PRO E 149 30.28 12.34 -18.07
C PRO E 149 29.81 11.00 -18.65
N TYR E 150 29.72 10.96 -19.98
CA TYR E 150 29.20 9.79 -20.70
C TYR E 150 30.36 8.83 -20.98
N ALA E 151 30.25 7.60 -20.48
CA ALA E 151 31.26 6.57 -20.72
C ALA E 151 31.09 5.99 -22.13
N LYS E 152 32.21 5.66 -22.78
CA LYS E 152 32.18 5.06 -24.11
C LYS E 152 31.58 3.66 -24.04
N GLY E 153 30.65 3.36 -24.94
CA GLY E 153 29.91 2.10 -24.93
C GLY E 153 29.02 1.90 -23.71
N GLY E 154 28.60 3.00 -23.08
CA GLY E 154 27.78 2.96 -21.87
C GLY E 154 26.35 3.36 -22.16
N LYS E 155 25.52 3.29 -21.12
CA LYS E 155 24.12 3.70 -21.21
C LYS E 155 23.89 4.86 -20.25
N ILE E 156 23.08 5.83 -20.69
CA ILE E 156 22.76 7.02 -19.88
C ILE E 156 21.24 7.16 -19.77
N GLY E 157 20.78 7.43 -18.55
CA GLY E 157 19.36 7.67 -18.29
C GLY E 157 19.00 9.13 -18.48
N LEU E 158 18.21 9.42 -19.51
CA LEU E 158 17.78 10.78 -19.82
C LEU E 158 16.42 11.06 -19.19
N PHE E 159 16.45 11.61 -17.97
CA PHE E 159 15.23 11.92 -17.20
C PHE E 159 14.68 13.31 -17.52
N GLY E 160 13.45 13.56 -17.07
CA GLY E 160 12.75 14.82 -17.31
C GLY E 160 11.88 14.75 -18.55
N GLY E 161 10.70 15.38 -18.48
CA GLY E 161 9.75 15.37 -19.59
C GLY E 161 10.15 16.26 -20.75
N ALA E 162 9.19 16.52 -21.64
CA ALA E 162 9.41 17.43 -22.77
C ALA E 162 9.22 18.88 -22.34
N GLY E 163 9.62 19.81 -23.21
CA GLY E 163 9.55 21.25 -22.93
C GLY E 163 10.63 21.75 -21.98
N VAL E 164 11.77 21.05 -21.95
CA VAL E 164 12.96 21.52 -21.20
C VAL E 164 14.24 21.33 -22.05
N GLY E 165 14.08 21.42 -23.37
CA GLY E 165 15.19 21.20 -24.31
C GLY E 165 15.70 19.77 -24.31
N LYS E 166 14.80 18.80 -24.35
CA LYS E 166 15.18 17.39 -24.43
C LYS E 166 15.63 17.05 -25.85
N THR E 167 14.80 17.42 -26.84
CA THR E 167 15.14 17.21 -28.26
C THR E 167 16.31 18.08 -28.73
N VAL E 168 16.53 19.22 -28.08
CA VAL E 168 17.66 20.10 -28.37
C VAL E 168 18.98 19.50 -27.85
N LEU E 169 18.93 18.93 -26.65
CA LEU E 169 20.07 18.20 -26.06
C LEU E 169 20.49 17.00 -26.90
N ILE E 170 19.50 16.27 -27.44
CA ILE E 170 19.74 15.12 -28.32
C ILE E 170 20.50 15.58 -29.58
N MET E 171 19.96 16.59 -30.25
CA MET E 171 20.55 17.12 -31.49
C MET E 171 21.99 17.64 -31.32
N GLU E 172 22.27 18.29 -30.19
CA GLU E 172 23.63 18.78 -29.91
C GLU E 172 24.61 17.63 -29.68
N LEU E 173 24.16 16.59 -28.96
CA LEU E 173 24.97 15.38 -28.77
C LEU E 173 25.30 14.68 -30.10
N ILE E 174 24.35 14.70 -31.03
CA ILE E 174 24.57 14.23 -32.41
C ILE E 174 25.59 15.13 -33.09
N ASN E 175 25.38 16.45 -32.98
CA ASN E 175 26.25 17.45 -33.60
C ASN E 175 27.69 17.40 -33.09
N ASN E 176 27.86 17.33 -31.77
CA ASN E 176 29.17 17.40 -31.14
C ASN E 176 30.00 16.13 -31.27
N VAL E 177 29.36 14.97 -31.15
CA VAL E 177 30.04 13.66 -31.29
C VAL E 177 30.45 13.39 -32.74
N ALA E 178 29.63 13.82 -33.70
CA ALA E 178 29.97 13.73 -35.13
C ALA E 178 31.17 14.61 -35.52
N LYS E 179 31.33 15.75 -34.85
CA LYS E 179 32.44 16.67 -35.10
C LYS E 179 33.77 16.13 -34.54
N ALA E 180 33.82 15.94 -33.22
CA ALA E 180 35.07 15.61 -32.53
C ALA E 180 35.52 14.16 -32.75
N HIS E 181 34.64 13.22 -32.42
CA HIS E 181 34.96 11.78 -32.48
C HIS E 181 34.80 11.17 -33.87
N GLY E 182 34.07 11.85 -34.76
CA GLY E 182 33.82 11.33 -36.11
C GLY E 182 32.87 10.14 -36.10
N GLY E 183 31.86 10.21 -35.25
CA GLY E 183 30.90 9.12 -35.06
C GLY E 183 29.48 9.59 -35.32
N TYR E 184 28.78 8.88 -36.20
CA TYR E 184 27.38 9.19 -36.51
C TYR E 184 26.47 8.68 -35.38
N SER E 185 25.18 8.99 -35.48
CA SER E 185 24.20 8.62 -34.44
C SER E 185 23.00 7.88 -35.04
N VAL E 186 22.17 7.33 -34.16
CA VAL E 186 20.92 6.65 -34.55
C VAL E 186 19.82 7.00 -33.56
N PHE E 187 18.63 7.35 -34.07
CA PHE E 187 17.45 7.58 -33.25
C PHE E 187 16.43 6.45 -33.45
N ALA E 188 16.10 5.76 -32.36
CA ALA E 188 15.11 4.69 -32.36
C ALA E 188 13.85 5.12 -31.61
N GLY E 189 12.81 5.45 -32.35
CA GLY E 189 11.52 5.83 -31.78
C GLY E 189 10.72 4.61 -31.37
N VAL E 190 10.95 4.14 -30.15
CA VAL E 190 10.24 3.00 -29.60
C VAL E 190 8.91 3.49 -29.02
N GLY E 191 7.85 3.35 -29.81
CA GLY E 191 6.55 3.94 -29.48
C GLY E 191 6.60 5.44 -29.70
N GLU E 192 6.89 5.84 -30.92
CA GLU E 192 6.96 7.27 -31.28
C GLU E 192 5.54 7.80 -31.51
N ARG E 193 5.25 8.96 -30.92
CA ARG E 193 4.01 9.68 -31.22
C ARG E 193 4.18 10.30 -32.60
N THR E 194 3.36 9.87 -33.55
CA THR E 194 3.48 10.27 -34.97
C THR E 194 3.54 11.79 -35.18
N ARG E 195 2.85 12.56 -34.34
CA ARG E 195 2.95 14.02 -34.33
C ARG E 195 4.37 14.48 -33.94
N GLU E 196 4.92 13.88 -32.88
CA GLU E 196 6.29 14.20 -32.43
C GLU E 196 7.39 13.58 -33.29
N GLY E 197 7.05 12.54 -34.06
CA GLY E 197 7.94 12.04 -35.11
C GLY E 197 8.11 13.06 -36.24
N ASN E 198 7.02 13.76 -36.55
CA ASN E 198 7.03 14.86 -37.52
C ASN E 198 7.87 16.04 -37.05
N ASP E 199 7.70 16.42 -35.77
CA ASP E 199 8.41 17.56 -35.18
C ASP E 199 9.92 17.35 -35.04
N LEU E 200 10.32 16.15 -34.62
CA LEU E 200 11.73 15.81 -34.46
C LEU E 200 12.46 15.75 -35.81
N TYR E 201 11.78 15.22 -36.83
CA TYR E 201 12.32 15.13 -38.19
C TYR E 201 12.63 16.50 -38.77
N HIS E 202 11.64 17.40 -38.73
CA HIS E 202 11.78 18.74 -39.30
C HIS E 202 12.65 19.69 -38.46
N GLU E 203 12.73 19.49 -37.15
CA GLU E 203 13.65 20.25 -36.29
C GLU E 203 15.11 19.87 -36.53
N MET E 204 15.34 18.58 -36.78
CA MET E 204 16.67 18.09 -37.19
C MET E 204 17.10 18.60 -38.57
N ILE E 205 16.14 18.74 -39.49
CA ILE E 205 16.40 19.34 -40.82
C ILE E 205 16.83 20.80 -40.67
N GLU E 206 16.00 21.60 -39.99
CA GLU E 206 16.23 23.04 -39.84
C GLU E 206 17.51 23.40 -39.08
N SER E 207 17.90 22.57 -38.12
CA SER E 207 19.12 22.79 -37.34
C SER E 207 20.37 22.55 -38.19
N GLY E 208 20.42 21.40 -38.87
CA GLY E 208 21.58 21.02 -39.68
C GLY E 208 22.08 19.59 -39.48
N VAL E 209 21.66 18.93 -38.39
CA VAL E 209 22.05 17.54 -38.11
C VAL E 209 21.53 16.54 -39.14
N ILE E 210 20.35 16.81 -39.70
CA ILE E 210 19.89 16.16 -40.92
C ILE E 210 20.09 17.13 -42.08
N ASN E 211 20.45 16.58 -43.24
CA ASN E 211 20.60 17.34 -44.48
C ASN E 211 19.86 16.60 -45.59
N LEU E 212 18.91 17.27 -46.22
CA LEU E 212 18.06 16.66 -47.26
C LEU E 212 18.67 16.73 -48.67
N LYS E 213 19.52 17.73 -48.92
CA LYS E 213 20.04 18.01 -50.27
C LYS E 213 21.36 17.30 -50.57
N ASP E 214 22.26 17.26 -49.58
CA ASP E 214 23.53 16.52 -49.67
C ASP E 214 23.62 15.47 -48.57
N ALA E 215 24.65 14.61 -48.64
CA ALA E 215 24.83 13.51 -47.70
C ALA E 215 25.79 13.85 -46.55
N THR E 216 25.42 14.87 -45.77
CA THR E 216 26.13 15.22 -44.52
C THR E 216 25.24 14.96 -43.29
N SER E 217 24.30 14.02 -43.42
CA SER E 217 23.34 13.72 -42.36
C SER E 217 24.04 12.96 -41.24
N LYS E 218 23.79 13.38 -40.00
CA LYS E 218 24.47 12.85 -38.82
C LYS E 218 23.60 11.86 -38.00
N VAL E 219 22.39 11.55 -38.47
CA VAL E 219 21.49 10.60 -37.80
C VAL E 219 20.74 9.72 -38.78
N ALA E 220 20.61 8.44 -38.41
CA ALA E 220 19.63 7.55 -39.02
C ALA E 220 18.43 7.54 -38.09
N LEU E 221 17.23 7.61 -38.67
CA LEU E 221 15.99 7.61 -37.89
C LEU E 221 15.26 6.28 -38.08
N VAL E 222 14.77 5.71 -36.97
CA VAL E 222 14.03 4.45 -36.98
C VAL E 222 12.78 4.59 -36.10
N TYR E 223 11.61 4.71 -36.72
CA TYR E 223 10.35 4.92 -35.99
C TYR E 223 9.48 3.67 -35.89
N GLY E 224 9.15 3.30 -34.66
CA GLY E 224 8.13 2.30 -34.37
C GLY E 224 7.01 3.01 -33.65
N GLN E 225 6.04 3.49 -34.42
CA GLN E 225 4.99 4.38 -33.90
C GLN E 225 3.97 3.65 -33.03
N MET E 226 3.26 4.41 -32.21
CA MET E 226 2.36 3.85 -31.18
C MET E 226 1.14 3.11 -31.75
N ASN E 227 0.64 3.55 -32.90
CA ASN E 227 -0.47 2.87 -33.57
C ASN E 227 -0.11 1.52 -34.23
N GLU E 228 1.17 1.17 -34.29
CA GLU E 228 1.62 -0.15 -34.76
C GLU E 228 1.46 -1.21 -33.66
N PRO E 229 1.33 -2.50 -34.03
CA PRO E 229 1.14 -3.57 -33.04
C PRO E 229 2.32 -3.79 -32.07
N PRO E 230 2.13 -4.64 -31.04
CA PRO E 230 3.18 -4.91 -30.04
C PRO E 230 4.48 -5.45 -30.63
N GLY E 231 4.37 -6.31 -31.64
CA GLY E 231 5.53 -6.82 -32.38
C GLY E 231 6.42 -5.74 -32.97
N ALA E 232 5.82 -4.64 -33.44
CA ALA E 232 6.57 -3.53 -34.03
C ALA E 232 7.40 -2.77 -32.99
N ARG E 233 6.71 -2.31 -31.94
CA ARG E 233 7.36 -1.54 -30.87
C ARG E 233 8.35 -2.35 -30.04
N ALA E 234 8.18 -3.68 -30.01
CA ALA E 234 9.11 -4.58 -29.33
C ALA E 234 10.48 -4.63 -30.03
N ARG E 235 10.47 -4.77 -31.36
CA ARG E 235 11.69 -5.02 -32.14
C ARG E 235 12.32 -3.79 -32.80
N VAL E 236 11.65 -2.63 -32.76
CA VAL E 236 12.18 -1.42 -33.42
C VAL E 236 13.46 -0.87 -32.78
N ALA E 237 13.66 -1.14 -31.48
CA ALA E 237 14.91 -0.83 -30.79
C ALA E 237 16.07 -1.65 -31.34
N LEU E 238 15.81 -2.91 -31.67
CA LEU E 238 16.81 -3.81 -32.26
C LEU E 238 17.17 -3.37 -33.69
N THR E 239 16.18 -2.86 -34.43
CA THR E 239 16.40 -2.35 -35.79
C THR E 239 17.39 -1.18 -35.81
N GLY E 240 17.14 -0.18 -34.97
CA GLY E 240 18.04 0.97 -34.83
C GLY E 240 19.40 0.62 -34.24
N LEU E 241 19.40 -0.36 -33.34
CA LEU E 241 20.63 -0.91 -32.78
C LEU E 241 21.52 -1.55 -33.85
N THR E 242 20.91 -2.21 -34.83
CA THR E 242 21.63 -2.81 -35.97
C THR E 242 22.25 -1.78 -36.91
N VAL E 243 21.59 -0.64 -37.09
CA VAL E 243 22.12 0.48 -37.88
C VAL E 243 23.39 1.03 -37.21
N ALA E 244 23.38 1.11 -35.88
CA ALA E 244 24.56 1.51 -35.10
C ALA E 244 25.67 0.46 -35.14
N GLU E 245 25.28 -0.82 -35.14
CA GLU E 245 26.24 -1.94 -35.22
C GLU E 245 27.06 -1.96 -36.52
N TYR E 246 26.52 -1.41 -37.60
CA TYR E 246 27.27 -1.25 -38.84
C TYR E 246 28.42 -0.26 -38.66
N PHE E 247 28.11 0.92 -38.14
CA PHE E 247 29.10 1.99 -37.97
C PHE E 247 30.20 1.62 -36.96
N ARG E 248 29.85 0.83 -35.95
CA ARG E 248 30.83 0.34 -34.97
C ARG E 248 31.72 -0.76 -35.58
N ASP E 249 31.08 -1.85 -36.00
CA ASP E 249 31.81 -3.05 -36.43
C ASP E 249 32.56 -2.84 -37.74
N GLN E 250 31.83 -2.44 -38.79
CA GLN E 250 32.40 -2.33 -40.13
C GLN E 250 33.32 -1.12 -40.32
N GLU E 251 33.02 0.01 -39.66
CA GLU E 251 33.78 1.25 -39.83
C GLU E 251 34.42 1.85 -38.56
N GLY E 252 34.45 1.09 -37.46
CA GLY E 252 35.24 1.43 -36.27
C GLY E 252 34.89 2.73 -35.56
N GLN E 253 33.63 3.16 -35.63
CA GLN E 253 33.20 4.44 -35.07
C GLN E 253 32.74 4.31 -33.62
N ASP E 254 32.77 5.44 -32.91
CA ASP E 254 32.16 5.57 -31.59
C ASP E 254 30.76 6.15 -31.80
N VAL E 255 29.76 5.26 -31.82
CA VAL E 255 28.41 5.57 -32.29
C VAL E 255 27.50 5.99 -31.13
N LEU E 256 26.47 6.79 -31.44
CA LEU E 256 25.40 7.11 -30.49
C LEU E 256 24.13 6.38 -30.90
N LEU E 257 23.37 5.91 -29.91
CA LEU E 257 22.07 5.30 -30.12
C LEU E 257 21.06 5.92 -29.16
N PHE E 258 20.18 6.78 -29.69
CA PHE E 258 19.10 7.38 -28.92
C PHE E 258 17.88 6.46 -28.94
N ILE E 259 17.47 5.97 -27.77
CA ILE E 259 16.26 5.17 -27.62
C ILE E 259 15.24 6.02 -26.85
N ASP E 260 14.06 6.20 -27.46
CA ASP E 260 12.97 6.96 -26.85
C ASP E 260 11.67 6.23 -27.18
N ASN E 261 10.99 5.58 -26.23
CA ASN E 261 11.30 5.53 -24.79
C ASN E 261 11.65 4.10 -24.36
N ILE E 262 12.57 3.95 -23.40
CA ILE E 262 13.00 2.62 -22.93
C ILE E 262 11.91 1.90 -22.14
N PHE E 263 11.03 2.65 -21.47
CA PHE E 263 9.86 2.06 -20.81
C PHE E 263 8.88 1.47 -21.84
N ARG E 264 8.75 2.11 -22.99
CA ARG E 264 7.91 1.59 -24.08
C ARG E 264 8.51 0.34 -24.75
N PHE E 265 9.82 0.16 -24.65
CA PHE E 265 10.47 -1.12 -25.01
C PHE E 265 10.08 -2.23 -24.03
N THR E 266 10.10 -1.91 -22.74
CA THR E 266 9.61 -2.81 -21.69
C THR E 266 8.11 -3.08 -21.83
N GLN E 267 7.34 -2.04 -22.11
CA GLN E 267 5.88 -2.11 -22.25
C GLN E 267 5.47 -2.96 -23.45
N ALA E 268 6.11 -2.74 -24.59
CA ALA E 268 5.84 -3.51 -25.80
C ALA E 268 6.17 -4.99 -25.62
N GLY E 269 7.25 -5.27 -24.90
CA GLY E 269 7.61 -6.64 -24.53
C GLY E 269 6.59 -7.30 -23.62
N SER E 270 6.02 -6.52 -22.69
CA SER E 270 4.95 -7.00 -21.80
C SER E 270 3.66 -7.30 -22.55
N GLU E 271 3.38 -6.52 -23.60
CA GLU E 271 2.23 -6.77 -24.48
C GLU E 271 2.40 -8.06 -25.30
N VAL E 272 3.58 -8.24 -25.90
CA VAL E 272 3.88 -9.42 -26.72
C VAL E 272 3.80 -10.70 -25.90
N SER E 273 4.48 -10.71 -24.75
CA SER E 273 4.44 -11.83 -23.81
C SER E 273 3.01 -12.23 -23.44
N ALA E 274 2.17 -11.23 -23.19
CA ALA E 274 0.76 -11.45 -22.88
C ALA E 274 0.02 -12.10 -24.04
N LEU E 275 0.17 -11.53 -25.24
CA LEU E 275 -0.48 -12.06 -26.47
C LEU E 275 -0.17 -13.53 -26.77
N LEU E 276 1.08 -13.92 -26.53
CA LEU E 276 1.52 -15.30 -26.74
C LEU E 276 0.98 -16.29 -25.70
N GLY E 277 0.44 -15.79 -24.59
CA GLY E 277 -0.19 -16.62 -23.57
C GLY E 277 0.71 -16.93 -22.38
N ARG E 278 1.87 -16.29 -22.31
CA ARG E 278 2.76 -16.46 -21.16
C ARG E 278 2.14 -15.81 -19.92
N ILE E 279 2.33 -16.47 -18.77
CA ILE E 279 1.75 -15.99 -17.50
C ILE E 279 2.60 -14.82 -16.99
N PRO E 280 1.96 -13.69 -16.63
CA PRO E 280 2.72 -12.51 -16.19
C PRO E 280 3.44 -12.67 -14.86
N SER E 281 4.41 -11.79 -14.62
CA SER E 281 5.22 -11.77 -13.42
C SER E 281 4.65 -10.73 -12.43
N ALA E 282 5.49 -10.25 -11.51
CA ALA E 282 5.10 -9.19 -10.57
C ALA E 282 4.77 -7.88 -11.29
N VAL E 283 3.70 -7.21 -10.84
CA VAL E 283 3.23 -5.92 -11.41
C VAL E 283 2.81 -6.03 -12.89
N GLY E 284 2.41 -7.24 -13.33
CA GLY E 284 1.97 -7.46 -14.71
C GLY E 284 3.03 -7.58 -15.79
N TYR E 285 4.30 -7.32 -15.48
CA TYR E 285 5.36 -7.36 -16.50
C TYR E 285 5.61 -8.80 -16.93
N GLN E 286 6.15 -8.94 -18.14
CA GLN E 286 6.51 -10.25 -18.67
C GLN E 286 7.51 -10.98 -17.75
N PRO E 287 7.42 -12.32 -17.69
CA PRO E 287 8.41 -13.10 -16.93
C PRO E 287 9.82 -13.02 -17.51
N THR E 288 9.93 -12.70 -18.80
CA THR E 288 11.21 -12.51 -19.49
C THR E 288 11.70 -11.05 -19.49
N LEU E 289 11.41 -10.28 -18.44
CA LEU E 289 11.69 -8.84 -18.40
C LEU E 289 13.18 -8.52 -18.36
N ALA E 290 13.92 -9.25 -17.52
CA ALA E 290 15.36 -9.08 -17.39
C ALA E 290 16.13 -9.52 -18.64
N THR E 291 15.70 -10.64 -19.24
CA THR E 291 16.34 -11.17 -20.46
C THR E 291 16.04 -10.31 -21.69
N ASP E 292 14.77 -9.90 -21.86
CA ASP E 292 14.37 -9.00 -22.94
C ASP E 292 15.17 -7.69 -22.93
N MET E 293 15.39 -7.16 -21.72
CA MET E 293 16.25 -5.99 -21.53
C MET E 293 17.71 -6.36 -21.83
N GLY E 294 18.21 -7.41 -21.17
CA GLY E 294 19.60 -7.85 -21.27
C GLY E 294 20.11 -8.16 -22.67
N THR E 295 19.30 -8.88 -23.45
CA THR E 295 19.68 -9.22 -24.83
C THR E 295 19.82 -7.99 -25.74
N MET E 296 19.05 -6.94 -25.43
CA MET E 296 19.16 -5.66 -26.13
C MET E 296 20.36 -4.85 -25.61
N GLN E 297 20.45 -4.69 -24.29
CA GLN E 297 21.44 -3.79 -23.67
C GLN E 297 22.90 -4.23 -23.81
N GLU E 298 23.14 -5.54 -23.84
CA GLU E 298 24.50 -6.08 -23.98
C GLU E 298 25.14 -5.84 -25.35
N ARG E 299 24.31 -5.62 -26.38
CA ARG E 299 24.80 -5.19 -27.69
C ARG E 299 25.30 -3.73 -27.68
N ILE E 300 24.67 -2.90 -26.85
CA ILE E 300 25.14 -1.53 -26.60
C ILE E 300 26.36 -1.66 -25.68
N THR E 301 27.54 -1.82 -26.28
CA THR E 301 28.79 -1.91 -25.52
C THR E 301 30.01 -1.59 -26.39
N THR E 302 31.15 -1.42 -25.72
CA THR E 302 32.44 -1.19 -26.38
C THR E 302 33.01 -2.50 -26.90
N THR E 303 33.62 -2.46 -28.07
CA THR E 303 34.40 -3.57 -28.64
C THR E 303 35.76 -3.04 -29.07
N LYS E 304 36.60 -3.91 -29.63
CA LYS E 304 37.91 -3.50 -30.15
C LYS E 304 37.82 -2.61 -31.39
N LYS E 305 36.76 -2.79 -32.18
CA LYS E 305 36.52 -1.95 -33.36
C LYS E 305 36.19 -0.51 -32.98
N GLY E 306 35.23 -0.35 -32.07
CA GLY E 306 34.79 0.98 -31.61
C GLY E 306 33.88 0.92 -30.39
N SER E 307 32.73 1.58 -30.47
CA SER E 307 31.72 1.52 -29.41
C SER E 307 30.33 1.94 -29.90
N ILE E 308 29.31 1.60 -29.11
CA ILE E 308 27.97 2.18 -29.22
C ILE E 308 27.56 2.68 -27.84
N THR E 309 27.69 3.98 -27.61
CA THR E 309 27.16 4.63 -26.41
C THR E 309 25.68 4.92 -26.68
N SER E 310 24.86 4.98 -25.63
CA SER E 310 23.41 5.12 -25.79
C SER E 310 22.75 6.01 -24.74
N VAL E 311 22.09 7.08 -25.19
CA VAL E 311 21.25 7.92 -24.35
C VAL E 311 19.85 7.31 -24.42
N GLN E 312 19.25 7.05 -23.25
CA GLN E 312 17.96 6.36 -23.19
C GLN E 312 16.97 7.14 -22.32
N ALA E 313 15.80 7.44 -22.91
CA ALA E 313 14.75 8.20 -22.22
C ALA E 313 14.03 7.31 -21.22
N ILE E 314 14.18 7.63 -19.93
CA ILE E 314 13.60 6.84 -18.85
C ILE E 314 12.26 7.45 -18.46
N TYR E 315 11.21 6.64 -18.52
CA TYR E 315 9.92 6.97 -17.89
C TYR E 315 9.78 6.08 -16.66
N VAL E 316 9.56 6.71 -15.50
CA VAL E 316 9.39 6.01 -14.25
C VAL E 316 7.88 5.91 -13.96
N PRO E 317 7.30 4.70 -14.03
CA PRO E 317 5.87 4.58 -13.76
C PRO E 317 5.53 4.77 -12.27
N ALA E 318 4.45 5.51 -12.01
CA ALA E 318 3.95 5.81 -10.66
C ALA E 318 4.95 6.56 -9.76
N ASP E 319 5.92 7.25 -10.37
CA ASP E 319 7.06 7.86 -9.67
C ASP E 319 7.71 6.90 -8.65
N ASP E 320 7.81 5.63 -9.04
CA ASP E 320 8.35 4.57 -8.21
C ASP E 320 9.61 4.03 -8.87
N LEU E 321 10.76 4.33 -8.26
CA LEU E 321 12.04 3.84 -8.74
C LEU E 321 12.18 2.32 -8.56
N THR E 322 11.51 1.76 -7.54
CA THR E 322 11.58 0.33 -7.24
C THR E 322 10.65 -0.54 -8.10
N ASP E 323 9.92 0.05 -9.03
CA ASP E 323 9.12 -0.70 -10.00
C ASP E 323 10.04 -1.56 -10.89
N PRO E 324 9.60 -2.78 -11.26
CA PRO E 324 10.39 -3.66 -12.15
C PRO E 324 11.00 -3.02 -13.40
N ALA E 325 10.29 -2.11 -14.05
CA ALA E 325 10.78 -1.47 -15.29
C ALA E 325 12.04 -0.60 -15.06
N PRO E 326 11.96 0.43 -14.19
CA PRO E 326 13.16 1.22 -13.88
C PRO E 326 14.29 0.42 -13.19
N ALA E 327 13.94 -0.40 -12.20
CA ALA E 327 14.93 -1.20 -11.46
C ALA E 327 15.77 -2.11 -12.36
N THR E 328 15.12 -2.79 -13.30
CA THR E 328 15.81 -3.66 -14.27
C THR E 328 16.66 -2.86 -15.27
N THR E 329 16.19 -1.66 -15.62
CA THR E 329 16.91 -0.78 -16.54
C THR E 329 18.14 -0.11 -15.89
N PHE E 330 18.05 0.22 -14.60
CA PHE E 330 19.18 0.87 -13.87
C PHE E 330 20.38 -0.06 -13.66
N ALA E 331 20.18 -1.37 -13.79
CA ALA E 331 21.28 -2.33 -13.83
C ALA E 331 22.26 -2.08 -14.98
N HIS E 332 21.75 -1.52 -16.09
CA HIS E 332 22.55 -1.26 -17.29
C HIS E 332 23.08 0.18 -17.42
N LEU E 333 22.48 1.14 -16.72
CA LEU E 333 22.87 2.55 -16.84
C LEU E 333 24.18 2.87 -16.13
N ASP E 334 25.11 3.47 -16.87
CA ASP E 334 26.40 3.92 -16.34
C ASP E 334 26.37 5.38 -15.85
N ALA E 335 25.33 6.13 -16.24
CA ALA E 335 25.20 7.53 -15.85
C ALA E 335 23.75 8.01 -15.96
N THR E 336 23.51 9.24 -15.51
CA THR E 336 22.19 9.87 -15.56
C THR E 336 22.30 11.34 -15.95
N THR E 337 21.40 11.76 -16.84
CA THR E 337 21.28 13.16 -17.25
C THR E 337 19.87 13.63 -16.91
N VAL E 338 19.75 14.33 -15.78
CA VAL E 338 18.46 14.74 -15.24
C VAL E 338 18.12 16.15 -15.73
N LEU E 339 17.18 16.24 -16.68
CA LEU E 339 16.62 17.52 -17.09
C LEU E 339 15.65 18.01 -16.03
N SER E 340 15.48 19.33 -15.93
CA SER E 340 14.67 19.94 -14.86
C SER E 340 13.95 21.21 -15.34
N ARG E 341 12.75 21.44 -14.79
CA ARG E 341 11.98 22.65 -15.05
C ARG E 341 12.39 23.80 -14.12
N ALA E 342 12.78 23.46 -12.88
CA ALA E 342 13.32 24.43 -11.94
C ALA E 342 14.64 25.06 -12.42
N ILE E 343 15.45 24.28 -13.15
CA ILE E 343 16.69 24.78 -13.75
C ILE E 343 16.36 25.60 -15.01
N ALA E 344 15.36 25.18 -15.77
CA ALA E 344 14.92 25.88 -16.99
C ALA E 344 14.31 27.26 -16.70
N GLU E 345 13.48 27.35 -15.67
CA GLU E 345 12.81 28.61 -15.29
C GLU E 345 13.73 29.69 -14.71
N LEU E 346 14.95 29.30 -14.32
CA LEU E 346 16.01 30.26 -13.94
C LEU E 346 16.90 30.69 -15.12
N GLY E 347 16.48 30.40 -16.36
CA GLY E 347 17.18 30.86 -17.56
C GLY E 347 18.43 30.08 -17.97
N ILE E 348 18.67 28.94 -17.32
CA ILE E 348 19.87 28.13 -17.59
C ILE E 348 19.57 27.16 -18.73
N TYR E 349 20.47 27.11 -19.71
CA TYR E 349 20.39 26.15 -20.83
C TYR E 349 21.79 25.57 -21.11
N PRO E 350 21.95 24.24 -21.16
CA PRO E 350 20.88 23.24 -21.05
C PRO E 350 20.26 23.15 -19.65
N ALA E 351 19.10 22.49 -19.58
CA ALA E 351 18.28 22.48 -18.37
C ALA E 351 18.59 21.30 -17.44
N VAL E 352 19.89 21.03 -17.22
CA VAL E 352 20.35 19.85 -16.50
C VAL E 352 20.53 20.18 -15.01
N ASP E 353 20.00 19.32 -14.14
CA ASP E 353 20.19 19.44 -12.69
C ASP E 353 21.58 18.87 -12.38
N PRO E 354 22.50 19.71 -11.87
CA PRO E 354 23.89 19.26 -11.66
C PRO E 354 24.07 18.23 -10.53
N LEU E 355 23.33 18.40 -9.44
CA LEU E 355 23.44 17.50 -8.27
C LEU E 355 22.79 16.14 -8.51
N ASP E 356 21.63 16.13 -9.17
CA ASP E 356 20.90 14.89 -9.47
C ASP E 356 21.59 14.05 -10.55
N SER E 357 22.11 14.70 -11.59
CA SER E 357 22.84 14.01 -12.66
C SER E 357 24.19 13.51 -12.15
N THR E 358 24.40 12.20 -12.23
CA THR E 358 25.66 11.56 -11.78
C THR E 358 26.11 10.46 -12.74
N SER E 359 27.35 10.01 -12.55
CA SER E 359 27.98 9.00 -13.41
C SER E 359 28.78 7.99 -12.58
N ARG E 360 28.88 6.76 -13.12
CA ARG E 360 29.72 5.71 -12.52
C ARG E 360 31.20 5.98 -12.77
N ILE E 361 31.53 6.40 -13.99
CA ILE E 361 32.92 6.73 -14.35
C ILE E 361 33.50 7.97 -13.64
N MET E 362 32.64 8.75 -12.96
CA MET E 362 33.09 9.79 -12.04
C MET E 362 33.90 9.16 -10.90
N ASP E 363 35.20 8.98 -11.17
CA ASP E 363 36.10 8.25 -10.29
C ASP E 363 37.53 8.72 -10.58
N PRO E 364 38.36 8.97 -9.54
CA PRO E 364 39.74 9.41 -9.79
C PRO E 364 40.62 8.40 -10.55
N ASN E 365 40.30 7.11 -10.44
CA ASN E 365 41.00 6.06 -11.20
C ASN E 365 40.63 6.06 -12.69
N ILE E 366 39.34 6.28 -12.97
CA ILE E 366 38.81 6.23 -14.34
C ILE E 366 39.16 7.53 -15.10
N VAL E 367 38.51 8.64 -14.76
CA VAL E 367 38.83 9.95 -15.35
C VAL E 367 40.05 10.57 -14.64
N GLY E 368 40.45 11.77 -15.05
CA GLY E 368 41.61 12.45 -14.47
C GLY E 368 41.51 12.74 -12.98
N SER E 369 42.66 12.96 -12.35
CA SER E 369 42.73 13.34 -10.94
C SER E 369 42.22 14.78 -10.74
N GLU E 370 42.65 15.67 -11.64
CA GLU E 370 42.19 17.07 -11.65
C GLU E 370 40.70 17.19 -12.02
N HIS E 371 40.20 16.27 -12.84
CA HIS E 371 38.78 16.17 -13.19
C HIS E 371 37.91 15.91 -11.95
N TYR E 372 38.31 14.92 -11.17
CA TYR E 372 37.51 14.45 -10.02
C TYR E 372 37.46 15.44 -8.86
N ASP E 373 38.59 16.07 -8.55
CA ASP E 373 38.68 17.00 -7.41
C ASP E 373 37.95 18.32 -7.65
N VAL E 374 38.06 18.86 -8.88
CA VAL E 374 37.41 20.11 -9.26
C VAL E 374 35.89 19.94 -9.34
N ALA E 375 35.44 18.83 -9.94
CA ALA E 375 34.01 18.50 -10.01
C ALA E 375 33.39 18.26 -8.63
N ARG E 376 34.15 17.63 -7.73
CA ARG E 376 33.74 17.47 -6.33
C ARG E 376 33.55 18.80 -5.60
N GLY E 377 34.40 19.78 -5.92
CA GLY E 377 34.26 21.14 -5.39
C GLY E 377 33.00 21.86 -5.85
N VAL E 378 32.60 21.62 -7.10
CA VAL E 378 31.36 22.17 -7.66
C VAL E 378 30.15 21.51 -6.98
N GLN E 379 30.18 20.19 -6.82
CA GLN E 379 29.13 19.46 -6.11
C GLN E 379 29.01 19.89 -4.63
N LYS E 380 30.13 20.22 -4.01
CA LYS E 380 30.16 20.71 -2.62
C LYS E 380 29.59 22.13 -2.50
N ILE E 381 30.13 23.05 -3.30
CA ILE E 381 29.78 24.47 -3.21
C ILE E 381 28.33 24.79 -3.64
N LEU E 382 27.78 24.01 -4.57
CA LEU E 382 26.37 24.17 -5.01
C LEU E 382 25.38 23.75 -3.93
N GLN E 383 25.72 22.73 -3.15
CA GLN E 383 24.93 22.33 -1.97
C GLN E 383 25.08 23.33 -0.82
N ASP E 384 26.28 23.90 -0.66
CA ASP E 384 26.54 24.96 0.34
C ASP E 384 25.74 26.24 0.03
N TYR E 385 25.57 26.54 -1.26
CA TYR E 385 24.70 27.63 -1.71
C TYR E 385 23.23 27.34 -1.38
N LYS E 386 22.79 26.10 -1.63
CA LYS E 386 21.42 25.67 -1.33
C LYS E 386 21.10 25.66 0.18
N SER E 387 22.12 25.50 1.01
CA SER E 387 22.00 25.67 2.46
C SER E 387 21.79 27.14 2.84
N LEU E 388 22.60 28.01 2.25
CA LEU E 388 22.54 29.46 2.52
C LEU E 388 21.32 30.18 1.94
N GLN E 389 20.66 29.57 0.95
CA GLN E 389 19.39 30.11 0.41
C GLN E 389 18.26 30.16 1.44
N ASP E 390 18.30 29.25 2.40
CA ASP E 390 17.34 29.23 3.52
C ASP E 390 17.49 30.45 4.44
N ILE E 391 18.72 30.94 4.59
CA ILE E 391 18.98 32.21 5.29
C ILE E 391 18.67 33.37 4.33
N LEU E 400 26.06 37.14 6.96
CA LEU E 400 26.88 35.95 6.79
C LEU E 400 28.38 36.26 6.93
N SER E 401 29.16 35.21 7.18
CA SER E 401 30.61 35.33 7.38
C SER E 401 31.37 35.49 6.05
N GLU E 402 32.69 35.69 6.13
CA GLU E 402 33.53 35.88 4.95
C GLU E 402 33.56 34.68 4.00
N GLU E 403 33.63 33.47 4.55
CA GLU E 403 33.62 32.24 3.75
C GLU E 403 32.24 31.95 3.14
N ASP E 404 31.18 32.24 3.89
CA ASP E 404 29.80 32.05 3.43
C ASP E 404 29.42 33.00 2.28
N LYS E 405 29.77 34.28 2.43
CA LYS E 405 29.52 35.29 1.40
C LYS E 405 30.39 35.12 0.15
N LEU E 406 31.59 34.56 0.32
CA LEU E 406 32.48 34.25 -0.79
C LEU E 406 31.97 33.10 -1.65
N THR E 407 31.42 32.07 -1.01
CA THR E 407 30.83 30.92 -1.72
C THR E 407 29.55 31.27 -2.48
N VAL E 408 28.75 32.19 -1.94
CA VAL E 408 27.49 32.63 -2.59
C VAL E 408 27.77 33.34 -3.92
N SER E 409 28.81 34.17 -3.95
CA SER E 409 29.23 34.85 -5.18
C SER E 409 29.78 33.86 -6.21
N ARG E 410 30.63 32.94 -5.77
CA ARG E 410 31.22 31.91 -6.64
C ARG E 410 30.18 30.91 -7.17
N ALA E 411 29.30 30.43 -6.29
CA ALA E 411 28.29 29.42 -6.65
C ALA E 411 27.29 29.91 -7.70
N ARG E 412 26.91 31.19 -7.62
CA ARG E 412 26.07 31.80 -8.65
C ARG E 412 26.80 31.85 -10.00
N LYS E 413 28.08 32.25 -9.98
CA LYS E 413 28.93 32.23 -11.18
C LYS E 413 29.17 30.83 -11.75
N ILE E 414 29.22 29.83 -10.87
CA ILE E 414 29.29 28.41 -11.28
C ILE E 414 27.99 27.99 -11.97
N GLN E 415 26.83 28.42 -11.45
CA GLN E 415 25.54 28.16 -12.10
C GLN E 415 25.40 28.82 -13.47
N ARG E 416 26.01 30.01 -13.63
CA ARG E 416 26.03 30.71 -14.92
C ARG E 416 26.96 30.00 -15.92
N PHE E 417 28.16 29.66 -15.47
CA PHE E 417 29.17 29.05 -16.36
C PHE E 417 28.82 27.62 -16.81
N LEU E 418 27.95 26.94 -16.07
CA LEU E 418 27.39 25.65 -16.50
C LEU E 418 26.53 25.75 -17.76
N SER E 419 25.86 26.88 -17.96
CA SER E 419 25.07 27.13 -19.17
C SER E 419 25.96 27.27 -20.41
N GLN E 420 25.40 26.95 -21.57
CA GLN E 420 26.16 26.91 -22.83
C GLN E 420 25.23 27.14 -24.03
N PRO E 421 25.67 27.96 -25.01
CA PRO E 421 24.90 28.10 -26.25
C PRO E 421 25.20 26.95 -27.21
N PHE E 422 24.17 26.38 -27.83
CA PHE E 422 24.32 25.23 -28.73
C PHE E 422 24.25 25.63 -30.20
N GLN E 423 24.96 24.85 -31.03
CA GLN E 423 24.97 25.05 -32.49
C GLN E 423 23.62 24.73 -33.12
N VAL E 424 22.87 23.82 -32.48
CA VAL E 424 21.51 23.48 -32.90
C VAL E 424 20.57 24.68 -32.70
N ALA E 425 20.76 25.41 -31.60
CA ALA E 425 20.00 26.62 -31.31
C ALA E 425 20.76 27.89 -31.73
N GLU E 426 20.89 28.06 -33.05
CA GLU E 426 21.40 29.30 -33.64
C GLU E 426 20.25 30.06 -34.31
N VAL E 427 19.55 29.38 -35.21
CA VAL E 427 18.32 29.91 -35.83
C VAL E 427 17.19 30.02 -34.79
N PHE E 428 17.21 29.16 -33.77
CA PHE E 428 16.24 29.22 -32.68
C PHE E 428 16.43 30.46 -31.82
N THR E 429 17.66 30.68 -31.33
CA THR E 429 17.98 31.82 -30.47
C THR E 429 18.55 33.00 -31.26
N GLY E 430 19.75 32.82 -31.81
CA GLY E 430 20.51 33.91 -32.44
C GLY E 430 21.98 33.89 -32.07
N HIS E 431 22.28 33.48 -30.84
CA HIS E 431 23.66 33.41 -30.34
C HIS E 431 24.40 32.21 -30.96
N LEU E 432 25.71 32.39 -31.15
CA LEU E 432 26.55 31.38 -31.82
C LEU E 432 26.82 30.18 -30.91
N GLY E 433 26.77 28.97 -31.49
CA GLY E 433 27.02 27.73 -30.74
C GLY E 433 28.49 27.44 -30.57
N LYS E 434 28.86 26.93 -29.40
CA LYS E 434 30.27 26.70 -29.03
C LYS E 434 30.49 25.30 -28.45
N LEU E 435 31.29 24.50 -29.14
CA LEU E 435 31.76 23.20 -28.64
C LEU E 435 32.94 23.43 -27.71
N VAL E 436 32.79 23.07 -26.44
CA VAL E 436 33.84 23.23 -25.43
C VAL E 436 34.58 21.91 -25.28
N PRO E 437 35.92 21.90 -25.51
CA PRO E 437 36.67 20.64 -25.30
C PRO E 437 36.83 20.28 -23.82
N LEU E 438 37.35 19.08 -23.55
CA LEU E 438 37.35 18.51 -22.20
C LEU E 438 38.12 19.36 -21.19
N LYS E 439 39.41 19.55 -21.45
CA LYS E 439 40.31 20.23 -20.50
C LYS E 439 39.99 21.72 -20.28
N GLU E 440 39.35 22.36 -21.27
CA GLU E 440 38.78 23.71 -21.10
C GLU E 440 37.72 23.76 -19.99
N THR E 441 36.89 22.71 -19.92
CA THR E 441 35.87 22.59 -18.88
C THR E 441 36.47 22.35 -17.50
N ILE E 442 37.57 21.58 -17.43
CA ILE E 442 38.27 21.35 -16.16
C ILE E 442 38.89 22.65 -15.65
N LYS E 443 39.67 23.31 -16.50
CA LYS E 443 40.37 24.54 -16.14
C LYS E 443 39.43 25.71 -15.78
N GLY E 444 38.29 25.80 -16.46
CA GLY E 444 37.33 26.90 -16.26
C GLY E 444 36.73 26.97 -14.88
N PHE E 445 36.13 25.86 -14.43
CA PHE E 445 35.53 25.79 -13.09
C PHE E 445 36.57 25.75 -11.97
N GLN E 446 37.78 25.28 -12.26
CA GLN E 446 38.88 25.24 -11.29
C GLN E 446 39.34 26.64 -10.90
N GLN E 447 39.45 27.54 -11.87
CA GLN E 447 39.84 28.94 -11.64
C GLN E 447 38.77 29.74 -10.87
N ILE E 448 37.51 29.35 -10.97
CA ILE E 448 36.42 29.99 -10.20
C ILE E 448 36.47 29.56 -8.73
N LEU E 449 36.69 28.26 -8.50
CA LEU E 449 36.83 27.72 -7.13
C LEU E 449 38.12 28.17 -6.44
N ALA E 450 39.21 28.24 -7.21
CA ALA E 450 40.48 28.79 -6.72
C ALA E 450 40.40 30.29 -6.41
N GLY E 451 39.56 31.01 -7.16
CA GLY E 451 39.24 32.41 -6.89
C GLY E 451 40.03 33.42 -7.70
N GLU E 452 40.23 33.13 -8.99
CA GLU E 452 40.92 34.03 -9.91
C GLU E 452 39.96 35.00 -10.61
N TYR E 453 38.69 34.61 -10.75
CA TYR E 453 37.65 35.49 -11.31
C TYR E 453 36.64 35.93 -10.25
N ASP E 454 37.13 36.21 -9.04
CA ASP E 454 36.35 36.88 -7.99
C ASP E 454 36.32 38.39 -8.21
N HIS E 455 37.30 38.90 -8.95
CA HIS E 455 37.39 40.32 -9.32
C HIS E 455 36.34 40.69 -10.38
N LEU E 456 36.20 39.85 -11.40
CA LEU E 456 35.25 40.07 -12.49
C LEU E 456 33.79 39.87 -12.05
N PRO E 457 32.81 40.47 -12.77
CA PRO E 457 31.40 40.36 -12.40
C PRO E 457 30.75 39.00 -12.72
N GLU E 458 29.46 38.89 -12.37
CA GLU E 458 28.70 37.63 -12.47
C GLU E 458 28.14 37.34 -13.88
N GLN E 459 27.69 38.39 -14.57
CA GLN E 459 26.95 38.22 -15.84
C GLN E 459 27.80 37.77 -17.04
N ALA E 460 29.13 37.86 -16.93
CA ALA E 460 30.04 37.38 -17.99
C ALA E 460 29.97 35.87 -18.20
N PHE E 461 29.71 35.12 -17.13
CA PHE E 461 29.66 33.65 -17.18
C PHE E 461 28.39 33.08 -17.82
N TYR E 462 27.33 33.90 -17.91
CA TYR E 462 26.07 33.46 -18.50
C TYR E 462 26.18 33.27 -20.02
N MET E 463 25.86 32.06 -20.49
CA MET E 463 25.86 31.70 -21.92
C MET E 463 27.20 31.97 -22.62
N VAL E 464 28.16 31.07 -22.38
CA VAL E 464 29.49 31.14 -22.98
C VAL E 464 30.00 29.75 -23.36
N GLY E 465 30.98 29.72 -24.26
CA GLY E 465 31.67 28.48 -24.61
C GLY E 465 32.70 28.15 -23.54
N PRO E 466 34.01 28.31 -23.85
CA PRO E 466 35.03 28.18 -22.81
C PRO E 466 35.12 29.45 -21.96
N ILE E 467 36.01 29.42 -20.95
CA ILE E 467 36.20 30.56 -20.06
C ILE E 467 36.93 31.75 -20.71
N GLU E 468 37.59 31.53 -21.86
CA GLU E 468 38.23 32.61 -22.63
C GLU E 468 37.23 33.66 -23.14
N GLU E 469 36.05 33.21 -23.55
CA GLU E 469 34.97 34.10 -23.99
C GLU E 469 34.36 34.92 -22.84
N ALA E 470 34.35 34.35 -21.63
CA ALA E 470 33.89 35.06 -20.43
C ALA E 470 34.83 36.21 -20.05
N VAL E 471 36.14 35.98 -20.19
CA VAL E 471 37.15 37.03 -19.98
C VAL E 471 37.09 38.06 -21.10
N ALA E 472 36.92 37.60 -22.34
CA ALA E 472 36.73 38.48 -23.51
C ALA E 472 35.45 39.33 -23.40
N LYS E 473 34.40 38.76 -22.79
CA LYS E 473 33.16 39.50 -22.51
C LYS E 473 33.37 40.55 -21.41
N ALA E 474 34.21 40.23 -20.42
CA ALA E 474 34.58 41.17 -19.35
C ALA E 474 35.51 42.29 -19.85
N ASP E 475 36.44 41.96 -20.74
CA ASP E 475 37.34 42.95 -21.35
C ASP E 475 36.63 43.93 -22.29
N LYS E 476 35.62 43.43 -23.01
CA LYS E 476 34.82 44.27 -23.92
C LYS E 476 33.90 45.19 -23.10
N LEU E 477 33.16 44.61 -22.15
CA LEU E 477 32.32 45.38 -21.22
C LEU E 477 33.16 45.89 -20.04
N ALA E 478 33.92 46.95 -20.28
CA ALA E 478 34.78 47.57 -19.25
C ALA E 478 35.23 48.97 -19.68
N THR F 13 1.88 -56.63 -6.77
CA THR F 13 3.18 -56.79 -6.04
C THR F 13 4.20 -55.75 -6.50
N THR F 14 4.52 -55.78 -7.80
CA THR F 14 5.56 -54.94 -8.40
C THR F 14 4.97 -53.80 -9.25
N GLY F 15 5.71 -52.70 -9.34
CA GLY F 15 5.28 -51.50 -10.07
C GLY F 15 6.36 -50.92 -10.97
N ARG F 16 5.94 -50.06 -11.89
CA ARG F 16 6.79 -49.48 -12.92
C ARG F 16 6.58 -47.97 -12.96
N ILE F 17 7.67 -47.19 -12.93
CA ILE F 17 7.59 -45.73 -13.03
C ILE F 17 7.09 -45.33 -14.42
N VAL F 18 6.10 -44.45 -14.46
CA VAL F 18 5.54 -43.92 -15.72
C VAL F 18 5.83 -42.44 -15.97
N ALA F 19 5.97 -41.66 -14.90
CA ALA F 19 6.35 -40.23 -15.01
C ALA F 19 7.09 -39.76 -13.77
N VAL F 20 7.96 -38.75 -13.95
CA VAL F 20 8.77 -38.16 -12.87
C VAL F 20 8.92 -36.66 -13.12
N ILE F 21 8.67 -35.86 -12.09
CA ILE F 21 8.90 -34.40 -12.13
C ILE F 21 9.16 -33.89 -10.71
N GLY F 22 10.42 -33.58 -10.41
CA GLY F 22 10.82 -33.17 -9.08
C GLY F 22 10.59 -34.27 -8.07
N ALA F 23 9.90 -33.96 -6.98
CA ALA F 23 9.56 -34.94 -5.95
C ALA F 23 8.34 -35.81 -6.28
N VAL F 24 7.57 -35.43 -7.30
CA VAL F 24 6.36 -36.16 -7.68
C VAL F 24 6.67 -37.22 -8.74
N VAL F 25 6.46 -38.49 -8.38
CA VAL F 25 6.69 -39.63 -9.27
C VAL F 25 5.43 -40.49 -9.35
N ASP F 26 4.99 -40.76 -10.58
CA ASP F 26 3.85 -41.66 -10.84
C ASP F 26 4.34 -43.07 -11.10
N VAL F 27 3.62 -44.07 -10.57
CA VAL F 27 4.00 -45.47 -10.69
C VAL F 27 2.77 -46.32 -11.05
N GLN F 28 2.85 -47.05 -12.16
CA GLN F 28 1.79 -47.95 -12.62
C GLN F 28 2.02 -49.36 -12.05
N PHE F 29 0.93 -50.07 -11.78
CA PHE F 29 0.98 -51.42 -11.22
C PHE F 29 0.15 -52.37 -12.06
N ASP F 30 0.76 -53.44 -12.56
CA ASP F 30 0.07 -54.43 -13.40
C ASP F 30 -0.98 -55.19 -12.58
N GLU F 31 -0.55 -55.70 -11.44
CA GLU F 31 -1.43 -56.41 -10.50
C GLU F 31 -1.15 -55.93 -9.08
N GLY F 32 -2.22 -55.75 -8.31
CA GLY F 32 -2.10 -55.36 -6.90
C GLY F 32 -1.73 -53.89 -6.71
N LEU F 33 -2.75 -53.05 -6.53
CA LEU F 33 -2.58 -51.60 -6.39
C LEU F 33 -2.36 -51.23 -4.92
N PRO F 34 -1.29 -50.46 -4.60
CA PRO F 34 -1.03 -50.10 -3.21
C PRO F 34 -1.88 -48.93 -2.72
N PRO F 35 -2.37 -48.99 -1.46
CA PRO F 35 -3.20 -47.90 -0.93
C PRO F 35 -2.40 -46.63 -0.61
N ILE F 36 -3.14 -45.56 -0.30
CA ILE F 36 -2.55 -44.24 -0.03
C ILE F 36 -1.78 -44.27 1.30
N LEU F 37 -0.69 -43.49 1.35
CA LEU F 37 0.26 -43.42 2.48
C LEU F 37 1.26 -44.58 2.61
N ASN F 38 1.17 -45.60 1.75
CA ASN F 38 2.12 -46.72 1.81
C ASN F 38 3.47 -46.33 1.21
N ALA F 39 4.53 -46.77 1.87
CA ALA F 39 5.90 -46.54 1.41
C ALA F 39 6.20 -47.52 0.27
N LEU F 40 6.86 -47.03 -0.78
CA LEU F 40 7.24 -47.85 -1.93
C LEU F 40 8.74 -47.79 -2.16
N GLU F 41 9.39 -48.95 -2.25
CA GLU F 41 10.84 -49.04 -2.44
C GLU F 41 11.19 -49.05 -3.94
N VAL F 42 12.00 -48.07 -4.37
CA VAL F 42 12.47 -48.02 -5.76
C VAL F 42 13.65 -48.97 -5.93
N GLN F 43 13.54 -49.90 -6.87
CA GLN F 43 14.55 -50.92 -7.10
C GLN F 43 15.74 -50.36 -7.88
N GLY F 44 16.92 -50.43 -7.29
CA GLY F 44 18.16 -50.09 -7.98
C GLY F 44 18.66 -48.69 -7.64
N ARG F 45 19.09 -48.52 -6.41
CA ARG F 45 19.61 -47.24 -5.90
C ARG F 45 20.72 -47.54 -4.90
N GLU F 46 21.73 -46.68 -4.82
CA GLU F 46 22.79 -46.80 -3.81
C GLU F 46 22.19 -46.59 -2.42
N THR F 47 21.56 -45.43 -2.22
CA THR F 47 20.80 -45.14 -1.02
C THR F 47 19.37 -45.70 -1.17
N ARG F 48 18.59 -45.67 -0.08
CA ARG F 48 17.20 -46.12 -0.12
C ARG F 48 16.28 -44.97 -0.54
N LEU F 49 15.59 -45.13 -1.66
CA LEU F 49 14.64 -44.13 -2.17
C LEU F 49 13.20 -44.59 -1.95
N VAL F 50 12.52 -43.94 -1.01
CA VAL F 50 11.13 -44.25 -0.68
C VAL F 50 10.19 -43.29 -1.41
N LEU F 51 9.16 -43.85 -2.04
CA LEU F 51 8.06 -43.08 -2.62
C LEU F 51 6.80 -43.36 -1.80
N GLU F 52 6.16 -42.30 -1.30
CA GLU F 52 4.95 -42.41 -0.49
C GLU F 52 3.74 -42.07 -1.35
N VAL F 53 2.73 -42.94 -1.37
CA VAL F 53 1.57 -42.77 -2.25
C VAL F 53 0.67 -41.64 -1.73
N ALA F 54 0.44 -40.63 -2.57
CA ALA F 54 -0.41 -39.48 -2.24
C ALA F 54 -1.82 -39.61 -2.83
N GLN F 55 -1.92 -40.10 -4.07
CA GLN F 55 -3.19 -40.25 -4.77
C GLN F 55 -3.25 -41.54 -5.59
N HIS F 56 -4.46 -41.89 -6.00
CA HIS F 56 -4.71 -42.87 -7.05
C HIS F 56 -5.22 -42.09 -8.25
N LEU F 57 -4.48 -42.13 -9.35
CA LEU F 57 -4.82 -41.35 -10.57
C LEU F 57 -5.86 -42.03 -11.46
N GLY F 58 -5.93 -43.36 -11.39
CA GLY F 58 -6.78 -44.17 -12.26
C GLY F 58 -5.95 -45.00 -13.22
N GLU F 59 -6.59 -45.99 -13.84
CA GLU F 59 -5.93 -46.90 -14.79
C GLU F 59 -4.69 -47.56 -14.16
N SER F 60 -4.89 -48.05 -12.94
CA SER F 60 -3.88 -48.76 -12.15
C SER F 60 -2.60 -47.94 -11.85
N THR F 61 -2.73 -46.62 -11.80
CA THR F 61 -1.60 -45.71 -11.60
C THR F 61 -1.81 -44.86 -10.35
N VAL F 62 -0.74 -44.72 -9.57
CA VAL F 62 -0.78 -43.97 -8.31
C VAL F 62 0.30 -42.88 -8.33
N ARG F 63 -0.05 -41.71 -7.81
CA ARG F 63 0.89 -40.59 -7.70
C ARG F 63 1.57 -40.67 -6.35
N THR F 64 2.89 -40.46 -6.32
CA THR F 64 3.70 -40.61 -5.12
C THR F 64 4.58 -39.40 -4.90
N ILE F 65 4.99 -39.21 -3.64
CA ILE F 65 5.95 -38.17 -3.24
C ILE F 65 7.22 -38.87 -2.76
N ALA F 66 8.36 -38.50 -3.33
CA ALA F 66 9.64 -39.14 -3.00
C ALA F 66 10.22 -38.56 -1.72
N MET F 67 10.88 -39.41 -0.93
CA MET F 67 11.56 -38.99 0.31
C MET F 67 13.05 -38.64 0.11
N ASP F 68 13.55 -38.77 -1.11
CA ASP F 68 14.88 -38.30 -1.48
C ASP F 68 14.89 -37.90 -2.96
N GLY F 69 16.01 -37.38 -3.43
CA GLY F 69 16.14 -36.93 -4.81
C GLY F 69 15.73 -37.97 -5.83
N THR F 70 14.98 -37.52 -6.85
CA THR F 70 14.52 -38.38 -7.93
C THR F 70 15.47 -38.39 -9.15
N GLU F 71 16.64 -37.74 -9.05
CA GLU F 71 17.62 -37.79 -10.13
C GLU F 71 18.12 -39.22 -10.34
N GLY F 72 18.29 -39.61 -11.61
CA GLY F 72 18.67 -40.97 -11.95
C GLY F 72 17.51 -41.89 -12.29
N LEU F 73 16.28 -41.49 -11.93
CA LEU F 73 15.10 -42.32 -12.20
C LEU F 73 14.76 -42.35 -13.68
N VAL F 74 14.46 -43.55 -14.17
CA VAL F 74 14.10 -43.77 -15.58
C VAL F 74 12.67 -44.32 -15.60
N ARG F 75 11.96 -44.06 -16.69
CA ARG F 75 10.62 -44.63 -16.88
C ARG F 75 10.74 -46.13 -17.13
N GLY F 76 9.86 -46.89 -16.46
CA GLY F 76 9.91 -48.35 -16.48
C GLY F 76 10.75 -48.96 -15.37
N GLN F 77 11.24 -48.14 -14.44
CA GLN F 77 12.09 -48.63 -13.34
C GLN F 77 11.23 -49.35 -12.30
N LYS F 78 11.72 -50.49 -11.82
CA LYS F 78 10.97 -51.33 -10.88
C LYS F 78 10.74 -50.65 -9.53
N VAL F 79 9.55 -50.80 -8.97
CA VAL F 79 9.17 -50.26 -7.65
C VAL F 79 8.36 -51.31 -6.89
N LEU F 80 8.72 -51.56 -5.62
CA LEU F 80 8.02 -52.54 -4.78
C LEU F 80 7.09 -51.88 -3.78
N ASP F 81 6.03 -52.59 -3.42
CA ASP F 81 5.14 -52.20 -2.34
C ASP F 81 5.76 -52.74 -1.04
N SER F 82 6.02 -51.85 -0.07
CA SER F 82 6.50 -52.28 1.25
C SER F 82 5.40 -52.95 2.07
N GLY F 83 4.14 -52.60 1.79
CA GLY F 83 2.98 -53.18 2.48
C GLY F 83 2.59 -52.44 3.75
N ALA F 84 3.13 -51.23 3.93
CA ALA F 84 2.82 -50.38 5.07
C ALA F 84 3.35 -48.96 4.79
N PRO F 85 2.98 -47.98 5.63
CA PRO F 85 3.61 -46.65 5.51
C PRO F 85 5.10 -46.65 5.87
N ILE F 86 5.69 -45.46 5.91
CA ILE F 86 7.09 -45.31 6.33
C ILE F 86 7.17 -45.64 7.82
N ARG F 87 7.75 -46.81 8.13
CA ARG F 87 7.94 -47.24 9.52
C ARG F 87 9.33 -46.81 9.97
N ILE F 88 9.44 -46.40 11.24
CA ILE F 88 10.72 -45.99 11.82
C ILE F 88 10.99 -46.73 13.14
N PRO F 89 12.28 -46.80 13.56
CA PRO F 89 12.59 -47.29 14.90
C PRO F 89 12.10 -46.32 15.98
N VAL F 90 11.44 -46.86 17.00
CA VAL F 90 11.02 -46.09 18.18
C VAL F 90 11.28 -46.92 19.44
N GLY F 91 11.70 -46.24 20.51
CA GLY F 91 12.07 -46.91 21.76
C GLY F 91 13.16 -46.17 22.49
N PRO F 92 13.68 -46.77 23.59
CA PRO F 92 14.84 -46.20 24.29
C PRO F 92 16.13 -46.10 23.47
N GLU F 93 16.30 -46.97 22.47
CA GLU F 93 17.51 -46.97 21.63
C GLU F 93 17.60 -45.79 20.64
N THR F 94 16.49 -45.09 20.41
CA THR F 94 16.51 -43.86 19.61
C THR F 94 17.21 -42.68 20.32
N LEU F 95 17.30 -42.74 21.65
CA LEU F 95 17.95 -41.70 22.46
C LEU F 95 19.47 -41.71 22.22
N GLY F 96 20.04 -40.52 22.04
CA GLY F 96 21.45 -40.38 21.68
C GLY F 96 21.79 -40.66 20.22
N ARG F 97 20.77 -40.81 19.37
CA ARG F 97 20.94 -41.14 17.95
C ARG F 97 20.28 -40.08 17.08
N ILE F 98 20.83 -39.91 15.87
CA ILE F 98 20.24 -39.06 14.83
C ILE F 98 19.61 -39.98 13.79
N MET F 99 18.46 -39.58 13.25
CA MET F 99 17.81 -40.33 12.17
C MET F 99 17.11 -39.41 11.17
N ASN F 100 17.07 -39.85 9.91
CA ASN F 100 16.41 -39.10 8.84
C ASN F 100 14.90 -39.40 8.77
N VAL F 101 14.23 -38.83 7.77
CA VAL F 101 12.79 -39.08 7.51
C VAL F 101 12.31 -40.53 7.59
N ILE F 102 13.11 -41.47 7.07
CA ILE F 102 12.71 -42.89 6.99
C ILE F 102 13.31 -43.78 8.10
N GLY F 103 13.84 -43.16 9.16
CA GLY F 103 14.34 -43.89 10.32
C GLY F 103 15.74 -44.49 10.18
N GLU F 104 16.44 -44.16 9.10
CA GLU F 104 17.81 -44.63 8.92
C GLU F 104 18.73 -43.85 9.85
N PRO F 105 19.73 -44.52 10.46
CA PRO F 105 20.69 -43.80 11.29
C PRO F 105 21.63 -42.98 10.43
N ILE F 106 21.86 -41.73 10.83
CA ILE F 106 22.74 -40.81 10.08
C ILE F 106 23.86 -40.24 10.96
N ASP F 107 24.27 -41.02 11.98
CA ASP F 107 25.33 -40.61 12.91
C ASP F 107 26.57 -41.51 12.85
N GLU F 108 26.64 -42.37 11.83
CA GLU F 108 27.74 -43.34 11.65
C GLU F 108 27.98 -44.22 12.89
N ARG F 109 26.89 -44.70 13.50
CA ARG F 109 26.95 -45.57 14.69
C ARG F 109 26.19 -46.88 14.48
N GLY F 110 26.09 -47.34 13.23
CA GLY F 110 25.44 -48.61 12.91
C GLY F 110 23.93 -48.59 13.09
N PRO F 111 23.30 -49.79 13.13
CA PRO F 111 21.86 -49.97 13.36
C PRO F 111 21.31 -49.33 14.65
N ILE F 112 20.02 -49.01 14.64
CA ILE F 112 19.28 -48.60 15.83
C ILE F 112 18.45 -49.81 16.26
N LYS F 113 19.07 -50.70 17.03
CA LYS F 113 18.44 -51.98 17.39
C LYS F 113 17.32 -51.80 18.42
N THR F 114 16.13 -51.43 17.93
CA THR F 114 14.92 -51.35 18.75
C THR F 114 14.10 -52.63 18.62
N LYS F 115 13.26 -52.87 19.62
CA LYS F 115 12.38 -54.03 19.65
C LYS F 115 11.15 -53.79 18.77
N GLN F 116 10.65 -52.55 18.76
CA GLN F 116 9.46 -52.16 17.98
C GLN F 116 9.82 -51.24 16.82
N PHE F 117 8.84 -51.07 15.92
CA PHE F 117 8.84 -50.02 14.91
C PHE F 117 7.50 -49.31 14.99
N ALA F 118 7.31 -48.26 14.20
CA ALA F 118 6.07 -47.48 14.21
C ALA F 118 5.89 -46.65 12.95
N ALA F 119 4.69 -46.68 12.38
CA ALA F 119 4.39 -45.93 11.16
C ALA F 119 4.25 -44.44 11.47
N ILE F 120 4.87 -43.60 10.64
CA ILE F 120 4.86 -42.15 10.84
C ILE F 120 3.50 -41.50 10.58
N HIS F 121 2.56 -42.22 9.97
CA HIS F 121 1.17 -41.80 9.86
C HIS F 121 0.29 -42.59 10.82
N ALA F 122 0.11 -42.03 12.01
CA ALA F 122 -0.88 -42.50 12.98
C ALA F 122 -1.92 -41.40 13.14
N GLU F 123 -3.17 -41.79 13.38
CA GLU F 123 -4.25 -40.82 13.59
C GLU F 123 -4.09 -40.12 14.94
N ALA F 124 -4.47 -38.85 14.99
CA ALA F 124 -4.33 -38.05 16.21
C ALA F 124 -5.26 -38.54 17.33
N PRO F 125 -4.90 -38.28 18.61
CA PRO F 125 -5.76 -38.63 19.74
C PRO F 125 -7.17 -38.05 19.63
N GLU F 126 -8.18 -38.86 19.98
CA GLU F 126 -9.58 -38.44 19.89
C GLU F 126 -9.91 -37.46 21.02
N PHE F 127 -11.08 -36.82 20.93
CA PHE F 127 -11.54 -35.87 21.96
C PHE F 127 -11.54 -36.48 23.38
N VAL F 128 -11.91 -37.75 23.46
CA VAL F 128 -11.97 -38.50 24.73
C VAL F 128 -10.63 -38.56 25.49
N GLU F 129 -9.51 -38.52 24.76
CA GLU F 129 -8.16 -38.64 25.33
C GLU F 129 -7.53 -37.33 25.80
N MET F 130 -8.25 -36.21 25.70
CA MET F 130 -7.68 -34.89 26.01
C MET F 130 -7.59 -34.63 27.51
N SER F 131 -6.40 -34.22 27.96
CA SER F 131 -6.21 -33.68 29.31
C SER F 131 -6.64 -32.21 29.32
N VAL F 132 -7.16 -31.76 30.45
CA VAL F 132 -7.55 -30.35 30.64
C VAL F 132 -6.77 -29.61 31.75
N GLU F 133 -5.87 -30.31 32.44
CA GLU F 133 -5.15 -29.73 33.58
C GLU F 133 -3.98 -28.88 33.10
N GLN F 134 -3.98 -27.60 33.50
CA GLN F 134 -2.99 -26.62 33.04
C GLN F 134 -2.11 -26.16 34.21
N GLU F 135 -0.92 -26.76 34.33
CA GLU F 135 0.07 -26.41 35.35
C GLU F 135 1.16 -25.54 34.74
N ILE F 136 1.51 -24.44 35.40
CA ILE F 136 2.52 -23.49 34.87
C ILE F 136 3.92 -24.11 34.81
N LEU F 137 4.67 -23.71 33.78
CA LEU F 137 6.06 -24.13 33.57
C LEU F 137 6.96 -22.89 33.59
N VAL F 138 7.77 -22.77 34.64
CA VAL F 138 8.64 -21.61 34.83
C VAL F 138 9.87 -21.72 33.93
N THR F 139 10.01 -20.78 33.00
CA THR F 139 11.11 -20.75 32.03
C THR F 139 12.37 -20.08 32.58
N GLY F 140 12.19 -18.97 33.29
CA GLY F 140 13.31 -18.09 33.67
C GLY F 140 13.41 -16.85 32.80
N ILE F 141 12.64 -16.81 31.72
CA ILE F 141 12.58 -15.67 30.80
C ILE F 141 11.41 -14.81 31.26
N LYS F 142 11.70 -13.54 31.58
CA LYS F 142 10.75 -12.66 32.25
C LYS F 142 9.46 -12.37 31.47
N VAL F 143 9.58 -11.98 30.19
CA VAL F 143 8.42 -11.68 29.33
C VAL F 143 7.49 -12.89 29.20
N VAL F 144 8.07 -14.07 29.10
CA VAL F 144 7.33 -15.31 28.98
C VAL F 144 6.61 -15.56 30.31
N ASP F 145 7.37 -15.74 31.37
CA ASP F 145 6.80 -15.98 32.71
C ASP F 145 5.76 -14.92 33.13
N LEU F 146 6.03 -13.65 32.85
CA LEU F 146 5.15 -12.54 33.25
C LEU F 146 3.85 -12.47 32.43
N LEU F 147 3.99 -12.36 31.10
CA LEU F 147 2.88 -11.96 30.23
C LEU F 147 2.18 -13.11 29.50
N ALA F 148 2.94 -14.10 29.06
CA ALA F 148 2.41 -15.24 28.29
C ALA F 148 3.17 -16.53 28.66
N PRO F 149 2.96 -17.02 29.90
CA PRO F 149 3.74 -18.15 30.41
C PRO F 149 3.31 -19.49 29.84
N TYR F 150 4.27 -20.41 29.74
CA TYR F 150 4.02 -21.73 29.18
C TYR F 150 3.41 -22.64 30.24
N ALA F 151 2.74 -23.70 29.79
CA ALA F 151 2.12 -24.69 30.66
C ALA F 151 2.78 -26.05 30.45
N LYS F 152 2.93 -26.82 31.53
CA LYS F 152 3.46 -28.19 31.44
C LYS F 152 2.49 -29.06 30.65
N GLY F 153 3.02 -29.70 29.61
CA GLY F 153 2.20 -30.45 28.66
C GLY F 153 1.45 -29.60 27.65
N GLY F 154 1.75 -28.30 27.61
CA GLY F 154 1.06 -27.36 26.73
C GLY F 154 1.78 -27.21 25.40
N LYS F 155 1.05 -26.67 24.42
CA LYS F 155 1.60 -26.38 23.10
C LYS F 155 2.15 -24.95 23.06
N ILE F 156 3.45 -24.84 22.77
CA ILE F 156 4.18 -23.59 22.79
C ILE F 156 4.65 -23.25 21.38
N GLY F 157 4.36 -22.04 20.92
CA GLY F 157 4.75 -21.57 19.58
C GLY F 157 5.64 -20.34 19.66
N LEU F 158 6.75 -20.37 18.91
CA LEU F 158 7.69 -19.25 18.87
C LEU F 158 7.69 -18.65 17.44
N PHE F 159 6.93 -17.57 17.27
CA PHE F 159 6.78 -16.92 15.96
C PHE F 159 7.93 -15.93 15.77
N GLY F 160 8.57 -15.96 14.61
CA GLY F 160 9.67 -15.03 14.33
C GLY F 160 10.05 -14.88 12.87
N GLY F 161 10.37 -13.64 12.47
CA GLY F 161 10.87 -13.35 11.13
C GLY F 161 12.32 -13.79 10.98
N ALA F 162 12.90 -13.51 9.82
CA ALA F 162 14.25 -13.97 9.49
C ALA F 162 15.33 -13.26 10.32
N GLY F 163 15.90 -14.00 11.28
CA GLY F 163 17.06 -13.54 12.05
C GLY F 163 16.78 -12.74 13.32
N VAL F 164 15.64 -13.01 13.97
CA VAL F 164 15.21 -12.23 15.15
C VAL F 164 15.24 -12.99 16.49
N GLY F 165 15.59 -14.28 16.47
CA GLY F 165 15.90 -15.03 17.71
C GLY F 165 15.08 -16.27 18.06
N LYS F 166 14.49 -16.92 17.06
CA LYS F 166 13.75 -18.18 17.27
C LYS F 166 14.65 -19.32 17.77
N THR F 167 15.74 -19.57 17.03
CA THR F 167 16.69 -20.64 17.38
C THR F 167 17.46 -20.34 18.67
N VAL F 168 17.86 -19.08 18.88
CA VAL F 168 18.46 -18.68 20.17
C VAL F 168 17.47 -18.96 21.32
N LEU F 169 16.20 -18.62 21.11
CA LEU F 169 15.16 -18.79 22.14
C LEU F 169 14.87 -20.27 22.44
N ILE F 170 14.70 -21.07 21.40
CA ILE F 170 14.40 -22.50 21.59
C ILE F 170 15.58 -23.26 22.22
N MET F 171 16.80 -22.80 21.93
CA MET F 171 18.02 -23.35 22.55
C MET F 171 18.23 -22.88 24.00
N GLU F 172 17.73 -21.70 24.33
CA GLU F 172 17.68 -21.24 25.73
C GLU F 172 16.68 -22.06 26.55
N LEU F 173 15.51 -22.35 25.96
CA LEU F 173 14.50 -23.18 26.63
C LEU F 173 14.95 -24.63 26.83
N ILE F 174 15.76 -25.16 25.91
CA ILE F 174 16.40 -26.48 26.10
C ILE F 174 17.36 -26.44 27.29
N ASN F 175 18.16 -25.38 27.39
CA ASN F 175 19.12 -25.22 28.49
C ASN F 175 18.46 -25.11 29.87
N ASN F 176 17.40 -24.31 29.96
CA ASN F 176 16.70 -24.07 31.24
C ASN F 176 15.85 -25.26 31.68
N VAL F 177 15.01 -25.77 30.76
CA VAL F 177 14.01 -26.78 31.09
C VAL F 177 14.59 -28.20 31.07
N ALA F 178 15.13 -28.61 29.92
CA ALA F 178 15.45 -30.03 29.64
C ALA F 178 16.38 -30.70 30.65
N LYS F 179 17.35 -29.96 31.19
CA LYS F 179 18.25 -30.48 32.22
C LYS F 179 17.55 -30.59 33.57
N ALA F 180 16.77 -29.56 33.93
CA ALA F 180 15.94 -29.58 35.14
C ALA F 180 14.76 -30.56 35.03
N HIS F 181 14.33 -30.84 33.81
CA HIS F 181 13.25 -31.79 33.53
C HIS F 181 13.79 -33.23 33.57
N GLY F 182 13.41 -33.98 34.59
CA GLY F 182 13.79 -35.38 34.73
C GLY F 182 12.94 -36.26 33.83
N GLY F 183 13.27 -36.26 32.54
CA GLY F 183 12.50 -36.99 31.53
C GLY F 183 13.11 -36.87 30.15
N TYR F 184 12.59 -37.64 29.20
CA TYR F 184 13.14 -37.69 27.84
C TYR F 184 12.79 -36.45 27.02
N SER F 185 13.57 -36.21 25.96
CA SER F 185 13.37 -35.09 25.04
C SER F 185 13.46 -35.57 23.59
N VAL F 186 12.93 -34.76 22.67
CA VAL F 186 13.01 -35.02 21.22
C VAL F 186 13.23 -33.70 20.48
N PHE F 187 14.29 -33.62 19.67
CA PHE F 187 14.53 -32.47 18.79
C PHE F 187 14.39 -32.88 17.34
N ALA F 188 13.38 -32.34 16.66
CA ALA F 188 13.11 -32.60 15.24
C ALA F 188 13.53 -31.40 14.39
N GLY F 189 14.67 -31.51 13.73
CA GLY F 189 15.15 -30.49 12.80
C GLY F 189 14.39 -30.55 11.49
N VAL F 190 13.41 -29.65 11.33
CA VAL F 190 12.55 -29.59 10.14
C VAL F 190 12.94 -28.40 9.26
N GLY F 191 13.79 -28.66 8.27
CA GLY F 191 14.10 -27.69 7.21
C GLY F 191 14.91 -26.47 7.59
N GLU F 192 15.77 -26.58 8.60
CA GLU F 192 16.70 -25.50 8.98
C GLU F 192 18.13 -25.88 8.59
N ARG F 193 19.16 -25.39 9.30
CA ARG F 193 20.55 -25.53 8.86
C ARG F 193 21.19 -26.81 9.38
N THR F 194 21.89 -27.52 8.51
CA THR F 194 22.57 -28.76 8.86
C THR F 194 23.73 -28.52 9.84
N ARG F 195 24.41 -27.38 9.73
CA ARG F 195 25.48 -27.02 10.69
C ARG F 195 24.95 -26.74 12.10
N GLU F 196 23.70 -26.26 12.21
CA GLU F 196 23.04 -26.12 13.52
C GLU F 196 22.77 -27.48 14.15
N GLY F 197 22.48 -28.47 13.32
CA GLY F 197 22.38 -29.86 13.76
C GLY F 197 23.69 -30.40 14.32
N ASN F 198 24.79 -30.08 13.64
CA ASN F 198 26.13 -30.40 14.12
C ASN F 198 26.43 -29.70 15.45
N ASP F 199 26.05 -28.42 15.54
CA ASP F 199 26.18 -27.66 16.78
C ASP F 199 25.38 -28.28 17.93
N LEU F 200 24.14 -28.73 17.65
CA LEU F 200 23.31 -29.38 18.68
C LEU F 200 23.91 -30.72 19.12
N TYR F 201 24.27 -31.55 18.15
CA TYR F 201 24.77 -32.91 18.43
C TYR F 201 25.99 -32.88 19.35
N HIS F 202 27.00 -32.11 18.97
CA HIS F 202 28.26 -32.05 19.73
C HIS F 202 28.19 -31.20 21.00
N GLU F 203 27.25 -30.25 21.07
CA GLU F 203 26.88 -29.59 22.34
C GLU F 203 26.33 -30.64 23.30
N MET F 204 25.39 -31.45 22.82
CA MET F 204 24.73 -32.47 23.64
C MET F 204 25.63 -33.66 24.02
N ILE F 205 26.68 -33.92 23.24
CA ILE F 205 27.71 -34.91 23.63
C ILE F 205 28.56 -34.35 24.77
N GLU F 206 28.99 -33.09 24.63
CA GLU F 206 29.86 -32.44 25.62
C GLU F 206 29.14 -32.14 26.93
N SER F 207 27.88 -31.72 26.85
CA SER F 207 27.08 -31.38 28.04
C SER F 207 26.76 -32.60 28.91
N GLY F 208 26.47 -33.73 28.26
CA GLY F 208 26.15 -34.98 28.95
C GLY F 208 24.79 -35.58 28.59
N VAL F 209 23.90 -34.75 28.06
CA VAL F 209 22.54 -35.21 27.67
C VAL F 209 22.52 -36.27 26.54
N ILE F 210 23.61 -36.35 25.77
CA ILE F 210 23.87 -37.49 24.88
C ILE F 210 25.17 -38.15 25.35
N ASN F 211 25.15 -39.48 25.41
CA ASN F 211 26.29 -40.27 25.88
C ASN F 211 26.63 -41.36 24.85
N LEU F 212 27.83 -41.27 24.29
CA LEU F 212 28.30 -42.23 23.28
C LEU F 212 28.83 -43.52 23.91
N LYS F 213 29.40 -43.40 25.11
CA LYS F 213 29.94 -44.55 25.86
C LYS F 213 28.78 -45.35 26.46
N ASP F 214 27.96 -44.65 27.24
CA ASP F 214 26.86 -45.23 28.02
C ASP F 214 25.58 -45.25 27.18
N ALA F 215 24.48 -45.73 27.78
CA ALA F 215 23.14 -45.59 27.22
C ALA F 215 22.27 -44.76 28.17
N THR F 216 22.79 -43.60 28.57
CA THR F 216 22.12 -42.68 29.51
C THR F 216 21.65 -41.38 28.85
N SER F 217 21.44 -41.41 27.53
CA SER F 217 21.06 -40.22 26.77
C SER F 217 19.61 -39.82 27.04
N LYS F 218 19.37 -38.52 27.17
CA LYS F 218 18.04 -37.96 27.47
C LYS F 218 17.33 -37.34 26.26
N VAL F 219 17.97 -37.35 25.08
CA VAL F 219 17.44 -36.70 23.87
C VAL F 219 17.58 -37.60 22.64
N ALA F 220 16.52 -37.66 21.85
CA ALA F 220 16.54 -38.32 20.53
C ALA F 220 16.44 -37.27 19.43
N LEU F 221 17.36 -37.32 18.47
CA LEU F 221 17.44 -36.32 17.41
C LEU F 221 16.90 -36.84 16.09
N VAL F 222 16.14 -36.00 15.39
CA VAL F 222 15.62 -36.30 14.05
C VAL F 222 15.92 -35.09 13.16
N TYR F 223 16.33 -35.34 11.91
CA TYR F 223 16.83 -34.27 11.04
C TYR F 223 16.55 -34.45 9.54
N GLY F 224 15.82 -33.50 8.98
CA GLY F 224 15.59 -33.38 7.52
C GLY F 224 15.66 -31.91 7.15
N GLN F 225 16.87 -31.44 6.91
CA GLN F 225 17.18 -30.00 6.86
C GLN F 225 16.99 -29.39 5.46
N MET F 226 17.26 -28.09 5.33
CA MET F 226 16.99 -27.35 4.07
C MET F 226 17.82 -27.79 2.84
N ASN F 227 18.78 -28.70 3.02
CA ASN F 227 19.40 -29.43 1.90
C ASN F 227 18.53 -30.57 1.32
N GLU F 228 17.53 -31.02 2.07
CA GLU F 228 16.68 -32.13 1.64
C GLU F 228 15.62 -31.64 0.66
N PRO F 229 15.14 -32.52 -0.24
CA PRO F 229 14.06 -32.17 -1.18
C PRO F 229 12.70 -32.12 -0.48
N PRO F 230 11.67 -31.51 -1.13
CA PRO F 230 10.43 -31.13 -0.43
C PRO F 230 9.67 -32.27 0.27
N GLY F 231 9.61 -33.44 -0.35
CA GLY F 231 8.95 -34.60 0.25
C GLY F 231 9.53 -35.01 1.60
N ALA F 232 10.84 -34.85 1.76
CA ALA F 232 11.52 -35.14 3.03
C ALA F 232 11.18 -34.13 4.12
N ARG F 233 11.34 -32.85 3.80
CA ARG F 233 10.97 -31.76 4.73
C ARG F 233 9.48 -31.81 5.15
N ALA F 234 8.63 -32.25 4.22
CA ALA F 234 7.19 -32.39 4.47
C ALA F 234 6.83 -33.53 5.45
N ARG F 235 7.64 -34.59 5.49
CA ARG F 235 7.38 -35.74 6.37
C ARG F 235 8.26 -35.81 7.61
N VAL F 236 9.41 -35.13 7.62
CA VAL F 236 10.34 -35.22 8.75
C VAL F 236 9.76 -34.74 10.08
N ALA F 237 8.82 -33.79 10.02
CA ALA F 237 8.04 -33.38 11.19
C ALA F 237 7.31 -34.57 11.81
N LEU F 238 6.66 -35.37 10.96
CA LEU F 238 5.89 -36.54 11.42
C LEU F 238 6.77 -37.65 11.99
N THR F 239 7.99 -37.80 11.44
CA THR F 239 8.97 -38.75 11.96
C THR F 239 9.39 -38.39 13.40
N GLY F 240 9.59 -37.10 13.65
CA GLY F 240 9.86 -36.59 14.99
C GLY F 240 8.75 -36.83 16.00
N LEU F 241 7.50 -36.72 15.56
CA LEU F 241 6.33 -37.01 16.41
C LEU F 241 6.32 -38.46 16.85
N THR F 242 6.39 -39.35 15.88
CA THR F 242 6.28 -40.81 16.08
C THR F 242 7.23 -41.34 17.15
N VAL F 243 8.43 -40.74 17.24
CA VAL F 243 9.39 -41.04 18.32
C VAL F 243 8.84 -40.55 19.66
N ALA F 244 8.38 -39.30 19.70
CA ALA F 244 7.75 -38.72 20.90
C ALA F 244 6.41 -39.35 21.29
N GLU F 245 5.69 -39.90 20.31
CA GLU F 245 4.42 -40.61 20.54
C GLU F 245 4.62 -41.95 21.27
N TYR F 246 5.79 -42.58 21.06
CA TYR F 246 6.15 -43.79 21.80
C TYR F 246 6.38 -43.48 23.28
N PHE F 247 7.21 -42.47 23.56
CA PHE F 247 7.54 -42.09 24.94
C PHE F 247 6.32 -41.58 25.73
N ARG F 248 5.36 -40.96 25.03
CA ARG F 248 4.10 -40.54 25.64
C ARG F 248 3.23 -41.76 25.98
N ASP F 249 2.92 -42.56 24.96
CA ASP F 249 1.94 -43.64 25.07
C ASP F 249 2.55 -44.94 25.60
N GLN F 250 3.55 -45.45 24.89
CA GLN F 250 4.11 -46.79 25.17
C GLN F 250 5.08 -46.85 26.36
N GLU F 251 5.39 -45.71 26.99
CA GLU F 251 6.10 -45.68 28.28
C GLU F 251 5.44 -44.87 29.42
N GLY F 252 4.43 -44.06 29.11
CA GLY F 252 3.72 -43.25 30.12
C GLY F 252 4.60 -42.23 30.81
N GLN F 253 5.42 -41.54 30.01
CA GLN F 253 6.48 -40.65 30.50
C GLN F 253 6.24 -39.22 30.02
N ASP F 254 6.76 -38.24 30.77
CA ASP F 254 6.72 -36.84 30.34
C ASP F 254 7.77 -36.59 29.26
N VAL F 255 7.37 -35.85 28.22
CA VAL F 255 8.18 -35.66 27.01
C VAL F 255 8.33 -34.17 26.71
N LEU F 256 9.52 -33.79 26.21
CA LEU F 256 9.75 -32.50 25.58
C LEU F 256 9.90 -32.72 24.07
N LEU F 257 9.22 -31.88 23.27
CA LEU F 257 9.25 -31.99 21.81
C LEU F 257 9.62 -30.64 21.19
N PHE F 258 10.91 -30.49 20.88
CA PHE F 258 11.40 -29.27 20.23
C PHE F 258 11.36 -29.46 18.71
N ILE F 259 10.76 -28.49 18.01
CA ILE F 259 10.69 -28.51 16.55
C ILE F 259 11.14 -27.15 15.99
N ASP F 260 12.26 -27.16 15.29
CA ASP F 260 12.74 -26.00 14.55
C ASP F 260 13.01 -26.47 13.12
N ASN F 261 12.20 -26.11 12.12
CA ASN F 261 11.12 -25.12 12.16
C ASN F 261 9.85 -25.68 11.49
N ILE F 262 8.70 -25.53 12.12
CA ILE F 262 7.45 -26.13 11.64
C ILE F 262 6.80 -25.38 10.46
N PHE F 263 7.29 -24.18 10.15
CA PHE F 263 6.93 -23.50 8.89
C PHE F 263 7.33 -24.31 7.66
N ARG F 264 8.48 -24.99 7.76
CA ARG F 264 9.07 -25.71 6.62
C ARG F 264 8.24 -26.93 6.21
N PHE F 265 7.44 -27.46 7.15
CA PHE F 265 6.41 -28.46 6.84
C PHE F 265 5.41 -27.94 5.80
N THR F 266 4.91 -26.72 6.03
CA THR F 266 3.89 -26.10 5.17
C THR F 266 4.50 -25.51 3.89
N GLN F 267 5.71 -24.96 3.98
CA GLN F 267 6.48 -24.51 2.82
C GLN F 267 6.74 -25.65 1.84
N ALA F 268 7.20 -26.78 2.38
CA ALA F 268 7.41 -28.01 1.60
C ALA F 268 6.11 -28.50 0.96
N GLY F 269 5.01 -28.40 1.69
CA GLY F 269 3.69 -28.71 1.15
C GLY F 269 3.32 -27.88 -0.06
N SER F 270 3.71 -26.61 -0.05
CA SER F 270 3.54 -25.71 -1.21
C SER F 270 4.38 -26.15 -2.41
N GLU F 271 5.59 -26.68 -2.14
CA GLU F 271 6.49 -27.16 -3.20
C GLU F 271 5.99 -28.43 -3.88
N VAL F 272 5.51 -29.41 -3.11
CA VAL F 272 4.95 -30.65 -3.70
C VAL F 272 3.59 -30.41 -4.38
N SER F 273 2.74 -29.59 -3.76
CA SER F 273 1.39 -29.31 -4.28
C SER F 273 1.42 -28.68 -5.69
N ALA F 274 2.40 -27.81 -5.93
CA ALA F 274 2.63 -27.24 -7.26
C ALA F 274 2.86 -28.34 -8.30
N LEU F 275 3.73 -29.30 -7.95
CA LEU F 275 4.09 -30.41 -8.83
C LEU F 275 2.98 -31.46 -8.93
N LEU F 276 2.17 -31.60 -7.87
CA LEU F 276 0.96 -32.45 -7.90
C LEU F 276 -0.14 -31.91 -8.82
N GLY F 277 -0.05 -30.64 -9.19
CA GLY F 277 -0.90 -30.04 -10.23
C GLY F 277 -2.26 -29.55 -9.75
N ARG F 278 -2.36 -29.21 -8.46
CA ARG F 278 -3.59 -28.69 -7.88
C ARG F 278 -3.77 -27.21 -8.24
N ILE F 279 -4.98 -26.70 -8.04
CA ILE F 279 -5.23 -25.26 -8.12
C ILE F 279 -4.77 -24.66 -6.79
N PRO F 280 -3.94 -23.60 -6.82
CA PRO F 280 -3.40 -23.03 -5.59
C PRO F 280 -4.39 -22.20 -4.79
N SER F 281 -4.12 -22.04 -3.49
CA SER F 281 -4.86 -21.14 -2.60
C SER F 281 -4.21 -19.74 -2.61
N ALA F 282 -4.64 -18.87 -1.70
CA ALA F 282 -4.09 -17.52 -1.59
C ALA F 282 -2.61 -17.53 -1.26
N VAL F 283 -1.88 -16.56 -1.83
CA VAL F 283 -0.42 -16.41 -1.64
C VAL F 283 0.35 -17.65 -2.15
N GLY F 284 -0.14 -18.26 -3.23
CA GLY F 284 0.53 -19.40 -3.87
C GLY F 284 0.68 -20.67 -3.06
N TYR F 285 -0.15 -20.83 -2.02
CA TYR F 285 -0.06 -21.98 -1.12
C TYR F 285 -0.91 -23.14 -1.62
N GLN F 286 -0.66 -24.32 -1.06
CA GLN F 286 -1.50 -25.49 -1.30
C GLN F 286 -2.92 -25.24 -0.80
N PRO F 287 -3.94 -25.79 -1.49
CA PRO F 287 -5.31 -25.67 -0.97
C PRO F 287 -5.58 -26.47 0.31
N THR F 288 -4.70 -27.42 0.65
CA THR F 288 -4.80 -28.23 1.86
C THR F 288 -3.93 -27.73 3.02
N LEU F 289 -3.64 -26.43 3.07
CA LEU F 289 -2.73 -25.88 4.09
C LEU F 289 -3.22 -26.13 5.51
N ALA F 290 -4.51 -25.88 5.75
CA ALA F 290 -5.11 -26.04 7.07
C ALA F 290 -5.26 -27.51 7.50
N THR F 291 -5.74 -28.36 6.58
CA THR F 291 -5.95 -29.79 6.88
C THR F 291 -4.65 -30.59 7.01
N ASP F 292 -3.64 -30.25 6.21
CA ASP F 292 -2.29 -30.83 6.37
C ASP F 292 -1.72 -30.48 7.74
N MET F 293 -1.86 -29.21 8.13
CA MET F 293 -1.43 -28.74 9.44
C MET F 293 -2.21 -29.43 10.58
N GLY F 294 -3.51 -29.61 10.39
CA GLY F 294 -4.38 -30.23 11.40
C GLY F 294 -3.99 -31.65 11.78
N THR F 295 -3.89 -32.51 10.78
CA THR F 295 -3.52 -33.93 10.99
C THR F 295 -2.13 -34.08 11.61
N MET F 296 -1.24 -33.13 11.31
CA MET F 296 0.08 -33.08 11.92
C MET F 296 0.01 -32.56 13.35
N GLN F 297 -0.60 -31.39 13.54
CA GLN F 297 -0.56 -30.68 14.83
C GLN F 297 -1.36 -31.33 15.95
N GLU F 298 -2.49 -31.97 15.63
CA GLU F 298 -3.30 -32.65 16.64
C GLU F 298 -2.63 -33.88 17.27
N ARG F 299 -1.62 -34.43 16.60
CA ARG F 299 -0.77 -35.48 17.17
C ARG F 299 0.22 -34.93 18.20
N ILE F 300 0.66 -33.69 18.00
CA ILE F 300 1.47 -32.98 18.99
C ILE F 300 0.52 -32.49 20.09
N THR F 301 0.34 -33.31 21.13
CA THR F 301 -0.52 -32.94 22.25
C THR F 301 -0.26 -33.80 23.49
N THR F 302 -0.82 -33.34 24.61
CA THR F 302 -0.79 -34.07 25.87
C THR F 302 -2.11 -34.81 26.04
N THR F 303 -2.04 -36.14 25.90
CA THR F 303 -3.20 -37.00 26.08
C THR F 303 -3.36 -37.39 27.55
N LYS F 304 -4.42 -38.15 27.83
CA LYS F 304 -4.63 -38.80 29.13
C LYS F 304 -3.46 -39.71 29.56
N LYS F 305 -2.87 -40.42 28.59
CA LYS F 305 -1.83 -41.44 28.86
C LYS F 305 -0.44 -40.87 29.19
N GLY F 306 -0.12 -39.69 28.64
CA GLY F 306 1.18 -39.05 28.88
C GLY F 306 1.23 -37.59 28.45
N SER F 307 2.30 -36.90 28.85
CA SER F 307 2.44 -35.47 28.65
C SER F 307 3.54 -35.10 27.63
N ILE F 308 3.16 -34.34 26.60
CA ILE F 308 4.11 -33.74 25.67
C ILE F 308 4.05 -32.22 25.84
N THR F 309 5.16 -31.63 26.30
CA THR F 309 5.35 -30.17 26.24
C THR F 309 6.10 -29.86 24.95
N SER F 310 5.42 -29.18 24.01
CA SER F 310 5.92 -29.01 22.65
C SER F 310 6.24 -27.56 22.30
N VAL F 311 7.52 -27.26 22.11
CA VAL F 311 8.00 -25.93 21.70
C VAL F 311 8.29 -25.95 20.19
N GLN F 312 7.47 -25.24 19.42
CA GLN F 312 7.60 -25.18 17.96
C GLN F 312 8.08 -23.80 17.51
N ALA F 313 9.26 -23.74 16.88
CA ALA F 313 9.72 -22.52 16.23
C ALA F 313 8.95 -22.36 14.92
N ILE F 314 8.47 -21.14 14.65
CA ILE F 314 7.60 -20.85 13.52
C ILE F 314 8.16 -19.66 12.74
N TYR F 315 8.69 -19.94 11.55
CA TYR F 315 9.25 -18.91 10.66
C TYR F 315 8.10 -18.11 10.05
N VAL F 316 8.26 -16.78 10.01
CA VAL F 316 7.25 -15.87 9.49
C VAL F 316 7.78 -15.24 8.18
N PRO F 317 7.24 -15.64 7.01
CA PRO F 317 7.80 -15.16 5.75
C PRO F 317 7.55 -13.69 5.48
N ALA F 318 8.63 -12.94 5.26
CA ALA F 318 8.61 -11.49 5.01
C ALA F 318 8.05 -10.68 6.19
N ASP F 319 8.26 -11.18 7.41
CA ASP F 319 7.74 -10.58 8.65
C ASP F 319 6.22 -10.39 8.69
N ASP F 320 5.49 -11.18 7.90
CA ASP F 320 4.05 -11.02 7.74
C ASP F 320 3.28 -12.14 8.45
N LEU F 321 2.74 -11.83 9.62
CA LEU F 321 1.96 -12.79 10.41
C LEU F 321 0.58 -13.10 9.81
N THR F 322 0.11 -12.28 8.87
CA THR F 322 -1.13 -12.53 8.12
C THR F 322 -0.94 -13.56 6.98
N ASP F 323 0.30 -13.98 6.72
CA ASP F 323 0.59 -15.06 5.78
C ASP F 323 -0.10 -16.36 6.23
N PRO F 324 -0.74 -17.11 5.30
CA PRO F 324 -1.48 -18.33 5.65
C PRO F 324 -0.74 -19.33 6.55
N ALA F 325 0.57 -19.49 6.36
CA ALA F 325 1.34 -20.47 7.15
C ALA F 325 1.35 -20.15 8.65
N PRO F 326 1.91 -18.98 9.06
CA PRO F 326 1.83 -18.62 10.49
C PRO F 326 0.41 -18.36 11.00
N ALA F 327 -0.41 -17.69 10.18
CA ALA F 327 -1.80 -17.35 10.54
C ALA F 327 -2.62 -18.55 11.00
N THR F 328 -2.51 -19.67 10.29
CA THR F 328 -3.22 -20.89 10.65
C THR F 328 -2.65 -21.55 11.92
N THR F 329 -1.33 -21.44 12.11
CA THR F 329 -0.62 -22.05 13.25
C THR F 329 -1.05 -21.56 14.63
N PHE F 330 -1.48 -20.29 14.74
CA PHE F 330 -1.92 -19.71 16.02
C PHE F 330 -2.94 -20.57 16.74
N ALA F 331 -3.95 -21.04 16.01
CA ALA F 331 -5.06 -21.85 16.55
C ALA F 331 -4.61 -23.14 17.26
N HIS F 332 -3.48 -23.71 16.83
CA HIS F 332 -2.97 -24.97 17.37
C HIS F 332 -2.06 -24.79 18.60
N LEU F 333 -2.19 -23.69 19.33
CA LEU F 333 -1.24 -23.36 20.39
C LEU F 333 -1.92 -22.92 21.69
N ASP F 334 -1.24 -23.18 22.80
CA ASP F 334 -1.67 -22.77 24.13
C ASP F 334 -0.93 -21.53 24.64
N ALA F 335 0.30 -21.33 24.17
CA ALA F 335 1.06 -20.10 24.44
C ALA F 335 1.83 -19.68 23.18
N THR F 336 1.83 -18.38 22.91
CA THR F 336 2.49 -17.82 21.73
C THR F 336 3.49 -16.73 22.14
N THR F 337 4.77 -16.97 21.85
CA THR F 337 5.82 -15.96 22.01
C THR F 337 6.14 -15.35 20.64
N VAL F 338 5.57 -14.19 20.36
CA VAL F 338 5.70 -13.52 19.05
C VAL F 338 6.90 -12.58 19.05
N LEU F 339 7.95 -12.95 18.32
CA LEU F 339 9.14 -12.11 18.17
C LEU F 339 8.87 -10.94 17.22
N SER F 340 9.82 -10.01 17.15
CA SER F 340 9.67 -8.79 16.32
C SER F 340 11.03 -8.25 15.88
N ARG F 341 11.11 -7.85 14.60
CA ARG F 341 12.31 -7.22 14.07
C ARG F 341 12.45 -5.79 14.58
N ALA F 342 11.34 -5.06 14.60
CA ALA F 342 11.28 -3.72 15.17
C ALA F 342 11.85 -3.66 16.59
N ILE F 343 11.46 -4.63 17.42
CA ILE F 343 11.94 -4.72 18.81
C ILE F 343 13.41 -5.17 18.84
N ALA F 344 13.79 -6.08 17.93
CA ALA F 344 15.18 -6.55 17.81
C ALA F 344 16.16 -5.45 17.40
N GLU F 345 15.77 -4.58 16.47
CA GLU F 345 16.63 -3.49 16.00
C GLU F 345 16.94 -2.44 17.08
N LEU F 346 16.00 -2.22 18.00
CA LEU F 346 16.20 -1.31 19.13
C LEU F 346 17.09 -1.86 20.24
N GLY F 347 17.54 -3.12 20.14
CA GLY F 347 18.48 -3.73 21.08
C GLY F 347 17.86 -4.66 22.10
N ILE F 348 16.52 -4.68 22.17
CA ILE F 348 15.79 -5.51 23.14
C ILE F 348 15.86 -6.96 22.70
N TYR F 349 16.61 -7.78 23.44
CA TYR F 349 16.72 -9.22 23.20
C TYR F 349 16.43 -9.96 24.51
N PRO F 350 15.61 -11.02 24.50
CA PRO F 350 14.89 -11.54 23.33
C PRO F 350 13.81 -10.59 22.83
N ALA F 351 13.64 -10.53 21.52
CA ALA F 351 12.83 -9.50 20.88
C ALA F 351 11.33 -9.86 20.85
N VAL F 352 10.77 -10.07 22.04
CA VAL F 352 9.37 -10.50 22.18
C VAL F 352 8.46 -9.27 22.15
N ASP F 353 7.32 -9.42 21.47
CA ASP F 353 6.26 -8.41 21.46
C ASP F 353 5.38 -8.70 22.68
N PRO F 354 5.39 -7.79 23.69
CA PRO F 354 4.55 -8.00 24.88
C PRO F 354 3.06 -7.77 24.64
N LEU F 355 2.72 -7.04 23.57
CA LEU F 355 1.33 -6.78 23.20
C LEU F 355 0.77 -7.74 22.13
N ASP F 356 1.62 -8.59 21.55
CA ASP F 356 1.19 -9.59 20.55
C ASP F 356 1.43 -11.04 21.00
N SER F 357 1.96 -11.23 22.21
CA SER F 357 2.18 -12.58 22.78
C SER F 357 1.10 -12.91 23.82
N THR F 358 0.56 -14.12 23.76
CA THR F 358 -0.55 -14.56 24.63
C THR F 358 -0.35 -15.96 25.18
N SER F 359 -1.05 -16.25 26.27
CA SER F 359 -1.13 -17.59 26.84
C SER F 359 -2.52 -17.84 27.41
N ARG F 360 -2.98 -19.08 27.32
CA ARG F 360 -4.31 -19.46 27.79
C ARG F 360 -4.37 -19.69 29.30
N ILE F 361 -3.21 -19.73 29.97
CA ILE F 361 -3.14 -19.78 31.43
C ILE F 361 -2.97 -18.41 32.10
N MET F 362 -2.90 -17.33 31.31
CA MET F 362 -2.94 -15.96 31.85
C MET F 362 -4.35 -15.73 32.37
N ASP F 363 -4.56 -16.19 33.60
CA ASP F 363 -5.87 -16.25 34.25
C ASP F 363 -5.63 -16.00 35.74
N PRO F 364 -6.37 -15.06 36.36
CA PRO F 364 -6.16 -14.83 37.79
C PRO F 364 -6.44 -16.04 38.69
N ASN F 365 -7.32 -16.94 38.25
CA ASN F 365 -7.57 -18.21 38.96
C ASN F 365 -6.38 -19.17 38.91
N ILE F 366 -5.69 -19.23 37.78
CA ILE F 366 -4.54 -20.13 37.61
C ILE F 366 -3.27 -19.50 38.20
N VAL F 367 -2.84 -18.37 37.65
CA VAL F 367 -1.58 -17.74 38.07
C VAL F 367 -1.65 -16.92 39.38
N GLY F 368 -2.86 -16.65 39.88
CA GLY F 368 -3.05 -15.84 41.08
C GLY F 368 -3.27 -14.38 40.72
N SER F 369 -4.14 -13.70 41.46
CA SER F 369 -4.56 -12.34 41.14
C SER F 369 -3.45 -11.28 41.17
N GLU F 370 -2.38 -11.53 41.94
CA GLU F 370 -1.22 -10.62 41.97
C GLU F 370 -0.43 -10.69 40.66
N HIS F 371 -0.25 -11.90 40.13
CA HIS F 371 0.41 -12.10 38.84
C HIS F 371 -0.35 -11.37 37.73
N TYR F 372 -1.63 -11.71 37.59
CA TYR F 372 -2.49 -11.20 36.53
C TYR F 372 -2.54 -9.67 36.47
N ASP F 373 -2.68 -9.02 37.62
CA ASP F 373 -2.76 -7.56 37.71
C ASP F 373 -1.47 -6.87 37.27
N VAL F 374 -0.33 -7.46 37.63
CA VAL F 374 0.98 -6.92 37.26
C VAL F 374 1.25 -7.13 35.76
N ALA F 375 0.79 -8.24 35.20
CA ALA F 375 0.91 -8.51 33.76
C ALA F 375 0.06 -7.54 32.93
N ARG F 376 -1.22 -7.45 33.26
CA ARG F 376 -2.15 -6.55 32.57
C ARG F 376 -1.83 -5.06 32.79
N GLY F 377 -1.25 -4.73 33.95
CA GLY F 377 -0.76 -3.38 34.22
C GLY F 377 0.41 -2.99 33.34
N VAL F 378 1.32 -3.92 33.12
CA VAL F 378 2.46 -3.73 32.20
C VAL F 378 1.97 -3.57 30.76
N GLN F 379 1.02 -4.42 30.34
CA GLN F 379 0.44 -4.33 28.99
C GLN F 379 -0.40 -3.07 28.76
N LYS F 380 -0.99 -2.51 29.82
CA LYS F 380 -1.74 -1.25 29.73
C LYS F 380 -0.80 -0.07 29.45
N ILE F 381 0.22 0.07 30.29
CA ILE F 381 1.20 1.16 30.14
C ILE F 381 2.05 1.03 28.87
N LEU F 382 2.25 -0.19 28.38
CA LEU F 382 2.88 -0.41 27.07
C LEU F 382 1.94 0.00 25.92
N GLN F 383 0.67 -0.36 26.02
CA GLN F 383 -0.33 -0.02 24.99
C GLN F 383 -0.64 1.48 24.96
N ASP F 384 -0.61 2.13 26.13
CA ASP F 384 -0.75 3.59 26.23
C ASP F 384 0.42 4.31 25.56
N TYR F 385 1.63 3.78 25.74
CA TYR F 385 2.84 4.29 25.08
C TYR F 385 2.82 4.07 23.56
N LYS F 386 2.27 2.93 23.12
CA LYS F 386 2.14 2.62 21.70
C LYS F 386 1.18 3.57 20.96
N SER F 387 0.09 3.95 21.62
CA SER F 387 -0.90 4.87 21.04
C SER F 387 -0.37 6.28 20.76
N LEU F 388 0.67 6.68 21.51
CA LEU F 388 1.32 7.98 21.32
C LEU F 388 2.42 7.99 20.25
N GLN F 389 2.67 6.86 19.57
CA GLN F 389 3.83 6.73 18.67
C GLN F 389 3.79 7.59 17.41
N ASP F 390 2.59 7.92 16.93
CA ASP F 390 2.46 8.85 15.79
C ASP F 390 2.89 10.28 16.16
N ILE F 391 2.55 10.72 17.38
CA ILE F 391 2.89 12.06 17.86
C ILE F 391 4.37 12.15 18.28
N ILE F 392 4.88 11.09 18.92
CA ILE F 392 6.28 11.03 19.37
C ILE F 392 7.25 10.91 18.18
N ALA F 393 6.84 10.21 17.13
CA ALA F 393 7.67 10.05 15.92
C ALA F 393 7.98 11.38 15.22
N ILE F 394 7.00 12.27 15.15
CA ILE F 394 7.17 13.57 14.49
C ILE F 394 7.88 14.57 15.42
N LEU F 395 7.23 14.93 16.53
CA LEU F 395 7.67 16.03 17.39
C LEU F 395 8.70 15.61 18.43
N GLY F 396 8.40 14.53 19.16
CA GLY F 396 9.31 13.98 20.17
C GLY F 396 8.65 13.78 21.52
N MET F 397 9.43 13.23 22.46
CA MET F 397 8.95 12.97 23.83
C MET F 397 8.70 14.26 24.62
N ASP F 398 9.44 15.32 24.30
CA ASP F 398 9.35 16.60 25.03
C ASP F 398 8.02 17.35 24.82
N GLU F 399 7.38 17.15 23.66
CA GLU F 399 6.12 17.86 23.33
C GLU F 399 4.87 17.35 24.06
N LEU F 400 4.96 16.17 24.69
CA LEU F 400 3.83 15.59 25.42
C LEU F 400 3.60 16.28 26.77
N SER F 401 2.45 15.98 27.38
CA SER F 401 2.11 16.50 28.71
C SER F 401 2.91 15.80 29.81
N GLU F 402 2.80 16.31 31.03
CA GLU F 402 3.52 15.77 32.19
C GLU F 402 2.99 14.37 32.58
N GLU F 403 1.68 14.18 32.44
CA GLU F 403 1.04 12.88 32.66
C GLU F 403 1.47 11.86 31.60
N ASP F 404 1.53 12.30 30.34
CA ASP F 404 1.94 11.45 29.22
C ASP F 404 3.44 11.10 29.23
N LYS F 405 4.29 12.06 29.61
CA LYS F 405 5.74 11.81 29.74
C LYS F 405 6.08 10.81 30.85
N LEU F 406 5.29 10.81 31.94
CA LEU F 406 5.50 9.89 33.05
C LEU F 406 5.20 8.44 32.67
N THR F 407 4.15 8.22 31.88
CA THR F 407 3.82 6.88 31.36
C THR F 407 4.86 6.39 30.34
N VAL F 408 5.39 7.31 29.53
CA VAL F 408 6.43 6.99 28.54
C VAL F 408 7.74 6.56 29.24
N SER F 409 8.16 7.33 30.24
CA SER F 409 9.39 7.04 31.00
C SER F 409 9.34 5.70 31.73
N ARG F 410 8.17 5.35 32.27
CA ARG F 410 7.95 4.04 32.90
C ARG F 410 7.90 2.91 31.88
N ALA F 411 7.18 3.14 30.77
CA ALA F 411 7.05 2.15 29.69
C ALA F 411 8.38 1.80 29.05
N ARG F 412 9.21 2.81 28.81
CA ARG F 412 10.58 2.59 28.29
C ARG F 412 11.47 1.87 29.29
N LYS F 413 11.30 2.16 30.59
CA LYS F 413 12.00 1.43 31.65
C LYS F 413 11.48 -0.01 31.80
N ILE F 414 10.19 -0.21 31.53
CA ILE F 414 9.59 -1.54 31.47
C ILE F 414 10.14 -2.33 30.28
N GLN F 415 10.07 -1.73 29.09
CA GLN F 415 10.59 -2.35 27.85
C GLN F 415 12.03 -2.86 27.97
N ARG F 416 12.88 -2.08 28.63
CA ARG F 416 14.26 -2.47 28.88
C ARG F 416 14.38 -3.55 29.97
N PHE F 417 13.55 -3.46 31.01
CA PHE F 417 13.50 -4.51 32.04
C PHE F 417 12.90 -5.82 31.49
N LEU F 418 12.11 -5.74 30.42
CA LEU F 418 11.66 -6.93 29.69
C LEU F 418 12.81 -7.65 28.96
N SER F 419 13.88 -6.93 28.60
CA SER F 419 15.08 -7.57 28.04
C SER F 419 15.86 -8.33 29.12
N GLN F 420 16.66 -9.30 28.69
CA GLN F 420 17.41 -10.17 29.60
C GLN F 420 18.56 -10.85 28.84
N PRO F 421 19.74 -10.97 29.48
CA PRO F 421 20.84 -11.69 28.85
C PRO F 421 20.62 -13.20 28.93
N PHE F 422 20.79 -13.88 27.80
CA PHE F 422 20.61 -15.32 27.70
C PHE F 422 21.97 -16.01 27.83
N GLN F 423 21.95 -17.22 28.39
CA GLN F 423 23.17 -18.03 28.56
C GLN F 423 23.73 -18.50 27.21
N VAL F 424 22.83 -18.87 26.30
CA VAL F 424 23.23 -19.28 24.93
C VAL F 424 23.75 -18.13 24.07
N ALA F 425 23.39 -16.89 24.40
CA ALA F 425 23.82 -15.69 23.65
C ALA F 425 24.86 -14.84 24.39
N GLU F 426 25.73 -15.48 25.17
CA GLU F 426 26.81 -14.76 25.88
C GLU F 426 27.87 -14.19 24.93
N VAL F 427 28.09 -14.87 23.81
CA VAL F 427 29.05 -14.42 22.79
C VAL F 427 28.58 -13.14 22.09
N PHE F 428 27.28 -13.06 21.82
CA PHE F 428 26.69 -11.91 21.13
C PHE F 428 26.60 -10.69 22.05
N THR F 429 25.99 -10.88 23.22
CA THR F 429 25.81 -9.80 24.20
C THR F 429 27.12 -9.38 24.85
N GLY F 430 27.79 -10.35 25.49
CA GLY F 430 28.96 -10.10 26.33
C GLY F 430 28.66 -10.27 27.81
N HIS F 431 27.43 -9.94 28.21
CA HIS F 431 26.99 -10.07 29.60
C HIS F 431 26.84 -11.54 29.99
N LEU F 432 27.00 -11.81 31.29
CA LEU F 432 26.79 -13.15 31.85
C LEU F 432 25.30 -13.51 31.81
N GLY F 433 25.00 -14.78 31.56
CA GLY F 433 23.62 -15.26 31.44
C GLY F 433 22.88 -15.24 32.75
N LYS F 434 21.58 -14.94 32.69
CA LYS F 434 20.72 -14.82 33.88
C LYS F 434 19.43 -15.64 33.72
N LEU F 435 18.90 -16.09 34.85
CA LEU F 435 17.67 -16.88 34.89
C LEU F 435 16.87 -16.42 36.12
N VAL F 436 15.89 -15.56 35.88
CA VAL F 436 15.17 -14.86 36.95
C VAL F 436 14.01 -15.72 37.45
N PRO F 437 13.94 -16.00 38.77
CA PRO F 437 12.78 -16.75 39.32
C PRO F 437 11.46 -15.98 39.21
N LEU F 438 10.34 -16.71 39.29
CA LEU F 438 9.01 -16.13 39.11
C LEU F 438 8.61 -15.10 40.18
N LYS F 439 9.10 -15.28 41.41
CA LYS F 439 8.80 -14.35 42.51
C LYS F 439 9.38 -12.96 42.24
N GLU F 440 10.65 -12.91 41.85
CA GLU F 440 11.34 -11.66 41.55
C GLU F 440 11.01 -11.06 40.17
N THR F 441 10.41 -11.86 39.28
CA THR F 441 9.90 -11.37 38.00
C THR F 441 8.65 -10.51 38.22
N ILE F 442 7.71 -10.99 39.03
CA ILE F 442 6.50 -10.22 39.36
C ILE F 442 6.88 -8.98 40.17
N LYS F 443 7.67 -9.18 41.21
CA LYS F 443 8.10 -8.12 42.14
C LYS F 443 8.82 -6.95 41.45
N GLY F 444 9.65 -7.25 40.46
CA GLY F 444 10.42 -6.23 39.74
C GLY F 444 9.56 -5.27 38.93
N PHE F 445 8.68 -5.82 38.10
CA PHE F 445 7.74 -5.02 37.31
C PHE F 445 6.64 -4.38 38.17
N GLN F 446 6.33 -4.99 39.32
CA GLN F 446 5.36 -4.42 40.26
C GLN F 446 5.87 -3.12 40.87
N GLN F 447 7.15 -3.09 41.24
CA GLN F 447 7.79 -1.87 41.78
C GLN F 447 7.88 -0.74 40.74
N ILE F 448 8.19 -1.09 39.50
CA ILE F 448 8.34 -0.11 38.41
C ILE F 448 7.00 0.58 38.09
N LEU F 449 5.91 -0.19 38.05
CA LEU F 449 4.56 0.36 37.81
C LEU F 449 4.13 1.34 38.91
N ALA F 450 4.42 0.99 40.16
CA ALA F 450 4.13 1.87 41.32
C ALA F 450 4.89 3.20 41.27
N GLY F 451 6.07 3.20 40.65
CA GLY F 451 6.88 4.39 40.45
C GLY F 451 8.00 4.54 41.46
N GLU F 452 8.56 3.42 41.91
CA GLU F 452 9.67 3.41 42.85
C GLU F 452 11.02 3.64 42.19
N TYR F 453 11.08 3.57 40.86
CA TYR F 453 12.30 3.86 40.10
C TYR F 453 12.03 4.83 38.93
N ASP F 454 11.24 5.87 39.19
CA ASP F 454 11.09 6.98 38.25
C ASP F 454 12.35 7.84 38.22
N HIS F 455 13.02 7.94 39.37
CA HIS F 455 14.31 8.65 39.49
C HIS F 455 15.48 7.96 38.78
N LEU F 456 15.46 6.62 38.69
CA LEU F 456 16.53 5.87 38.01
C LEU F 456 16.46 6.02 36.49
N PRO F 457 17.61 5.90 35.79
CA PRO F 457 17.64 5.99 34.33
C PRO F 457 17.11 4.74 33.60
N GLU F 458 17.03 4.83 32.28
CA GLU F 458 16.43 3.76 31.45
C GLU F 458 17.38 2.59 31.24
N GLN F 459 18.58 2.91 30.76
CA GLN F 459 19.60 1.89 30.42
C GLN F 459 20.11 1.03 31.59
N ALA F 460 19.83 1.44 32.83
CA ALA F 460 20.08 0.61 34.01
C ALA F 460 19.23 -0.68 34.03
N PHE F 461 18.04 -0.61 33.43
CA PHE F 461 17.14 -1.77 33.32
C PHE F 461 17.44 -2.67 32.12
N TYR F 462 18.15 -2.13 31.13
CA TYR F 462 18.53 -2.89 29.92
C TYR F 462 19.54 -4.00 30.24
N MET F 463 19.18 -5.23 29.87
CA MET F 463 20.03 -6.43 30.04
C MET F 463 20.49 -6.65 31.50
N VAL F 464 19.50 -6.86 32.36
CA VAL F 464 19.73 -7.20 33.77
C VAL F 464 18.81 -8.35 34.18
N GLY F 465 19.25 -9.13 35.17
CA GLY F 465 18.46 -10.25 35.68
C GLY F 465 17.31 -9.75 36.56
N PRO F 466 17.47 -9.84 37.90
CA PRO F 466 16.43 -9.35 38.80
C PRO F 466 16.45 -7.82 38.93
N ILE F 467 15.44 -7.28 39.60
CA ILE F 467 15.32 -5.83 39.83
C ILE F 467 16.48 -5.24 40.67
N GLU F 468 17.12 -6.08 41.50
CA GLU F 468 18.29 -5.67 42.30
C GLU F 468 19.46 -5.18 41.44
N GLU F 469 19.70 -5.84 40.31
CA GLU F 469 20.76 -5.44 39.36
C GLU F 469 20.50 -4.11 38.67
N ALA F 470 19.23 -3.73 38.54
CA ALA F 470 18.84 -2.43 37.99
C ALA F 470 19.25 -1.26 38.90
N VAL F 471 19.22 -1.47 40.21
CA VAL F 471 19.69 -0.47 41.18
C VAL F 471 21.23 -0.43 41.19
N ALA F 472 21.86 -1.60 41.19
CA ALA F 472 23.32 -1.72 41.17
C ALA F 472 23.97 -1.12 39.93
N LYS F 473 23.34 -1.33 38.77
CA LYS F 473 23.82 -0.75 37.50
C LYS F 473 23.68 0.77 37.46
N ALA F 474 22.61 1.29 38.06
CA ALA F 474 22.35 2.75 38.10
C ALA F 474 23.31 3.52 39.01
N ASP F 475 23.73 2.89 40.11
CA ASP F 475 24.65 3.53 41.07
C ASP F 475 26.07 3.73 40.51
N LYS F 476 26.54 2.78 39.69
CA LYS F 476 27.86 2.87 39.07
C LYS F 476 27.99 4.02 38.04
N LEU F 477 26.88 4.37 37.39
CA LEU F 477 26.87 5.44 36.38
C LEU F 477 27.13 6.82 37.00
N ALA F 478 26.45 7.12 38.10
CA ALA F 478 26.56 8.43 38.77
C ALA F 478 27.89 8.60 39.50
N ALA G 1 -2.51 0.24 6.25
CA ALA G 1 -2.84 -1.07 5.62
C ALA G 1 -3.32 -0.90 4.18
N THR G 2 -4.40 -0.13 4.00
CA THR G 2 -5.02 0.09 2.69
C THR G 2 -4.27 1.19 1.93
N LEU G 3 -4.36 1.15 0.60
CA LEU G 3 -3.76 2.19 -0.26
C LEU G 3 -4.40 3.57 -0.05
N LYS G 4 -5.70 3.59 0.19
CA LYS G 4 -6.43 4.84 0.50
C LYS G 4 -5.99 5.47 1.82
N ASP G 5 -5.61 4.65 2.79
CA ASP G 5 -5.10 5.13 4.09
C ASP G 5 -3.69 5.71 3.94
N ILE G 6 -2.81 5.00 3.25
CA ILE G 6 -1.40 5.38 3.12
C ILE G 6 -1.24 6.63 2.24
N THR G 7 -2.07 6.77 1.21
CA THR G 7 -2.10 7.97 0.37
C THR G 7 -2.55 9.21 1.16
N ARG G 8 -3.43 9.02 2.14
CA ARG G 8 -3.86 10.11 3.03
C ARG G 8 -2.76 10.56 3.98
N ARG G 9 -2.02 9.60 4.53
CA ARG G 9 -0.90 9.90 5.45
C ARG G 9 0.23 10.66 4.76
N LEU G 10 0.58 10.26 3.54
CA LEU G 10 1.57 10.98 2.72
C LEU G 10 1.10 12.41 2.38
N LYS G 11 -0.20 12.56 2.13
CA LYS G 11 -0.80 13.88 1.83
C LYS G 11 -0.64 14.88 2.98
N SER G 12 -0.83 14.41 4.21
CA SER G 12 -0.72 15.25 5.40
C SER G 12 0.73 15.54 5.80
N ILE G 13 1.55 14.48 5.86
CA ILE G 13 2.95 14.60 6.34
C ILE G 13 3.84 15.39 5.36
N LYS G 14 3.51 15.37 4.06
CA LYS G 14 4.16 16.25 3.07
C LYS G 14 3.99 17.73 3.42
N ASN G 15 2.77 18.12 3.79
CA ASN G 15 2.49 19.49 4.26
C ASN G 15 3.18 19.80 5.58
N ILE G 16 3.16 18.85 6.52
CA ILE G 16 3.80 19.03 7.84
C ILE G 16 5.32 19.17 7.71
N GLN G 17 5.93 18.43 6.78
CA GLN G 17 7.36 18.58 6.47
C GLN G 17 7.69 19.99 5.98
N LYS G 18 6.81 20.54 5.15
CA LYS G 18 6.95 21.93 4.67
C LYS G 18 6.63 22.96 5.77
N ILE G 19 5.61 22.68 6.59
CA ILE G 19 5.22 23.56 7.70
C ILE G 19 6.28 23.60 8.80
N THR G 20 6.83 22.44 9.16
CA THR G 20 7.92 22.35 10.14
C THR G 20 9.19 23.05 9.62
N LYS G 21 9.46 22.89 8.33
CA LYS G 21 10.55 23.61 7.64
C LYS G 21 10.34 25.12 7.68
N SER G 22 9.10 25.56 7.50
CA SER G 22 8.75 26.99 7.59
C SER G 22 8.88 27.54 9.01
N MET G 23 8.46 26.76 10.00
CA MET G 23 8.47 27.20 11.41
C MET G 23 9.87 27.31 12.02
N LYS G 24 10.82 26.46 11.59
CA LYS G 24 12.24 26.64 11.95
C LYS G 24 12.85 27.86 11.26
N MET G 25 12.34 28.20 10.08
CA MET G 25 12.76 29.39 9.33
C MET G 25 12.30 30.67 10.01
N VAL G 26 11.03 30.68 10.44
CA VAL G 26 10.45 31.80 11.20
C VAL G 26 11.10 31.90 12.59
N ALA G 27 11.37 30.75 13.21
CA ALA G 27 12.10 30.70 14.49
C ALA G 27 13.53 31.25 14.36
N ALA G 28 14.18 30.96 13.22
CA ALA G 28 15.51 31.51 12.92
C ALA G 28 15.50 33.04 12.71
N ALA G 29 14.42 33.55 12.12
CA ALA G 29 14.24 35.00 11.94
C ALA G 29 14.06 35.72 13.27
N LYS G 30 13.19 35.18 14.12
CA LYS G 30 12.99 35.71 15.49
C LYS G 30 14.21 35.50 16.38
N TYR G 31 14.96 34.42 16.16
CA TYR G 31 16.22 34.17 16.84
C TYR G 31 17.29 35.24 16.53
N ALA G 32 17.29 35.75 15.30
CA ALA G 32 18.24 36.80 14.89
C ALA G 32 18.01 38.11 15.64
N ARG G 33 16.79 38.62 15.61
CA ARG G 33 16.44 39.86 16.32
C ARG G 33 16.35 39.71 17.85
N ALA G 34 16.20 38.48 18.34
CA ALA G 34 16.26 38.19 19.78
C ALA G 34 17.71 38.20 20.29
N GLU G 35 18.63 37.65 19.52
CA GLU G 35 20.06 37.65 19.85
C GLU G 35 20.68 39.04 19.84
N ARG G 36 20.32 39.84 18.83
CA ARG G 36 20.85 41.20 18.68
C ARG G 36 20.32 42.20 19.72
N GLU G 37 19.20 41.88 20.36
CA GLU G 37 18.65 42.65 21.49
C GLU G 37 18.96 42.00 22.87
N LEU G 38 19.87 41.02 22.90
CA LEU G 38 20.14 40.24 24.11
C LEU G 38 21.23 40.88 24.96
N LYS G 39 22.38 41.14 24.36
CA LYS G 39 23.55 41.71 25.07
C LYS G 39 23.37 43.15 25.60
N PRO G 40 22.55 43.98 24.90
CA PRO G 40 22.12 45.25 25.51
C PRO G 40 21.27 45.09 26.77
N ALA G 41 20.37 44.10 26.77
CA ALA G 41 19.50 43.80 27.91
C ALA G 41 20.16 42.92 28.98
N ARG G 42 21.24 42.20 28.62
CA ARG G 42 21.93 41.29 29.55
C ARG G 42 22.77 42.03 30.59
N VAL G 43 23.53 43.04 30.15
CA VAL G 43 24.34 43.86 31.05
C VAL G 43 23.43 44.74 31.93
N TYR G 44 22.32 45.20 31.35
CA TYR G 44 21.25 45.89 32.09
C TYR G 44 20.68 45.03 33.22
N GLY G 45 20.40 43.76 32.92
CA GLY G 45 19.82 42.82 33.89
C GLY G 45 20.78 42.36 34.97
N VAL G 46 22.01 42.02 34.56
CA VAL G 46 23.07 41.59 35.49
C VAL G 46 23.54 42.77 36.36
N GLY G 47 23.56 43.98 35.78
CA GLY G 47 23.85 45.20 36.52
C GLY G 47 22.85 45.53 37.63
N SER G 48 21.58 45.16 37.41
CA SER G 48 20.53 45.32 38.41
C SER G 48 20.72 44.40 39.63
N LEU G 49 21.10 43.15 39.37
CA LEU G 49 21.38 42.17 40.44
C LEU G 49 22.66 42.53 41.21
N LEU G 67 5.26 34.13 46.90
CA LEU G 67 4.94 34.43 45.50
C LEU G 67 5.88 33.69 44.55
N ILE G 68 5.31 32.81 43.73
CA ILE G 68 6.05 32.06 42.70
C ILE G 68 5.57 32.52 41.32
N ILE G 69 6.51 32.95 40.48
CA ILE G 69 6.22 33.41 39.12
C ILE G 69 6.89 32.47 38.11
N GLY G 70 6.18 32.15 37.02
CA GLY G 70 6.68 31.30 35.95
C GLY G 70 6.57 31.98 34.60
N VAL G 71 7.64 31.92 33.81
CA VAL G 71 7.75 32.65 32.54
C VAL G 71 8.07 31.71 31.38
N SER G 72 7.25 31.79 30.32
CA SER G 72 7.52 31.10 29.06
C SER G 72 6.87 31.85 27.88
N SER G 73 5.69 31.40 27.43
CA SER G 73 5.03 31.92 26.22
C SER G 73 3.69 31.21 25.95
N ASP G 74 2.98 31.67 24.91
CA ASP G 74 1.77 31.00 24.42
C ASP G 74 2.08 29.86 23.45
N ARG G 75 2.96 30.12 22.48
CA ARG G 75 3.21 29.19 21.37
C ARG G 75 3.96 27.93 21.82
N GLY G 76 3.37 26.76 21.52
CA GLY G 76 3.97 25.47 21.80
C GLY G 76 4.95 25.04 20.72
N LEU G 77 5.12 23.71 20.57
CA LEU G 77 6.00 23.10 19.57
C LEU G 77 7.44 23.62 19.68
N CYS G 78 8.00 23.52 20.88
CA CYS G 78 9.37 23.97 21.15
C CYS G 78 10.06 23.12 22.22
N GLY G 79 9.83 21.80 22.17
CA GLY G 79 10.41 20.88 23.13
C GLY G 79 9.80 21.03 24.51
N ALA G 80 10.65 21.02 25.53
CA ALA G 80 10.23 21.09 26.93
C ALA G 80 10.54 22.45 27.57
N ILE G 81 10.31 23.53 26.83
CA ILE G 81 10.50 24.90 27.34
C ILE G 81 9.38 25.25 28.33
N HIS G 82 8.16 24.83 28.02
CA HIS G 82 6.98 25.12 28.84
C HIS G 82 6.91 24.22 30.07
N SER G 83 7.18 22.93 29.87
CA SER G 83 7.11 21.93 30.95
C SER G 83 8.25 22.04 31.98
N SER G 84 9.41 22.57 31.57
CA SER G 84 10.55 22.74 32.48
C SER G 84 10.29 23.76 33.59
N VAL G 85 9.74 24.92 33.22
CA VAL G 85 9.33 25.94 34.19
C VAL G 85 8.13 25.50 35.03
N ALA G 86 7.23 24.71 34.43
CA ALA G 86 6.08 24.13 35.14
C ALA G 86 6.48 23.07 36.17
N LYS G 87 7.55 22.32 35.89
CA LYS G 87 8.07 21.29 36.81
C LYS G 87 8.71 21.89 38.07
N GLN G 88 9.39 23.03 37.91
CA GLN G 88 10.06 23.71 39.03
C GLN G 88 9.11 24.58 39.87
N MET G 89 7.90 24.86 39.35
CA MET G 89 6.88 25.60 40.11
C MET G 89 6.19 24.74 41.16
N LYS G 90 5.77 23.53 40.77
CA LYS G 90 5.20 22.57 41.72
C LYS G 90 6.23 22.05 42.74
N SER G 91 7.52 22.09 42.35
CA SER G 91 8.63 21.82 43.27
C SER G 91 8.73 22.88 44.37
N GLU G 92 8.67 24.15 43.97
CA GLU G 92 8.66 25.28 44.93
C GLU G 92 7.33 25.44 45.69
N ALA G 93 6.23 25.00 45.07
CA ALA G 93 4.91 25.05 45.71
C ALA G 93 4.72 23.98 46.79
N ALA G 94 5.13 22.75 46.48
CA ALA G 94 5.00 21.62 47.40
C ALA G 94 5.87 21.75 48.67
N ASN G 95 7.06 22.32 48.51
CA ASN G 95 7.96 22.57 49.65
C ASN G 95 7.44 23.71 50.54
N LEU G 96 7.17 24.86 49.92
CA LEU G 96 6.64 26.03 50.64
C LEU G 96 5.16 25.85 50.95
N GLY G 107 0.68 33.32 36.36
CA GLY G 107 1.85 32.90 35.61
C GLY G 107 1.92 33.54 34.24
N VAL G 108 3.13 33.91 33.82
CA VAL G 108 3.36 34.58 32.54
C VAL G 108 3.41 33.54 31.41
N GLY G 109 2.35 33.52 30.58
CA GLY G 109 2.21 32.56 29.49
C GLY G 109 0.89 31.82 29.56
N ASP G 110 0.29 31.57 28.40
CA ASP G 110 -0.96 30.81 28.31
C ASP G 110 -0.73 29.31 28.54
N LYS G 111 0.45 28.81 28.14
CA LYS G 111 0.82 27.41 28.35
C LYS G 111 1.17 27.10 29.82
N ILE G 112 1.48 28.13 30.60
CA ILE G 112 1.67 27.99 32.06
C ILE G 112 0.35 27.61 32.72
N ARG G 113 -0.75 28.22 32.26
CA ARG G 113 -2.10 27.93 32.76
C ARG G 113 -2.58 26.53 32.34
N SER G 114 -2.59 26.27 31.04
CA SER G 114 -3.06 24.97 30.51
C SER G 114 -2.44 23.75 31.22
N ILE G 115 -1.15 23.82 31.51
CA ILE G 115 -0.44 22.77 32.24
C ILE G 115 -0.71 22.90 33.75
N LEU G 116 -0.20 23.97 34.36
CA LEU G 116 -0.25 24.16 35.81
C LEU G 116 -1.36 25.16 36.21
N HIS G 117 -2.53 24.64 36.55
CA HIS G 117 -3.67 25.46 36.99
C HIS G 117 -4.69 24.68 37.81
N ARG G 118 -5.23 23.60 37.24
CA ARG G 118 -6.24 22.79 37.94
C ARG G 118 -5.71 22.12 39.21
N THR G 119 -4.41 21.85 39.26
CA THR G 119 -3.76 21.33 40.47
C THR G 119 -3.58 22.37 41.58
N HIS G 120 -3.34 23.64 41.22
CA HIS G 120 -3.20 24.75 42.19
C HIS G 120 -4.15 25.90 41.81
N SER G 121 -5.43 25.58 41.64
CA SER G 121 -6.44 26.55 41.16
C SER G 121 -6.79 27.66 42.17
N ASP G 122 -6.62 27.37 43.46
CA ASP G 122 -6.88 28.34 44.54
C ASP G 122 -5.62 29.14 44.95
N GLN G 123 -4.54 29.03 44.18
CA GLN G 123 -3.25 29.67 44.50
C GLN G 123 -2.82 30.61 43.36
N PHE G 124 -3.77 31.42 42.87
CA PHE G 124 -3.54 32.33 41.74
C PHE G 124 -3.85 33.79 42.10
N LEU G 125 -2.92 34.67 41.75
CA LEU G 125 -3.15 36.11 41.77
C LEU G 125 -3.50 36.58 40.35
N VAL G 126 -2.62 36.26 39.39
CA VAL G 126 -2.81 36.66 37.98
C VAL G 126 -2.25 35.63 36.99
N THR G 127 -2.79 35.67 35.78
CA THR G 127 -2.35 34.84 34.64
C THR G 127 -2.39 35.72 33.38
N PHE G 128 -1.49 35.45 32.43
CA PHE G 128 -1.33 36.30 31.24
C PHE G 128 -1.37 35.54 29.92
N LYS G 129 -1.81 36.25 28.87
CA LYS G 129 -1.96 35.71 27.51
C LYS G 129 -1.31 36.68 26.52
N GLU G 130 -1.14 36.23 25.27
CA GLU G 130 -0.49 37.01 24.20
C GLU G 130 0.97 37.35 24.52
N VAL G 131 1.82 36.32 24.53
CA VAL G 131 3.26 36.46 24.79
C VAL G 131 4.05 35.43 23.98
N GLY G 132 5.32 35.75 23.70
CA GLY G 132 6.21 34.86 22.96
C GLY G 132 6.26 35.10 21.46
N ARG G 133 5.11 35.46 20.88
CA ARG G 133 5.01 35.72 19.43
C ARG G 133 5.84 36.94 19.03
N ARG G 134 5.48 38.10 19.59
CA ARG G 134 6.22 39.34 19.36
C ARG G 134 7.41 39.42 20.33
N PRO G 135 8.36 40.35 20.09
CA PRO G 135 9.45 40.56 21.05
C PRO G 135 8.91 41.09 22.39
N PRO G 136 9.31 40.47 23.52
CA PRO G 136 8.81 40.91 24.83
C PRO G 136 9.47 42.22 25.27
N THR G 137 8.65 43.26 25.43
CA THR G 137 9.13 44.61 25.73
C THR G 137 9.18 44.87 27.23
N PHE G 138 9.69 46.05 27.61
CA PHE G 138 9.71 46.47 29.02
C PHE G 138 8.29 46.78 29.53
N GLY G 139 7.45 47.32 28.64
CA GLY G 139 6.03 47.57 28.94
C GLY G 139 5.24 46.32 29.34
N ASP G 140 5.67 45.15 28.87
CA ASP G 140 5.10 43.87 29.31
C ASP G 140 5.45 43.56 30.77
N ALA G 141 6.69 43.89 31.17
CA ALA G 141 7.14 43.72 32.55
C ALA G 141 6.44 44.66 33.54
N SER G 142 6.08 45.85 33.09
CA SER G 142 5.34 46.83 33.90
C SER G 142 3.90 46.37 34.20
N VAL G 143 3.21 45.87 33.18
CA VAL G 143 1.82 45.40 33.33
C VAL G 143 1.73 44.17 34.26
N ILE G 144 2.76 43.33 34.26
CA ILE G 144 2.86 42.20 35.20
C ILE G 144 3.04 42.72 36.64
N ALA G 145 3.97 43.65 36.81
CA ALA G 145 4.26 44.24 38.13
C ALA G 145 3.13 45.11 38.69
N LEU G 146 2.45 45.85 37.82
CA LEU G 146 1.32 46.71 38.22
C LEU G 146 0.14 45.95 38.85
N GLU G 147 -0.09 44.72 38.40
CA GLU G 147 -1.21 43.91 38.91
C GLU G 147 -0.81 43.31 40.27
N LEU G 148 -1.17 44.03 41.34
CA LEU G 148 -0.84 43.63 42.72
C LEU G 148 -1.93 44.07 43.71
N SER G 159 11.07 34.48 44.43
CA SER G 159 11.85 34.09 43.26
C SER G 159 11.01 34.03 41.98
N ILE G 160 11.71 34.04 40.83
CA ILE G 160 11.09 34.01 39.50
C ILE G 160 11.77 32.95 38.64
N ILE G 161 10.96 32.15 37.93
CA ILE G 161 11.43 31.00 37.15
C ILE G 161 11.44 31.33 35.66
N PHE G 162 12.55 31.03 34.99
CA PHE G 162 12.69 31.28 33.55
C PHE G 162 13.80 30.42 32.93
N ASN G 163 13.84 30.42 31.60
CA ASN G 163 14.80 29.63 30.83
C ASN G 163 15.94 30.50 30.30
N ARG G 164 17.11 30.39 30.94
CA ARG G 164 18.29 31.19 30.59
C ARG G 164 18.99 30.63 29.36
N PHE G 165 19.28 31.49 28.39
CA PHE G 165 19.87 31.09 27.11
C PHE G 165 21.35 30.70 27.25
N ARG G 166 21.78 29.75 26.43
CA ARG G 166 23.17 29.28 26.38
C ARG G 166 23.71 29.27 24.94
N SER G 167 23.11 28.44 24.09
CA SER G 167 23.50 28.33 22.67
C SER G 167 22.30 27.92 21.80
N VAL G 168 22.52 27.80 20.49
CA VAL G 168 21.46 27.44 19.52
C VAL G 168 20.66 26.17 19.88
N ILE G 169 21.32 25.17 20.46
CA ILE G 169 20.67 23.92 20.84
C ILE G 169 20.15 23.98 22.29
N SER G 170 21.06 24.26 23.22
CA SER G 170 20.79 24.10 24.66
C SER G 170 20.13 25.31 25.32
N TYR G 171 19.43 25.04 26.42
CA TYR G 171 18.92 26.07 27.34
C TYR G 171 19.09 25.55 28.78
N LYS G 172 18.63 26.32 29.77
CA LYS G 172 18.72 25.94 31.19
C LYS G 172 17.71 26.69 32.05
N THR G 173 16.99 25.94 32.89
CA THR G 173 15.99 26.51 33.81
C THR G 173 16.62 26.75 35.17
N ILE G 196 20.73 56.77 53.24
CA ILE G 196 19.66 56.14 52.48
C ILE G 196 18.32 56.32 53.22
N ASP G 197 17.39 57.04 52.60
CA ASP G 197 16.07 57.31 53.19
C ASP G 197 15.17 56.07 53.22
N ALA G 198 14.02 56.20 53.89
CA ALA G 198 13.02 55.14 53.96
C ALA G 198 12.26 55.00 52.63
N ASP G 199 11.83 56.12 52.06
CA ASP G 199 11.04 56.13 50.81
C ASP G 199 11.85 56.07 49.52
N VAL G 200 13.18 56.27 49.57
CA VAL G 200 14.02 56.14 48.37
C VAL G 200 14.22 54.66 47.97
N LEU G 201 14.30 53.77 48.96
CA LEU G 201 14.37 52.32 48.71
C LEU G 201 13.05 51.74 48.19
N ARG G 202 11.93 52.38 48.54
CA ARG G 202 10.59 51.96 48.09
C ARG G 202 10.45 52.03 46.56
N ASN G 203 10.91 53.13 45.97
CA ASN G 203 10.90 53.32 44.51
C ASN G 203 12.06 52.60 43.80
N TYR G 204 13.18 52.43 44.51
CA TYR G 204 14.31 51.60 44.04
C TYR G 204 13.92 50.11 43.98
N GLN G 205 13.06 49.68 44.90
CA GLN G 205 12.54 48.31 44.91
C GLN G 205 11.63 48.03 43.71
N GLU G 206 10.68 48.94 43.46
CA GLU G 206 9.66 48.74 42.43
C GLU G 206 10.20 48.79 40.99
N TYR G 207 11.18 49.66 40.73
CA TYR G 207 11.81 49.74 39.40
C TYR G 207 12.76 48.55 39.15
N SER G 208 13.53 48.16 40.16
CA SER G 208 14.39 46.97 40.08
C SER G 208 13.57 45.67 39.99
N LEU G 209 12.36 45.67 40.55
CA LEU G 209 11.40 44.56 40.38
C LEU G 209 10.96 44.41 38.92
N ALA G 210 10.73 45.53 38.25
CA ALA G 210 10.41 45.54 36.81
C ALA G 210 11.60 45.13 35.93
N ASN G 211 12.82 45.39 36.40
CA ASN G 211 14.05 44.96 35.70
C ASN G 211 14.31 43.44 35.79
N ILE G 212 13.99 42.84 36.93
CA ILE G 212 14.12 41.38 37.13
C ILE G 212 13.07 40.63 36.32
N ILE G 213 11.85 41.17 36.25
CA ILE G 213 10.79 40.61 35.41
C ILE G 213 11.15 40.77 33.92
N TYR G 214 11.71 41.93 33.56
CA TYR G 214 12.19 42.18 32.19
C TYR G 214 13.38 41.28 31.81
N TYR G 215 14.25 40.98 32.77
CA TYR G 215 15.38 40.07 32.56
C TYR G 215 14.91 38.64 32.25
N SER G 216 13.88 38.18 32.95
CA SER G 216 13.28 36.86 32.69
C SER G 216 12.53 36.78 31.35
N LEU G 217 12.01 37.92 30.87
CA LEU G 217 11.33 37.99 29.57
C LEU G 217 12.28 37.85 28.37
N LYS G 218 13.38 38.62 28.40
CA LYS G 218 14.35 38.62 27.29
C LYS G 218 15.15 37.31 27.19
N GLU G 219 15.43 36.69 28.34
CA GLU G 219 16.10 35.38 28.40
C GLU G 219 15.21 34.24 27.89
N SER G 220 13.92 34.27 28.29
CA SER G 220 12.97 33.20 27.96
C SER G 220 12.69 33.07 26.45
N THR G 221 12.43 34.19 25.79
CA THR G 221 12.10 34.19 24.35
C THR G 221 13.29 33.89 23.45
N THR G 222 14.50 34.33 23.84
CA THR G 222 15.72 34.00 23.09
C THR G 222 16.06 32.50 23.21
N SER G 223 15.72 31.89 24.35
CA SER G 223 15.79 30.44 24.52
C SER G 223 14.66 29.72 23.76
N GLU G 224 13.46 30.29 23.79
CA GLU G 224 12.28 29.75 23.12
C GLU G 224 12.47 29.61 21.61
N GLN G 225 12.92 30.68 20.96
CA GLN G 225 13.12 30.69 19.51
C GLN G 225 14.26 29.75 19.10
N SER G 226 15.29 29.64 19.93
CA SER G 226 16.36 28.66 19.75
C SER G 226 15.83 27.23 19.92
N ALA G 227 15.04 27.01 20.97
CA ALA G 227 14.47 25.69 21.26
C ALA G 227 13.44 25.23 20.23
N ARG G 228 12.67 26.18 19.68
CA ARG G 228 11.72 25.87 18.60
C ARG G 228 12.46 25.58 17.29
N MET G 229 13.39 26.46 16.91
CA MET G 229 14.24 26.26 15.73
C MET G 229 14.94 24.89 15.74
N THR G 230 15.36 24.44 16.94
CA THR G 230 15.96 23.12 17.10
C THR G 230 14.93 22.00 16.93
N ALA G 231 13.82 22.10 17.65
CA ALA G 231 12.78 21.06 17.63
C ALA G 231 12.09 20.91 16.27
N MET G 232 11.81 22.03 15.63
CA MET G 232 11.16 22.04 14.30
C MET G 232 12.13 21.64 13.18
N ASP G 233 13.43 21.79 13.41
CA ASP G 233 14.45 21.22 12.53
C ASP G 233 14.47 19.70 12.63
N ASN G 234 14.32 19.17 13.84
CA ASN G 234 14.16 17.73 14.07
C ASN G 234 12.81 17.20 13.56
N ALA G 235 11.74 17.99 13.73
CA ALA G 235 10.42 17.64 13.22
C ALA G 235 10.35 17.62 11.68
N SER G 236 11.17 18.45 11.03
CA SER G 236 11.32 18.43 9.57
C SER G 236 12.07 17.18 9.11
N LYS G 237 13.17 16.86 9.79
CA LYS G 237 13.97 15.65 9.49
C LYS G 237 13.21 14.35 9.76
N ASN G 238 12.47 14.30 10.87
CA ASN G 238 11.66 13.12 11.23
C ASN G 238 10.54 12.86 10.23
N ALA G 239 9.83 13.93 9.85
CA ALA G 239 8.79 13.86 8.82
C ALA G 239 9.35 13.49 7.46
N SER G 240 10.55 13.98 7.16
CA SER G 240 11.25 13.67 5.90
C SER G 240 11.56 12.17 5.78
N GLU G 241 12.08 11.58 6.86
CA GLU G 241 12.34 10.13 6.89
C GLU G 241 11.07 9.29 6.91
N MET G 242 9.99 9.83 7.47
CA MET G 242 8.68 9.15 7.45
C MET G 242 8.04 9.14 6.06
N ILE G 243 8.26 10.20 5.28
CA ILE G 243 7.84 10.23 3.87
C ILE G 243 8.53 9.11 3.09
N ASP G 244 9.83 8.96 3.30
CA ASP G 244 10.61 7.89 2.65
C ASP G 244 10.11 6.50 3.03
N LYS G 245 9.85 6.29 4.32
CA LYS G 245 9.30 5.02 4.82
C LYS G 245 7.91 4.75 4.22
N LEU G 246 7.03 5.74 4.31
CA LEU G 246 5.65 5.61 3.81
C LEU G 246 5.56 5.49 2.30
N THR G 247 6.39 6.24 1.57
CA THR G 247 6.41 6.20 0.11
C THR G 247 6.82 4.81 -0.41
N LEU G 248 7.77 4.18 0.28
CA LEU G 248 8.20 2.82 -0.07
C LEU G 248 7.16 1.76 0.32
N THR G 249 6.50 1.96 1.46
CA THR G 249 5.38 1.09 1.87
C THR G 249 4.18 1.21 0.91
N PHE G 250 3.91 2.42 0.43
CA PHE G 250 2.89 2.68 -0.58
C PHE G 250 3.16 1.91 -1.88
N ASN G 251 4.41 1.93 -2.33
CA ASN G 251 4.81 1.26 -3.57
C ASN G 251 4.82 -0.27 -3.46
N ARG G 252 5.33 -0.79 -2.35
CA ARG G 252 5.27 -2.24 -2.11
C ARG G 252 3.83 -2.78 -2.11
N THR G 253 2.93 -2.00 -1.50
CA THR G 253 1.50 -2.33 -1.49
C THR G 253 0.87 -2.16 -2.88
N ARG G 254 1.28 -1.11 -3.59
CA ARG G 254 0.83 -0.86 -4.97
C ARG G 254 1.13 -2.07 -5.87
N GLN G 255 2.38 -2.52 -5.83
CA GLN G 255 2.85 -3.66 -6.64
C GLN G 255 2.24 -4.98 -6.19
N ALA G 256 2.06 -5.14 -4.87
CA ALA G 256 1.40 -6.32 -4.30
C ALA G 256 -0.05 -6.47 -4.77
N VAL G 257 -0.81 -5.37 -4.76
CA VAL G 257 -2.21 -5.38 -5.20
C VAL G 257 -2.32 -5.74 -6.69
N ILE G 258 -1.41 -5.21 -7.51
CA ILE G 258 -1.40 -5.52 -8.95
C ILE G 258 -0.98 -6.98 -9.19
N THR G 259 0.01 -7.46 -8.44
CA THR G 259 0.45 -8.86 -8.53
C THR G 259 -0.64 -9.83 -8.06
N LYS G 260 -1.14 -9.63 -6.84
CA LYS G 260 -2.13 -10.52 -6.21
C LYS G 260 -3.43 -10.63 -7.01
N GLU G 261 -3.87 -9.49 -7.55
CA GLU G 261 -5.05 -9.45 -8.43
C GLU G 261 -4.83 -10.26 -9.71
N LEU G 262 -3.61 -10.19 -10.24
CA LEU G 262 -3.25 -10.90 -11.47
C LEU G 262 -3.12 -12.40 -11.27
N ILE G 263 -2.70 -12.83 -10.09
CA ILE G 263 -2.64 -14.25 -9.73
C ILE G 263 -4.06 -14.87 -9.66
N GLU G 264 -5.03 -14.12 -9.13
CA GLU G 264 -6.44 -14.55 -9.09
C GLU G 264 -7.02 -14.80 -10.49
N ILE G 265 -6.71 -13.92 -11.43
CA ILE G 265 -7.22 -14.01 -12.79
C ILE G 265 -6.61 -15.22 -13.51
N ILE G 266 -5.30 -15.41 -13.36
CA ILE G 266 -4.60 -16.55 -13.95
C ILE G 266 -5.03 -17.89 -13.33
N SER G 267 -5.27 -17.90 -12.02
CA SER G 267 -5.73 -19.12 -11.33
C SER G 267 -7.11 -19.58 -11.78
N GLY G 268 -8.03 -18.64 -11.96
CA GLY G 268 -9.36 -18.94 -12.47
C GLY G 268 -9.41 -19.31 -13.95
N ALA G 269 -8.48 -18.74 -14.74
CA ALA G 269 -8.43 -18.96 -16.19
C ALA G 269 -7.84 -20.32 -16.60
N ALA G 270 -6.84 -20.79 -15.84
CA ALA G 270 -6.22 -22.10 -16.07
C ALA G 270 -6.86 -23.19 -15.20
N ALA G 271 -8.19 -23.18 -15.12
CA ALA G 271 -8.95 -24.15 -14.33
C ALA G 271 -10.32 -24.48 -14.94
N LEU G 272 -10.38 -24.54 -16.27
CA LEU G 272 -11.62 -24.76 -17.01
C LEU G 272 -11.40 -25.84 -18.08
N GLN H 15 39.40 57.21 38.51
CA GLN H 15 38.59 56.37 37.58
C GLN H 15 37.39 55.72 38.28
N MET H 16 36.49 55.13 37.50
CA MET H 16 35.32 54.42 38.00
C MET H 16 34.73 53.52 36.92
N SER H 17 34.29 52.32 37.31
CA SER H 17 33.67 51.37 36.38
C SER H 17 32.23 51.80 36.09
N PHE H 18 32.09 52.80 35.21
CA PHE H 18 30.79 53.40 34.91
C PHE H 18 30.04 52.62 33.84
N THR H 19 28.76 52.35 34.10
CA THR H 19 27.86 51.70 33.14
C THR H 19 26.60 52.56 32.99
N PHE H 20 26.02 52.55 31.79
CA PHE H 20 24.83 53.35 31.50
C PHE H 20 24.10 52.77 30.28
N ALA H 21 22.91 52.22 30.51
CA ALA H 21 22.16 51.51 29.48
C ALA H 21 20.65 51.63 29.68
N SER H 22 19.92 51.10 28.70
CA SER H 22 18.46 51.03 28.72
C SER H 22 18.03 49.67 28.15
N PRO H 23 16.71 49.33 28.23
CA PRO H 23 16.20 48.11 27.61
C PRO H 23 16.56 47.93 26.13
N THR H 24 16.46 49.01 25.35
CA THR H 24 16.74 48.96 23.90
C THR H 24 18.25 48.99 23.61
N GLN H 25 18.92 50.03 24.11
CA GLN H 25 20.31 50.34 23.73
C GLN H 25 21.22 50.49 24.96
N VAL H 26 22.52 50.29 24.76
CA VAL H 26 23.55 50.48 25.79
C VAL H 26 24.59 51.49 25.30
N PHE H 27 24.98 52.41 26.19
CA PHE H 27 25.87 53.53 25.84
C PHE H 27 27.30 53.30 26.34
N PHE H 28 27.43 53.05 27.65
CA PHE H 28 28.73 52.79 28.28
C PHE H 28 28.72 51.46 29.05
N ASN H 29 29.90 50.88 29.22
CA ASN H 29 30.07 49.58 29.89
C ASN H 29 31.44 49.48 30.55
N SER H 30 31.50 49.86 31.83
CA SER H 30 32.75 49.89 32.63
C SER H 30 33.85 50.77 32.00
N ALA H 31 33.45 51.96 31.52
CA ALA H 31 34.36 52.90 30.88
C ALA H 31 34.91 53.91 31.88
N ASN H 32 36.13 54.39 31.65
CA ASN H 32 36.77 55.37 32.52
C ASN H 32 36.22 56.78 32.29
N VAL H 33 35.30 57.20 33.16
CA VAL H 33 34.67 58.52 33.09
C VAL H 33 35.05 59.33 34.33
N ARG H 34 35.18 60.65 34.18
CA ARG H 34 35.57 61.54 35.27
C ARG H 34 34.40 61.78 36.23
N GLN H 35 33.30 62.30 35.70
CA GLN H 35 32.09 62.60 36.48
C GLN H 35 30.85 62.41 35.62
N VAL H 36 29.74 62.02 36.25
CA VAL H 36 28.46 61.85 35.57
C VAL H 36 27.33 62.46 36.41
N ASP H 37 26.84 63.62 35.98
CA ASP H 37 25.70 64.27 36.63
C ASP H 37 24.41 63.55 36.22
N VAL H 38 23.58 63.19 37.22
CA VAL H 38 22.33 62.46 36.98
C VAL H 38 21.21 63.12 37.81
N PRO H 39 19.99 63.26 37.24
CA PRO H 39 18.88 63.81 38.04
C PRO H 39 18.31 62.82 39.06
N THR H 40 17.44 63.31 39.92
CA THR H 40 16.79 62.48 40.95
C THR H 40 15.51 63.14 41.49
N GLN H 41 14.80 62.42 42.36
CA GLN H 41 13.58 62.93 42.98
C GLN H 41 13.83 64.13 43.90
N THR H 42 14.96 64.09 44.63
CA THR H 42 15.39 65.18 45.50
C THR H 42 16.69 65.79 44.96
N GLY H 43 16.56 66.85 44.15
CA GLY H 43 17.71 67.59 43.63
C GLY H 43 18.40 66.95 42.44
N ALA H 44 19.73 67.02 42.41
CA ALA H 44 20.53 66.46 41.33
C ALA H 44 21.97 66.17 41.78
N PHE H 45 22.26 64.90 42.10
CA PHE H 45 23.57 64.48 42.57
C PHE H 45 24.58 64.41 41.41
N GLY H 46 25.78 64.94 41.64
CA GLY H 46 26.90 64.81 40.71
C GLY H 46 27.84 63.72 41.19
N ILE H 47 27.73 62.54 40.59
CA ILE H 47 28.45 61.35 41.06
C ILE H 47 29.91 61.38 40.56
N LEU H 48 30.79 61.91 41.40
CA LEU H 48 32.24 61.90 41.16
C LEU H 48 32.80 60.54 41.56
N ALA H 49 34.02 60.23 41.10
CA ALA H 49 34.71 58.97 41.42
C ALA H 49 34.74 58.65 42.92
N ALA H 50 35.00 59.68 43.74
CA ALA H 50 34.92 59.57 45.20
C ALA H 50 33.53 59.95 45.69
N HIS H 51 32.78 58.97 46.20
CA HIS H 51 31.43 59.19 46.74
C HIS H 51 31.02 58.06 47.70
N VAL H 52 30.18 58.39 48.68
CA VAL H 52 29.73 57.42 49.71
C VAL H 52 28.72 56.41 49.14
N PRO H 53 28.49 55.27 49.85
CA PRO H 53 27.45 54.33 49.43
C PRO H 53 26.03 54.90 49.51
N VAL H 57 16.89 57.17 43.05
CA VAL H 57 15.66 57.16 42.27
C VAL H 57 15.63 58.36 41.32
N LEU H 58 15.44 58.10 40.03
CA LEU H 58 15.59 59.11 38.98
C LEU H 58 14.33 59.96 38.79
N ARG H 59 14.48 61.01 37.99
CA ARG H 59 13.42 61.95 37.66
C ARG H 59 13.69 62.47 36.23
N PRO H 60 12.64 62.89 35.49
CA PRO H 60 12.88 63.48 34.16
C PRO H 60 13.89 64.64 34.17
N GLY H 61 15.05 64.43 33.53
CA GLY H 61 16.12 65.42 33.51
C GLY H 61 17.33 65.03 32.68
N LEU H 62 18.28 65.96 32.57
CA LEU H 62 19.48 65.77 31.75
C LEU H 62 20.55 64.93 32.46
N VAL H 63 21.16 64.01 31.72
CA VAL H 63 22.31 63.23 32.20
C VAL H 63 23.56 63.71 31.44
N VAL H 64 24.36 64.57 32.10
CA VAL H 64 25.60 65.08 31.54
C VAL H 64 26.74 64.14 31.93
N VAL H 65 27.54 63.73 30.95
CA VAL H 65 28.61 62.75 31.12
C VAL H 65 29.96 63.39 30.79
N HIS H 66 30.68 63.83 31.83
CA HIS H 66 32.01 64.45 31.66
C HIS H 66 33.06 63.39 31.37
N ALA H 67 33.47 63.30 30.10
CA ALA H 67 34.44 62.29 29.65
C ALA H 67 35.86 62.59 30.17
N GLU H 68 36.77 61.65 29.94
CA GLU H 68 38.16 61.76 30.39
C GLU H 68 38.97 62.82 29.62
N ASP H 69 38.58 63.09 28.36
CA ASP H 69 39.34 64.00 27.48
C ASP H 69 38.46 65.02 26.74
N GLY H 70 38.32 66.21 27.33
CA GLY H 70 37.75 67.37 26.65
C GLY H 70 36.24 67.40 26.51
N THR H 71 35.73 66.66 25.54
CA THR H 71 34.32 66.76 25.13
C THR H 71 33.35 66.20 26.17
N THR H 72 32.16 66.81 26.25
CA THR H 72 31.11 66.43 27.20
C THR H 72 29.79 66.23 26.42
N SER H 73 29.41 64.97 26.21
CA SER H 73 28.15 64.62 25.53
C SER H 73 26.97 64.72 26.50
N LYS H 74 25.78 65.00 25.95
CA LYS H 74 24.56 65.20 26.73
C LYS H 74 23.47 64.19 26.35
N TYR H 75 22.89 63.54 27.36
CA TYR H 75 21.76 62.61 27.19
C TYR H 75 20.57 63.12 27.98
N PHE H 76 19.44 62.43 27.85
CA PHE H 76 18.24 62.65 28.67
C PHE H 76 17.71 61.31 29.16
N VAL H 77 17.21 61.29 30.40
CA VAL H 77 16.63 60.09 31.01
C VAL H 77 15.27 60.43 31.60
N SER H 78 14.30 59.53 31.37
CA SER H 78 12.92 59.74 31.81
C SER H 78 12.74 59.36 33.28
N SER H 79 13.14 58.14 33.62
CA SER H 79 12.91 57.59 34.97
C SER H 79 13.75 56.33 35.20
N GLY H 80 13.78 55.88 36.45
CA GLY H 80 14.47 54.64 36.83
C GLY H 80 15.20 54.74 38.16
N SER H 81 16.46 54.29 38.18
CA SER H 81 17.28 54.29 39.40
C SER H 81 18.77 54.41 39.10
N VAL H 82 19.53 54.84 40.10
CA VAL H 82 20.98 54.99 40.01
C VAL H 82 21.62 54.42 41.28
N THR H 83 22.77 53.75 41.12
CA THR H 83 23.45 53.04 42.21
C THR H 83 24.88 53.57 42.41
N VAL H 84 25.32 53.61 43.68
CA VAL H 84 26.70 53.96 44.04
C VAL H 84 27.20 52.97 45.10
N ASN H 85 28.15 52.11 44.71
CA ASN H 85 28.67 51.04 45.57
C ASN H 85 29.86 51.52 46.43
N ALA H 86 30.32 50.65 47.32
CA ALA H 86 31.51 50.91 48.15
C ALA H 86 32.74 51.12 47.29
N ASP H 87 32.96 50.20 46.34
CA ASP H 87 33.99 50.37 45.30
C ASP H 87 33.49 51.31 44.20
N SER H 88 34.42 51.85 43.41
CA SER H 88 34.10 52.79 42.34
C SER H 88 33.44 52.07 41.15
N SER H 89 32.12 51.94 41.22
CA SER H 89 31.33 51.30 40.16
C SER H 89 29.88 51.79 40.19
N VAL H 90 29.35 52.15 39.02
CA VAL H 90 28.01 52.73 38.87
C VAL H 90 27.29 52.07 37.69
N GLN H 91 25.97 51.87 37.85
CA GLN H 91 25.10 51.42 36.76
C GLN H 91 23.80 52.25 36.74
N LEU H 92 23.77 53.27 35.90
CA LEU H 92 22.58 54.12 35.71
C LEU H 92 21.56 53.41 34.81
N LEU H 93 20.37 53.13 35.36
CA LEU H 93 19.33 52.37 34.68
C LEU H 93 18.17 53.29 34.27
N ALA H 94 17.90 53.37 32.97
CA ALA H 94 16.86 54.25 32.41
C ALA H 94 15.89 53.46 31.53
N GLU H 95 14.59 53.72 31.68
CA GLU H 95 13.56 53.06 30.86
C GLU H 95 13.62 53.52 29.40
N GLU H 96 13.80 54.83 29.20
CA GLU H 96 14.03 55.40 27.87
C GLU H 96 15.09 56.49 27.92
N ALA H 97 16.31 56.14 27.50
CA ALA H 97 17.44 57.06 27.44
C ALA H 97 17.70 57.49 26.00
N VAL H 98 17.67 58.79 25.74
CA VAL H 98 17.90 59.34 24.39
C VAL H 98 18.72 60.63 24.44
N THR H 99 19.44 60.92 23.35
CA THR H 99 20.26 62.13 23.24
C THR H 99 19.42 63.34 22.80
N LEU H 100 20.00 64.53 22.95
CA LEU H 100 19.38 65.78 22.49
C LEU H 100 19.33 65.89 20.96
N ASP H 101 20.15 65.12 20.26
CA ASP H 101 20.09 65.02 18.80
C ASP H 101 18.75 64.46 18.27
N MET H 102 18.12 63.59 19.05
CA MET H 102 16.85 62.94 18.66
C MET H 102 15.71 63.27 19.63
N LEU H 103 15.47 64.57 19.80
CA LEU H 103 14.36 65.08 20.62
C LEU H 103 13.77 66.34 19.99
N ASP H 104 12.47 66.32 19.74
CA ASP H 104 11.77 67.42 19.06
C ASP H 104 11.27 68.45 20.08
N LEU H 105 11.58 69.72 19.84
CA LEU H 105 11.14 70.83 20.69
C LEU H 105 9.68 71.19 20.42
N GLY H 106 9.35 71.37 19.15
CA GLY H 106 8.00 71.74 18.71
C GLY H 106 6.91 70.77 19.13
N ALA H 107 7.22 69.48 19.11
CA ALA H 107 6.31 68.43 19.58
C ALA H 107 6.23 68.40 21.12
N ALA H 108 7.37 68.61 21.79
CA ALA H 108 7.43 68.64 23.25
C ALA H 108 6.60 69.78 23.86
N LYS H 109 6.55 70.93 23.18
CA LYS H 109 5.65 72.02 23.55
C LYS H 109 4.19 71.64 23.35
N ALA H 110 3.89 71.04 22.18
CA ALA H 110 2.54 70.57 21.84
C ALA H 110 2.05 69.46 22.77
N ASN H 111 2.95 68.58 23.20
CA ASN H 111 2.65 67.55 24.21
C ASN H 111 2.39 68.15 25.60
N LEU H 112 3.12 69.21 25.93
CA LEU H 112 2.91 69.95 27.18
C LEU H 112 1.59 70.73 27.19
N GLU H 113 1.15 71.20 26.02
CA GLU H 113 -0.18 71.82 25.87
C GLU H 113 -1.32 70.82 26.05
N LYS H 114 -1.19 69.66 25.41
CA LYS H 114 -2.20 68.58 25.50
C LYS H 114 -2.33 68.00 26.91
N ALA H 115 -1.23 67.98 27.66
CA ALA H 115 -1.25 67.52 29.05
C ALA H 115 -1.93 68.53 29.98
N GLN H 116 -1.52 69.79 29.88
CA GLN H 116 -2.13 70.89 30.64
C GLN H 116 -3.59 71.16 30.25
N SER H 117 -3.91 70.88 28.99
CA SER H 117 -5.31 70.89 28.50
C SER H 117 -6.17 69.87 29.25
N GLU H 118 -5.70 68.62 29.29
CA GLU H 118 -6.43 67.51 29.94
C GLU H 118 -6.42 67.57 31.47
N LEU H 119 -5.54 68.40 32.05
CA LEU H 119 -5.59 68.70 33.49
C LEU H 119 -6.83 69.53 33.83
N LEU H 120 -6.99 70.65 33.12
CA LEU H 120 -8.14 71.56 33.31
C LEU H 120 -9.41 70.99 32.66
N GLY H 121 -10.02 70.01 33.34
CA GLY H 121 -11.22 69.34 32.83
C GLY H 121 -11.55 68.07 33.58
N ALA H 122 -10.59 67.14 33.64
CA ALA H 122 -10.79 65.83 34.27
C ALA H 122 -10.77 65.96 35.80
N ALA H 123 -11.71 65.27 36.45
CA ALA H 123 -11.92 65.39 37.90
C ALA H 123 -11.63 64.12 38.73
N ASP H 124 -11.34 62.99 38.07
CA ASP H 124 -11.08 61.73 38.78
C ASP H 124 -9.75 61.79 39.52
N GLU H 125 -9.73 61.27 40.75
CA GLU H 125 -8.54 61.35 41.62
C GLU H 125 -7.34 60.52 41.13
N ALA H 126 -7.63 59.38 40.50
CA ALA H 126 -6.58 58.54 39.91
C ALA H 126 -6.01 59.12 38.61
N THR H 127 -6.87 59.74 37.78
CA THR H 127 -6.48 60.26 36.48
C THR H 127 -5.61 61.51 36.54
N ARG H 128 -5.85 62.40 37.50
CA ARG H 128 -5.04 63.62 37.68
C ARG H 128 -3.55 63.33 37.91
N ALA H 129 -3.26 62.22 38.60
CA ALA H 129 -1.89 61.75 38.77
C ALA H 129 -1.24 61.41 37.42
N GLU H 130 -1.99 60.73 36.55
CA GLU H 130 -1.51 60.36 35.21
C GLU H 130 -1.24 61.58 34.32
N ILE H 131 -2.02 62.65 34.50
CA ILE H 131 -1.85 63.90 33.77
C ILE H 131 -0.66 64.70 34.32
N GLN H 132 -0.59 64.83 35.65
CA GLN H 132 0.43 65.65 36.31
C GLN H 132 1.86 65.10 36.21
N ILE H 133 2.01 63.78 36.10
CA ILE H 133 3.32 63.15 35.83
C ILE H 133 3.78 63.51 34.41
N ARG H 134 2.86 63.40 33.45
CA ARG H 134 3.12 63.73 32.05
C ARG H 134 3.48 65.21 31.84
N ILE H 135 2.87 66.09 32.64
CA ILE H 135 3.21 67.53 32.64
C ILE H 135 4.65 67.73 33.12
N GLU H 136 5.02 67.05 34.21
CA GLU H 136 6.39 67.13 34.75
C GLU H 136 7.43 66.59 33.77
N ALA H 137 7.11 65.45 33.13
CA ALA H 137 8.01 64.80 32.19
C ALA H 137 8.27 65.64 30.94
N ASN H 138 7.20 66.18 30.36
CA ASN H 138 7.31 67.07 29.19
C ASN H 138 7.93 68.43 29.51
N GLU H 139 7.72 68.93 30.74
CA GLU H 139 8.34 70.19 31.19
C GLU H 139 9.85 70.06 31.41
N ALA H 140 10.31 68.84 31.73
CA ALA H 140 11.75 68.54 31.81
C ALA H 140 12.44 68.50 30.43
N LEU H 141 11.69 68.14 29.39
CA LEU H 141 12.21 68.12 28.01
C LEU H 141 12.48 69.53 27.49
N VAL H 142 11.49 70.41 27.61
CA VAL H 142 11.62 71.82 27.18
C VAL H 142 12.64 72.64 27.99
N LYS H 143 12.93 72.20 29.21
CA LYS H 143 14.03 72.76 30.02
C LYS H 143 15.38 72.52 29.33
N ALA H 144 15.59 71.30 28.83
CA ALA H 144 16.79 70.96 28.07
C ALA H 144 16.74 71.54 26.65
N LEU H 145 15.64 71.29 25.95
CA LEU H 145 15.45 71.74 24.57
C LEU H 145 15.17 73.24 24.51
N VAL I 1 3.89 62.84 50.85
CA VAL I 1 4.77 61.77 50.29
C VAL I 1 5.05 62.05 48.80
N ALA I 2 3.99 62.06 48.00
CA ALA I 2 4.09 62.30 46.55
C ALA I 2 2.71 62.58 45.96
N TYR I 3 2.64 63.51 45.01
CA TYR I 3 1.39 63.82 44.30
C TYR I 3 0.95 62.68 43.38
N TRP I 4 1.91 62.02 42.74
CA TRP I 4 1.64 60.84 41.90
C TRP I 4 1.17 59.63 42.72
N ARG I 5 1.68 59.48 43.94
CA ARG I 5 1.16 58.48 44.89
C ARG I 5 -0.10 59.07 45.58
N GLN I 6 -0.43 58.66 46.80
CA GLN I 6 -1.70 59.02 47.48
C GLN I 6 -2.97 58.53 46.77
N ALA I 7 -3.17 58.95 45.51
CA ALA I 7 -4.23 58.41 44.65
C ALA I 7 -4.17 56.89 44.46
N GLY I 8 -2.96 56.30 44.48
CA GLY I 8 -2.77 54.85 44.36
C GLY I 8 -1.65 54.39 43.43
N LEU I 9 -1.16 55.27 42.57
CA LEU I 9 -0.19 54.89 41.53
C LEU I 9 1.23 54.70 42.09
N SER I 10 1.91 53.67 41.60
CA SER I 10 3.26 53.29 42.04
C SER I 10 4.34 53.89 41.12
N TYR I 11 5.61 53.63 41.44
CA TYR I 11 6.73 54.17 40.65
C TYR I 11 6.84 53.54 39.25
N ILE I 12 6.50 52.26 39.11
CA ILE I 12 6.42 51.62 37.79
C ILE I 12 5.37 52.24 36.86
N ARG I 13 4.31 52.82 37.43
CA ARG I 13 3.35 53.62 36.67
C ARG I 13 3.94 55.00 36.34
N TYR I 14 4.56 55.63 37.34
CA TYR I 14 5.30 56.89 37.14
C TYR I 14 6.35 56.75 36.03
N SER I 15 7.06 55.61 36.03
CA SER I 15 8.08 55.33 35.02
C SER I 15 7.51 55.14 33.62
N GLN I 16 6.35 54.49 33.52
CA GLN I 16 5.68 54.24 32.23
C GLN I 16 5.15 55.52 31.56
N ILE I 17 4.66 56.46 32.36
CA ILE I 17 4.16 57.75 31.84
C ILE I 17 5.32 58.66 31.43
N CYS I 18 6.38 58.69 32.24
CA CYS I 18 7.59 59.46 31.93
C CYS I 18 8.28 58.95 30.66
N ALA I 19 8.44 57.64 30.56
CA ALA I 19 9.08 57.00 29.41
C ALA I 19 8.28 57.20 28.11
N LYS I 20 6.94 57.19 28.23
CA LYS I 20 6.07 57.46 27.07
C LYS I 20 6.15 58.91 26.61
N ALA I 21 6.34 59.83 27.55
CA ALA I 21 6.52 61.26 27.22
C ALA I 21 7.77 61.53 26.38
N VAL I 22 8.85 60.80 26.64
CA VAL I 22 10.11 60.91 25.89
C VAL I 22 9.95 60.35 24.47
N ARG I 23 9.35 59.16 24.35
CA ARG I 23 9.09 58.54 23.05
C ARG I 23 8.05 59.29 22.21
N ASP I 24 7.08 59.92 22.87
CA ASP I 24 6.10 60.78 22.18
C ASP I 24 6.73 62.05 21.57
N ALA I 25 7.77 62.57 22.23
CA ALA I 25 8.52 63.74 21.75
C ALA I 25 9.83 63.32 21.07
N LEU I 26 9.72 62.86 19.81
CA LEU I 26 10.87 62.52 18.97
C LEU I 26 10.71 63.15 17.58
N LYS I 27 11.78 63.12 16.79
CA LYS I 27 11.78 63.69 15.43
C LYS I 27 11.63 62.62 14.35
N THR I 28 10.56 61.82 14.46
CA THR I 28 10.15 60.83 13.44
C THR I 28 11.16 59.69 13.18
N GLU I 29 12.35 60.06 12.68
CA GLU I 29 13.41 59.11 12.27
C GLU I 29 13.69 57.96 13.24
N PHE I 30 13.68 58.25 14.54
CA PHE I 30 14.03 57.28 15.59
C PHE I 30 12.83 56.67 16.32
N LYS I 31 11.62 56.83 15.77
CA LYS I 31 10.41 56.19 16.30
C LYS I 31 10.27 54.71 15.93
N ALA I 32 11.10 54.23 15.00
CA ALA I 32 11.15 52.80 14.64
C ALA I 32 11.43 51.89 15.85
N ASN I 33 12.25 52.37 16.78
CA ASN I 33 12.48 51.69 18.06
C ASN I 33 11.27 51.84 18.99
N ALA I 34 10.74 53.05 19.09
CA ALA I 34 9.61 53.36 19.97
C ALA I 34 8.29 52.67 19.62
N MET I 35 8.10 52.32 18.34
CA MET I 35 6.93 51.53 17.91
C MET I 35 7.09 50.05 18.22
N LYS I 36 8.30 49.51 17.97
CA LYS I 36 8.62 48.12 18.30
C LYS I 36 8.61 47.89 19.81
N THR I 37 9.39 48.70 20.53
CA THR I 37 9.47 48.63 21.99
C THR I 37 8.26 49.31 22.63
N SER I 38 8.14 49.18 23.95
CA SER I 38 7.05 49.77 24.75
C SER I 38 5.63 49.37 24.32
N GLY I 39 5.45 48.09 24.05
CA GLY I 39 4.15 47.55 23.62
C GLY I 39 3.30 47.13 24.80
N SER I 40 1.98 47.05 24.56
CA SER I 40 1.01 46.54 25.53
C SER I 40 0.52 45.17 25.06
N THR I 41 1.48 44.26 24.83
CA THR I 41 1.20 42.92 24.30
C THR I 41 0.53 42.01 25.34
N ILE I 42 0.77 42.28 26.63
CA ILE I 42 0.22 41.48 27.73
C ILE I 42 -1.32 41.65 27.82
N LYS I 43 -2.00 40.55 28.12
CA LYS I 43 -3.45 40.50 28.33
C LYS I 43 -3.73 40.10 29.78
N ILE I 44 -4.71 40.76 30.41
CA ILE I 44 -5.08 40.49 31.79
C ILE I 44 -6.15 39.38 31.85
N VAL I 45 -5.85 38.32 32.60
CA VAL I 45 -6.79 37.22 32.87
C VAL I 45 -6.88 37.00 34.38
N LYS I 46 -8.06 36.62 34.86
CA LYS I 46 -8.31 36.45 36.30
C LYS I 46 -9.58 35.64 36.56
N VAL I 47 -9.57 34.88 37.66
CA VAL I 47 -10.68 34.00 38.05
C VAL I 47 -11.03 34.26 39.52
#